data_6Y61
#
_entry.id   6Y61
#
_cell.length_a   130.430
_cell.length_b   130.430
_cell.length_c   221.770
_cell.angle_alpha   90.000
_cell.angle_beta   90.000
_cell.angle_gamma   120.000
#
_symmetry.space_group_name_H-M   'P 31'
#
loop_
_entity.id
_entity.type
_entity.pdbx_description
1 polymer 'Capsid protein VP1'
2 non-polymer GLYCEROL
3 water water
#
_entity_poly.entity_id   1
_entity_poly.type   'polypeptide(L)'
_entity_poly.pdbx_seq_one_letter_code
;MGSSHHHHHHSSGLVPRGSHMGGIEVLAVRTGPDSITEIEAYLNPRMGQPQNEDFYGFSDNVTVSDDFGSDAPPWKQFPC
YSTARISLPMLNQDMTSDTILMWEAISCRTEVMGVNMLTNVHSAQKRVYENDREGTGIGVEGMGYHMFAIGGEPLELQFM
VFNHRATYPAEATVIKNPGASSQVFDPNLKGTLTADGVFPVEAWGPDPFKNENTRYFGQYTGGTQTPPVLTFTNTQTTIL
LDENGVGPLCKGDGLFLSCADIVGFFTQHNKKMSFRGLPRYFRVTLRKRVVKN
;
_entity_poly.pdbx_strand_id   AAA,BBB,CCC,DDD,EEE,FFF,GGG,HHH,III,JJJ
#
loop_
_chem_comp.id
_chem_comp.type
_chem_comp.name
_chem_comp.formula
GOL non-polymer GLYCEROL 'C3 H8 O3'
#
# COMPACT_ATOMS: atom_id res chain seq x y z
N ILE A 24 -10.54 -21.58 -27.05
CA ILE A 24 -11.46 -20.44 -27.30
C ILE A 24 -10.69 -19.14 -27.06
N GLU A 25 -10.75 -18.21 -28.01
CA GLU A 25 -10.15 -16.85 -27.90
C GLU A 25 -11.10 -15.97 -27.09
N VAL A 26 -10.68 -15.57 -25.89
CA VAL A 26 -11.52 -14.86 -24.88
C VAL A 26 -11.29 -13.37 -25.01
N LEU A 27 -12.33 -12.59 -25.34
CA LEU A 27 -12.29 -11.10 -25.36
C LEU A 27 -12.83 -10.57 -24.03
N ALA A 28 -13.46 -9.39 -24.02
CA ALA A 28 -13.79 -8.63 -22.79
C ALA A 28 -15.04 -9.22 -22.10
N VAL A 29 -15.18 -8.92 -20.81
CA VAL A 29 -16.43 -9.17 -20.02
C VAL A 29 -17.46 -8.12 -20.47
N ARG A 30 -18.54 -8.52 -21.14
CA ARG A 30 -19.63 -7.58 -21.57
C ARG A 30 -20.49 -7.26 -20.33
N THR A 31 -20.46 -6.00 -19.90
CA THR A 31 -21.25 -5.42 -18.77
C THR A 31 -22.64 -4.97 -19.25
N GLY A 32 -23.45 -4.46 -18.31
CA GLY A 32 -24.78 -3.86 -18.57
C GLY A 32 -25.88 -4.55 -17.75
N PRO A 33 -27.16 -4.17 -17.93
CA PRO A 33 -28.28 -4.87 -17.28
C PRO A 33 -28.41 -6.31 -17.82
N ASP A 34 -28.67 -7.26 -16.93
CA ASP A 34 -28.84 -8.70 -17.25
C ASP A 34 -27.52 -9.29 -17.75
N SER A 35 -26.38 -8.78 -17.28
CA SER A 35 -25.04 -9.31 -17.62
C SER A 35 -24.65 -10.42 -16.63
N ILE A 36 -25.28 -10.45 -15.44
CA ILE A 36 -25.03 -11.49 -14.38
C ILE A 36 -26.28 -12.35 -14.22
N THR A 37 -26.09 -13.65 -13.98
CA THR A 37 -27.18 -14.60 -13.65
C THR A 37 -26.71 -15.58 -12.56
N GLU A 38 -27.68 -16.07 -11.79
CA GLU A 38 -27.46 -17.07 -10.72
C GLU A 38 -28.36 -18.27 -11.02
N ILE A 39 -27.81 -19.48 -10.91
CA ILE A 39 -28.61 -20.73 -10.91
C ILE A 39 -28.36 -21.46 -9.58
N GLU A 40 -29.39 -22.11 -9.06
CA GLU A 40 -29.31 -23.06 -7.94
C GLU A 40 -29.72 -24.42 -8.49
N ALA A 41 -29.06 -25.47 -8.07
CA ALA A 41 -29.38 -26.84 -8.49
C ALA A 41 -28.94 -27.81 -7.39
N TYR A 42 -29.31 -29.07 -7.52
CA TYR A 42 -28.98 -30.16 -6.57
C TYR A 42 -28.72 -31.41 -7.40
N LEU A 43 -27.70 -32.17 -7.02
CA LEU A 43 -27.56 -33.57 -7.50
C LEU A 43 -27.85 -34.51 -6.33
N ASN A 44 -28.89 -35.33 -6.46
CA ASN A 44 -29.15 -36.49 -5.57
C ASN A 44 -28.10 -37.57 -5.82
N PRO A 45 -27.65 -38.28 -4.77
CA PRO A 45 -26.64 -39.32 -4.95
C PRO A 45 -27.19 -40.51 -5.76
N ARG A 46 -26.30 -41.25 -6.42
CA ARG A 46 -26.65 -42.47 -7.21
C ARG A 46 -25.86 -43.66 -6.65
N MET A 47 -26.14 -44.01 -5.40
CA MET A 47 -25.38 -45.03 -4.60
C MET A 47 -25.73 -46.45 -5.06
N GLY A 48 -26.81 -46.64 -5.81
CA GLY A 48 -27.06 -47.90 -6.53
C GLY A 48 -28.49 -48.39 -6.41
N GLN A 49 -29.11 -48.19 -5.25
CA GLN A 49 -30.51 -48.60 -5.00
C GLN A 49 -31.41 -47.59 -5.71
N PRO A 50 -32.57 -47.97 -6.31
CA PRO A 50 -33.35 -47.05 -7.13
C PRO A 50 -34.20 -45.99 -6.41
N GLN A 51 -34.56 -44.98 -7.21
CA GLN A 51 -35.42 -43.81 -6.88
C GLN A 51 -36.78 -44.31 -6.38
N ASN A 52 -37.38 -43.62 -5.41
CA ASN A 52 -38.79 -43.79 -4.95
C ASN A 52 -39.03 -45.24 -4.53
N GLU A 53 -38.04 -45.85 -3.88
CA GLU A 53 -38.15 -47.15 -3.17
C GLU A 53 -37.42 -46.98 -1.84
N ASP A 54 -37.58 -47.92 -0.90
CA ASP A 54 -37.32 -47.71 0.55
C ASP A 54 -35.83 -47.42 0.82
N PHE A 55 -34.92 -47.69 -0.13
CA PHE A 55 -33.47 -47.59 0.14
C PHE A 55 -32.82 -46.57 -0.79
N TYR A 56 -33.59 -45.64 -1.35
CA TYR A 56 -33.05 -44.50 -2.14
C TYR A 56 -32.00 -43.78 -1.28
N GLY A 57 -30.77 -43.63 -1.80
CA GLY A 57 -29.67 -42.96 -1.10
C GLY A 57 -28.65 -43.97 -0.59
N PHE A 58 -29.04 -45.25 -0.61
CA PHE A 58 -28.18 -46.40 -0.26
C PHE A 58 -27.86 -47.21 -1.54
N SER A 59 -26.79 -47.98 -1.44
CA SER A 59 -26.48 -49.12 -2.33
C SER A 59 -27.17 -50.35 -1.75
N ASP A 60 -27.23 -51.42 -2.51
CA ASP A 60 -27.58 -52.78 -2.04
C ASP A 60 -26.39 -53.32 -1.24
N ASN A 61 -26.60 -54.42 -0.52
CA ASN A 61 -25.59 -55.04 0.36
C ASN A 61 -24.42 -55.49 -0.53
N VAL A 62 -23.21 -55.14 -0.13
CA VAL A 62 -21.97 -55.31 -0.94
C VAL A 62 -21.57 -56.78 -0.83
N THR A 63 -21.36 -57.42 -1.98
CA THR A 63 -20.79 -58.78 -2.06
C THR A 63 -19.33 -58.59 -2.46
N VAL A 64 -18.51 -59.55 -2.07
CA VAL A 64 -17.03 -59.58 -2.33
C VAL A 64 -16.70 -60.87 -3.10
N SER A 65 -15.77 -60.79 -4.05
CA SER A 65 -15.35 -61.96 -4.88
C SER A 65 -14.32 -62.79 -4.12
N ASP A 66 -14.04 -64.01 -4.61
CA ASP A 66 -13.00 -64.90 -4.02
C ASP A 66 -11.66 -64.62 -4.70
N ASP A 67 -11.66 -63.94 -5.84
CA ASP A 67 -10.42 -63.55 -6.59
C ASP A 67 -10.76 -62.49 -7.65
N PHE A 68 -9.73 -62.00 -8.31
CA PHE A 68 -9.83 -60.99 -9.39
C PHE A 68 -10.42 -61.61 -10.66
N GLY A 69 -10.08 -62.88 -10.95
CA GLY A 69 -10.56 -63.60 -12.15
C GLY A 69 -12.08 -63.64 -12.24
N SER A 70 -12.75 -63.97 -11.13
CA SER A 70 -14.22 -64.21 -11.07
C SER A 70 -14.97 -62.99 -10.50
N ASP A 71 -14.35 -61.82 -10.51
CA ASP A 71 -14.91 -60.56 -9.93
C ASP A 71 -16.01 -60.03 -10.84
N ALA A 72 -17.26 -60.03 -10.37
CA ALA A 72 -18.41 -59.51 -11.14
C ALA A 72 -19.35 -58.80 -10.19
N PRO A 73 -19.11 -57.51 -9.88
CA PRO A 73 -19.93 -56.79 -8.90
C PRO A 73 -21.34 -56.55 -9.43
N PRO A 74 -22.40 -57.09 -8.80
CA PRO A 74 -23.77 -56.90 -9.29
C PRO A 74 -24.25 -55.45 -9.36
N TRP A 75 -25.07 -55.13 -10.36
CA TRP A 75 -25.77 -53.83 -10.43
C TRP A 75 -26.42 -53.57 -9.06
N LYS A 76 -26.42 -52.31 -8.61
CA LYS A 76 -27.10 -51.76 -7.39
C LYS A 76 -26.18 -51.87 -6.16
N GLN A 77 -25.00 -52.50 -6.30
CA GLN A 77 -24.07 -52.75 -5.17
C GLN A 77 -22.92 -51.72 -5.13
N PHE A 78 -22.85 -50.77 -6.06
CA PHE A 78 -21.73 -49.79 -6.12
C PHE A 78 -22.26 -48.45 -6.58
N PRO A 79 -21.66 -47.34 -6.09
CA PRO A 79 -22.04 -46.00 -6.52
C PRO A 79 -21.65 -45.62 -7.94
N CYS A 80 -22.40 -44.68 -8.50
CA CYS A 80 -22.17 -44.04 -9.80
C CYS A 80 -22.16 -42.51 -9.59
N TYR A 81 -21.53 -41.81 -10.52
CA TYR A 81 -21.46 -40.33 -10.51
C TYR A 81 -22.87 -39.81 -10.80
N SER A 82 -23.20 -38.67 -10.18
CA SER A 82 -24.42 -37.88 -10.45
C SER A 82 -24.01 -36.76 -11.40
N THR A 83 -24.86 -36.41 -12.37
CA THR A 83 -24.57 -35.25 -13.25
C THR A 83 -25.86 -34.67 -13.80
N ALA A 84 -25.82 -33.38 -14.14
CA ALA A 84 -26.95 -32.67 -14.78
C ALA A 84 -26.43 -31.53 -15.66
N ARG A 85 -27.11 -31.30 -16.78
CA ARG A 85 -26.87 -30.10 -17.62
C ARG A 85 -27.91 -29.05 -17.18
N ILE A 86 -27.48 -27.89 -16.69
CA ILE A 86 -28.39 -26.75 -16.37
C ILE A 86 -28.49 -25.87 -17.60
N SER A 87 -29.72 -25.68 -18.12
CA SER A 87 -30.03 -24.78 -19.26
C SER A 87 -29.90 -23.33 -18.80
N LEU A 88 -29.09 -22.53 -19.47
CA LEU A 88 -28.86 -21.10 -19.10
C LEU A 88 -29.72 -20.21 -19.98
N PRO A 89 -29.94 -18.92 -19.64
CA PRO A 89 -30.73 -18.04 -20.49
C PRO A 89 -30.17 -18.00 -21.91
N MET A 90 -31.07 -18.02 -22.91
CA MET A 90 -30.72 -18.00 -24.35
C MET A 90 -29.93 -16.72 -24.65
N LEU A 91 -28.87 -16.82 -25.45
CA LEU A 91 -28.08 -15.65 -25.94
C LEU A 91 -28.20 -15.59 -27.47
N ASN A 92 -27.35 -16.35 -28.18
CA ASN A 92 -27.29 -16.43 -29.66
C ASN A 92 -26.89 -17.86 -30.05
N THR A 99 -17.04 -12.35 -33.14
CA THR A 99 -17.43 -12.07 -31.72
C THR A 99 -18.81 -12.68 -31.43
N ILE A 100 -18.97 -13.35 -30.28
CA ILE A 100 -20.28 -13.74 -29.69
C ILE A 100 -20.19 -13.70 -28.14
N LEU A 101 -21.34 -13.86 -27.48
CA LEU A 101 -21.40 -13.91 -26.00
C LEU A 101 -21.49 -15.37 -25.55
N MET A 102 -20.73 -15.72 -24.52
CA MET A 102 -20.91 -16.99 -23.78
C MET A 102 -21.14 -16.65 -22.30
N TRP A 103 -21.85 -17.53 -21.60
CA TRP A 103 -21.91 -17.51 -20.13
C TRP A 103 -20.59 -18.02 -19.58
N GLU A 104 -20.02 -17.27 -18.63
CA GLU A 104 -18.73 -17.57 -17.94
C GLU A 104 -19.04 -17.74 -16.45
N ALA A 105 -18.80 -18.94 -15.91
CA ALA A 105 -19.07 -19.25 -14.47
C ALA A 105 -17.90 -18.70 -13.67
N ILE A 106 -18.15 -17.75 -12.75
CA ILE A 106 -17.04 -17.00 -12.10
C ILE A 106 -16.86 -17.47 -10.66
N SER A 107 -17.94 -17.87 -10.02
CA SER A 107 -17.92 -18.26 -8.59
C SER A 107 -19.02 -19.31 -8.37
N CYS A 108 -18.91 -20.06 -7.27
CA CYS A 108 -19.92 -21.04 -6.83
C CYS A 108 -19.92 -21.19 -5.30
N ARG A 109 -21.10 -21.43 -4.71
CA ARG A 109 -21.24 -22.04 -3.37
C ARG A 109 -21.66 -23.50 -3.62
N THR A 110 -21.19 -24.45 -2.84
CA THR A 110 -21.68 -25.85 -2.89
C THR A 110 -21.72 -26.43 -1.48
N GLU A 111 -22.70 -27.28 -1.20
CA GLU A 111 -22.95 -27.84 0.15
C GLU A 111 -23.43 -29.28 0.03
N VAL A 112 -22.87 -30.17 0.86
CA VAL A 112 -23.48 -31.49 1.12
C VAL A 112 -24.66 -31.24 2.07
N MET A 113 -25.86 -31.63 1.65
CA MET A 113 -27.14 -31.45 2.38
C MET A 113 -27.47 -32.73 3.13
N GLY A 114 -28.16 -32.62 4.28
CA GLY A 114 -28.69 -33.74 5.07
C GLY A 114 -27.67 -34.33 6.03
N VAL A 115 -26.58 -33.63 6.28
CA VAL A 115 -25.50 -34.08 7.22
C VAL A 115 -26.16 -34.39 8.57
N ASN A 116 -27.19 -33.61 8.94
CA ASN A 116 -28.03 -33.77 10.15
C ASN A 116 -28.54 -35.22 10.32
N MET A 117 -28.74 -35.94 9.23
CA MET A 117 -29.32 -37.31 9.29
C MET A 117 -28.33 -38.28 9.94
N LEU A 118 -27.03 -37.98 9.95
CA LEU A 118 -26.00 -38.91 10.50
C LEU A 118 -26.01 -38.94 12.05
N THR A 119 -26.76 -38.05 12.70
CA THR A 119 -27.01 -38.08 14.16
C THR A 119 -28.04 -39.17 14.52
N ASN A 120 -28.53 -39.92 13.53
CA ASN A 120 -29.40 -41.12 13.68
C ASN A 120 -28.56 -42.35 14.03
N VAL A 121 -28.70 -42.88 15.24
CA VAL A 121 -28.06 -44.13 15.71
C VAL A 121 -29.12 -45.05 16.29
N HIS A 122 -30.35 -44.98 15.77
CA HIS A 122 -31.47 -45.86 16.20
C HIS A 122 -32.00 -46.76 15.06
N SER A 123 -31.72 -46.46 13.78
CA SER A 123 -32.43 -47.09 12.64
C SER A 123 -31.68 -48.34 12.18
N ALA A 124 -31.97 -49.49 12.78
CA ALA A 124 -31.55 -50.84 12.31
C ALA A 124 -30.04 -50.92 12.15
N GLN A 125 -29.23 -50.34 13.04
CA GLN A 125 -27.75 -50.38 12.88
C GLN A 125 -27.16 -51.39 13.85
N LYS A 126 -26.12 -52.12 13.43
CA LYS A 126 -25.29 -52.91 14.37
C LYS A 126 -24.96 -52.00 15.57
N ARG A 127 -25.01 -52.54 16.77
CA ARG A 127 -24.89 -51.74 18.01
C ARG A 127 -23.42 -51.76 18.47
N VAL A 128 -23.06 -50.82 19.33
CA VAL A 128 -21.67 -50.69 19.84
C VAL A 128 -21.31 -51.98 20.58
N TYR A 129 -22.24 -52.50 21.38
CA TYR A 129 -22.08 -53.75 22.17
C TYR A 129 -23.04 -54.84 21.64
N GLU A 130 -22.82 -55.35 20.42
CA GLU A 130 -23.75 -56.26 19.68
C GLU A 130 -23.97 -57.54 20.49
N ASN A 131 -22.93 -58.09 21.08
CA ASN A 131 -22.99 -59.34 21.86
C ASN A 131 -24.02 -59.14 22.98
N ASP A 132 -23.88 -58.03 23.72
CA ASP A 132 -24.72 -57.70 24.90
C ASP A 132 -26.03 -57.09 24.43
N ARG A 133 -26.21 -56.90 23.12
CA ARG A 133 -27.49 -56.42 22.50
C ARG A 133 -27.81 -55.04 23.04
N GLU A 134 -26.82 -54.14 23.05
CA GLU A 134 -26.84 -52.91 23.87
C GLU A 134 -26.04 -51.79 23.19
N GLY A 135 -26.33 -50.55 23.58
CA GLY A 135 -25.58 -49.36 23.14
C GLY A 135 -26.26 -48.74 21.93
N THR A 136 -25.74 -47.63 21.43
CA THR A 136 -26.34 -47.00 20.22
C THR A 136 -25.98 -47.86 19.01
N GLY A 137 -26.59 -47.58 17.86
CA GLY A 137 -26.06 -48.04 16.56
C GLY A 137 -24.69 -47.44 16.35
N ILE A 138 -23.89 -48.00 15.44
CA ILE A 138 -22.49 -47.53 15.21
C ILE A 138 -22.52 -46.37 14.22
N GLY A 139 -23.69 -46.04 13.67
CA GLY A 139 -23.86 -44.99 12.66
C GLY A 139 -23.27 -45.38 11.31
N VAL A 140 -23.20 -44.39 10.40
CA VAL A 140 -22.46 -44.49 9.12
C VAL A 140 -20.98 -44.34 9.44
N GLU A 141 -20.15 -45.26 8.97
CA GLU A 141 -18.69 -45.13 9.15
C GLU A 141 -17.99 -45.78 7.96
N GLY A 142 -16.76 -45.37 7.77
CA GLY A 142 -15.85 -45.91 6.76
C GLY A 142 -15.57 -44.88 5.69
N MET A 143 -15.39 -45.38 4.48
CA MET A 143 -14.94 -44.64 3.30
C MET A 143 -15.73 -43.35 3.16
N GLY A 144 -15.04 -42.24 2.91
CA GLY A 144 -15.66 -41.00 2.38
C GLY A 144 -15.07 -40.62 1.03
N TYR A 145 -15.94 -40.30 0.09
CA TYR A 145 -15.52 -39.84 -1.25
C TYR A 145 -16.39 -38.66 -1.63
N HIS A 146 -15.79 -37.48 -1.75
CA HIS A 146 -16.52 -36.22 -1.97
C HIS A 146 -15.85 -35.50 -3.12
N MET A 147 -16.60 -35.28 -4.21
CA MET A 147 -16.07 -34.66 -5.45
C MET A 147 -17.17 -33.86 -6.13
N PHE A 148 -16.84 -32.72 -6.70
CA PHE A 148 -17.78 -31.94 -7.53
C PHE A 148 -16.99 -31.27 -8.65
N ALA A 149 -17.66 -31.03 -9.78
CA ALA A 149 -17.04 -30.37 -10.96
C ALA A 149 -18.06 -29.41 -11.57
N ILE A 150 -17.57 -28.24 -11.98
CA ILE A 150 -18.40 -27.19 -12.65
C ILE A 150 -17.68 -26.84 -13.95
N GLY A 151 -18.37 -27.02 -15.08
CA GLY A 151 -17.77 -26.76 -16.40
C GLY A 151 -18.79 -26.27 -17.38
N GLY A 152 -18.30 -25.89 -18.56
CA GLY A 152 -19.10 -25.52 -19.74
C GLY A 152 -19.21 -26.64 -20.76
N GLU A 153 -18.71 -27.84 -20.43
CA GLU A 153 -18.91 -29.08 -21.22
C GLU A 153 -18.95 -30.24 -20.26
N PRO A 154 -19.27 -31.47 -20.70
CA PRO A 154 -19.21 -32.63 -19.82
C PRO A 154 -17.84 -32.77 -19.14
N LEU A 155 -17.84 -33.23 -17.89
CA LEU A 155 -16.61 -33.59 -17.14
C LEU A 155 -15.90 -34.69 -17.94
N GLU A 156 -14.58 -34.55 -18.13
CA GLU A 156 -13.76 -35.50 -18.94
C GLU A 156 -13.09 -36.47 -17.99
N LEU A 157 -13.18 -37.76 -18.33
CA LEU A 157 -12.91 -38.89 -17.42
C LEU A 157 -11.73 -39.72 -17.92
N GLN A 158 -11.02 -40.31 -16.97
CA GLN A 158 -9.93 -41.28 -17.17
C GLN A 158 -10.40 -42.59 -16.54
N PHE A 159 -10.49 -43.66 -17.34
CA PHE A 159 -10.82 -45.03 -16.89
C PHE A 159 -9.64 -45.49 -16.03
N MET A 160 -9.93 -45.87 -14.80
CA MET A 160 -8.89 -46.49 -13.96
C MET A 160 -9.58 -47.31 -12.86
N VAL A 161 -9.18 -48.58 -12.75
CA VAL A 161 -9.85 -49.60 -11.90
C VAL A 161 -8.80 -50.27 -11.03
N PHE A 162 -9.28 -50.82 -9.92
CA PHE A 162 -8.45 -51.58 -8.96
C PHE A 162 -8.03 -52.91 -9.61
N ASN A 163 -8.99 -53.61 -10.23
CA ASN A 163 -8.83 -54.94 -10.89
C ASN A 163 -9.43 -54.86 -12.29
N HIS A 164 -8.58 -54.98 -13.33
CA HIS A 164 -8.99 -54.86 -14.76
C HIS A 164 -9.98 -55.97 -15.14
N ARG A 165 -9.89 -57.14 -14.50
CA ARG A 165 -10.70 -58.35 -14.85
C ARG A 165 -12.08 -58.28 -14.18
N ALA A 166 -12.33 -57.29 -13.33
CA ALA A 166 -13.71 -57.02 -12.87
C ALA A 166 -14.60 -56.98 -14.13
N THR A 167 -15.70 -57.73 -14.09
CA THR A 167 -16.79 -57.67 -15.09
C THR A 167 -17.90 -56.80 -14.49
N TYR A 168 -18.01 -55.56 -15.00
CA TYR A 168 -19.10 -54.61 -14.68
C TYR A 168 -20.41 -55.09 -15.32
N PRO A 169 -21.57 -54.78 -14.69
CA PRO A 169 -22.87 -55.16 -15.25
C PRO A 169 -23.22 -54.28 -16.45
N ALA A 170 -24.20 -54.71 -17.25
CA ALA A 170 -24.60 -54.04 -18.51
C ALA A 170 -25.25 -52.68 -18.25
N GLU A 171 -25.88 -52.50 -17.08
CA GLU A 171 -26.48 -51.19 -16.67
C GLU A 171 -25.39 -50.10 -16.65
N ALA A 172 -24.13 -50.46 -16.41
CA ALA A 172 -23.00 -49.53 -16.18
C ALA A 172 -22.36 -49.11 -17.51
N THR A 173 -21.86 -47.89 -17.57
CA THR A 173 -20.94 -47.48 -18.65
C THR A 173 -19.49 -47.61 -18.17
N VAL A 174 -18.73 -48.37 -18.93
CA VAL A 174 -17.29 -48.69 -18.69
C VAL A 174 -16.67 -49.03 -20.05
N ILE A 175 -15.35 -49.18 -20.07
CA ILE A 175 -14.62 -49.83 -21.19
C ILE A 175 -14.53 -51.33 -20.85
N LYS A 176 -15.10 -52.17 -21.71
CA LYS A 176 -15.05 -53.64 -21.64
C LYS A 176 -13.64 -54.09 -22.05
N ASN A 177 -13.17 -55.20 -21.44
CA ASN A 177 -11.90 -55.93 -21.73
C ASN A 177 -10.74 -54.94 -21.80
N PRO A 178 -10.62 -54.06 -20.78
CA PRO A 178 -9.73 -52.90 -20.85
C PRO A 178 -8.23 -53.20 -20.70
N GLY A 179 -7.86 -54.37 -20.19
CA GLY A 179 -6.46 -54.80 -20.07
C GLY A 179 -5.80 -54.30 -18.79
N ALA A 180 -4.62 -54.86 -18.52
CA ALA A 180 -3.87 -54.70 -17.26
C ALA A 180 -3.50 -53.23 -17.04
N SER A 181 -3.32 -52.47 -18.12
CA SER A 181 -2.80 -51.09 -18.12
C SER A 181 -3.87 -50.17 -17.51
N SER A 182 -5.12 -50.65 -17.48
CA SER A 182 -6.28 -49.92 -16.89
C SER A 182 -6.16 -49.88 -15.35
N GLN A 183 -5.25 -50.67 -14.75
CA GLN A 183 -4.98 -50.66 -13.28
C GLN A 183 -4.13 -49.45 -12.92
N VAL A 184 -3.60 -48.73 -13.91
CA VAL A 184 -2.84 -47.45 -13.71
C VAL A 184 -3.21 -46.51 -14.87
N PHE A 185 -2.35 -45.56 -15.24
CA PHE A 185 -2.68 -44.57 -16.29
C PHE A 185 -2.38 -45.15 -17.68
N ASP A 186 -3.42 -45.38 -18.50
CA ASP A 186 -3.28 -45.74 -19.93
C ASP A 186 -3.88 -44.61 -20.76
N PRO A 187 -3.05 -43.86 -21.53
CA PRO A 187 -3.58 -42.71 -22.26
C PRO A 187 -4.73 -43.04 -23.22
N ASN A 188 -4.96 -44.30 -23.59
CA ASN A 188 -6.06 -44.63 -24.55
C ASN A 188 -7.42 -44.69 -23.84
N LEU A 189 -7.48 -44.73 -22.50
CA LEU A 189 -8.72 -45.15 -21.78
C LEU A 189 -9.40 -43.91 -21.19
N LYS A 190 -10.09 -43.20 -22.08
CA LYS A 190 -10.67 -41.85 -21.86
C LYS A 190 -12.18 -42.00 -21.92
N GLY A 191 -12.92 -41.04 -21.36
CA GLY A 191 -14.36 -40.94 -21.60
C GLY A 191 -14.86 -39.63 -21.05
N THR A 192 -16.17 -39.41 -21.12
CA THR A 192 -16.84 -38.17 -20.71
C THR A 192 -18.13 -38.52 -19.98
N LEU A 193 -18.47 -37.70 -18.97
CA LEU A 193 -19.59 -37.97 -18.05
C LEU A 193 -20.87 -37.43 -18.69
N THR A 194 -21.60 -38.30 -19.41
CA THR A 194 -22.73 -37.98 -20.32
C THR A 194 -24.06 -38.52 -19.79
N ALA A 195 -24.03 -39.37 -18.75
CA ALA A 195 -25.27 -39.92 -18.18
C ALA A 195 -25.16 -39.95 -16.65
N ASP A 196 -26.27 -39.62 -15.98
CA ASP A 196 -26.42 -39.62 -14.51
C ASP A 196 -26.67 -41.06 -14.07
N GLY A 197 -25.84 -41.59 -13.17
CA GLY A 197 -26.12 -42.77 -12.35
C GLY A 197 -25.70 -44.07 -13.03
N VAL A 198 -24.72 -44.04 -13.94
CA VAL A 198 -24.27 -45.25 -14.69
C VAL A 198 -22.75 -45.35 -14.80
N PHE A 199 -22.00 -44.26 -14.58
CA PHE A 199 -20.50 -44.28 -14.60
C PHE A 199 -20.02 -44.65 -13.20
N PRO A 200 -19.57 -45.91 -12.97
CA PRO A 200 -19.18 -46.34 -11.63
C PRO A 200 -18.08 -45.39 -11.13
N VAL A 201 -18.20 -44.88 -9.91
CA VAL A 201 -17.15 -44.07 -9.25
C VAL A 201 -15.83 -44.85 -9.27
N GLU A 202 -15.85 -46.14 -8.98
CA GLU A 202 -14.61 -46.95 -8.86
C GLU A 202 -13.99 -47.24 -10.23
N ALA A 203 -14.61 -46.86 -11.37
CA ALA A 203 -13.99 -47.15 -12.69
C ALA A 203 -13.63 -45.88 -13.47
N TRP A 204 -14.02 -44.71 -12.97
CA TRP A 204 -13.79 -43.41 -13.66
C TRP A 204 -13.37 -42.33 -12.63
N GLY A 205 -12.39 -41.51 -13.00
CA GLY A 205 -11.94 -40.30 -12.30
C GLY A 205 -11.79 -39.11 -13.25
N PRO A 206 -11.70 -37.86 -12.74
CA PRO A 206 -11.48 -36.70 -13.61
C PRO A 206 -10.11 -36.83 -14.28
N ASP A 207 -10.04 -36.40 -15.55
CA ASP A 207 -8.82 -36.45 -16.38
C ASP A 207 -8.06 -35.13 -16.26
N PRO A 208 -6.88 -35.11 -15.63
CA PRO A 208 -6.08 -33.89 -15.54
C PRO A 208 -5.37 -33.49 -16.85
N PHE A 209 -5.27 -34.39 -17.85
CA PHE A 209 -4.79 -34.06 -19.23
C PHE A 209 -5.83 -33.20 -19.98
N LYS A 210 -7.10 -33.26 -19.59
CA LYS A 210 -8.17 -32.45 -20.21
C LYS A 210 -8.82 -31.59 -19.13
N ASN A 211 -10.10 -31.24 -19.28
CA ASN A 211 -10.91 -30.43 -18.34
C ASN A 211 -10.33 -29.02 -18.20
N GLU A 212 -9.83 -28.41 -19.28
CA GLU A 212 -9.38 -26.99 -19.27
C GLU A 212 -10.60 -26.10 -19.01
N ASN A 213 -11.77 -26.57 -19.38
CA ASN A 213 -13.05 -25.80 -19.29
C ASN A 213 -13.93 -26.45 -18.21
N THR A 214 -13.34 -27.17 -17.25
CA THR A 214 -13.97 -27.60 -15.98
C THR A 214 -13.03 -27.31 -14.79
N ARG A 215 -13.61 -26.95 -13.63
CA ARG A 215 -12.94 -27.00 -12.30
C ARG A 215 -13.47 -28.21 -11.53
N TYR A 216 -12.56 -29.05 -11.02
CA TYR A 216 -12.94 -30.23 -10.22
C TYR A 216 -12.15 -30.27 -8.91
N PHE A 217 -12.81 -30.84 -7.92
CA PHE A 217 -12.38 -30.82 -6.51
C PHE A 217 -12.75 -32.16 -5.86
N GLY A 218 -11.75 -32.81 -5.26
CA GLY A 218 -11.96 -34.16 -4.72
C GLY A 218 -11.20 -34.40 -3.43
N GLN A 219 -11.78 -35.20 -2.54
CA GLN A 219 -11.23 -35.61 -1.24
C GLN A 219 -11.68 -37.05 -1.04
N TYR A 220 -10.73 -37.93 -0.80
CA TYR A 220 -10.98 -39.32 -0.39
C TYR A 220 -10.27 -39.53 0.94
N THR A 221 -11.01 -40.16 1.87
CA THR A 221 -10.55 -40.75 3.14
C THR A 221 -11.06 -42.18 3.20
N GLY A 222 -10.15 -43.16 3.30
CA GLY A 222 -10.50 -44.59 3.20
C GLY A 222 -10.93 -45.16 4.53
N GLY A 223 -11.00 -46.49 4.59
CA GLY A 223 -11.24 -47.28 5.81
C GLY A 223 -12.63 -47.87 5.80
N THR A 224 -12.99 -48.56 6.88
CA THR A 224 -14.32 -49.16 7.10
C THR A 224 -14.87 -48.77 8.48
N GLN A 225 -13.99 -48.32 9.39
CA GLN A 225 -14.31 -47.79 10.74
C GLN A 225 -13.92 -46.31 10.86
N THR A 226 -13.63 -45.62 9.75
CA THR A 226 -13.32 -44.16 9.76
C THR A 226 -14.58 -43.38 10.06
N PRO A 227 -14.54 -42.40 11.00
CA PRO A 227 -15.69 -41.54 11.25
C PRO A 227 -15.77 -40.55 10.09
N PRO A 228 -16.98 -40.31 9.52
CA PRO A 228 -17.17 -39.26 8.54
C PRO A 228 -16.94 -37.89 9.18
N VAL A 229 -16.32 -36.99 8.43
CA VAL A 229 -16.13 -35.56 8.80
C VAL A 229 -16.79 -34.75 7.68
N LEU A 230 -17.82 -33.98 8.02
CA LEU A 230 -18.64 -33.22 7.04
C LEU A 230 -18.81 -31.82 7.64
N THR A 231 -18.53 -30.76 6.87
CA THR A 231 -18.85 -29.37 7.27
C THR A 231 -19.96 -28.85 6.34
N PHE A 232 -20.71 -27.85 6.81
CA PHE A 232 -21.75 -27.15 6.02
C PHE A 232 -21.88 -25.69 6.48
N THR A 233 -21.89 -24.77 5.52
CA THR A 233 -22.09 -23.31 5.75
C THR A 233 -22.59 -22.64 4.47
N ASN A 234 -23.27 -21.50 4.60
CA ASN A 234 -23.85 -20.77 3.45
C ASN A 234 -23.00 -19.53 3.18
N THR A 235 -21.79 -19.46 3.72
CA THR A 235 -20.93 -18.25 3.74
C THR A 235 -19.57 -18.50 3.07
N GLN A 236 -19.40 -19.62 2.37
CA GLN A 236 -18.13 -20.06 1.74
C GLN A 236 -18.30 -20.03 0.22
N THR A 237 -17.41 -19.33 -0.49
CA THR A 237 -17.48 -19.11 -1.95
C THR A 237 -16.19 -19.65 -2.57
N THR A 238 -16.32 -20.48 -3.61
CA THR A 238 -15.21 -20.90 -4.48
C THR A 238 -15.17 -20.04 -5.75
N ILE A 239 -14.05 -19.36 -5.98
CA ILE A 239 -13.72 -18.64 -7.24
C ILE A 239 -13.31 -19.67 -8.32
N LEU A 240 -13.90 -19.59 -9.51
CA LEU A 240 -13.76 -20.59 -10.61
C LEU A 240 -12.88 -20.02 -11.74
N LEU A 241 -12.47 -18.75 -11.61
CA LEU A 241 -11.56 -18.04 -12.56
C LEU A 241 -10.20 -18.74 -12.59
N ASP A 242 -9.58 -18.89 -13.77
CA ASP A 242 -8.22 -19.47 -13.90
C ASP A 242 -7.17 -18.40 -13.57
N GLU A 243 -5.89 -18.73 -13.77
CA GLU A 243 -4.71 -17.84 -13.60
C GLU A 243 -4.83 -16.59 -14.49
N ASN A 244 -5.64 -16.62 -15.56
CA ASN A 244 -5.89 -15.49 -16.50
C ASN A 244 -7.18 -14.72 -16.16
N GLY A 245 -7.92 -15.16 -15.14
CA GLY A 245 -9.18 -14.51 -14.69
C GLY A 245 -10.38 -14.91 -15.53
N VAL A 246 -10.35 -16.13 -16.08
CA VAL A 246 -11.40 -16.68 -16.98
C VAL A 246 -12.02 -17.93 -16.33
N GLY A 247 -13.35 -18.00 -16.31
CA GLY A 247 -14.11 -19.12 -15.71
C GLY A 247 -14.53 -20.13 -16.78
N PRO A 248 -15.14 -21.27 -16.41
CA PRO A 248 -15.68 -22.20 -17.39
C PRO A 248 -16.65 -21.46 -18.31
N LEU A 249 -16.54 -21.73 -19.62
CA LEU A 249 -17.35 -21.08 -20.68
C LEU A 249 -18.34 -22.10 -21.19
N CYS A 250 -19.61 -21.76 -21.13
CA CYS A 250 -20.75 -22.70 -21.21
C CYS A 250 -21.12 -22.88 -22.68
N LYS A 251 -20.59 -23.93 -23.29
CA LYS A 251 -20.86 -24.26 -24.72
C LYS A 251 -22.31 -24.72 -24.78
N GLY A 252 -23.04 -24.19 -25.78
CA GLY A 252 -24.46 -24.50 -26.04
C GLY A 252 -25.37 -23.92 -24.97
N ASP A 253 -24.88 -22.93 -24.20
CA ASP A 253 -25.63 -22.26 -23.10
C ASP A 253 -25.96 -23.31 -22.03
N GLY A 254 -25.04 -24.24 -21.83
CA GLY A 254 -25.18 -25.35 -20.88
C GLY A 254 -24.10 -25.25 -19.82
N LEU A 255 -24.49 -25.40 -18.54
CA LEU A 255 -23.59 -25.46 -17.37
C LEU A 255 -23.69 -26.86 -16.78
N PHE A 256 -22.54 -27.53 -16.66
CA PHE A 256 -22.47 -28.97 -16.33
C PHE A 256 -22.00 -29.13 -14.89
N LEU A 257 -22.84 -29.75 -14.06
CA LEU A 257 -22.59 -30.07 -12.63
C LEU A 257 -22.43 -31.58 -12.50
N SER A 258 -21.44 -32.01 -11.71
CA SER A 258 -21.13 -33.43 -11.45
C SER A 258 -20.69 -33.59 -10.00
N CYS A 259 -21.02 -34.71 -9.37
CA CYS A 259 -20.46 -35.04 -8.05
C CYS A 259 -20.61 -36.53 -7.77
N ALA A 260 -19.91 -36.94 -6.72
CA ALA A 260 -20.11 -38.18 -5.94
C ALA A 260 -19.89 -37.79 -4.48
N ASP A 261 -20.80 -38.22 -3.61
CA ASP A 261 -20.81 -37.81 -2.18
C ASP A 261 -21.18 -39.05 -1.39
N ILE A 262 -20.24 -39.97 -1.36
CA ILE A 262 -20.29 -41.22 -0.57
C ILE A 262 -19.85 -40.85 0.83
N VAL A 263 -20.71 -41.07 1.82
CA VAL A 263 -20.50 -40.61 3.21
C VAL A 263 -19.79 -41.73 3.99
N GLY A 264 -20.15 -42.97 3.69
CA GLY A 264 -19.64 -44.18 4.37
C GLY A 264 -20.60 -45.34 4.16
N PHE A 265 -20.47 -46.36 5.00
CA PHE A 265 -21.29 -47.59 4.96
C PHE A 265 -22.33 -47.57 6.08
N PHE A 266 -23.52 -48.11 5.76
CA PHE A 266 -24.55 -48.52 6.73
C PHE A 266 -24.32 -49.99 7.08
N THR A 267 -24.24 -50.31 8.36
CA THR A 267 -23.97 -51.71 8.85
C THR A 267 -25.22 -52.24 9.57
N GLN A 268 -25.87 -53.27 9.06
CA GLN A 268 -27.09 -53.87 9.67
C GLN A 268 -26.67 -54.82 10.79
N HIS A 269 -27.63 -55.29 11.57
CA HIS A 269 -27.41 -56.22 12.72
C HIS A 269 -26.67 -57.48 12.25
N ASN A 270 -27.01 -58.01 11.07
CA ASN A 270 -26.39 -59.22 10.49
C ASN A 270 -25.13 -58.84 9.69
N LYS A 271 -24.55 -57.65 9.91
CA LYS A 271 -23.17 -57.30 9.46
C LYS A 271 -23.13 -56.99 7.96
N LYS A 272 -24.28 -56.93 7.30
CA LYS A 272 -24.36 -56.55 5.87
C LYS A 272 -24.12 -55.04 5.76
N MET A 273 -23.42 -54.66 4.70
CA MET A 273 -22.87 -53.30 4.49
C MET A 273 -23.25 -52.80 3.09
N SER A 274 -23.81 -51.60 3.04
CA SER A 274 -24.19 -50.84 1.83
C SER A 274 -23.64 -49.42 1.94
N PHE A 275 -23.32 -48.81 0.81
CA PHE A 275 -22.89 -47.39 0.70
C PHE A 275 -24.08 -46.50 1.10
N ARG A 276 -23.78 -45.41 1.79
CA ARG A 276 -24.73 -44.29 2.00
C ARG A 276 -24.09 -43.01 1.41
N GLY A 277 -24.89 -42.22 0.68
CA GLY A 277 -24.46 -40.96 0.04
C GLY A 277 -25.45 -39.85 0.36
N LEU A 278 -25.08 -38.61 0.06
CA LEU A 278 -25.90 -37.43 0.38
C LEU A 278 -26.03 -36.55 -0.87
N PRO A 279 -27.13 -35.78 -0.98
CA PRO A 279 -27.28 -34.87 -2.11
C PRO A 279 -26.37 -33.65 -1.89
N ARG A 280 -26.13 -32.93 -2.97
CA ARG A 280 -25.18 -31.80 -3.06
C ARG A 280 -25.91 -30.63 -3.70
N TYR A 281 -25.67 -29.46 -3.15
CA TYR A 281 -26.32 -28.17 -3.49
C TYR A 281 -25.31 -27.40 -4.32
N PHE A 282 -25.76 -26.77 -5.39
CA PHE A 282 -24.92 -25.89 -6.22
C PHE A 282 -25.58 -24.52 -6.32
N ARG A 283 -24.81 -23.49 -6.00
CA ARG A 283 -25.07 -22.10 -6.43
C ARG A 283 -23.94 -21.70 -7.38
N VAL A 284 -24.28 -21.16 -8.55
CA VAL A 284 -23.27 -20.72 -9.56
C VAL A 284 -23.68 -19.33 -10.07
N THR A 285 -22.74 -18.40 -10.05
CA THR A 285 -22.85 -17.05 -10.65
C THR A 285 -22.13 -17.03 -11.99
N LEU A 286 -22.76 -16.43 -12.99
CA LEU A 286 -22.22 -16.35 -14.37
C LEU A 286 -22.37 -14.92 -14.92
N ARG A 287 -21.36 -14.45 -15.66
CA ARG A 287 -21.39 -13.14 -16.36
C ARG A 287 -21.19 -13.41 -17.85
N LYS A 288 -21.68 -12.48 -18.69
CA LYS A 288 -21.57 -12.53 -20.16
C LYS A 288 -20.11 -12.26 -20.54
N ARG A 289 -19.54 -13.12 -21.39
CA ARG A 289 -18.14 -12.96 -21.87
C ARG A 289 -18.16 -12.89 -23.40
N VAL A 290 -17.46 -11.89 -23.95
CA VAL A 290 -17.28 -11.76 -25.43
C VAL A 290 -16.16 -12.72 -25.84
N VAL A 291 -16.38 -13.51 -26.88
CA VAL A 291 -15.38 -14.51 -27.38
C VAL A 291 -15.37 -14.48 -28.91
N LYS A 292 -14.21 -14.80 -29.51
CA LYS A 292 -13.99 -15.01 -30.97
C LYS A 292 -14.82 -16.21 -31.43
N GLY B 23 -34.99 -9.80 -2.13
CA GLY B 23 -35.03 -9.55 -0.65
C GLY B 23 -35.45 -8.13 -0.34
N ILE B 24 -34.81 -7.50 0.67
CA ILE B 24 -35.08 -6.10 1.12
C ILE B 24 -34.12 -5.17 0.34
N GLU B 25 -34.62 -4.03 -0.15
CA GLU B 25 -33.78 -2.98 -0.77
C GLU B 25 -33.06 -2.24 0.35
N VAL B 26 -31.73 -2.41 0.44
CA VAL B 26 -30.91 -1.91 1.58
C VAL B 26 -30.28 -0.56 1.20
N LEU B 27 -30.48 0.46 2.03
CA LEU B 27 -29.88 1.81 1.85
C LEU B 27 -28.72 1.98 2.85
N ALA B 28 -28.41 3.20 3.30
CA ALA B 28 -27.13 3.53 3.98
C ALA B 28 -27.14 2.98 5.41
N VAL B 29 -25.95 2.78 5.98
CA VAL B 29 -25.79 2.49 7.43
C VAL B 29 -26.08 3.79 8.19
N ARG B 30 -27.02 3.82 9.14
CA ARG B 30 -27.26 5.05 9.96
C ARG B 30 -26.24 5.10 11.11
N THR B 31 -25.42 6.16 11.15
CA THR B 31 -24.46 6.45 12.25
C THR B 31 -25.16 7.36 13.27
N GLY B 32 -24.57 7.54 14.47
CA GLY B 32 -25.10 8.47 15.50
C GLY B 32 -25.21 7.84 16.89
N PRO B 33 -25.84 8.55 17.87
CA PRO B 33 -25.92 8.08 19.26
C PRO B 33 -26.77 6.82 19.47
N ASP B 34 -26.15 5.73 19.93
CA ASP B 34 -26.83 4.43 20.20
C ASP B 34 -27.34 3.86 18.86
N SER B 35 -26.53 3.96 17.79
CA SER B 35 -26.73 3.32 16.45
C SER B 35 -26.27 1.85 16.50
N ILE B 36 -25.45 1.51 17.49
CA ILE B 36 -24.86 0.15 17.75
C ILE B 36 -25.54 -0.45 18.99
N THR B 37 -25.82 -1.74 18.96
CA THR B 37 -26.30 -2.53 20.13
C THR B 37 -25.55 -3.86 20.15
N GLU B 38 -25.32 -4.38 21.35
CA GLU B 38 -24.75 -5.72 21.58
C GLU B 38 -25.76 -6.51 22.40
N ILE B 39 -26.10 -7.72 21.98
CA ILE B 39 -26.88 -8.63 22.87
C ILE B 39 -26.00 -9.83 23.20
N GLU B 40 -26.22 -10.41 24.36
CA GLU B 40 -25.63 -11.71 24.76
C GLU B 40 -26.78 -12.67 25.02
N ALA B 41 -26.63 -13.92 24.63
CA ALA B 41 -27.63 -14.94 24.95
C ALA B 41 -26.92 -16.28 25.07
N TYR B 42 -27.69 -17.27 25.49
CA TYR B 42 -27.28 -18.68 25.62
C TYR B 42 -28.46 -19.50 25.12
N LEU B 43 -28.16 -20.69 24.64
CA LEU B 43 -29.16 -21.73 24.34
C LEU B 43 -28.70 -22.96 25.10
N ASN B 44 -29.54 -23.45 26.00
CA ASN B 44 -29.33 -24.76 26.63
C ASN B 44 -29.67 -25.82 25.59
N PRO B 45 -28.98 -26.97 25.65
CA PRO B 45 -29.23 -28.07 24.74
C PRO B 45 -30.56 -28.76 25.07
N ARG B 46 -31.07 -29.50 24.10
CA ARG B 46 -32.33 -30.26 24.12
C ARG B 46 -32.00 -31.67 23.65
N MET B 47 -31.19 -32.36 24.45
CA MET B 47 -30.71 -33.73 24.17
C MET B 47 -31.83 -34.76 24.41
N GLY B 48 -32.94 -34.37 25.05
CA GLY B 48 -34.10 -35.27 25.27
C GLY B 48 -34.67 -35.22 26.68
N GLN B 49 -33.86 -35.41 27.71
CA GLN B 49 -34.40 -35.50 29.09
C GLN B 49 -34.92 -34.13 29.51
N PRO B 50 -36.02 -34.04 30.29
CA PRO B 50 -36.56 -32.75 30.74
C PRO B 50 -35.62 -31.83 31.54
N GLN B 51 -35.89 -30.52 31.48
CA GLN B 51 -35.42 -29.52 32.46
C GLN B 51 -35.80 -29.95 33.88
N ASN B 52 -35.08 -29.41 34.86
CA ASN B 52 -35.44 -29.49 36.31
C ASN B 52 -35.29 -30.93 36.83
N GLU B 53 -35.08 -31.94 35.98
CA GLU B 53 -34.82 -33.33 36.45
C GLU B 53 -33.32 -33.63 36.39
N ASP B 54 -32.94 -34.78 36.92
CA ASP B 54 -31.55 -35.20 37.23
C ASP B 54 -30.66 -35.34 36.00
N PHE B 55 -31.22 -35.54 34.79
CA PHE B 55 -30.46 -35.92 33.56
C PHE B 55 -30.65 -34.86 32.48
N TYR B 56 -31.00 -33.64 32.91
CA TYR B 56 -31.00 -32.43 32.07
C TYR B 56 -29.59 -32.23 31.50
N GLY B 57 -29.44 -32.26 30.17
CA GLY B 57 -28.15 -32.25 29.46
C GLY B 57 -27.98 -33.53 28.66
N PHE B 58 -28.75 -34.55 29.00
CA PHE B 58 -28.66 -35.89 28.37
C PHE B 58 -29.96 -36.23 27.66
N SER B 59 -29.83 -37.15 26.70
CA SER B 59 -30.94 -37.95 26.14
C SER B 59 -31.20 -39.05 27.16
N ASP B 60 -32.38 -39.64 27.08
CA ASP B 60 -32.66 -40.97 27.67
C ASP B 60 -31.74 -41.99 26.98
N ASN B 61 -31.68 -43.21 27.52
CA ASN B 61 -30.88 -44.35 27.00
C ASN B 61 -31.39 -44.76 25.62
N VAL B 62 -30.50 -44.83 24.64
CA VAL B 62 -30.86 -45.00 23.21
C VAL B 62 -31.16 -46.47 22.94
N THR B 63 -32.35 -46.75 22.41
CA THR B 63 -32.75 -48.07 21.85
C THR B 63 -32.62 -48.05 20.33
N VAL B 64 -32.52 -49.24 19.74
CA VAL B 64 -32.12 -49.48 18.32
C VAL B 64 -33.11 -50.49 17.75
N SER B 65 -33.79 -50.17 16.66
CA SER B 65 -34.76 -51.05 15.95
C SER B 65 -34.02 -52.20 15.24
N ASP B 66 -34.75 -53.27 14.95
CA ASP B 66 -34.24 -54.43 14.19
C ASP B 66 -34.17 -54.09 12.71
N ASP B 67 -35.15 -53.36 12.17
CA ASP B 67 -35.22 -52.98 10.73
C ASP B 67 -35.89 -51.62 10.54
N PHE B 68 -35.84 -51.13 9.30
CA PHE B 68 -36.29 -49.78 8.89
C PHE B 68 -37.80 -49.67 9.07
N GLY B 69 -38.51 -50.81 8.91
CA GLY B 69 -39.98 -50.92 8.81
C GLY B 69 -40.69 -50.77 10.15
N SER B 70 -40.00 -51.00 11.27
CA SER B 70 -40.54 -50.89 12.65
C SER B 70 -39.54 -50.15 13.53
N ASP B 71 -39.38 -48.88 13.19
CA ASP B 71 -38.38 -47.91 13.70
C ASP B 71 -39.14 -46.76 14.34
N ALA B 72 -39.21 -46.71 15.67
CA ALA B 72 -40.01 -45.73 16.44
C ALA B 72 -39.17 -45.14 17.57
N PRO B 73 -38.27 -44.18 17.29
CA PRO B 73 -37.39 -43.64 18.31
C PRO B 73 -38.22 -42.89 19.35
N PRO B 74 -38.39 -43.41 20.58
CA PRO B 74 -39.25 -42.74 21.54
C PRO B 74 -38.73 -41.33 21.89
N TRP B 75 -39.65 -40.46 22.29
CA TRP B 75 -39.35 -39.11 22.84
C TRP B 75 -38.34 -39.23 23.97
N LYS B 76 -37.31 -38.41 23.94
CA LYS B 76 -36.25 -38.30 24.99
C LYS B 76 -35.01 -39.09 24.56
N GLN B 77 -35.10 -39.96 23.56
CA GLN B 77 -33.95 -40.78 23.11
C GLN B 77 -33.23 -40.12 21.93
N PHE B 78 -33.57 -38.88 21.56
CA PHE B 78 -32.89 -38.16 20.47
C PHE B 78 -32.90 -36.67 20.73
N PRO B 79 -31.81 -35.94 20.34
CA PRO B 79 -31.75 -34.49 20.44
C PRO B 79 -32.61 -33.70 19.44
N CYS B 80 -33.02 -32.50 19.84
CA CYS B 80 -33.70 -31.51 18.97
C CYS B 80 -32.86 -30.24 18.87
N TYR B 81 -33.23 -29.34 17.95
CA TYR B 81 -32.57 -28.03 17.77
C TYR B 81 -32.99 -27.12 18.93
N SER B 82 -32.09 -26.26 19.40
CA SER B 82 -32.41 -25.15 20.33
C SER B 82 -32.57 -23.89 19.49
N THR B 83 -33.50 -23.02 19.88
CA THR B 83 -33.67 -21.68 19.28
C THR B 83 -34.40 -20.72 20.25
N ALA B 84 -34.20 -19.42 20.02
CA ALA B 84 -34.81 -18.32 20.80
C ALA B 84 -34.84 -17.11 19.89
N ARG B 85 -35.91 -16.32 19.97
CA ARG B 85 -36.00 -14.96 19.41
C ARG B 85 -35.55 -14.00 20.51
N ILE B 86 -34.54 -13.19 20.27
CA ILE B 86 -34.09 -12.11 21.20
C ILE B 86 -34.74 -10.81 20.73
N SER B 87 -35.46 -10.12 21.63
CA SER B 87 -36.12 -8.82 21.34
C SER B 87 -35.03 -7.76 21.31
N LEU B 88 -35.02 -6.96 20.23
CA LEU B 88 -34.10 -5.83 20.04
C LEU B 88 -34.83 -4.55 20.42
N PRO B 89 -34.14 -3.44 20.74
CA PRO B 89 -34.84 -2.20 21.09
C PRO B 89 -35.78 -1.80 19.94
N MET B 90 -37.02 -1.41 20.26
CA MET B 90 -38.01 -0.88 19.29
C MET B 90 -37.37 0.28 18.52
N LEU B 91 -37.93 0.64 17.36
CA LEU B 91 -37.29 1.60 16.42
C LEU B 91 -38.29 2.68 15.98
N ASN B 92 -39.00 2.48 14.86
CA ASN B 92 -39.76 3.53 14.12
C ASN B 92 -40.92 4.06 14.96
N SER B 97 -42.96 5.97 6.20
CA SER B 97 -41.99 6.60 5.25
C SER B 97 -41.72 5.64 4.07
N ASP B 98 -41.08 6.14 3.01
CA ASP B 98 -40.53 5.30 1.91
C ASP B 98 -39.36 4.49 2.50
N THR B 99 -39.02 4.75 3.76
CA THR B 99 -37.73 4.41 4.38
C THR B 99 -37.93 4.14 5.87
N ILE B 100 -37.62 2.91 6.30
CA ILE B 100 -37.60 2.50 7.73
C ILE B 100 -36.18 2.07 8.11
N LEU B 101 -35.91 2.03 9.41
CA LEU B 101 -34.69 1.43 10.00
C LEU B 101 -34.93 -0.07 10.24
N MET B 102 -33.88 -0.87 10.17
CA MET B 102 -33.85 -2.26 10.69
C MET B 102 -32.54 -2.47 11.44
N TRP B 103 -32.51 -3.37 12.42
CA TRP B 103 -31.26 -3.87 13.05
C TRP B 103 -30.55 -4.83 12.08
N GLU B 104 -29.24 -4.62 11.90
CA GLU B 104 -28.36 -5.38 11.00
C GLU B 104 -27.27 -6.06 11.83
N ALA B 105 -27.34 -7.39 11.96
CA ALA B 105 -26.28 -8.17 12.64
C ALA B 105 -25.04 -8.14 11.74
N ILE B 106 -23.93 -7.58 12.25
CA ILE B 106 -22.69 -7.35 11.44
C ILE B 106 -21.60 -8.34 11.88
N SER B 107 -21.62 -8.81 13.13
CA SER B 107 -20.57 -9.68 13.70
C SER B 107 -21.10 -10.46 14.89
N CYS B 108 -20.39 -11.51 15.28
CA CYS B 108 -20.78 -12.37 16.41
C CYS B 108 -19.57 -13.08 17.02
N ARG B 109 -19.77 -13.51 18.25
CA ARG B 109 -18.88 -14.42 19.01
C ARG B 109 -19.79 -15.56 19.42
N THR B 110 -19.29 -16.78 19.48
CA THR B 110 -20.05 -17.93 20.04
C THR B 110 -19.02 -18.88 20.63
N GLU B 111 -19.39 -19.51 21.74
CA GLU B 111 -18.60 -20.58 22.42
C GLU B 111 -19.57 -21.66 22.90
N VAL B 112 -19.24 -22.92 22.66
CA VAL B 112 -19.72 -24.05 23.48
C VAL B 112 -19.19 -23.81 24.91
N MET B 113 -20.06 -23.86 25.91
CA MET B 113 -19.70 -23.62 27.33
C MET B 113 -19.72 -24.95 28.09
N GLY B 114 -18.91 -25.07 29.12
CA GLY B 114 -18.86 -26.24 29.99
C GLY B 114 -18.00 -27.36 29.42
N VAL B 115 -17.17 -27.09 28.41
CA VAL B 115 -16.20 -28.11 27.90
C VAL B 115 -15.50 -28.75 29.11
N ASN B 116 -15.37 -28.00 30.20
CA ASN B 116 -14.56 -28.36 31.40
C ASN B 116 -15.11 -29.63 32.06
N MET B 117 -16.44 -29.83 32.00
CA MET B 117 -17.14 -30.96 32.68
C MET B 117 -16.75 -32.30 32.03
N LEU B 118 -16.18 -32.29 30.82
CA LEU B 118 -15.75 -33.55 30.15
C LEU B 118 -14.45 -34.06 30.80
N THR B 119 -13.88 -33.33 31.74
CA THR B 119 -12.72 -33.84 32.52
C THR B 119 -13.22 -34.82 33.58
N ASN B 120 -14.54 -35.03 33.67
CA ASN B 120 -15.15 -35.98 34.63
C ASN B 120 -14.99 -37.44 34.17
N VAL B 121 -14.24 -38.26 34.90
CA VAL B 121 -14.14 -39.72 34.60
C VAL B 121 -14.49 -40.57 35.82
N HIS B 122 -15.20 -40.00 36.80
CA HIS B 122 -15.60 -40.70 38.05
C HIS B 122 -17.12 -40.94 38.16
N SER B 123 -17.97 -40.20 37.46
CA SER B 123 -19.45 -40.32 37.63
C SER B 123 -19.99 -41.49 36.80
N ALA B 124 -20.31 -42.63 37.43
CA ALA B 124 -21.09 -43.79 36.93
C ALA B 124 -20.89 -44.08 35.43
N GLN B 125 -19.66 -44.35 35.00
CA GLN B 125 -19.33 -44.57 33.57
C GLN B 125 -18.78 -46.00 33.41
N LYS B 126 -19.00 -46.63 32.27
CA LYS B 126 -18.15 -47.79 31.86
C LYS B 126 -16.68 -47.44 32.13
N ARG B 127 -15.99 -48.32 32.85
CA ARG B 127 -14.55 -48.19 33.15
C ARG B 127 -13.75 -48.73 31.96
N VAL B 128 -12.54 -48.23 31.76
CA VAL B 128 -11.73 -48.64 30.58
C VAL B 128 -11.31 -50.11 30.79
N TYR B 129 -11.24 -50.58 32.05
CA TYR B 129 -11.08 -52.04 32.37
C TYR B 129 -12.28 -52.53 33.19
N GLU B 130 -13.48 -52.59 32.58
CA GLU B 130 -14.77 -52.99 33.23
C GLU B 130 -14.71 -54.42 33.77
N ASN B 131 -14.21 -55.35 32.95
CA ASN B 131 -13.92 -56.74 33.37
C ASN B 131 -13.26 -56.74 34.74
N ASP B 132 -12.22 -55.92 34.93
CA ASP B 132 -11.38 -55.94 36.17
C ASP B 132 -11.92 -54.94 37.20
N ARG B 133 -13.03 -54.27 36.91
CA ARG B 133 -13.54 -53.09 37.69
C ARG B 133 -12.40 -52.10 37.95
N GLU B 134 -11.59 -51.74 36.95
CA GLU B 134 -10.50 -50.76 37.18
C GLU B 134 -10.46 -49.68 36.10
N GLY B 135 -9.64 -48.66 36.37
CA GLY B 135 -9.39 -47.56 35.42
C GLY B 135 -10.45 -46.48 35.55
N THR B 136 -10.21 -45.37 34.88
CA THR B 136 -11.14 -44.23 34.83
C THR B 136 -12.41 -44.67 34.11
N GLY B 137 -13.47 -43.85 34.21
CA GLY B 137 -14.56 -43.87 33.24
C GLY B 137 -14.01 -43.71 31.83
N ILE B 138 -14.77 -44.10 30.81
CA ILE B 138 -14.36 -43.93 29.39
C ILE B 138 -14.71 -42.50 28.94
N GLY B 139 -15.56 -41.82 29.71
CA GLY B 139 -15.93 -40.42 29.43
C GLY B 139 -16.88 -40.32 28.26
N VAL B 140 -17.18 -39.10 27.82
CA VAL B 140 -17.99 -38.83 26.61
C VAL B 140 -17.12 -39.14 25.39
N GLU B 141 -17.61 -39.97 24.47
CA GLU B 141 -16.96 -40.29 23.17
C GLU B 141 -18.05 -40.45 22.11
N GLY B 142 -17.68 -40.30 20.84
CA GLY B 142 -18.62 -40.53 19.72
C GLY B 142 -18.86 -39.27 18.95
N MET B 143 -20.00 -39.18 18.28
CA MET B 143 -20.20 -38.12 17.27
C MET B 143 -20.16 -36.73 17.93
N GLY B 144 -19.75 -35.74 17.15
CA GLY B 144 -19.97 -34.32 17.45
C GLY B 144 -20.83 -33.71 16.36
N TYR B 145 -21.95 -33.11 16.72
CA TYR B 145 -22.75 -32.24 15.84
C TYR B 145 -22.85 -30.88 16.50
N HIS B 146 -22.19 -29.90 15.89
CA HIS B 146 -22.04 -28.51 16.39
C HIS B 146 -22.42 -27.58 15.25
N MET B 147 -23.64 -27.04 15.28
CA MET B 147 -24.16 -26.03 14.32
C MET B 147 -24.74 -24.85 15.10
N PHE B 148 -24.59 -23.65 14.54
CA PHE B 148 -25.29 -22.43 15.01
C PHE B 148 -25.72 -21.60 13.81
N ALA B 149 -26.77 -20.81 14.01
CA ALA B 149 -27.39 -19.93 13.01
C ALA B 149 -27.73 -18.61 13.70
N ILE B 150 -27.46 -17.51 13.01
CA ILE B 150 -27.83 -16.13 13.42
C ILE B 150 -28.54 -15.51 12.21
N GLY B 151 -29.82 -15.21 12.36
CA GLY B 151 -30.68 -14.72 11.28
C GLY B 151 -31.63 -13.65 11.76
N GLY B 152 -32.18 -12.91 10.79
CA GLY B 152 -33.23 -11.90 11.01
C GLY B 152 -34.63 -12.47 10.89
N GLU B 153 -34.73 -13.80 10.92
CA GLU B 153 -36.01 -14.55 10.86
C GLU B 153 -35.73 -16.00 11.19
N PRO B 154 -36.76 -16.86 11.41
CA PRO B 154 -36.51 -18.26 11.75
C PRO B 154 -35.60 -18.93 10.73
N LEU B 155 -34.80 -19.90 11.19
CA LEU B 155 -33.93 -20.74 10.32
C LEU B 155 -34.83 -21.55 9.37
N GLU B 156 -34.56 -21.49 8.07
CA GLU B 156 -35.35 -22.25 7.07
C GLU B 156 -34.70 -23.64 6.99
N LEU B 157 -35.51 -24.68 7.11
CA LEU B 157 -35.04 -26.08 7.24
C LEU B 157 -35.39 -26.86 5.97
N GLN B 158 -34.53 -27.82 5.63
CA GLN B 158 -34.77 -28.93 4.69
C GLN B 158 -34.95 -30.22 5.51
N PHE B 159 -36.10 -30.87 5.36
CA PHE B 159 -36.38 -32.17 6.01
C PHE B 159 -35.63 -33.25 5.25
N MET B 160 -34.86 -34.06 5.98
CA MET B 160 -34.09 -35.19 5.42
C MET B 160 -33.76 -36.16 6.56
N VAL B 161 -34.03 -37.45 6.32
CA VAL B 161 -33.95 -38.52 7.36
C VAL B 161 -33.12 -39.68 6.82
N PHE B 162 -32.46 -40.38 7.73
CA PHE B 162 -31.69 -41.60 7.40
C PHE B 162 -32.65 -42.64 6.83
N ASN B 163 -33.82 -42.79 7.48
CA ASN B 163 -34.90 -43.79 7.19
C ASN B 163 -36.27 -43.11 7.22
N HIS B 164 -36.93 -43.01 6.06
CA HIS B 164 -38.24 -42.30 5.90
C HIS B 164 -39.38 -43.02 6.63
N ARG B 165 -39.20 -44.29 7.00
CA ARG B 165 -40.24 -45.11 7.68
C ARG B 165 -40.16 -44.94 9.20
N ALA B 166 -39.15 -44.25 9.72
CA ALA B 166 -39.06 -43.86 11.15
C ALA B 166 -40.39 -43.21 11.56
N THR B 167 -41.05 -43.77 12.56
CA THR B 167 -42.24 -43.15 13.19
C THR B 167 -41.76 -42.30 14.38
N TYR B 168 -41.75 -40.97 14.21
CA TYR B 168 -41.34 -40.02 15.27
C TYR B 168 -42.50 -39.82 16.25
N PRO B 169 -42.19 -39.44 17.52
CA PRO B 169 -43.23 -39.37 18.55
C PRO B 169 -44.08 -38.11 18.37
N ALA B 170 -45.21 -38.07 19.05
CA ALA B 170 -46.22 -37.00 19.00
C ALA B 170 -45.61 -35.65 19.36
N GLU B 171 -44.59 -35.63 20.24
CA GLU B 171 -44.02 -34.38 20.82
C GLU B 171 -43.10 -33.69 19.79
N ALA B 172 -42.60 -34.41 18.78
CA ALA B 172 -41.59 -33.86 17.85
C ALA B 172 -42.30 -33.22 16.67
N THR B 173 -41.71 -32.19 16.07
CA THR B 173 -42.23 -31.56 14.84
C THR B 173 -41.47 -32.11 13.63
N VAL B 174 -42.17 -32.85 12.77
CA VAL B 174 -41.63 -33.50 11.54
C VAL B 174 -42.66 -33.36 10.43
N ILE B 175 -42.27 -33.73 9.21
CA ILE B 175 -43.22 -34.01 8.10
C ILE B 175 -43.66 -35.48 8.25
N LYS B 176 -44.96 -35.74 8.30
CA LYS B 176 -45.51 -37.12 8.40
C LYS B 176 -45.62 -37.71 6.99
N ASN B 177 -45.52 -39.04 6.87
CA ASN B 177 -45.51 -39.76 5.57
C ASN B 177 -44.56 -39.09 4.60
N PRO B 178 -43.27 -38.90 4.95
CA PRO B 178 -42.38 -38.08 4.12
C PRO B 178 -42.17 -38.67 2.71
N GLY B 179 -42.17 -39.99 2.57
CA GLY B 179 -41.91 -40.66 1.30
C GLY B 179 -40.42 -40.90 1.12
N ALA B 180 -40.06 -41.80 0.20
CA ALA B 180 -38.72 -42.40 0.09
C ALA B 180 -37.69 -41.33 -0.31
N SER B 181 -38.16 -40.27 -0.98
CA SER B 181 -37.28 -39.18 -1.48
C SER B 181 -36.77 -38.32 -0.31
N SER B 182 -37.38 -38.42 0.89
CA SER B 182 -36.89 -37.72 2.10
C SER B 182 -35.54 -38.29 2.57
N GLN B 183 -35.08 -39.43 2.00
CA GLN B 183 -33.75 -40.02 2.33
C GLN B 183 -32.67 -39.24 1.57
N VAL B 184 -33.08 -38.42 0.62
CA VAL B 184 -32.17 -37.51 -0.11
C VAL B 184 -32.92 -36.19 -0.27
N PHE B 185 -32.51 -35.33 -1.22
CA PHE B 185 -33.16 -34.01 -1.42
C PHE B 185 -34.45 -34.18 -2.20
N ASP B 186 -35.51 -33.61 -1.65
CA ASP B 186 -36.86 -33.50 -2.25
C ASP B 186 -37.33 -32.06 -2.04
N PRO B 187 -37.50 -31.27 -3.13
CA PRO B 187 -37.78 -29.84 -2.99
C PRO B 187 -39.08 -29.47 -2.26
N ASN B 188 -39.99 -30.41 -2.00
CA ASN B 188 -41.30 -30.09 -1.37
C ASN B 188 -41.20 -30.10 0.16
N LEU B 189 -40.12 -30.67 0.72
CA LEU B 189 -40.08 -31.08 2.15
C LEU B 189 -39.37 -29.99 2.97
N LYS B 190 -40.08 -28.90 3.23
CA LYS B 190 -39.52 -27.68 3.86
C LYS B 190 -40.17 -27.43 5.23
N GLY B 191 -39.58 -26.56 6.02
CA GLY B 191 -40.14 -26.10 7.30
C GLY B 191 -39.32 -24.94 7.81
N THR B 192 -39.67 -24.42 8.98
CA THR B 192 -38.89 -23.33 9.63
C THR B 192 -38.74 -23.67 11.11
N LEU B 193 -37.56 -23.41 11.69
CA LEU B 193 -37.28 -23.67 13.13
C LEU B 193 -38.05 -22.64 13.96
N THR B 194 -39.32 -22.92 14.27
CA THR B 194 -40.24 -21.96 14.93
C THR B 194 -40.44 -22.29 16.43
N ALA B 195 -39.84 -23.37 16.94
CA ALA B 195 -40.02 -23.81 18.35
C ALA B 195 -38.77 -24.56 18.86
N ASP B 196 -38.46 -24.33 20.14
CA ASP B 196 -37.28 -24.87 20.85
C ASP B 196 -37.55 -26.32 21.27
N GLY B 197 -36.53 -27.17 21.20
CA GLY B 197 -36.56 -28.50 21.82
C GLY B 197 -37.53 -29.49 21.17
N VAL B 198 -38.03 -29.26 19.94
CA VAL B 198 -39.03 -30.16 19.28
C VAL B 198 -38.65 -30.59 17.83
N PHE B 199 -37.71 -29.94 17.15
CA PHE B 199 -37.30 -30.33 15.77
C PHE B 199 -36.16 -31.35 15.87
N PRO B 200 -36.39 -32.64 15.52
CA PRO B 200 -35.34 -33.64 15.62
C PRO B 200 -34.13 -33.26 14.75
N VAL B 201 -32.93 -33.26 15.34
CA VAL B 201 -31.68 -32.89 14.60
C VAL B 201 -31.56 -33.88 13.44
N GLU B 202 -31.89 -35.15 13.68
CA GLU B 202 -31.75 -36.22 12.67
C GLU B 202 -32.74 -36.03 11.51
N ALA B 203 -33.73 -35.14 11.63
CA ALA B 203 -34.81 -35.02 10.60
C ALA B 203 -34.75 -33.66 9.86
N TRP B 204 -34.04 -32.68 10.40
CA TRP B 204 -33.96 -31.30 9.82
C TRP B 204 -32.51 -30.82 9.72
N GLY B 205 -32.23 -30.07 8.66
CA GLY B 205 -30.94 -29.43 8.35
C GLY B 205 -31.18 -28.04 7.78
N PRO B 206 -30.19 -27.13 7.82
CA PRO B 206 -30.38 -25.82 7.21
C PRO B 206 -30.61 -25.99 5.70
N ASP B 207 -31.60 -25.27 5.16
CA ASP B 207 -31.99 -25.29 3.72
C ASP B 207 -31.11 -24.34 2.93
N PRO B 208 -30.13 -24.81 2.12
CA PRO B 208 -29.20 -23.90 1.42
C PRO B 208 -29.81 -23.15 0.22
N PHE B 209 -31.03 -23.51 -0.19
CA PHE B 209 -31.86 -22.85 -1.23
C PHE B 209 -32.61 -21.63 -0.69
N LYS B 210 -32.62 -21.45 0.63
CA LYS B 210 -33.20 -20.25 1.29
C LYS B 210 -32.16 -19.68 2.25
N ASN B 211 -32.57 -19.16 3.41
CA ASN B 211 -31.65 -18.64 4.47
C ASN B 211 -30.71 -17.55 3.90
N GLU B 212 -31.19 -16.68 3.02
CA GLU B 212 -30.44 -15.48 2.54
C GLU B 212 -30.34 -14.44 3.67
N ASN B 213 -31.25 -14.50 4.65
CA ASN B 213 -31.26 -13.56 5.78
C ASN B 213 -30.75 -14.23 7.07
N THR B 214 -30.09 -15.41 6.95
CA THR B 214 -29.45 -16.13 8.08
C THR B 214 -28.08 -16.60 7.67
N ARG B 215 -27.11 -16.56 8.59
CA ARG B 215 -25.80 -17.23 8.42
C ARG B 215 -25.77 -18.47 9.32
N TYR B 216 -25.43 -19.63 8.77
CA TYR B 216 -25.37 -20.89 9.54
C TYR B 216 -24.02 -21.56 9.28
N PHE B 217 -23.60 -22.35 10.26
CA PHE B 217 -22.27 -23.00 10.25
C PHE B 217 -22.39 -24.34 11.00
N GLY B 218 -21.75 -25.36 10.47
CA GLY B 218 -21.98 -26.74 10.96
C GLY B 218 -20.76 -27.62 10.82
N GLN B 219 -20.54 -28.46 11.82
CA GLN B 219 -19.47 -29.49 11.86
C GLN B 219 -20.09 -30.79 12.36
N TYR B 220 -19.92 -31.87 11.62
CA TYR B 220 -20.21 -33.25 12.08
C TYR B 220 -18.91 -34.08 12.03
N THR B 221 -18.67 -34.88 13.07
CA THR B 221 -17.65 -35.95 13.10
C THR B 221 -18.36 -37.19 13.62
N GLY B 222 -18.35 -38.29 12.86
CA GLY B 222 -19.14 -39.49 13.18
C GLY B 222 -18.48 -40.44 14.18
N GLY B 223 -19.05 -41.64 14.29
CA GLY B 223 -18.54 -42.73 15.12
C GLY B 223 -19.12 -42.67 16.52
N THR B 224 -18.68 -43.62 17.36
CA THR B 224 -19.27 -43.95 18.68
C THR B 224 -18.20 -43.96 19.77
N GLN B 225 -16.99 -44.39 19.43
CA GLN B 225 -15.78 -44.31 20.30
C GLN B 225 -14.81 -43.23 19.79
N THR B 226 -15.27 -42.28 18.96
CA THR B 226 -14.44 -41.16 18.45
C THR B 226 -14.09 -40.18 19.57
N PRO B 227 -12.81 -39.77 19.67
CA PRO B 227 -12.40 -38.71 20.59
C PRO B 227 -13.06 -37.35 20.32
N PRO B 228 -13.76 -36.74 21.30
CA PRO B 228 -14.28 -35.39 21.14
C PRO B 228 -13.15 -34.36 21.20
N VAL B 229 -13.28 -33.31 20.39
CA VAL B 229 -12.32 -32.18 20.22
C VAL B 229 -13.18 -30.92 20.29
N LEU B 230 -13.06 -30.16 21.39
CA LEU B 230 -13.74 -28.85 21.54
C LEU B 230 -12.64 -27.82 21.75
N THR B 231 -12.85 -26.62 21.23
CA THR B 231 -11.97 -25.44 21.42
C THR B 231 -12.83 -24.39 22.14
N PHE B 232 -12.23 -23.49 22.90
CA PHE B 232 -12.96 -22.31 23.46
C PHE B 232 -11.99 -21.17 23.77
N THR B 233 -12.41 -19.95 23.43
CA THR B 233 -11.66 -18.69 23.61
C THR B 233 -12.65 -17.54 23.47
N ASN B 234 -12.33 -16.40 24.09
CA ASN B 234 -13.18 -15.19 24.05
C ASN B 234 -12.55 -14.20 23.04
N THR B 235 -11.63 -14.68 22.18
CA THR B 235 -10.80 -13.83 21.29
C THR B 235 -11.21 -13.97 19.81
N GLN B 236 -12.28 -14.68 19.49
CA GLN B 236 -12.64 -14.99 18.09
C GLN B 236 -13.97 -14.32 17.73
N THR B 237 -13.94 -13.57 16.63
CA THR B 237 -15.11 -12.85 16.07
C THR B 237 -15.40 -13.44 14.70
N THR B 238 -16.67 -13.71 14.39
CA THR B 238 -17.13 -14.15 13.05
C THR B 238 -17.96 -13.03 12.42
N ILE B 239 -17.47 -12.46 11.32
CA ILE B 239 -18.19 -11.42 10.52
C ILE B 239 -19.42 -12.08 9.87
N LEU B 240 -20.55 -11.39 9.92
CA LEU B 240 -21.84 -11.89 9.41
C LEU B 240 -22.20 -11.18 8.10
N LEU B 241 -21.38 -10.24 7.63
CA LEU B 241 -21.65 -9.47 6.38
C LEU B 241 -21.49 -10.39 5.17
N ASP B 242 -22.43 -10.32 4.21
CA ASP B 242 -22.35 -11.07 2.92
C ASP B 242 -21.35 -10.36 2.00
N GLU B 243 -21.38 -10.71 0.69
CA GLU B 243 -20.49 -10.20 -0.39
C GLU B 243 -20.67 -8.68 -0.54
N ASN B 244 -21.90 -8.18 -0.43
CA ASN B 244 -22.17 -6.72 -0.55
C ASN B 244 -22.13 -6.03 0.82
N GLY B 245 -21.58 -6.69 1.85
CA GLY B 245 -21.37 -6.04 3.17
C GLY B 245 -22.68 -5.74 3.88
N VAL B 246 -23.72 -6.53 3.59
CA VAL B 246 -25.05 -6.50 4.26
C VAL B 246 -25.10 -7.74 5.15
N GLY B 247 -25.34 -7.53 6.45
CA GLY B 247 -25.53 -8.61 7.44
C GLY B 247 -27.00 -9.00 7.51
N PRO B 248 -27.38 -9.99 8.34
CA PRO B 248 -28.80 -10.28 8.55
C PRO B 248 -29.55 -9.07 9.13
N LEU B 249 -30.75 -8.85 8.61
CA LEU B 249 -31.62 -7.70 8.96
C LEU B 249 -32.80 -8.26 9.72
N CYS B 250 -33.07 -7.73 10.90
CA CYS B 250 -33.98 -8.34 11.89
C CYS B 250 -35.42 -7.90 11.65
N LYS B 251 -36.20 -8.78 11.02
CA LYS B 251 -37.65 -8.56 10.75
C LYS B 251 -38.36 -8.51 12.10
N GLY B 252 -39.25 -7.52 12.27
CA GLY B 252 -40.05 -7.26 13.48
C GLY B 252 -39.20 -7.01 14.71
N ASP B 253 -37.95 -6.58 14.55
CA ASP B 253 -37.01 -6.25 15.66
C ASP B 253 -36.65 -7.53 16.43
N GLY B 254 -36.53 -8.66 15.72
CA GLY B 254 -36.16 -9.96 16.32
C GLY B 254 -34.85 -10.50 15.78
N LEU B 255 -33.97 -10.95 16.67
CA LEU B 255 -32.71 -11.65 16.35
C LEU B 255 -32.95 -13.13 16.64
N PHE B 256 -32.75 -13.99 15.65
CA PHE B 256 -33.07 -15.43 15.74
C PHE B 256 -31.78 -16.23 15.84
N LEU B 257 -31.63 -16.95 16.96
CA LEU B 257 -30.44 -17.74 17.31
C LEU B 257 -30.88 -19.20 17.33
N SER B 258 -30.13 -20.05 16.67
CA SER B 258 -30.43 -21.50 16.60
C SER B 258 -29.13 -22.25 16.85
N CYS B 259 -29.18 -23.46 17.40
CA CYS B 259 -27.97 -24.31 17.49
C CYS B 259 -28.31 -25.75 17.85
N ALA B 260 -27.33 -26.62 17.71
CA ALA B 260 -27.34 -28.00 18.27
C ALA B 260 -25.90 -28.30 18.62
N ASP B 261 -25.66 -28.91 19.78
CA ASP B 261 -24.30 -29.05 20.36
C ASP B 261 -24.21 -30.42 21.05
N ILE B 262 -24.48 -31.47 20.25
CA ILE B 262 -24.13 -32.88 20.56
C ILE B 262 -22.61 -32.95 20.64
N VAL B 263 -22.12 -33.49 21.75
CA VAL B 263 -20.69 -33.53 22.11
C VAL B 263 -20.19 -34.98 22.02
N GLY B 264 -21.07 -35.91 22.36
CA GLY B 264 -20.80 -37.34 22.26
C GLY B 264 -21.82 -38.14 23.06
N PHE B 265 -21.47 -39.38 23.37
CA PHE B 265 -22.33 -40.32 24.11
C PHE B 265 -21.72 -40.61 25.47
N PHE B 266 -22.59 -40.78 26.45
CA PHE B 266 -22.28 -41.23 27.82
C PHE B 266 -22.62 -42.71 27.92
N THR B 267 -21.72 -43.54 28.43
CA THR B 267 -21.90 -45.00 28.54
C THR B 267 -21.98 -45.40 30.01
N GLN B 268 -23.16 -45.82 30.47
CA GLN B 268 -23.35 -46.44 31.81
C GLN B 268 -22.52 -47.72 31.94
N HIS B 269 -22.36 -48.19 33.18
CA HIS B 269 -21.59 -49.41 33.56
C HIS B 269 -22.09 -50.61 32.76
N ASN B 270 -23.41 -50.70 32.60
CA ASN B 270 -24.15 -51.80 31.93
C ASN B 270 -24.26 -51.55 30.43
N LYS B 271 -23.48 -50.60 29.88
CA LYS B 271 -23.25 -50.36 28.42
C LYS B 271 -24.40 -49.57 27.76
N LYS B 272 -25.45 -49.17 28.47
CA LYS B 272 -26.52 -48.33 27.85
C LYS B 272 -25.95 -46.94 27.52
N MET B 273 -26.28 -46.36 26.36
CA MET B 273 -25.63 -45.11 25.88
C MET B 273 -26.67 -44.00 25.68
N SER B 274 -26.32 -42.76 26.06
CA SER B 274 -27.19 -41.57 25.90
C SER B 274 -26.39 -40.39 25.30
N PHE B 275 -27.07 -39.50 24.59
CA PHE B 275 -26.50 -38.24 24.04
C PHE B 275 -26.26 -37.30 25.22
N ARG B 276 -25.13 -36.60 25.19
CA ARG B 276 -24.77 -35.49 26.11
C ARG B 276 -24.52 -34.27 25.21
N GLY B 277 -25.06 -33.14 25.63
CA GLY B 277 -24.90 -31.86 24.92
C GLY B 277 -24.38 -30.83 25.89
N LEU B 278 -24.03 -29.67 25.34
CA LEU B 278 -23.54 -28.48 26.07
C LEU B 278 -24.25 -27.24 25.55
N PRO B 279 -24.39 -26.23 26.44
CA PRO B 279 -24.99 -24.97 26.07
C PRO B 279 -24.06 -24.14 25.15
N ARG B 280 -24.68 -23.27 24.35
CA ARG B 280 -23.95 -22.33 23.49
C ARG B 280 -24.25 -20.89 23.93
N TYR B 281 -23.18 -20.11 24.03
CA TYR B 281 -23.13 -18.64 24.21
C TYR B 281 -23.09 -17.93 22.86
N PHE B 282 -23.84 -16.84 22.75
CA PHE B 282 -23.91 -15.91 21.57
C PHE B 282 -23.69 -14.46 22.05
N ARG B 283 -22.75 -13.78 21.38
CA ARG B 283 -22.54 -12.31 21.44
C ARG B 283 -22.72 -11.76 20.03
N VAL B 284 -23.77 -10.96 19.79
CA VAL B 284 -24.14 -10.41 18.46
C VAL B 284 -24.18 -8.86 18.55
N THR B 285 -23.34 -8.20 17.74
CA THR B 285 -23.25 -6.74 17.55
C THR B 285 -24.09 -6.36 16.33
N LEU B 286 -25.05 -5.45 16.51
CA LEU B 286 -25.98 -4.98 15.45
C LEU B 286 -25.89 -3.46 15.28
N ARG B 287 -26.30 -2.97 14.11
CA ARG B 287 -26.32 -1.53 13.76
C ARG B 287 -27.61 -1.21 13.01
N LYS B 288 -28.03 0.04 13.03
CA LYS B 288 -29.24 0.51 12.31
C LYS B 288 -28.89 0.60 10.82
N ARG B 289 -29.74 0.07 9.96
CA ARG B 289 -29.59 0.12 8.48
C ARG B 289 -30.88 0.72 7.93
N VAL B 290 -30.77 1.63 6.96
CA VAL B 290 -31.92 2.27 6.27
C VAL B 290 -32.34 1.31 5.14
N VAL B 291 -33.65 1.18 4.92
CA VAL B 291 -34.26 0.23 3.94
C VAL B 291 -35.58 0.81 3.41
N LYS B 292 -36.03 0.37 2.22
CA LYS B 292 -37.41 0.52 1.68
C LYS B 292 -38.45 0.43 2.79
N ILE C 24 -13.36 1.38 33.03
CA ILE C 24 -12.01 2.06 33.06
C ILE C 24 -11.87 2.93 31.79
N GLU C 25 -11.86 4.26 31.97
CA GLU C 25 -11.64 5.27 30.88
C GLU C 25 -10.18 5.17 30.43
N VAL C 26 -9.95 4.59 29.24
CA VAL C 26 -8.61 4.28 28.66
C VAL C 26 -8.18 5.45 27.77
N LEU C 27 -7.00 6.02 28.04
CA LEU C 27 -6.47 7.17 27.26
C LEU C 27 -5.21 6.71 26.52
N ALA C 28 -4.16 7.54 26.51
CA ALA C 28 -3.01 7.39 25.60
C ALA C 28 -2.08 6.30 26.15
N VAL C 29 -1.45 5.58 25.21
CA VAL C 29 -0.31 4.66 25.48
C VAL C 29 0.92 5.54 25.78
N ARG C 30 1.82 5.06 26.63
CA ARG C 30 3.19 5.62 26.80
C ARG C 30 4.15 4.86 25.85
N THR C 31 4.94 5.62 25.09
CA THR C 31 5.98 5.12 24.15
C THR C 31 7.33 5.21 24.85
N GLY C 32 8.34 4.49 24.33
CA GLY C 32 9.76 4.69 24.68
C GLY C 32 10.42 3.46 25.27
N PRO C 33 11.63 3.62 25.86
CA PRO C 33 12.39 2.50 26.41
C PRO C 33 11.94 2.09 27.82
N ASP C 34 11.47 3.05 28.61
CA ASP C 34 11.08 2.89 30.04
C ASP C 34 9.65 2.37 30.16
N SER C 35 8.93 2.20 29.04
CA SER C 35 7.46 2.05 28.99
C SER C 35 7.01 0.58 28.91
N ILE C 36 7.94 -0.35 28.75
CA ILE C 36 7.65 -1.79 28.53
C ILE C 36 8.37 -2.62 29.58
N THR C 37 7.67 -3.60 30.16
CA THR C 37 8.23 -4.57 31.13
C THR C 37 7.83 -5.99 30.70
N GLU C 38 8.72 -6.95 30.90
CA GLU C 38 8.44 -8.41 30.72
C GLU C 38 8.46 -9.07 32.10
N ILE C 39 7.43 -9.86 32.42
CA ILE C 39 7.50 -10.79 33.58
C ILE C 39 7.53 -12.23 33.04
N GLU C 40 8.28 -13.09 33.69
CA GLU C 40 8.22 -14.56 33.47
C GLU C 40 7.64 -15.21 34.73
N ALA C 41 6.74 -16.16 34.58
CA ALA C 41 6.17 -16.97 35.68
C ALA C 41 5.95 -18.39 35.18
N TYR C 42 5.60 -19.27 36.12
CA TYR C 42 5.23 -20.68 35.86
C TYR C 42 4.05 -21.00 36.77
N LEU C 43 3.26 -21.97 36.35
CA LEU C 43 2.25 -22.62 37.21
C LEU C 43 2.50 -24.11 37.17
N ASN C 44 2.73 -24.69 38.35
CA ASN C 44 2.80 -26.16 38.49
C ASN C 44 1.36 -26.67 38.41
N PRO C 45 1.12 -27.88 37.86
CA PRO C 45 -0.23 -28.42 37.81
C PRO C 45 -0.74 -28.82 39.20
N ARG C 46 -2.06 -28.84 39.36
CA ARG C 46 -2.75 -29.30 40.59
C ARG C 46 -3.62 -30.52 40.25
N MET C 47 -2.96 -31.66 40.01
CA MET C 47 -3.62 -32.90 39.53
C MET C 47 -4.26 -33.64 40.72
N GLY C 48 -3.83 -33.31 41.95
CA GLY C 48 -4.49 -33.74 43.22
C GLY C 48 -3.53 -34.23 44.33
N GLN C 49 -2.45 -34.93 43.98
CA GLN C 49 -1.46 -35.40 44.98
C GLN C 49 -0.64 -34.21 45.42
N PRO C 50 -0.27 -34.14 46.72
CA PRO C 50 0.25 -32.93 47.31
C PRO C 50 1.70 -32.74 46.87
N GLN C 51 2.18 -31.51 46.90
CA GLN C 51 3.57 -31.15 46.55
C GLN C 51 4.54 -31.72 47.62
N ASN C 52 5.78 -31.99 47.23
CA ASN C 52 6.85 -32.46 48.16
C ASN C 52 6.50 -33.89 48.62
N GLU C 53 5.83 -34.66 47.75
CA GLU C 53 5.56 -36.11 47.94
C GLU C 53 5.82 -36.86 46.61
N ASP C 54 5.81 -38.19 46.62
CA ASP C 54 6.43 -39.00 45.53
C ASP C 54 5.63 -38.89 44.22
N PHE C 55 4.40 -38.40 44.28
CA PHE C 55 3.37 -38.49 43.22
C PHE C 55 2.91 -37.09 42.82
N TYR C 56 3.69 -36.07 43.14
CA TYR C 56 3.46 -34.65 42.74
C TYR C 56 3.54 -34.57 41.22
N GLY C 57 2.52 -34.00 40.57
CA GLY C 57 2.32 -34.11 39.12
C GLY C 57 1.14 -35.02 38.78
N PHE C 58 0.73 -35.87 39.71
CA PHE C 58 -0.31 -36.89 39.48
C PHE C 58 -1.51 -36.64 40.40
N SER C 59 -2.66 -37.16 39.99
CA SER C 59 -3.84 -37.37 40.87
C SER C 59 -3.62 -38.70 41.59
N ASP C 60 -4.37 -38.94 42.67
CA ASP C 60 -4.55 -40.30 43.27
C ASP C 60 -5.22 -41.18 42.20
N ASN C 61 -5.23 -42.49 42.37
CA ASN C 61 -5.85 -43.40 41.37
C ASN C 61 -7.34 -43.08 41.34
N VAL C 62 -7.89 -42.91 40.15
CA VAL C 62 -9.33 -42.56 39.95
C VAL C 62 -10.20 -43.78 40.31
N THR C 63 -11.20 -43.55 41.14
CA THR C 63 -12.31 -44.48 41.47
C THR C 63 -13.55 -43.98 40.75
N VAL C 64 -14.52 -44.85 40.53
CA VAL C 64 -15.71 -44.52 39.70
C VAL C 64 -16.95 -44.91 40.49
N SER C 65 -17.99 -44.09 40.47
CA SER C 65 -19.24 -44.35 41.22
C SER C 65 -20.07 -45.41 40.49
N ASP C 66 -21.02 -46.01 41.20
CA ASP C 66 -21.97 -47.03 40.66
C ASP C 66 -23.14 -46.31 39.98
N ASP C 67 -23.45 -45.09 40.44
CA ASP C 67 -24.57 -44.27 39.89
C ASP C 67 -24.33 -42.80 40.23
N PHE C 68 -25.11 -41.90 39.63
CA PHE C 68 -24.93 -40.44 39.78
C PHE C 68 -25.24 -40.03 41.24
N GLY C 69 -26.09 -40.76 41.93
CA GLY C 69 -26.62 -40.36 43.25
C GLY C 69 -25.63 -40.54 44.39
N SER C 70 -24.84 -41.61 44.35
CA SER C 70 -23.85 -41.95 45.42
C SER C 70 -22.44 -41.49 45.01
N ASP C 71 -22.33 -40.53 44.11
CA ASP C 71 -21.05 -40.04 43.54
C ASP C 71 -20.40 -39.09 44.56
N ALA C 72 -19.25 -39.45 45.12
CA ALA C 72 -18.46 -38.61 46.05
C ALA C 72 -16.97 -38.73 45.72
N PRO C 73 -16.49 -37.99 44.69
CA PRO C 73 -15.11 -38.10 44.24
C PRO C 73 -14.12 -37.69 45.32
N PRO C 74 -13.32 -38.62 45.92
CA PRO C 74 -12.48 -38.27 47.06
C PRO C 74 -11.41 -37.26 46.64
N TRP C 75 -11.08 -36.33 47.55
CA TRP C 75 -9.97 -35.36 47.38
C TRP C 75 -8.72 -36.07 46.87
N LYS C 76 -7.98 -35.42 45.96
CA LYS C 76 -6.70 -35.89 45.36
C LYS C 76 -6.94 -36.74 44.10
N GLN C 77 -8.19 -37.17 43.84
CA GLN C 77 -8.50 -38.09 42.72
C GLN C 77 -8.91 -37.31 41.46
N PHE C 78 -8.88 -35.97 41.48
CA PHE C 78 -9.32 -35.12 40.33
C PHE C 78 -8.51 -33.83 40.30
N PRO C 79 -8.23 -33.25 39.11
CA PRO C 79 -7.44 -32.02 39.02
C PRO C 79 -8.23 -30.73 39.29
N CYS C 80 -7.50 -29.69 39.65
CA CYS C 80 -8.03 -28.33 39.91
C CYS C 80 -7.23 -27.34 39.07
N TYR C 81 -7.78 -26.15 38.92
CA TYR C 81 -7.10 -25.05 38.20
C TYR C 81 -5.86 -24.65 38.99
N SER C 82 -4.82 -24.28 38.25
CA SER C 82 -3.66 -23.51 38.77
C SER C 82 -3.91 -22.03 38.51
N THR C 83 -3.54 -21.16 39.44
CA THR C 83 -3.68 -19.70 39.31
C THR C 83 -2.61 -19.00 40.17
N ALA C 84 -2.22 -17.80 39.74
CA ALA C 84 -1.31 -16.91 40.49
C ALA C 84 -1.55 -15.45 40.09
N ARG C 85 -1.56 -14.57 41.08
CA ARG C 85 -1.45 -13.09 40.92
C ARG C 85 0.04 -12.75 40.93
N ILE C 86 0.51 -12.06 39.89
CA ILE C 86 1.90 -11.54 39.78
C ILE C 86 1.84 -10.06 40.12
N SER C 87 2.76 -9.59 40.94
CA SER C 87 2.82 -8.18 41.39
C SER C 87 3.77 -7.42 40.47
N LEU C 88 3.22 -6.44 39.77
CA LEU C 88 3.97 -5.62 38.77
C LEU C 88 4.56 -4.38 39.43
N PRO C 89 5.66 -3.82 38.86
CA PRO C 89 6.23 -2.57 39.37
C PRO C 89 5.08 -1.58 39.62
N MET C 90 5.09 -0.95 40.80
CA MET C 90 4.09 0.09 41.13
C MET C 90 4.55 1.37 40.42
N LEU C 91 3.73 1.86 39.50
CA LEU C 91 4.11 2.91 38.51
C LEU C 91 3.85 4.30 39.11
N ASN C 92 2.92 4.39 40.06
CA ASN C 92 2.34 5.68 40.55
C ASN C 92 2.91 6.02 41.92
N GLN C 93 3.64 7.12 42.00
CA GLN C 93 4.08 7.78 43.25
C GLN C 93 2.87 8.37 43.99
N ASP C 94 1.89 8.95 43.28
CA ASP C 94 0.65 9.55 43.86
C ASP C 94 -0.58 8.94 43.17
N MET C 95 -1.58 8.50 43.94
CA MET C 95 -2.81 7.82 43.41
C MET C 95 -4.03 8.73 43.60
N THR C 96 -3.83 10.03 43.84
CA THR C 96 -4.91 11.03 44.00
C THR C 96 -5.04 11.88 42.72
N SER C 97 -4.03 11.87 41.85
CA SER C 97 -3.97 12.64 40.58
C SER C 97 -5.13 12.24 39.67
N ASP C 98 -5.50 13.10 38.71
CA ASP C 98 -6.69 12.98 37.80
C ASP C 98 -6.53 11.76 36.87
N THR C 99 -5.30 11.43 36.45
CA THR C 99 -4.96 10.20 35.67
C THR C 99 -3.92 9.38 36.44
N ILE C 100 -3.77 8.11 36.05
CA ILE C 100 -2.76 7.15 36.62
C ILE C 100 -2.27 6.21 35.52
N LEU C 101 -1.07 5.69 35.71
CA LEU C 101 -0.50 4.62 34.84
C LEU C 101 -1.01 3.26 35.34
N MET C 102 -1.46 2.44 34.40
CA MET C 102 -1.87 1.02 34.60
C MET C 102 -1.01 0.16 33.67
N TRP C 103 -0.56 -1.00 34.12
CA TRP C 103 0.10 -1.96 33.21
C TRP C 103 -0.95 -2.62 32.32
N GLU C 104 -0.66 -2.70 31.02
CA GLU C 104 -1.55 -3.26 29.97
C GLU C 104 -0.79 -4.38 29.28
N ALA C 105 -1.30 -5.62 29.36
CA ALA C 105 -0.67 -6.80 28.71
C ALA C 105 -0.97 -6.72 27.21
N ILE C 106 0.06 -6.72 26.36
CA ILE C 106 -0.14 -6.54 24.88
C ILE C 106 0.13 -7.86 24.15
N SER C 107 1.09 -8.65 24.63
CA SER C 107 1.47 -9.94 24.02
C SER C 107 1.94 -10.89 25.13
N CYS C 108 1.96 -12.18 24.83
CA CYS C 108 2.47 -13.23 25.73
C CYS C 108 3.10 -14.34 24.89
N ARG C 109 3.93 -15.15 25.55
CA ARG C 109 4.30 -16.51 25.10
C ARG C 109 3.94 -17.47 26.23
N THR C 110 3.46 -18.66 25.88
CA THR C 110 3.22 -19.72 26.87
C THR C 110 3.62 -21.07 26.26
N GLU C 111 4.35 -21.85 27.06
CA GLU C 111 4.81 -23.22 26.72
C GLU C 111 4.34 -24.17 27.83
N VAL C 112 3.83 -25.32 27.44
CA VAL C 112 3.77 -26.52 28.31
C VAL C 112 5.23 -26.98 28.49
N MET C 113 5.70 -27.07 29.72
CA MET C 113 7.09 -27.53 30.03
C MET C 113 7.02 -29.03 30.34
N GLY C 114 8.13 -29.73 30.13
CA GLY C 114 8.28 -31.14 30.55
C GLY C 114 7.75 -32.11 29.53
N VAL C 115 7.45 -31.64 28.31
CA VAL C 115 6.94 -32.53 27.23
C VAL C 115 7.90 -33.74 27.09
N ASN C 116 9.19 -33.51 27.29
CA ASN C 116 10.28 -34.51 27.14
C ASN C 116 9.98 -35.76 27.96
N MET C 117 9.44 -35.54 29.16
CA MET C 117 9.18 -36.57 30.18
C MET C 117 8.27 -37.63 29.57
N LEU C 118 7.44 -37.28 28.60
CA LEU C 118 6.44 -38.23 28.02
C LEU C 118 7.13 -39.22 27.07
N THR C 119 8.45 -39.10 26.87
CA THR C 119 9.24 -40.12 26.12
C THR C 119 9.61 -41.25 27.08
N ASN C 120 9.13 -41.20 28.33
CA ASN C 120 9.33 -42.25 29.37
C ASN C 120 8.29 -43.37 29.20
N VAL C 121 8.73 -44.55 28.74
CA VAL C 121 7.82 -45.72 28.57
C VAL C 121 8.35 -46.90 29.39
N HIS C 122 9.09 -46.61 30.45
CA HIS C 122 9.71 -47.64 31.33
C HIS C 122 9.16 -47.57 32.76
N SER C 123 8.62 -46.43 33.22
CA SER C 123 8.29 -46.19 34.65
C SER C 123 6.92 -46.79 35.02
N ALA C 124 6.87 -48.10 35.31
CA ALA C 124 5.80 -48.76 36.08
C ALA C 124 4.47 -48.67 35.36
N GLN C 125 4.49 -48.95 34.06
CA GLN C 125 3.36 -48.69 33.12
C GLN C 125 2.84 -50.02 32.62
N LYS C 126 1.52 -50.18 32.55
CA LYS C 126 0.91 -51.27 31.77
C LYS C 126 1.67 -51.31 30.43
N ARG C 127 2.17 -52.48 30.04
CA ARG C 127 2.98 -52.74 28.82
C ARG C 127 2.05 -52.92 27.63
N VAL C 128 2.56 -52.72 26.41
CA VAL C 128 1.73 -52.86 25.17
C VAL C 128 1.19 -54.29 25.05
N TYR C 129 1.99 -55.30 25.34
CA TYR C 129 1.55 -56.74 25.42
C TYR C 129 1.72 -57.22 26.88
N GLU C 130 0.80 -56.84 27.78
CA GLU C 130 0.87 -57.21 29.23
C GLU C 130 0.54 -58.69 29.45
N ASN C 131 -0.43 -59.24 28.72
CA ASN C 131 -0.65 -60.72 28.71
C ASN C 131 0.70 -61.44 28.60
N ASP C 132 1.61 -60.97 27.71
CA ASP C 132 2.95 -61.59 27.50
C ASP C 132 4.02 -60.96 28.39
N ARG C 133 3.66 -60.06 29.31
CA ARG C 133 4.66 -59.25 30.06
C ARG C 133 5.74 -58.80 29.08
N GLU C 134 5.38 -58.10 28.00
CA GLU C 134 6.35 -57.69 26.95
C GLU C 134 5.98 -56.34 26.32
N GLY C 135 6.97 -55.68 25.72
CA GLY C 135 6.77 -54.43 24.98
C GLY C 135 7.01 -53.21 25.86
N THR C 136 6.84 -52.01 25.32
CA THR C 136 7.05 -50.76 26.10
C THR C 136 5.88 -50.60 27.05
N GLY C 137 6.04 -49.70 28.04
CA GLY C 137 4.91 -49.03 28.66
C GLY C 137 4.03 -48.42 27.58
N ILE C 138 2.72 -48.35 27.83
CA ILE C 138 1.75 -47.68 26.91
C ILE C 138 1.91 -46.15 27.01
N GLY C 139 2.69 -45.68 28.00
CA GLY C 139 2.94 -44.25 28.26
C GLY C 139 1.68 -43.54 28.73
N VAL C 140 1.73 -42.20 28.72
CA VAL C 140 0.58 -41.34 29.10
C VAL C 140 -0.31 -41.23 27.86
N GLU C 141 -1.54 -41.74 27.95
CA GLU C 141 -2.57 -41.59 26.88
C GLU C 141 -3.83 -41.09 27.56
N GLY C 142 -4.79 -40.68 26.75
CA GLY C 142 -6.17 -40.36 27.14
C GLY C 142 -6.44 -38.88 26.97
N MET C 143 -7.37 -38.40 27.78
CA MET C 143 -7.87 -37.00 27.80
C MET C 143 -6.73 -36.00 27.82
N GLY C 144 -6.74 -35.06 26.86
CA GLY C 144 -6.01 -33.78 26.87
C GLY C 144 -6.94 -32.65 27.29
N TYR C 145 -6.55 -31.81 28.25
CA TYR C 145 -7.24 -30.53 28.56
C TYR C 145 -6.19 -29.50 28.91
N HIS C 146 -6.05 -28.51 28.04
CA HIS C 146 -5.02 -27.45 28.05
C HIS C 146 -5.73 -26.10 27.84
N MET C 147 -5.75 -25.26 28.87
CA MET C 147 -6.26 -23.87 28.79
C MET C 147 -5.32 -22.96 29.59
N PHE C 148 -5.19 -21.71 29.15
CA PHE C 148 -4.52 -20.64 29.93
C PHE C 148 -5.38 -19.36 29.88
N ALA C 149 -5.25 -18.53 30.92
CA ALA C 149 -5.87 -17.20 30.97
C ALA C 149 -4.85 -16.18 31.51
N ILE C 150 -4.86 -15.00 30.88
CA ILE C 150 -4.03 -13.83 31.24
C ILE C 150 -5.02 -12.69 31.37
N GLY C 151 -5.11 -12.05 32.54
CA GLY C 151 -6.09 -10.98 32.79
C GLY C 151 -5.57 -9.98 33.79
N GLY C 152 -6.26 -8.85 33.94
CA GLY C 152 -5.96 -7.81 34.94
C GLY C 152 -6.73 -8.02 36.24
N GLU C 153 -7.48 -9.11 36.34
CA GLU C 153 -8.32 -9.45 37.52
C GLU C 153 -8.55 -10.95 37.50
N PRO C 154 -9.06 -11.58 38.58
CA PRO C 154 -9.23 -13.03 38.58
C PRO C 154 -10.02 -13.46 37.35
N LEU C 155 -9.78 -14.69 36.85
CA LEU C 155 -10.60 -15.32 35.79
C LEU C 155 -12.02 -15.44 36.31
N GLU C 156 -13.02 -15.01 35.53
CA GLU C 156 -14.46 -15.12 35.87
C GLU C 156 -14.95 -16.48 35.37
N LEU C 157 -15.57 -17.26 36.26
CA LEU C 157 -15.91 -18.70 36.05
C LEU C 157 -17.41 -18.86 35.99
N GLN C 158 -17.85 -19.77 35.14
CA GLN C 158 -19.23 -20.35 35.16
C GLN C 158 -19.14 -21.75 35.77
N PHE C 159 -19.90 -22.04 36.83
CA PHE C 159 -19.98 -23.39 37.44
C PHE C 159 -20.79 -24.30 36.51
N MET C 160 -20.24 -25.46 36.16
CA MET C 160 -20.97 -26.46 35.34
C MET C 160 -20.35 -27.84 35.53
N VAL C 161 -21.18 -28.85 35.81
CA VAL C 161 -20.74 -30.22 36.19
C VAL C 161 -21.44 -31.26 35.34
N PHE C 162 -20.80 -32.40 35.15
CA PHE C 162 -21.36 -33.51 34.35
C PHE C 162 -22.61 -34.04 35.05
N ASN C 163 -22.53 -34.19 36.38
CA ASN C 163 -23.56 -34.75 37.29
C ASN C 163 -23.69 -33.84 38.53
N HIS C 164 -24.88 -33.27 38.72
CA HIS C 164 -25.18 -32.29 39.80
C HIS C 164 -25.09 -32.97 41.17
N ARG C 165 -25.40 -34.26 41.25
CA ARG C 165 -25.52 -34.99 42.54
C ARG C 165 -24.15 -35.44 43.04
N ALA C 166 -23.07 -35.14 42.33
CA ALA C 166 -21.71 -35.38 42.82
C ALA C 166 -21.49 -34.49 44.06
N THR C 167 -21.10 -35.10 45.18
CA THR C 167 -20.74 -34.37 46.41
C THR C 167 -19.21 -34.32 46.44
N TYR C 168 -18.69 -33.11 46.18
CA TYR C 168 -17.27 -32.72 46.16
C TYR C 168 -16.74 -32.60 47.59
N PRO C 169 -15.46 -32.96 47.83
CA PRO C 169 -14.91 -33.01 49.18
C PRO C 169 -14.65 -31.59 49.68
N ALA C 170 -14.61 -31.44 51.02
CA ALA C 170 -14.53 -30.14 51.76
C ALA C 170 -13.33 -29.30 51.26
N GLU C 171 -12.22 -29.96 50.94
CA GLU C 171 -10.97 -29.32 50.43
C GLU C 171 -11.21 -28.53 49.13
N ALA C 172 -12.28 -28.83 48.38
CA ALA C 172 -12.54 -28.24 47.06
C ALA C 172 -13.50 -27.06 47.18
N THR C 173 -13.35 -26.04 46.33
CA THR C 173 -14.28 -24.90 46.21
C THR C 173 -15.23 -25.14 45.05
N VAL C 174 -16.50 -25.32 45.39
CA VAL C 174 -17.64 -25.64 44.49
C VAL C 174 -18.89 -24.96 45.03
N ILE C 175 -19.90 -24.81 44.18
CA ILE C 175 -21.29 -24.44 44.58
C ILE C 175 -21.97 -25.69 45.15
N LYS C 176 -22.35 -25.67 46.43
CA LYS C 176 -22.96 -26.84 47.13
C LYS C 176 -24.43 -26.97 46.68
N ASN C 177 -24.92 -28.21 46.59
CA ASN C 177 -26.34 -28.52 46.25
C ASN C 177 -26.74 -27.66 45.05
N PRO C 178 -25.96 -27.70 43.94
CA PRO C 178 -26.15 -26.79 42.82
C PRO C 178 -27.46 -26.95 42.04
N GLY C 179 -28.06 -28.15 42.02
CA GLY C 179 -29.30 -28.42 41.27
C GLY C 179 -29.04 -28.92 39.85
N ALA C 180 -30.11 -29.39 39.19
CA ALA C 180 -30.07 -30.08 37.88
C ALA C 180 -29.67 -29.11 36.77
N SER C 181 -30.03 -27.85 36.92
CA SER C 181 -29.71 -26.75 35.97
C SER C 181 -28.19 -26.61 35.83
N SER C 182 -27.39 -27.02 36.83
CA SER C 182 -25.90 -26.90 36.82
C SER C 182 -25.29 -27.94 35.88
N GLN C 183 -26.10 -28.81 35.28
CA GLN C 183 -25.62 -29.79 34.27
C GLN C 183 -25.64 -29.10 32.89
N VAL C 184 -26.24 -27.90 32.82
CA VAL C 184 -26.24 -27.04 31.60
C VAL C 184 -25.93 -25.60 32.03
N PHE C 185 -26.34 -24.57 31.30
CA PHE C 185 -26.07 -23.15 31.68
C PHE C 185 -27.14 -22.67 32.64
N ASP C 186 -26.74 -22.26 33.84
CA ASP C 186 -27.58 -21.50 34.81
C ASP C 186 -26.93 -20.15 35.09
N PRO C 187 -27.60 -19.01 34.79
CA PRO C 187 -26.99 -17.69 34.97
C PRO C 187 -26.68 -17.30 36.43
N ASN C 188 -27.21 -17.99 37.43
CA ASN C 188 -26.94 -17.68 38.87
C ASN C 188 -25.64 -18.31 39.35
N LEU C 189 -25.05 -19.23 38.59
CA LEU C 189 -23.98 -20.14 39.11
C LEU C 189 -22.61 -19.65 38.65
N LYS C 190 -22.18 -18.55 39.25
CA LYS C 190 -20.99 -17.75 38.87
C LYS C 190 -19.87 -17.93 39.89
N GLY C 191 -18.67 -17.49 39.53
CA GLY C 191 -17.45 -17.74 40.30
C GLY C 191 -16.31 -16.89 39.79
N THR C 192 -15.26 -16.79 40.59
CA THR C 192 -13.96 -16.20 40.22
C THR C 192 -12.89 -17.18 40.72
N LEU C 193 -11.85 -17.41 39.92
CA LEU C 193 -10.72 -18.30 40.27
C LEU C 193 -9.84 -17.52 41.26
N THR C 194 -10.06 -17.71 42.55
CA THR C 194 -9.49 -16.84 43.61
C THR C 194 -8.43 -17.58 44.42
N ALA C 195 -8.06 -18.79 44.01
CA ALA C 195 -7.11 -19.64 44.76
C ALA C 195 -6.64 -20.80 43.89
N ASP C 196 -5.40 -21.23 44.15
CA ASP C 196 -4.64 -22.27 43.43
C ASP C 196 -5.01 -23.63 44.02
N GLY C 197 -5.33 -24.58 43.14
CA GLY C 197 -5.37 -26.03 43.44
C GLY C 197 -6.62 -26.43 44.16
N VAL C 198 -7.72 -25.67 44.05
CA VAL C 198 -8.95 -26.03 44.81
C VAL C 198 -10.22 -25.95 43.93
N PHE C 199 -10.20 -25.22 42.81
CA PHE C 199 -11.35 -25.14 41.86
C PHE C 199 -11.29 -26.29 40.87
N PRO C 200 -12.11 -27.36 41.04
CA PRO C 200 -12.04 -28.52 40.13
C PRO C 200 -12.24 -28.07 38.68
N VAL C 201 -11.39 -28.55 37.78
CA VAL C 201 -11.58 -28.42 36.31
C VAL C 201 -12.98 -28.93 35.95
N GLU C 202 -13.36 -30.07 36.48
CA GLU C 202 -14.66 -30.67 36.06
C GLU C 202 -15.87 -29.85 36.51
N ALA C 203 -15.73 -28.79 37.32
CA ALA C 203 -16.92 -28.07 37.87
C ALA C 203 -16.94 -26.59 37.47
N TRP C 204 -15.87 -26.07 36.90
CA TRP C 204 -15.73 -24.62 36.59
C TRP C 204 -15.07 -24.45 35.22
N GLY C 205 -15.62 -23.57 34.39
CA GLY C 205 -15.02 -23.15 33.12
C GLY C 205 -15.11 -21.64 32.96
N PRO C 206 -14.36 -21.04 32.02
CA PRO C 206 -14.35 -19.59 31.86
C PRO C 206 -15.73 -19.14 31.38
N ASP C 207 -16.24 -18.08 32.01
CA ASP C 207 -17.57 -17.49 31.74
C ASP C 207 -17.44 -16.54 30.56
N PRO C 208 -18.07 -16.83 29.40
CA PRO C 208 -17.97 -15.95 28.23
C PRO C 208 -18.82 -14.67 28.33
N PHE C 209 -19.76 -14.64 29.29
CA PHE C 209 -20.59 -13.46 29.64
C PHE C 209 -19.79 -12.40 30.41
N LYS C 210 -18.56 -12.73 30.80
CA LYS C 210 -17.68 -11.81 31.54
C LYS C 210 -16.28 -11.86 30.91
N ASN C 211 -15.22 -11.74 31.69
CA ASN C 211 -13.82 -11.76 31.21
C ASN C 211 -13.64 -10.73 30.07
N GLU C 212 -14.19 -9.52 30.24
CA GLU C 212 -13.86 -8.31 29.44
C GLU C 212 -12.37 -7.98 29.60
N ASN C 213 -11.81 -8.26 30.77
CA ASN C 213 -10.45 -7.81 31.16
C ASN C 213 -9.50 -9.00 31.15
N THR C 214 -9.93 -10.13 30.58
CA THR C 214 -9.15 -11.41 30.55
C THR C 214 -9.20 -11.99 29.13
N ARG C 215 -8.11 -12.63 28.71
CA ARG C 215 -8.08 -13.45 27.47
C ARG C 215 -7.83 -14.90 27.90
N TYR C 216 -8.71 -15.81 27.51
CA TYR C 216 -8.55 -17.26 27.74
C TYR C 216 -8.66 -18.02 26.42
N PHE C 217 -7.92 -19.13 26.37
CA PHE C 217 -7.83 -20.11 25.26
C PHE C 217 -7.81 -21.50 25.88
N GLY C 218 -8.63 -22.43 25.38
CA GLY C 218 -8.52 -23.84 25.79
C GLY C 218 -8.82 -24.80 24.64
N GLN C 219 -8.40 -26.05 24.79
CA GLN C 219 -8.83 -27.17 23.92
C GLN C 219 -8.99 -28.41 24.80
N TYR C 220 -10.09 -29.14 24.63
CA TYR C 220 -10.25 -30.52 25.12
C TYR C 220 -10.06 -31.49 23.94
N THR C 221 -9.28 -32.55 24.14
CA THR C 221 -9.31 -33.79 23.32
C THR C 221 -9.52 -34.97 24.25
N GLY C 222 -10.67 -35.65 24.18
CA GLY C 222 -11.00 -36.78 25.05
C GLY C 222 -10.57 -38.10 24.46
N GLY C 223 -11.20 -39.20 24.87
CA GLY C 223 -10.94 -40.56 24.36
C GLY C 223 -9.78 -41.20 25.09
N THR C 224 -10.01 -42.34 25.75
CA THR C 224 -9.14 -42.90 26.81
C THR C 224 -7.84 -43.47 26.20
N GLN C 225 -7.86 -43.85 24.93
CA GLN C 225 -6.66 -44.30 24.17
C GLN C 225 -6.00 -43.15 23.38
N THR C 226 -6.44 -41.90 23.54
CA THR C 226 -6.00 -40.79 22.66
C THR C 226 -4.55 -40.44 22.98
N PRO C 227 -3.66 -40.31 21.96
CA PRO C 227 -2.28 -39.90 22.23
C PRO C 227 -2.22 -38.41 22.52
N PRO C 228 -1.45 -37.97 23.52
CA PRO C 228 -1.21 -36.54 23.73
C PRO C 228 -0.49 -35.96 22.51
N VAL C 229 -0.90 -34.74 22.13
CA VAL C 229 -0.27 -33.92 21.06
C VAL C 229 0.15 -32.63 21.75
N LEU C 230 1.46 -32.40 21.84
CA LEU C 230 2.01 -31.17 22.48
C LEU C 230 3.13 -30.62 21.60
N THR C 231 3.14 -29.31 21.43
CA THR C 231 4.18 -28.56 20.72
C THR C 231 4.85 -27.67 21.75
N PHE C 232 6.08 -27.24 21.50
CA PHE C 232 6.80 -26.27 22.36
C PHE C 232 7.79 -25.50 21.48
N THR C 233 7.89 -24.20 21.69
CA THR C 233 8.85 -23.29 21.00
C THR C 233 8.95 -22.03 21.85
N ASN C 234 10.08 -21.32 21.78
CA ASN C 234 10.24 -19.97 22.40
C ASN C 234 10.04 -18.89 21.34
N THR C 235 9.45 -19.23 20.18
CA THR C 235 9.37 -18.32 18.99
C THR C 235 7.93 -17.83 18.76
N GLN C 236 6.92 -18.25 19.53
CA GLN C 236 5.54 -17.85 19.21
C GLN C 236 4.93 -16.93 20.28
N THR C 237 4.44 -15.78 19.81
CA THR C 237 3.79 -14.69 20.57
C THR C 237 2.30 -14.84 20.33
N THR C 238 1.46 -14.55 21.34
CA THR C 238 0.00 -14.36 21.16
C THR C 238 -0.32 -12.92 21.55
N ILE C 239 -0.82 -12.12 20.60
CA ILE C 239 -1.24 -10.71 20.85
C ILE C 239 -2.52 -10.72 21.69
N LEU C 240 -2.57 -9.89 22.75
CA LEU C 240 -3.67 -9.85 23.75
C LEU C 240 -4.54 -8.60 23.59
N LEU C 241 -4.30 -7.78 22.57
CA LEU C 241 -5.15 -6.58 22.29
C LEU C 241 -6.52 -7.05 21.79
N ASP C 242 -7.56 -6.35 22.20
CA ASP C 242 -8.94 -6.58 21.72
C ASP C 242 -9.15 -5.83 20.41
N GLU C 243 -10.39 -5.84 19.93
CA GLU C 243 -10.87 -5.17 18.69
C GLU C 243 -10.58 -3.65 18.69
N ASN C 244 -10.42 -3.02 19.86
CA ASN C 244 -10.16 -1.55 19.96
C ASN C 244 -8.66 -1.28 20.18
N GLY C 245 -7.83 -2.31 20.30
CA GLY C 245 -6.37 -2.13 20.49
C GLY C 245 -6.00 -2.07 21.96
N VAL C 246 -6.86 -2.56 22.85
CA VAL C 246 -6.68 -2.47 24.32
C VAL C 246 -6.41 -3.89 24.86
N GLY C 247 -5.27 -4.05 25.55
CA GLY C 247 -4.90 -5.27 26.27
C GLY C 247 -5.55 -5.31 27.65
N PRO C 248 -5.41 -6.44 28.37
CA PRO C 248 -5.88 -6.52 29.77
C PRO C 248 -5.23 -5.46 30.66
N LEU C 249 -6.04 -4.70 31.40
CA LEU C 249 -5.55 -3.62 32.30
C LEU C 249 -5.39 -4.18 33.71
N CYS C 250 -4.15 -4.24 34.22
CA CYS C 250 -3.79 -4.88 35.52
C CYS C 250 -4.23 -4.03 36.73
N LYS C 251 -5.45 -4.28 37.20
CA LYS C 251 -6.09 -3.55 38.34
C LYS C 251 -5.24 -3.76 39.61
N GLY C 252 -4.92 -2.67 40.32
CA GLY C 252 -4.10 -2.70 41.54
C GLY C 252 -2.73 -3.33 41.30
N ASP C 253 -2.22 -3.20 40.07
CA ASP C 253 -0.89 -3.71 39.64
C ASP C 253 -0.84 -5.24 39.75
N GLY C 254 -1.96 -5.92 39.52
CA GLY C 254 -2.02 -7.40 39.54
C GLY C 254 -2.09 -8.01 38.14
N LEU C 255 -1.18 -8.91 37.78
CA LEU C 255 -1.32 -9.77 36.56
C LEU C 255 -1.78 -11.17 36.98
N PHE C 256 -2.97 -11.58 36.51
CA PHE C 256 -3.61 -12.89 36.81
C PHE C 256 -3.40 -13.91 35.66
N LEU C 257 -2.62 -14.94 35.97
CA LEU C 257 -2.27 -16.09 35.11
C LEU C 257 -3.04 -17.29 35.65
N SER C 258 -3.73 -18.02 34.78
CA SER C 258 -4.49 -19.24 35.12
C SER C 258 -4.26 -20.30 34.06
N CYS C 259 -4.34 -21.56 34.44
CA CYS C 259 -4.22 -22.67 33.47
C CYS C 259 -4.59 -24.00 34.11
N ALA C 260 -4.76 -24.98 33.25
CA ALA C 260 -4.95 -26.41 33.57
C ALA C 260 -4.35 -27.19 32.40
N ASP C 261 -3.45 -28.14 32.66
CA ASP C 261 -2.73 -28.91 31.61
C ASP C 261 -2.77 -30.40 32.00
N ILE C 262 -3.94 -31.02 31.83
CA ILE C 262 -4.13 -32.47 31.95
C ILE C 262 -3.55 -33.09 30.67
N VAL C 263 -2.43 -33.81 30.77
CA VAL C 263 -1.75 -34.39 29.59
C VAL C 263 -2.48 -35.68 29.17
N GLY C 264 -2.93 -36.47 30.14
CA GLY C 264 -3.58 -37.77 29.95
C GLY C 264 -3.63 -38.55 31.24
N PHE C 265 -3.64 -39.88 31.13
CA PHE C 265 -3.70 -40.83 32.26
C PHE C 265 -2.45 -41.70 32.26
N PHE C 266 -1.89 -41.92 33.45
CA PHE C 266 -0.89 -42.98 33.74
C PHE C 266 -1.67 -44.25 34.10
N THR C 267 -1.37 -45.36 33.44
CA THR C 267 -1.94 -46.71 33.69
C THR C 267 -0.84 -47.62 34.27
N GLN C 268 -1.01 -48.01 35.53
CA GLN C 268 -0.16 -48.99 36.26
C GLN C 268 -0.43 -50.41 35.75
N HIS C 269 0.38 -51.37 36.19
CA HIS C 269 0.31 -52.81 35.82
C HIS C 269 -1.03 -53.43 36.27
N ASN C 270 -1.54 -52.99 37.42
CA ASN C 270 -2.82 -53.47 38.02
C ASN C 270 -4.00 -52.66 37.44
N LYS C 271 -3.75 -51.87 36.38
CA LYS C 271 -4.79 -51.21 35.51
C LYS C 271 -5.41 -50.02 36.24
N LYS C 272 -4.84 -49.61 37.37
CA LYS C 272 -5.24 -48.37 38.06
C LYS C 272 -4.70 -47.20 37.26
N MET C 273 -5.40 -46.07 37.31
CA MET C 273 -5.22 -44.91 36.42
C MET C 273 -5.31 -43.62 37.24
N SER C 274 -4.33 -42.73 37.03
CA SER C 274 -4.27 -41.37 37.62
C SER C 274 -3.98 -40.34 36.53
N PHE C 275 -4.49 -39.12 36.70
CA PHE C 275 -4.21 -37.94 35.86
C PHE C 275 -2.72 -37.62 35.95
N ARG C 276 -2.12 -37.20 34.84
CA ARG C 276 -0.75 -36.62 34.80
C ARG C 276 -0.91 -35.21 34.25
N GLY C 277 -0.21 -34.26 34.87
CA GLY C 277 -0.25 -32.85 34.47
C GLY C 277 1.15 -32.39 34.16
N LEU C 278 1.28 -31.23 33.53
CA LEU C 278 2.57 -30.59 33.27
C LEU C 278 2.47 -29.15 33.68
N PRO C 279 3.62 -28.53 34.03
CA PRO C 279 3.63 -27.11 34.39
C PRO C 279 3.60 -26.24 33.13
N ARG C 280 3.33 -24.96 33.31
CA ARG C 280 3.13 -24.01 32.18
C ARG C 280 3.99 -22.77 32.43
N TYR C 281 4.75 -22.40 31.39
CA TYR C 281 5.58 -21.17 31.35
C TYR C 281 4.74 -20.06 30.73
N PHE C 282 4.89 -18.86 31.29
CA PHE C 282 4.26 -17.61 30.83
C PHE C 282 5.32 -16.51 30.72
N ARG C 283 5.32 -15.79 29.59
CA ARG C 283 6.06 -14.51 29.39
C ARG C 283 5.02 -13.49 28.96
N VAL C 284 4.85 -12.42 29.72
CA VAL C 284 3.84 -11.39 29.40
C VAL C 284 4.58 -10.06 29.23
N THR C 285 4.39 -9.41 28.09
CA THR C 285 4.85 -8.04 27.79
C THR C 285 3.73 -7.05 28.11
N LEU C 286 4.04 -6.07 28.95
CA LEU C 286 3.13 -5.01 29.41
C LEU C 286 3.74 -3.64 29.10
N ARG C 287 2.90 -2.68 28.70
CA ARG C 287 3.26 -1.25 28.53
C ARG C 287 2.39 -0.40 29.46
N LYS C 288 2.76 0.86 29.65
CA LYS C 288 2.04 1.77 30.57
C LYS C 288 0.92 2.44 29.77
N ARG C 289 -0.29 2.39 30.29
CA ARG C 289 -1.51 2.99 29.70
C ARG C 289 -2.09 4.03 30.68
N VAL C 290 -2.25 5.27 30.21
CA VAL C 290 -2.93 6.34 30.98
C VAL C 290 -4.43 5.99 31.02
N VAL C 291 -5.06 6.18 32.19
CA VAL C 291 -6.52 5.95 32.39
C VAL C 291 -7.08 7.01 33.35
N LYS C 292 -8.39 7.28 33.23
CA LYS C 292 -9.21 8.03 34.24
C LYS C 292 -9.01 7.42 35.63
N GLY D 23 21.15 -9.04 27.11
CA GLY D 23 22.61 -9.29 27.33
C GLY D 23 23.46 -8.42 26.44
N ILE D 24 23.85 -8.94 25.27
CA ILE D 24 24.77 -8.28 24.30
C ILE D 24 24.07 -7.05 23.69
N GLU D 25 24.72 -5.88 23.73
CA GLU D 25 24.23 -4.65 23.03
C GLU D 25 24.60 -4.74 21.55
N VAL D 26 23.60 -4.91 20.68
CA VAL D 26 23.80 -5.16 19.21
C VAL D 26 23.61 -3.85 18.46
N LEU D 27 24.63 -3.42 17.71
CA LEU D 27 24.54 -2.29 16.75
C LEU D 27 24.27 -2.87 15.34
N ALA D 28 24.89 -2.34 14.28
CA ALA D 28 24.41 -2.53 12.89
C ALA D 28 24.95 -3.83 12.26
N VAL D 29 24.46 -4.10 11.05
CA VAL D 29 24.82 -5.26 10.19
C VAL D 29 25.82 -4.76 9.13
N ARG D 30 27.10 -5.18 9.22
CA ARG D 30 28.14 -4.87 8.20
C ARG D 30 27.78 -5.61 6.92
N THR D 31 27.35 -4.89 5.86
CA THR D 31 26.55 -5.43 4.70
C THR D 31 27.43 -5.93 3.54
N GLY D 32 28.77 -5.95 3.71
CA GLY D 32 29.76 -5.96 2.61
C GLY D 32 30.01 -7.34 1.99
N PRO D 33 31.21 -7.55 1.38
CA PRO D 33 31.58 -8.83 0.78
C PRO D 33 32.15 -9.83 1.80
N ASP D 34 31.75 -11.10 1.69
CA ASP D 34 32.07 -12.15 2.70
C ASP D 34 31.53 -11.70 4.06
N SER D 35 30.36 -11.03 4.06
CA SER D 35 29.58 -10.63 5.26
C SER D 35 28.52 -11.69 5.60
N ILE D 36 28.25 -12.62 4.67
CA ILE D 36 27.23 -13.70 4.82
C ILE D 36 27.92 -15.05 4.57
N THR D 37 27.71 -16.00 5.48
CA THR D 37 28.23 -17.38 5.37
C THR D 37 27.08 -18.36 5.58
N GLU D 38 27.34 -19.61 5.24
CA GLU D 38 26.33 -20.70 5.24
C GLU D 38 27.02 -22.00 5.65
N ILE D 39 26.46 -22.71 6.63
CA ILE D 39 26.96 -24.05 7.06
C ILE D 39 25.83 -25.04 6.84
N GLU D 40 26.19 -26.25 6.46
CA GLU D 40 25.32 -27.43 6.40
C GLU D 40 25.91 -28.42 7.40
N ALA D 41 25.07 -29.11 8.16
CA ALA D 41 25.48 -30.12 9.17
C ALA D 41 24.38 -31.17 9.25
N TYR D 42 24.71 -32.31 9.84
CA TYR D 42 23.72 -33.35 10.21
C TYR D 42 23.98 -33.71 11.66
N LEU D 43 22.93 -34.16 12.35
CA LEU D 43 23.06 -34.88 13.63
C LEU D 43 22.49 -36.27 13.45
N ASN D 44 23.27 -37.30 13.75
CA ASN D 44 22.76 -38.69 13.84
C ASN D 44 22.06 -38.81 15.18
N PRO D 45 21.05 -39.69 15.28
CA PRO D 45 20.29 -39.85 16.52
C PRO D 45 21.04 -40.75 17.51
N ARG D 46 20.72 -40.58 18.79
CA ARG D 46 21.33 -41.36 19.91
C ARG D 46 20.22 -42.09 20.66
N MET D 47 19.69 -43.14 20.03
CA MET D 47 18.54 -43.93 20.51
C MET D 47 19.01 -44.95 21.56
N GLY D 48 20.31 -45.19 21.67
CA GLY D 48 20.87 -46.05 22.74
C GLY D 48 21.89 -47.04 22.21
N GLN D 49 21.65 -47.71 21.08
CA GLN D 49 22.61 -48.73 20.56
C GLN D 49 23.85 -48.03 20.02
N PRO D 50 25.06 -48.60 20.22
CA PRO D 50 26.29 -47.92 19.82
C PRO D 50 26.44 -47.81 18.29
N GLN D 51 27.32 -46.89 17.90
CA GLN D 51 27.82 -46.70 16.52
C GLN D 51 28.55 -47.97 16.05
N ASN D 52 28.63 -48.19 14.74
CA ASN D 52 29.51 -49.22 14.12
C ASN D 52 29.08 -50.63 14.56
N GLU D 53 27.83 -50.82 14.99
CA GLU D 53 27.24 -52.15 15.29
C GLU D 53 25.84 -52.22 14.68
N ASP D 54 25.23 -53.39 14.70
CA ASP D 54 24.13 -53.75 13.77
C ASP D 54 22.85 -52.96 14.07
N PHE D 55 22.72 -52.33 15.24
CA PHE D 55 21.44 -51.70 15.69
C PHE D 55 21.59 -50.19 15.84
N TYR D 56 22.58 -49.61 15.17
CA TYR D 56 22.77 -48.14 15.09
C TYR D 56 21.48 -47.50 14.54
N GLY D 57 20.91 -46.55 15.30
CA GLY D 57 19.61 -45.91 15.02
C GLY D 57 18.49 -46.37 15.94
N PHE D 58 18.70 -47.46 16.68
CA PHE D 58 17.70 -48.07 17.61
C PHE D 58 18.18 -47.91 19.04
N SER D 59 17.25 -48.05 19.98
CA SER D 59 17.53 -48.39 21.40
C SER D 59 17.68 -49.91 21.46
N ASP D 60 18.14 -50.44 22.59
CA ASP D 60 17.99 -51.90 22.91
C ASP D 60 16.53 -52.13 23.30
N ASN D 61 16.15 -53.38 23.50
CA ASN D 61 14.75 -53.75 23.81
C ASN D 61 14.37 -53.12 25.16
N VAL D 62 13.20 -52.49 25.23
CA VAL D 62 12.76 -51.70 26.42
C VAL D 62 12.17 -52.65 27.46
N THR D 63 12.67 -52.58 28.69
CA THR D 63 12.07 -53.26 29.88
C THR D 63 11.38 -52.18 30.72
N VAL D 64 10.43 -52.61 31.55
CA VAL D 64 9.50 -51.72 32.29
C VAL D 64 9.58 -52.10 33.76
N SER D 65 9.65 -51.13 34.65
CA SER D 65 9.67 -51.38 36.12
C SER D 65 8.29 -51.89 36.55
N ASP D 66 8.22 -52.61 37.67
CA ASP D 66 6.96 -53.02 38.33
C ASP D 66 6.37 -51.82 39.07
N ASP D 67 7.22 -50.99 39.68
CA ASP D 67 6.78 -49.77 40.42
C ASP D 67 7.84 -48.68 40.29
N PHE D 68 7.50 -47.50 40.79
CA PHE D 68 8.33 -46.26 40.77
C PHE D 68 9.59 -46.42 41.64
N GLY D 69 9.50 -47.17 42.75
CA GLY D 69 10.58 -47.24 43.76
C GLY D 69 11.70 -48.17 43.36
N SER D 70 11.51 -48.97 42.31
CA SER D 70 12.45 -49.99 41.78
C SER D 70 12.53 -49.82 40.26
N ASP D 71 12.96 -48.61 39.85
CA ASP D 71 12.90 -48.09 38.45
C ASP D 71 14.30 -47.68 38.01
N ALA D 72 14.96 -48.51 37.19
CA ALA D 72 16.34 -48.29 36.73
C ALA D 72 16.45 -48.62 35.24
N PRO D 73 16.18 -47.64 34.33
CA PRO D 73 16.32 -47.86 32.89
C PRO D 73 17.77 -48.23 32.58
N PRO D 74 18.02 -49.49 32.17
CA PRO D 74 19.37 -49.87 31.79
C PRO D 74 19.84 -49.00 30.62
N TRP D 75 21.13 -48.67 30.60
CA TRP D 75 21.76 -47.86 29.54
C TRP D 75 21.49 -48.54 28.20
N LYS D 76 21.18 -47.72 27.18
CA LYS D 76 20.94 -48.11 25.76
C LYS D 76 19.44 -48.31 25.53
N GLN D 77 18.62 -48.31 26.59
CA GLN D 77 17.17 -48.63 26.44
C GLN D 77 16.37 -47.33 26.25
N PHE D 78 17.00 -46.18 26.34
CA PHE D 78 16.31 -44.87 26.18
C PHE D 78 17.19 -43.94 25.35
N PRO D 79 16.59 -43.02 24.56
CA PRO D 79 17.33 -42.08 23.74
C PRO D 79 17.86 -40.86 24.50
N CYS D 80 18.92 -40.25 23.95
CA CYS D 80 19.59 -39.03 24.47
C CYS D 80 19.60 -37.92 23.42
N TYR D 81 19.82 -36.68 23.83
CA TYR D 81 19.81 -35.54 22.87
C TYR D 81 21.08 -35.65 22.03
N SER D 82 20.96 -35.29 20.75
CA SER D 82 22.09 -35.07 19.80
C SER D 82 22.45 -33.60 19.84
N THR D 83 23.74 -33.29 19.76
CA THR D 83 24.28 -31.91 19.73
C THR D 83 25.66 -31.90 19.08
N ALA D 84 26.05 -30.75 18.50
CA ALA D 84 27.41 -30.47 17.99
C ALA D 84 27.57 -28.96 17.89
N ARG D 85 28.81 -28.51 18.06
CA ARG D 85 29.24 -27.10 17.88
C ARG D 85 29.91 -27.01 16.49
N ILE D 86 29.38 -26.17 15.61
CA ILE D 86 30.00 -25.84 14.30
C ILE D 86 30.93 -24.65 14.47
N SER D 87 32.20 -24.84 14.10
CA SER D 87 33.21 -23.75 13.99
C SER D 87 32.86 -22.90 12.77
N LEU D 88 32.65 -21.61 12.99
CA LEU D 88 32.38 -20.60 11.94
C LEU D 88 33.70 -19.92 11.56
N PRO D 89 33.83 -19.33 10.35
CA PRO D 89 35.03 -18.57 10.01
C PRO D 89 35.46 -17.62 11.14
N MET D 90 36.75 -17.62 11.51
CA MET D 90 37.30 -16.85 12.66
C MET D 90 37.13 -15.35 12.38
N LEU D 91 36.90 -14.58 13.44
CA LEU D 91 36.72 -13.10 13.45
C LEU D 91 37.60 -12.49 14.56
N SER D 97 39.21 -3.16 21.64
CA SER D 97 38.20 -2.60 20.71
C SER D 97 36.89 -2.31 21.44
N ASP D 98 36.24 -1.18 21.14
CA ASP D 98 34.98 -0.70 21.78
C ASP D 98 33.75 -1.28 21.05
N THR D 99 33.98 -2.07 19.99
CA THR D 99 32.94 -2.78 19.19
C THR D 99 33.60 -3.94 18.42
N ILE D 100 33.16 -5.18 18.67
CA ILE D 100 33.62 -6.44 17.98
C ILE D 100 32.55 -6.87 16.96
N LEU D 101 32.94 -7.61 15.90
CA LEU D 101 31.99 -8.27 14.96
C LEU D 101 31.62 -9.65 15.52
N MET D 102 30.36 -10.09 15.37
CA MET D 102 29.87 -11.45 15.75
C MET D 102 29.06 -12.05 14.60
N TRP D 103 29.10 -13.37 14.44
CA TRP D 103 28.20 -14.10 13.51
C TRP D 103 26.82 -14.17 14.15
N GLU D 104 25.82 -13.70 13.42
CA GLU D 104 24.37 -13.71 13.78
C GLU D 104 23.68 -14.69 12.83
N ALA D 105 23.06 -15.75 13.37
CA ALA D 105 22.26 -16.70 12.57
C ALA D 105 20.94 -16.01 12.25
N ILE D 106 20.56 -15.93 10.97
CA ILE D 106 19.34 -15.16 10.51
C ILE D 106 18.21 -16.10 10.06
N SER D 107 18.56 -17.22 9.46
CA SER D 107 17.56 -18.14 8.88
C SER D 107 18.12 -19.55 8.97
N CYS D 108 17.25 -20.55 8.89
CA CYS D 108 17.69 -21.96 8.82
C CYS D 108 16.72 -22.79 7.95
N ARG D 109 17.22 -23.95 7.52
CA ARG D 109 16.41 -25.08 7.01
C ARG D 109 16.76 -26.30 7.83
N THR D 110 15.79 -27.14 8.14
CA THR D 110 16.04 -28.47 8.77
C THR D 110 15.10 -29.50 8.14
N GLU D 111 15.62 -30.70 7.88
CA GLU D 111 14.82 -31.85 7.41
C GLU D 111 15.19 -33.06 8.27
N VAL D 112 14.20 -33.89 8.60
CA VAL D 112 14.44 -35.27 9.04
C VAL D 112 14.74 -36.08 7.77
N MET D 113 15.83 -36.84 7.80
CA MET D 113 16.32 -37.64 6.64
C MET D 113 16.00 -39.12 6.88
N GLY D 114 15.85 -39.87 5.79
CA GLY D 114 15.64 -41.34 5.87
C GLY D 114 14.20 -41.66 6.20
N VAL D 115 13.27 -40.74 5.94
CA VAL D 115 11.84 -41.05 6.13
C VAL D 115 11.53 -42.24 5.22
N ASN D 116 12.18 -42.28 4.05
CA ASN D 116 12.02 -43.36 3.04
C ASN D 116 12.17 -44.74 3.69
N MET D 117 13.05 -44.93 4.67
CA MET D 117 13.33 -46.27 5.24
C MET D 117 12.06 -46.85 5.87
N LEU D 118 11.10 -46.00 6.26
CA LEU D 118 9.92 -46.44 7.04
C LEU D 118 8.92 -47.15 6.11
N THR D 119 9.22 -47.26 4.81
CA THR D 119 8.37 -48.04 3.87
C THR D 119 8.81 -49.51 3.90
N ASN D 120 9.84 -49.83 4.69
CA ASN D 120 10.30 -51.23 4.91
C ASN D 120 9.26 -51.95 5.80
N VAL D 121 8.67 -53.03 5.30
CA VAL D 121 7.76 -53.86 6.14
C VAL D 121 8.15 -55.34 6.02
N HIS D 122 9.43 -55.63 5.77
CA HIS D 122 9.97 -56.99 5.47
C HIS D 122 11.07 -57.39 6.46
N SER D 123 11.65 -56.43 7.17
CA SER D 123 12.80 -56.63 8.08
C SER D 123 12.27 -57.03 9.46
N ALA D 124 12.01 -58.32 9.64
CA ALA D 124 12.10 -59.05 10.93
C ALA D 124 11.30 -58.32 11.99
N GLN D 125 9.99 -58.24 11.80
CA GLN D 125 9.10 -57.50 12.69
C GLN D 125 7.79 -58.25 12.85
N LYS D 126 7.10 -58.00 13.97
CA LYS D 126 5.74 -58.51 14.21
C LYS D 126 4.91 -58.27 12.94
N ARG D 127 4.28 -59.33 12.44
CA ARG D 127 3.41 -59.26 11.25
C ARG D 127 2.03 -58.80 11.70
N VAL D 128 1.22 -58.30 10.76
CA VAL D 128 -0.18 -57.84 11.01
C VAL D 128 -1.02 -59.02 11.51
N TYR D 129 -0.73 -60.22 11.03
CA TYR D 129 -1.46 -61.48 11.38
C TYR D 129 -0.44 -62.48 11.93
N GLU D 130 0.16 -62.18 13.08
CA GLU D 130 1.25 -62.99 13.66
C GLU D 130 0.77 -64.43 13.92
N ASN D 131 -0.51 -64.62 14.27
CA ASN D 131 -1.10 -65.95 14.61
C ASN D 131 -1.16 -66.83 13.34
N ASP D 132 -1.29 -66.22 12.16
CA ASP D 132 -1.32 -66.96 10.87
C ASP D 132 0.02 -66.80 10.15
N ARG D 133 1.05 -66.28 10.84
CA ARG D 133 2.40 -65.96 10.26
C ARG D 133 2.17 -65.31 8.88
N GLU D 134 1.36 -64.26 8.79
CA GLU D 134 1.02 -63.69 7.47
C GLU D 134 0.93 -62.15 7.53
N GLY D 135 1.11 -61.49 6.40
CA GLY D 135 0.91 -60.05 6.22
C GLY D 135 2.23 -59.32 6.22
N THR D 136 2.21 -58.01 6.04
CA THR D 136 3.45 -57.18 6.13
C THR D 136 3.86 -57.10 7.60
N GLY D 137 5.10 -56.73 7.87
CA GLY D 137 5.49 -56.24 9.20
C GLY D 137 4.60 -55.06 9.57
N ILE D 138 4.35 -54.87 10.87
CA ILE D 138 3.48 -53.74 11.34
C ILE D 138 4.23 -52.43 11.11
N GLY D 139 5.55 -52.48 10.90
CA GLY D 139 6.39 -51.29 10.68
C GLY D 139 6.51 -50.47 11.96
N VAL D 140 7.15 -49.32 11.88
CA VAL D 140 7.42 -48.48 13.07
C VAL D 140 6.12 -47.77 13.47
N GLU D 141 5.68 -47.93 14.73
CA GLU D 141 4.48 -47.20 15.24
C GLU D 141 4.83 -46.54 16.56
N GLY D 142 3.95 -45.63 16.99
CA GLY D 142 3.96 -45.07 18.35
C GLY D 142 4.38 -43.62 18.32
N MET D 143 5.26 -43.23 19.23
CA MET D 143 5.38 -41.81 19.62
C MET D 143 6.36 -41.09 18.68
N GLY D 144 5.99 -39.87 18.26
CA GLY D 144 6.91 -38.90 17.64
C GLY D 144 7.41 -37.93 18.69
N TYR D 145 8.71 -37.76 18.81
CA TYR D 145 9.32 -36.61 19.53
C TYR D 145 10.44 -36.02 18.67
N HIS D 146 10.13 -34.85 18.11
CA HIS D 146 10.94 -34.11 17.12
C HIS D 146 11.15 -32.71 17.69
N MET D 147 12.39 -32.42 18.10
CA MET D 147 12.83 -31.04 18.45
C MET D 147 14.22 -30.77 17.88
N PHE D 148 14.47 -29.49 17.65
CA PHE D 148 15.78 -28.94 17.23
C PHE D 148 15.94 -27.54 17.83
N ALA D 149 17.18 -27.20 18.15
CA ALA D 149 17.56 -25.88 18.70
C ALA D 149 18.74 -25.34 17.89
N ILE D 150 18.71 -24.05 17.57
CA ILE D 150 19.84 -23.34 16.91
C ILE D 150 20.22 -22.13 17.80
N GLY D 151 21.48 -22.08 18.26
CA GLY D 151 21.92 -21.02 19.18
C GLY D 151 23.39 -20.68 19.11
N GLY D 152 23.75 -19.55 19.74
CA GLY D 152 25.13 -19.03 19.88
C GLY D 152 25.86 -19.65 21.07
N GLU D 153 25.24 -20.60 21.75
CA GLU D 153 25.76 -21.25 22.99
C GLU D 153 25.01 -22.55 23.23
N PRO D 154 25.50 -23.45 24.10
CA PRO D 154 24.77 -24.69 24.42
C PRO D 154 23.31 -24.41 24.77
N LEU D 155 22.41 -25.29 24.34
CA LEU D 155 20.99 -25.26 24.75
C LEU D 155 20.90 -25.30 26.28
N GLU D 156 20.15 -24.37 26.88
CA GLU D 156 19.87 -24.35 28.33
C GLU D 156 18.68 -25.26 28.60
N LEU D 157 18.85 -26.18 29.56
CA LEU D 157 17.93 -27.30 29.87
C LEU D 157 17.23 -27.10 31.22
N GLN D 158 15.96 -27.47 31.29
CA GLN D 158 15.21 -27.71 32.55
C GLN D 158 15.15 -29.21 32.76
N PHE D 159 15.56 -29.67 33.93
CA PHE D 159 15.38 -31.06 34.39
C PHE D 159 13.89 -31.27 34.70
N MET D 160 13.33 -32.36 34.20
CA MET D 160 11.95 -32.79 34.55
C MET D 160 11.81 -34.26 34.13
N VAL D 161 11.29 -35.07 35.04
CA VAL D 161 11.26 -36.55 34.91
C VAL D 161 9.84 -36.99 35.26
N PHE D 162 9.36 -38.03 34.60
CA PHE D 162 8.04 -38.64 34.87
C PHE D 162 8.02 -39.17 36.31
N ASN D 163 9.14 -39.74 36.74
CA ASN D 163 9.32 -40.40 38.07
C ASN D 163 10.67 -39.91 38.65
N HIS D 164 10.62 -39.03 39.68
CA HIS D 164 11.84 -38.45 40.31
C HIS D 164 12.74 -39.54 40.92
N ARG D 165 12.22 -40.73 41.20
CA ARG D 165 12.95 -41.83 41.89
C ARG D 165 13.58 -42.81 40.88
N ALA D 166 13.44 -42.61 39.58
CA ALA D 166 14.16 -43.39 38.56
C ALA D 166 15.68 -43.26 38.82
N THR D 167 16.38 -44.38 38.76
CA THR D 167 17.86 -44.46 38.88
C THR D 167 18.46 -44.59 37.49
N TYR D 168 19.05 -43.50 36.99
CA TYR D 168 19.65 -43.43 35.64
C TYR D 168 21.06 -43.98 35.75
N PRO D 169 21.53 -44.73 34.73
CA PRO D 169 22.81 -45.41 34.78
C PRO D 169 23.94 -44.39 34.75
N ALA D 170 25.14 -44.82 35.13
CA ALA D 170 26.33 -43.96 35.32
C ALA D 170 26.70 -43.24 34.02
N GLU D 171 26.34 -43.81 32.86
CA GLU D 171 26.74 -43.28 31.53
C GLU D 171 25.98 -41.97 31.26
N ALA D 172 24.81 -41.83 31.85
CA ALA D 172 23.89 -40.70 31.57
C ALA D 172 24.26 -39.52 32.44
N THR D 173 24.08 -38.31 31.91
CA THR D 173 24.17 -37.04 32.67
C THR D 173 22.75 -36.71 33.13
N VAL D 174 22.54 -36.70 34.44
CA VAL D 174 21.27 -36.26 35.09
C VAL D 174 21.63 -35.52 36.37
N ILE D 175 20.64 -34.89 37.00
CA ILE D 175 20.68 -34.42 38.41
C ILE D 175 20.34 -35.62 39.31
N LYS D 176 21.27 -36.00 40.18
CA LYS D 176 21.13 -37.12 41.15
C LYS D 176 20.21 -36.69 42.29
N ASN D 177 19.42 -37.62 42.84
CA ASN D 177 18.45 -37.37 43.95
C ASN D 177 17.66 -36.09 43.69
N PRO D 178 16.99 -35.99 42.52
CA PRO D 178 16.34 -34.74 42.11
C PRO D 178 15.21 -34.26 43.04
N GLY D 179 14.63 -35.15 43.85
CA GLY D 179 13.48 -34.81 44.71
C GLY D 179 12.17 -34.74 43.94
N ALA D 180 11.06 -34.68 44.66
CA ALA D 180 9.67 -34.90 44.19
C ALA D 180 9.23 -33.76 43.27
N SER D 181 9.81 -32.58 43.44
CA SER D 181 9.39 -31.38 42.68
C SER D 181 10.00 -31.46 41.27
N SER D 182 10.94 -32.38 41.01
CA SER D 182 11.50 -32.61 39.65
C SER D 182 10.46 -33.24 38.72
N GLN D 183 9.32 -33.69 39.25
CA GLN D 183 8.22 -34.29 38.46
C GLN D 183 7.41 -33.15 37.83
N VAL D 184 7.59 -31.92 38.32
CA VAL D 184 7.02 -30.67 37.73
C VAL D 184 8.14 -29.62 37.67
N PHE D 185 7.84 -28.32 37.69
CA PHE D 185 8.88 -27.27 37.52
C PHE D 185 9.47 -26.90 38.88
N ASP D 186 10.77 -27.16 39.02
CA ASP D 186 11.59 -26.67 40.15
C ASP D 186 12.66 -25.76 39.56
N PRO D 187 12.72 -24.49 40.03
CA PRO D 187 13.60 -23.48 39.45
C PRO D 187 15.08 -23.73 39.74
N ASN D 188 15.38 -24.70 40.61
CA ASN D 188 16.76 -25.10 40.98
C ASN D 188 17.34 -26.12 39.99
N LEU D 189 16.52 -26.77 39.15
CA LEU D 189 16.99 -27.99 38.43
C LEU D 189 17.33 -27.62 36.98
N LYS D 190 18.46 -26.95 36.82
CA LYS D 190 18.96 -26.36 35.55
C LYS D 190 20.10 -27.24 35.03
N GLY D 191 20.32 -27.19 33.71
CA GLY D 191 21.43 -27.87 33.02
C GLY D 191 21.75 -27.18 31.71
N THR D 192 22.84 -27.56 31.05
CA THR D 192 23.16 -27.13 29.66
C THR D 192 23.59 -28.37 28.87
N LEU D 193 23.15 -28.47 27.62
CA LEU D 193 23.42 -29.63 26.73
C LEU D 193 24.87 -29.51 26.22
N THR D 194 25.81 -30.06 27.00
CA THR D 194 27.27 -29.87 26.79
C THR D 194 27.87 -31.08 26.07
N ALA D 195 27.13 -32.17 25.89
CA ALA D 195 27.65 -33.42 25.30
C ALA D 195 26.59 -34.13 24.46
N ASP D 196 27.03 -34.86 23.43
CA ASP D 196 26.17 -35.65 22.50
C ASP D 196 25.91 -37.02 23.13
N GLY D 197 24.64 -37.47 23.13
CA GLY D 197 24.28 -38.87 23.36
C GLY D 197 24.43 -39.29 24.81
N VAL D 198 24.24 -38.40 25.79
CA VAL D 198 24.36 -38.73 27.24
C VAL D 198 23.28 -38.02 28.08
N PHE D 199 22.63 -36.97 27.56
CA PHE D 199 21.52 -36.29 28.26
C PHE D 199 20.21 -37.00 27.88
N PRO D 200 19.63 -37.87 28.75
CA PRO D 200 18.37 -38.56 28.42
C PRO D 200 17.24 -37.60 28.03
N VAL D 201 16.59 -37.87 26.91
CA VAL D 201 15.45 -37.03 26.44
C VAL D 201 14.40 -36.96 27.54
N GLU D 202 14.12 -38.08 28.20
CA GLU D 202 13.01 -38.20 29.16
C GLU D 202 13.37 -37.47 30.46
N ALA D 203 14.56 -36.90 30.57
CA ALA D 203 15.01 -36.24 31.81
C ALA D 203 15.17 -34.73 31.63
N TRP D 204 15.29 -34.27 30.38
CA TRP D 204 15.73 -32.88 30.08
C TRP D 204 14.86 -32.27 28.98
N GLY D 205 14.52 -30.99 29.12
CA GLY D 205 13.73 -30.23 28.13
C GLY D 205 14.38 -28.86 27.95
N PRO D 206 14.09 -28.11 26.87
CA PRO D 206 14.56 -26.73 26.75
C PRO D 206 13.91 -25.80 27.80
N ASP D 207 14.76 -25.09 28.52
CA ASP D 207 14.37 -24.16 29.62
C ASP D 207 13.82 -22.88 28.98
N PRO D 208 12.53 -22.54 29.18
CA PRO D 208 11.95 -21.34 28.58
C PRO D 208 12.27 -20.04 29.36
N PHE D 209 12.84 -20.17 30.56
CA PHE D 209 13.30 -19.03 31.39
C PHE D 209 14.66 -18.54 30.90
N LYS D 210 15.29 -19.26 29.96
CA LYS D 210 16.62 -18.91 29.38
C LYS D 210 16.56 -19.05 27.85
N ASN D 211 17.64 -19.46 27.20
CA ASN D 211 17.73 -19.64 25.72
C ASN D 211 17.34 -18.32 25.02
N GLU D 212 17.74 -17.16 25.57
CA GLU D 212 17.63 -15.83 24.91
C GLU D 212 18.39 -15.88 23.57
N ASN D 213 19.53 -16.58 23.53
CA ASN D 213 20.47 -16.63 22.38
C ASN D 213 20.31 -17.95 21.60
N THR D 214 19.13 -18.56 21.63
CA THR D 214 18.84 -19.89 21.04
C THR D 214 17.38 -19.94 20.62
N ARG D 215 17.08 -20.43 19.43
CA ARG D 215 15.69 -20.71 19.02
C ARG D 215 15.50 -22.21 19.08
N TYR D 216 14.38 -22.69 19.63
CA TYR D 216 14.09 -24.14 19.77
C TYR D 216 12.65 -24.42 19.35
N PHE D 217 12.42 -25.66 18.94
CA PHE D 217 11.17 -26.11 18.29
C PHE D 217 10.97 -27.60 18.60
N GLY D 218 9.83 -27.96 19.20
CA GLY D 218 9.46 -29.34 19.48
C GLY D 218 8.01 -29.64 19.14
N GLN D 219 7.77 -30.87 18.67
CA GLN D 219 6.45 -31.53 18.59
C GLN D 219 6.56 -32.89 19.27
N TYR D 220 5.48 -33.33 19.91
CA TYR D 220 5.34 -34.68 20.53
C TYR D 220 3.95 -35.22 20.26
N THR D 221 3.87 -36.41 19.68
CA THR D 221 2.65 -37.23 19.67
C THR D 221 2.98 -38.51 20.42
N GLY D 222 2.22 -38.86 21.45
CA GLY D 222 2.46 -40.04 22.29
C GLY D 222 1.84 -41.30 21.72
N GLY D 223 1.74 -42.34 22.56
CA GLY D 223 1.17 -43.65 22.20
C GLY D 223 2.24 -44.65 21.75
N THR D 224 1.79 -45.89 21.52
CA THR D 224 2.65 -47.04 21.17
C THR D 224 2.23 -47.63 19.81
N GLN D 225 1.00 -47.34 19.37
CA GLN D 225 0.45 -47.81 18.07
C GLN D 225 0.14 -46.62 17.16
N THR D 226 0.49 -45.40 17.57
CA THR D 226 0.17 -44.18 16.78
C THR D 226 0.80 -44.30 15.38
N PRO D 227 0.03 -44.03 14.30
CA PRO D 227 0.61 -43.85 12.98
C PRO D 227 1.60 -42.69 12.93
N PRO D 228 2.89 -42.95 12.62
CA PRO D 228 3.89 -41.89 12.46
C PRO D 228 3.50 -40.97 11.29
N VAL D 229 3.74 -39.66 11.46
CA VAL D 229 3.52 -38.66 10.38
C VAL D 229 4.75 -37.77 10.28
N LEU D 230 5.44 -37.88 9.15
CA LEU D 230 6.69 -37.16 8.85
C LEU D 230 6.49 -36.53 7.46
N THR D 231 6.84 -35.26 7.33
CA THR D 231 6.92 -34.54 6.05
C THR D 231 8.37 -34.15 5.82
N PHE D 232 8.78 -34.06 4.55
CA PHE D 232 10.12 -33.60 4.11
C PHE D 232 9.96 -32.76 2.83
N THR D 233 10.70 -31.67 2.76
CA THR D 233 10.80 -30.78 1.57
C THR D 233 12.10 -29.99 1.71
N ASN D 234 12.61 -29.45 0.61
CA ASN D 234 13.78 -28.54 0.64
C ASN D 234 13.32 -27.13 0.31
N THR D 235 12.04 -26.80 0.52
CA THR D 235 11.50 -25.45 0.20
C THR D 235 11.12 -24.66 1.45
N GLN D 236 11.38 -25.17 2.67
CA GLN D 236 10.90 -24.54 3.94
C GLN D 236 12.08 -23.86 4.66
N THR D 237 12.01 -22.54 4.80
CA THR D 237 12.96 -21.71 5.58
C THR D 237 12.27 -21.29 6.88
N THR D 238 12.97 -21.40 8.01
CA THR D 238 12.57 -20.78 9.30
C THR D 238 13.43 -19.53 9.53
N ILE D 239 12.77 -18.43 9.85
CA ILE D 239 13.43 -17.14 10.16
C ILE D 239 13.82 -17.18 11.64
N LEU D 240 15.09 -16.96 11.97
CA LEU D 240 15.62 -17.15 13.35
C LEU D 240 15.63 -15.82 14.12
N LEU D 241 15.17 -14.73 13.52
CA LEU D 241 15.25 -13.37 14.09
C LEU D 241 14.19 -13.18 15.18
N ASP D 242 14.49 -12.36 16.18
CA ASP D 242 13.54 -12.04 17.29
C ASP D 242 12.69 -10.84 16.89
N GLU D 243 11.80 -10.40 17.79
CA GLU D 243 10.83 -9.28 17.58
C GLU D 243 11.59 -7.97 17.29
N ASN D 244 12.89 -7.91 17.64
CA ASN D 244 13.81 -6.78 17.36
C ASN D 244 14.68 -7.07 16.13
N GLY D 245 14.35 -8.07 15.32
CA GLY D 245 15.13 -8.43 14.10
C GLY D 245 16.59 -8.77 14.40
N VAL D 246 16.85 -9.42 15.54
CA VAL D 246 18.20 -9.92 15.98
C VAL D 246 18.14 -11.44 16.06
N GLY D 247 19.13 -12.12 15.47
CA GLY D 247 19.27 -13.58 15.46
C GLY D 247 20.23 -14.05 16.55
N PRO D 248 20.32 -15.38 16.79
CA PRO D 248 21.30 -15.90 17.75
C PRO D 248 22.70 -15.40 17.37
N LEU D 249 23.46 -14.87 18.35
CA LEU D 249 24.84 -14.36 18.16
C LEU D 249 25.84 -15.41 18.64
N CYS D 250 26.70 -15.89 17.75
CA CYS D 250 27.58 -17.07 17.99
C CYS D 250 28.83 -16.69 18.81
N LYS D 251 28.78 -16.92 20.13
CA LYS D 251 29.89 -16.65 21.09
C LYS D 251 31.04 -17.60 20.78
N GLY D 252 32.27 -17.05 20.69
CA GLY D 252 33.49 -17.82 20.39
C GLY D 252 33.46 -18.38 18.96
N ASP D 253 32.65 -17.79 18.09
CA ASP D 253 32.51 -18.23 16.68
C ASP D 253 32.06 -19.70 16.69
N GLY D 254 31.17 -20.06 17.61
CA GLY D 254 30.56 -21.41 17.64
C GLY D 254 29.07 -21.35 17.39
N LEU D 255 28.59 -22.07 16.37
CA LEU D 255 27.16 -22.31 16.10
C LEU D 255 26.76 -23.64 16.78
N PHE D 256 25.72 -23.61 17.62
CA PHE D 256 25.28 -24.75 18.48
C PHE D 256 23.98 -25.36 17.93
N LEU D 257 24.09 -26.62 17.49
CA LEU D 257 22.97 -27.43 16.94
C LEU D 257 22.60 -28.53 17.94
N SER D 258 21.30 -28.76 18.14
CA SER D 258 20.78 -29.82 19.05
C SER D 258 19.50 -30.39 18.47
N CYS D 259 19.21 -31.64 18.77
CA CYS D 259 17.93 -32.24 18.38
C CYS D 259 17.71 -33.58 19.04
N ALA D 260 16.47 -34.04 18.96
CA ALA D 260 16.07 -35.44 19.19
C ALA D 260 15.00 -35.76 18.15
N ASP D 261 15.12 -36.88 17.45
CA ASP D 261 14.16 -37.28 16.39
C ASP D 261 13.78 -38.74 16.57
N ILE D 262 12.90 -39.00 17.53
CA ILE D 262 12.28 -40.32 17.82
C ILE D 262 11.09 -40.47 16.86
N VAL D 263 11.13 -41.48 16.01
CA VAL D 263 10.12 -41.72 14.94
C VAL D 263 9.00 -42.57 15.52
N GLY D 264 9.38 -43.53 16.36
CA GLY D 264 8.45 -44.55 16.90
C GLY D 264 9.18 -45.78 17.40
N PHE D 265 8.45 -46.88 17.51
CA PHE D 265 8.91 -48.17 18.08
C PHE D 265 8.93 -49.24 16.99
N PHE D 266 10.01 -50.00 16.99
CA PHE D 266 10.19 -51.22 16.18
C PHE D 266 9.76 -52.41 17.04
N THR D 267 8.93 -53.31 16.51
CA THR D 267 8.43 -54.48 17.25
C THR D 267 8.93 -55.74 16.56
N GLN D 268 9.74 -56.53 17.27
CA GLN D 268 10.19 -57.89 16.86
C GLN D 268 8.99 -58.86 16.88
N HIS D 269 9.16 -60.03 16.26
CA HIS D 269 8.19 -61.15 16.23
C HIS D 269 7.81 -61.58 17.65
N ASN D 270 8.76 -61.53 18.58
CA ASN D 270 8.58 -61.89 20.01
C ASN D 270 8.09 -60.69 20.85
N LYS D 271 7.69 -59.58 20.22
CA LYS D 271 6.91 -58.47 20.86
C LYS D 271 7.82 -57.55 21.68
N LYS D 272 9.13 -57.79 21.65
CA LYS D 272 10.14 -56.87 22.21
C LYS D 272 10.13 -55.61 21.35
N MET D 273 10.17 -54.45 22.01
CA MET D 273 10.09 -53.13 21.34
C MET D 273 11.34 -52.30 21.67
N SER D 274 11.77 -51.48 20.72
CA SER D 274 12.90 -50.51 20.81
C SER D 274 12.50 -49.23 20.09
N PHE D 275 13.01 -48.10 20.57
CA PHE D 275 13.00 -46.80 19.87
C PHE D 275 13.78 -46.92 18.54
N ARG D 276 13.23 -46.31 17.48
CA ARG D 276 13.94 -45.98 16.23
C ARG D 276 13.95 -44.46 16.09
N GLY D 277 15.12 -43.93 15.72
CA GLY D 277 15.34 -42.50 15.43
C GLY D 277 15.87 -42.31 14.01
N LEU D 278 15.90 -41.06 13.59
CA LEU D 278 16.38 -40.66 12.23
C LEU D 278 17.28 -39.44 12.38
N PRO D 279 18.25 -39.27 11.45
CA PRO D 279 19.19 -38.17 11.54
C PRO D 279 18.51 -36.89 11.00
N ARG D 280 19.01 -35.73 11.38
CA ARG D 280 18.41 -34.44 10.99
C ARG D 280 19.44 -33.62 10.22
N TYR D 281 19.01 -32.99 9.12
CA TYR D 281 19.81 -32.02 8.32
C TYR D 281 19.60 -30.60 8.85
N PHE D 282 20.67 -29.82 8.97
CA PHE D 282 20.61 -28.37 9.27
C PHE D 282 21.27 -27.59 8.13
N ARG D 283 20.71 -26.43 7.80
CA ARG D 283 21.34 -25.37 6.95
C ARG D 283 21.12 -24.03 7.64
N VAL D 284 22.18 -23.36 8.09
CA VAL D 284 22.05 -22.03 8.75
C VAL D 284 22.82 -21.00 7.91
N THR D 285 22.18 -19.85 7.75
CA THR D 285 22.70 -18.61 7.10
C THR D 285 22.97 -17.62 8.24
N LEU D 286 24.22 -17.19 8.36
CA LEU D 286 24.67 -16.25 9.40
C LEU D 286 25.17 -15.00 8.68
N ARG D 287 25.11 -13.84 9.35
CA ARG D 287 25.70 -12.59 8.82
C ARG D 287 26.57 -11.97 9.91
N LYS D 288 27.47 -11.06 9.50
CA LYS D 288 28.32 -10.29 10.44
C LYS D 288 27.48 -9.20 11.11
N ARG D 289 27.43 -9.24 12.44
CA ARG D 289 26.77 -8.21 13.28
C ARG D 289 27.87 -7.48 14.06
N VAL D 290 27.78 -6.15 14.13
CA VAL D 290 28.59 -5.32 15.06
C VAL D 290 27.90 -5.35 16.43
N VAL D 291 28.66 -5.64 17.50
CA VAL D 291 28.12 -5.69 18.89
C VAL D 291 28.95 -4.80 19.82
N LYS D 292 28.27 -4.21 20.82
CA LYS D 292 28.79 -3.73 22.13
C LYS D 292 29.43 -2.35 21.97
N GLY E 23 27.44 -23.89 -9.70
CA GLY E 23 26.23 -23.05 -9.85
C GLY E 23 26.30 -22.19 -11.11
N ILE E 24 25.14 -21.98 -11.75
CA ILE E 24 24.95 -21.17 -12.99
C ILE E 24 24.80 -19.70 -12.60
N GLU E 25 25.45 -18.81 -13.34
CA GLU E 25 25.30 -17.34 -13.24
C GLU E 25 24.03 -16.95 -14.01
N VAL E 26 22.95 -16.64 -13.31
CA VAL E 26 21.60 -16.34 -13.87
C VAL E 26 21.45 -14.83 -14.12
N LEU E 27 20.86 -14.47 -15.25
CA LEU E 27 20.67 -13.06 -15.71
C LEU E 27 19.15 -12.85 -15.90
N ALA E 28 18.71 -12.07 -16.89
CA ALA E 28 17.30 -11.60 -16.97
C ALA E 28 16.35 -12.71 -17.46
N VAL E 29 15.09 -12.58 -17.09
CA VAL E 29 13.93 -13.38 -17.56
C VAL E 29 13.41 -12.76 -18.86
N ARG E 30 13.09 -13.58 -19.85
CA ARG E 30 12.34 -13.19 -21.06
C ARG E 30 10.83 -13.20 -20.79
N THR E 31 10.10 -12.18 -21.27
CA THR E 31 8.62 -12.07 -21.09
C THR E 31 7.96 -12.07 -22.46
N GLY E 32 6.62 -12.10 -22.48
CA GLY E 32 5.82 -12.13 -23.71
C GLY E 32 5.36 -13.53 -24.09
N PRO E 33 4.48 -13.67 -25.11
CA PRO E 33 3.77 -14.92 -25.39
C PRO E 33 4.70 -16.13 -25.54
N ASP E 34 5.72 -15.99 -26.38
CA ASP E 34 6.72 -17.03 -26.79
C ASP E 34 7.67 -17.40 -25.64
N SER E 35 7.65 -16.67 -24.51
CA SER E 35 8.66 -16.85 -23.42
C SER E 35 8.24 -17.99 -22.50
N ILE E 36 7.04 -18.56 -22.70
CA ILE E 36 6.39 -19.59 -21.83
C ILE E 36 6.19 -20.88 -22.63
N THR E 37 6.35 -22.02 -21.97
CA THR E 37 5.93 -23.36 -22.45
C THR E 37 5.38 -24.15 -21.26
N GLU E 38 4.47 -25.08 -21.54
CA GLU E 38 3.84 -25.98 -20.53
C GLU E 38 4.00 -27.41 -21.01
N ILE E 39 4.37 -28.31 -20.09
CA ILE E 39 4.42 -29.76 -20.41
C ILE E 39 3.48 -30.46 -19.44
N GLU E 40 2.72 -31.41 -19.97
CA GLU E 40 1.94 -32.39 -19.20
C GLU E 40 2.73 -33.70 -19.23
N ALA E 41 2.84 -34.38 -18.09
CA ALA E 41 3.39 -35.76 -18.06
C ALA E 41 2.74 -36.59 -16.95
N TYR E 42 2.96 -37.91 -17.00
CA TYR E 42 2.52 -38.91 -15.99
C TYR E 42 3.70 -39.84 -15.65
N LEU E 43 3.78 -40.27 -14.39
CA LEU E 43 4.61 -41.43 -13.98
C LEU E 43 3.70 -42.48 -13.34
N ASN E 44 3.68 -43.67 -13.94
CA ASN E 44 2.98 -44.84 -13.38
C ASN E 44 3.81 -45.37 -12.22
N PRO E 45 3.16 -45.94 -11.18
CA PRO E 45 3.89 -46.51 -10.06
C PRO E 45 4.71 -47.74 -10.49
N ARG E 46 5.77 -48.00 -9.73
CA ARG E 46 6.66 -49.17 -9.86
C ARG E 46 6.60 -49.95 -8.54
N MET E 47 5.45 -50.54 -8.24
CA MET E 47 5.19 -51.17 -6.92
C MET E 47 5.77 -52.59 -6.83
N GLY E 48 6.19 -53.21 -7.95
CA GLY E 48 7.02 -54.44 -7.96
C GLY E 48 6.66 -55.40 -9.09
N GLN E 49 5.37 -55.60 -9.31
CA GLN E 49 4.88 -56.53 -10.35
C GLN E 49 5.02 -55.89 -11.73
N PRO E 50 5.42 -56.70 -12.74
CA PRO E 50 5.73 -56.22 -14.08
C PRO E 50 4.50 -55.63 -14.76
N GLN E 51 4.68 -54.65 -15.65
CA GLN E 51 3.60 -54.09 -16.50
C GLN E 51 3.16 -55.12 -17.55
N ASN E 52 1.92 -55.01 -18.03
CA ASN E 52 1.29 -55.90 -19.05
C ASN E 52 0.99 -57.28 -18.45
N GLU E 53 0.88 -57.36 -17.12
CA GLU E 53 0.46 -58.57 -16.36
C GLU E 53 -0.62 -58.14 -15.36
N ASP E 54 -1.24 -59.11 -14.66
CA ASP E 54 -2.59 -58.99 -14.04
C ASP E 54 -2.55 -58.08 -12.80
N PHE E 55 -1.38 -57.90 -12.17
CA PHE E 55 -1.19 -57.18 -10.88
C PHE E 55 -0.28 -55.98 -11.08
N TYR E 56 -0.34 -55.34 -12.25
CA TYR E 56 0.34 -54.06 -12.51
C TYR E 56 -0.35 -52.99 -11.64
N GLY E 57 0.45 -52.17 -10.94
CA GLY E 57 0.00 -51.22 -9.90
C GLY E 57 0.18 -51.78 -8.50
N PHE E 58 0.43 -53.09 -8.37
CA PHE E 58 0.63 -53.79 -7.08
C PHE E 58 2.08 -54.24 -6.98
N SER E 59 2.52 -54.54 -5.75
CA SER E 59 3.73 -55.37 -5.52
C SER E 59 3.29 -56.83 -5.45
N ASP E 60 4.25 -57.74 -5.31
CA ASP E 60 3.94 -59.15 -5.05
C ASP E 60 3.60 -59.27 -3.55
N ASN E 61 2.96 -60.34 -3.14
CA ASN E 61 2.60 -60.55 -1.72
C ASN E 61 3.86 -60.37 -0.87
N VAL E 62 3.78 -59.55 0.16
CA VAL E 62 4.97 -59.23 1.00
C VAL E 62 5.26 -60.40 1.94
N THR E 63 6.55 -60.74 2.07
CA THR E 63 7.10 -61.77 2.99
C THR E 63 7.97 -61.05 4.00
N VAL E 64 8.15 -61.63 5.19
CA VAL E 64 8.86 -60.98 6.31
C VAL E 64 9.95 -61.91 6.83
N SER E 65 11.17 -61.41 7.05
CA SER E 65 12.33 -62.24 7.47
C SER E 65 12.22 -62.60 8.96
N ASP E 66 13.04 -63.54 9.43
CA ASP E 66 13.01 -63.99 10.85
C ASP E 66 13.88 -63.06 11.68
N ASP E 67 14.96 -62.57 11.10
CA ASP E 67 15.91 -61.68 11.82
C ASP E 67 16.56 -60.73 10.82
N PHE E 68 17.34 -59.78 11.31
CA PHE E 68 18.04 -58.81 10.42
C PHE E 68 19.04 -59.54 9.52
N GLY E 69 19.67 -60.63 9.99
CA GLY E 69 20.81 -61.29 9.31
C GLY E 69 20.42 -61.95 8.01
N SER E 70 19.29 -62.65 7.97
CA SER E 70 18.85 -63.51 6.84
C SER E 70 17.87 -62.74 5.94
N ASP E 71 17.59 -61.48 6.25
CA ASP E 71 16.65 -60.60 5.52
C ASP E 71 17.08 -60.47 4.06
N ALA E 72 16.21 -60.87 3.14
CA ALA E 72 16.49 -60.87 1.68
C ALA E 72 15.19 -60.67 0.90
N PRO E 73 14.70 -59.42 0.74
CA PRO E 73 13.43 -59.17 0.05
C PRO E 73 13.41 -59.59 -1.45
N PRO E 74 12.61 -60.62 -1.87
CA PRO E 74 12.49 -61.16 -3.25
C PRO E 74 12.08 -59.98 -4.13
N TRP E 75 12.61 -59.90 -5.35
CA TRP E 75 12.19 -58.88 -6.32
C TRP E 75 10.68 -59.04 -6.57
N LYS E 76 9.99 -57.90 -6.72
CA LYS E 76 8.54 -57.66 -6.93
C LYS E 76 7.83 -57.36 -5.58
N GLN E 77 8.50 -57.54 -4.44
CA GLN E 77 7.80 -57.46 -3.13
C GLN E 77 7.97 -56.07 -2.50
N PHE E 78 8.91 -55.25 -2.93
CA PHE E 78 9.04 -53.86 -2.40
C PHE E 78 8.88 -52.90 -3.56
N PRO E 79 8.42 -51.62 -3.33
CA PRO E 79 8.24 -50.59 -4.38
C PRO E 79 9.52 -49.81 -4.69
N CYS E 80 9.62 -49.28 -5.92
CA CYS E 80 10.77 -48.45 -6.40
C CYS E 80 10.29 -47.07 -6.87
N TYR E 81 11.21 -46.11 -6.94
CA TYR E 81 10.90 -44.74 -7.40
C TYR E 81 10.56 -44.79 -8.88
N SER E 82 9.73 -43.85 -9.29
CA SER E 82 9.43 -43.54 -10.70
C SER E 82 10.14 -42.25 -11.06
N THR E 83 10.60 -42.14 -12.29
CA THR E 83 11.28 -40.93 -12.82
C THR E 83 11.21 -40.96 -14.34
N ALA E 84 11.26 -39.78 -14.95
CA ALA E 84 11.33 -39.59 -16.42
C ALA E 84 12.04 -38.28 -16.73
N ARG E 85 12.79 -38.26 -17.84
CA ARG E 85 13.42 -37.04 -18.39
C ARG E 85 12.50 -36.51 -19.49
N ILE E 86 11.96 -35.30 -19.34
CA ILE E 86 11.15 -34.66 -20.42
C ILE E 86 12.10 -33.80 -21.27
N SER E 87 12.13 -34.08 -22.56
CA SER E 87 12.93 -33.30 -23.54
C SER E 87 12.17 -32.00 -23.84
N LEU E 88 12.78 -30.84 -23.55
CA LEU E 88 12.18 -29.52 -23.81
C LEU E 88 12.69 -29.00 -25.15
N PRO E 89 11.97 -28.06 -25.80
CA PRO E 89 12.44 -27.52 -27.06
C PRO E 89 13.84 -26.92 -26.89
N MET E 90 14.73 -27.19 -27.84
CA MET E 90 16.11 -26.62 -27.86
C MET E 90 15.98 -25.13 -28.22
N LEU E 91 16.71 -24.26 -27.54
CA LEU E 91 16.48 -22.79 -27.55
C LEU E 91 17.59 -22.05 -28.31
N ASN E 92 18.82 -22.57 -28.29
CA ASN E 92 20.05 -21.82 -28.64
C ASN E 92 20.57 -22.34 -29.97
N GLN E 93 20.82 -21.45 -30.91
CA GLN E 93 21.27 -21.77 -32.29
C GLN E 93 22.80 -21.92 -32.28
N ASP E 94 23.48 -21.13 -31.45
CA ASP E 94 24.95 -21.15 -31.25
C ASP E 94 25.26 -21.26 -29.75
N MET E 95 25.78 -22.40 -29.33
CA MET E 95 26.09 -22.75 -27.91
C MET E 95 27.49 -22.25 -27.53
N THR E 96 28.11 -21.36 -28.32
CA THR E 96 29.39 -20.68 -27.96
C THR E 96 29.12 -19.23 -27.54
N SER E 97 27.87 -18.76 -27.54
CA SER E 97 27.49 -17.35 -27.21
C SER E 97 27.95 -17.02 -25.78
N ASP E 98 28.19 -15.73 -25.50
CA ASP E 98 28.49 -15.17 -24.14
C ASP E 98 27.40 -15.63 -23.16
N THR E 99 26.15 -15.39 -23.50
CA THR E 99 24.94 -15.86 -22.78
C THR E 99 24.13 -16.80 -23.68
N ILE E 100 23.25 -17.61 -23.06
CA ILE E 100 22.32 -18.56 -23.74
C ILE E 100 20.99 -18.56 -22.96
N LEU E 101 19.95 -19.17 -23.54
CA LEU E 101 18.61 -19.34 -22.91
C LEU E 101 18.52 -20.71 -22.24
N MET E 102 17.81 -20.77 -21.12
CA MET E 102 17.56 -22.03 -20.35
C MET E 102 16.08 -22.06 -19.98
N TRP E 103 15.49 -23.25 -19.97
CA TRP E 103 14.10 -23.38 -19.46
C TRP E 103 14.17 -23.33 -17.94
N GLU E 104 13.37 -22.43 -17.36
CA GLU E 104 13.28 -22.22 -15.88
C GLU E 104 11.86 -22.62 -15.47
N ALA E 105 11.76 -23.66 -14.62
CA ALA E 105 10.47 -24.16 -14.13
C ALA E 105 10.01 -23.21 -13.02
N ILE E 106 8.84 -22.60 -13.16
CA ILE E 106 8.38 -21.53 -12.24
C ILE E 106 7.19 -22.00 -11.40
N SER E 107 6.48 -23.02 -11.85
CA SER E 107 5.28 -23.53 -11.14
C SER E 107 4.90 -24.89 -11.68
N CYS E 108 4.18 -25.67 -10.88
CA CYS E 108 3.59 -26.95 -11.32
C CYS E 108 2.20 -27.10 -10.75
N ARG E 109 1.43 -27.96 -11.38
CA ARG E 109 0.31 -28.71 -10.77
C ARG E 109 0.74 -30.18 -10.77
N THR E 110 0.47 -30.90 -9.70
CA THR E 110 0.58 -32.38 -9.65
C THR E 110 -0.68 -32.90 -8.97
N GLU E 111 -1.24 -34.00 -9.49
CA GLU E 111 -2.42 -34.71 -8.93
C GLU E 111 -2.06 -36.20 -8.88
N VAL E 112 -2.44 -36.88 -7.81
CA VAL E 112 -2.50 -38.36 -7.83
C VAL E 112 -3.77 -38.71 -8.61
N MET E 113 -3.63 -39.58 -9.62
CA MET E 113 -4.73 -40.02 -10.54
C MET E 113 -5.22 -41.40 -10.11
N GLY E 114 -6.51 -41.70 -10.32
CA GLY E 114 -7.13 -42.99 -9.98
C GLY E 114 -7.55 -43.14 -8.52
N VAL E 115 -7.54 -42.06 -7.73
CA VAL E 115 -8.09 -42.08 -6.34
C VAL E 115 -9.47 -42.77 -6.37
N ASN E 116 -10.28 -42.46 -7.38
CA ASN E 116 -11.62 -43.02 -7.63
C ASN E 116 -11.66 -44.54 -7.39
N MET E 117 -10.61 -45.27 -7.83
CA MET E 117 -10.60 -46.76 -7.79
C MET E 117 -10.63 -47.25 -6.34
N LEU E 118 -10.27 -46.39 -5.37
CA LEU E 118 -10.18 -46.84 -3.94
C LEU E 118 -11.57 -47.00 -3.33
N THR E 119 -12.64 -46.65 -4.08
CA THR E 119 -14.04 -46.91 -3.66
C THR E 119 -14.45 -48.34 -4.03
N ASN E 120 -13.50 -49.18 -4.45
CA ASN E 120 -13.76 -50.61 -4.76
C ASN E 120 -13.59 -51.47 -3.49
N VAL E 121 -14.65 -52.08 -3.00
CA VAL E 121 -14.58 -52.97 -1.79
C VAL E 121 -15.21 -54.32 -2.08
N HIS E 122 -15.23 -54.72 -3.36
CA HIS E 122 -15.82 -55.99 -3.85
C HIS E 122 -14.73 -56.91 -4.42
N SER E 123 -13.58 -56.38 -4.80
CA SER E 123 -12.51 -57.15 -5.49
C SER E 123 -11.65 -57.94 -4.49
N ALA E 124 -12.17 -59.08 -3.99
CA ALA E 124 -11.39 -60.14 -3.34
C ALA E 124 -10.48 -59.55 -2.26
N GLN E 125 -11.09 -58.89 -1.28
CA GLN E 125 -10.40 -58.27 -0.12
C GLN E 125 -10.86 -59.04 1.13
N LYS E 126 -10.00 -59.22 2.15
CA LYS E 126 -10.45 -59.60 3.51
C LYS E 126 -11.69 -58.74 3.80
N ARG E 127 -12.80 -59.33 4.25
CA ARG E 127 -14.07 -58.60 4.51
C ARG E 127 -13.96 -58.00 5.92
N VAL E 128 -14.78 -57.01 6.29
CA VAL E 128 -14.58 -56.41 7.64
C VAL E 128 -14.98 -57.43 8.71
N TYR E 129 -15.94 -58.33 8.41
CA TYR E 129 -16.36 -59.44 9.29
C TYR E 129 -15.97 -60.76 8.63
N GLU E 130 -14.66 -61.05 8.57
CA GLU E 130 -14.09 -62.24 7.89
C GLU E 130 -14.66 -63.51 8.53
N ASN E 131 -14.77 -63.55 9.85
CA ASN E 131 -15.29 -64.71 10.62
C ASN E 131 -16.68 -65.10 10.10
N ASP E 132 -17.48 -64.11 9.65
CA ASP E 132 -18.90 -64.29 9.27
C ASP E 132 -19.09 -64.26 7.74
N ARG E 133 -18.01 -64.24 6.95
CA ARG E 133 -18.07 -64.11 5.47
C ARG E 133 -19.00 -62.95 5.08
N GLU E 134 -18.88 -61.79 5.75
CA GLU E 134 -19.85 -60.68 5.60
C GLU E 134 -19.16 -59.30 5.69
N GLY E 135 -19.84 -58.28 5.15
CA GLY E 135 -19.37 -56.88 5.15
C GLY E 135 -18.65 -56.56 3.85
N THR E 136 -18.27 -55.31 3.64
CA THR E 136 -17.47 -54.95 2.44
C THR E 136 -16.09 -55.53 2.63
N GLY E 137 -15.26 -55.40 1.61
CA GLY E 137 -13.79 -55.46 1.76
C GLY E 137 -13.31 -54.35 2.67
N ILE E 138 -12.08 -54.47 3.18
CA ILE E 138 -11.48 -53.43 4.04
C ILE E 138 -10.82 -52.35 3.15
N GLY E 139 -10.72 -52.62 1.86
CA GLY E 139 -10.16 -51.70 0.87
C GLY E 139 -8.67 -51.55 1.07
N VAL E 140 -8.07 -50.52 0.44
CA VAL E 140 -6.63 -50.24 0.66
C VAL E 140 -6.48 -49.52 2.00
N GLU E 141 -5.62 -50.05 2.86
CA GLU E 141 -5.39 -49.56 4.24
C GLU E 141 -3.90 -49.56 4.47
N GLY E 142 -3.41 -48.60 5.26
CA GLY E 142 -2.06 -48.64 5.86
C GLY E 142 -1.19 -47.51 5.36
N MET E 143 0.11 -47.75 5.30
CA MET E 143 1.09 -46.65 5.07
C MET E 143 0.76 -45.91 3.78
N GLY E 144 1.02 -44.61 3.77
CA GLY E 144 1.03 -43.77 2.58
C GLY E 144 2.43 -43.23 2.42
N TYR E 145 3.06 -43.41 1.27
CA TYR E 145 4.31 -42.68 0.92
C TYR E 145 4.05 -41.97 -0.41
N HIS E 146 3.99 -40.65 -0.32
CA HIS E 146 3.71 -39.70 -1.43
C HIS E 146 4.84 -38.69 -1.48
N MET E 147 5.66 -38.77 -2.51
CA MET E 147 6.77 -37.81 -2.75
C MET E 147 6.74 -37.44 -4.23
N PHE E 148 7.03 -36.18 -4.54
CA PHE E 148 7.30 -35.76 -5.95
C PHE E 148 8.49 -34.80 -5.93
N ALA E 149 9.19 -34.75 -7.07
CA ALA E 149 10.39 -33.90 -7.29
C ALA E 149 10.42 -33.46 -8.74
N ILE E 150 10.88 -32.24 -8.94
CA ILE E 150 10.91 -31.54 -10.25
C ILE E 150 12.19 -30.71 -10.29
N GLY E 151 13.04 -30.94 -11.28
CA GLY E 151 14.36 -30.30 -11.37
C GLY E 151 14.89 -30.31 -12.78
N GLY E 152 15.98 -29.57 -12.99
CA GLY E 152 16.70 -29.48 -14.27
C GLY E 152 17.90 -30.41 -14.28
N GLU E 153 17.82 -31.51 -13.53
CA GLU E 153 18.85 -32.57 -13.46
C GLU E 153 18.35 -33.63 -12.49
N PRO E 154 18.90 -34.86 -12.50
CA PRO E 154 18.28 -35.99 -11.80
C PRO E 154 18.22 -35.74 -10.29
N LEU E 155 17.21 -36.32 -9.64
CA LEU E 155 17.02 -36.23 -8.17
C LEU E 155 18.24 -36.91 -7.51
N GLU E 156 18.94 -36.17 -6.64
CA GLU E 156 20.13 -36.67 -5.91
C GLU E 156 19.64 -37.30 -4.61
N LEU E 157 20.19 -38.47 -4.29
CA LEU E 157 19.65 -39.40 -3.26
C LEU E 157 20.70 -39.60 -2.16
N GLN E 158 20.23 -39.77 -0.92
CA GLN E 158 20.98 -40.33 0.22
C GLN E 158 20.53 -41.78 0.39
N PHE E 159 21.47 -42.71 0.47
CA PHE E 159 21.21 -44.13 0.83
C PHE E 159 20.95 -44.16 2.32
N MET E 160 19.83 -44.77 2.71
CA MET E 160 19.53 -45.01 4.14
C MET E 160 18.47 -46.11 4.19
N VAL E 161 18.76 -47.17 4.94
CA VAL E 161 17.93 -48.40 5.05
C VAL E 161 17.61 -48.67 6.53
N PHE E 162 16.49 -49.34 6.76
CA PHE E 162 16.00 -49.74 8.10
C PHE E 162 17.02 -50.71 8.71
N ASN E 163 17.44 -51.68 7.89
CA ASN E 163 18.33 -52.81 8.26
C ASN E 163 19.43 -52.96 7.21
N HIS E 164 20.68 -52.64 7.61
CA HIS E 164 21.83 -52.58 6.69
C HIS E 164 22.18 -53.97 6.15
N ARG E 165 21.72 -55.06 6.79
CA ARG E 165 22.05 -56.46 6.39
C ARG E 165 21.06 -57.00 5.36
N ALA E 166 19.93 -56.32 5.14
CA ALA E 166 19.03 -56.56 3.99
C ALA E 166 19.86 -56.79 2.72
N THR E 167 19.76 -57.97 2.12
CA THR E 167 20.38 -58.30 0.80
C THR E 167 19.33 -58.06 -0.29
N TYR E 168 19.49 -56.96 -1.04
CA TYR E 168 18.56 -56.54 -2.12
C TYR E 168 18.84 -57.37 -3.38
N PRO E 169 17.82 -57.73 -4.17
CA PRO E 169 18.03 -58.54 -5.38
C PRO E 169 18.78 -57.78 -6.49
N ALA E 170 19.42 -58.55 -7.38
CA ALA E 170 20.23 -58.06 -8.53
C ALA E 170 19.48 -56.97 -9.33
N GLU E 171 18.19 -57.14 -9.56
CA GLU E 171 17.34 -56.19 -10.36
C GLU E 171 17.32 -54.77 -9.78
N ALA E 172 17.54 -54.61 -8.47
CA ALA E 172 17.44 -53.31 -7.78
C ALA E 172 18.79 -52.60 -7.78
N THR E 173 18.79 -51.27 -7.75
CA THR E 173 19.99 -50.43 -7.59
C THR E 173 20.08 -50.00 -6.12
N VAL E 174 21.10 -50.50 -5.42
CA VAL E 174 21.43 -50.16 -4.00
C VAL E 174 22.95 -50.00 -3.84
N ILE E 175 23.39 -49.38 -2.74
CA ILE E 175 24.81 -49.51 -2.29
C ILE E 175 24.95 -50.86 -1.59
N LYS E 176 25.93 -51.66 -2.02
CA LYS E 176 26.12 -53.07 -1.60
C LYS E 176 27.01 -53.12 -0.37
N ASN E 177 26.68 -54.00 0.59
CA ASN E 177 27.44 -54.17 1.85
C ASN E 177 27.56 -52.77 2.47
N PRO E 178 26.42 -52.08 2.68
CA PRO E 178 26.48 -50.76 3.28
C PRO E 178 26.87 -50.99 4.75
N GLY E 179 27.60 -50.07 5.35
CA GLY E 179 27.90 -50.19 6.80
C GLY E 179 26.65 -50.17 7.67
N ALA E 180 26.83 -50.48 8.96
CA ALA E 180 25.84 -50.17 10.02
C ALA E 180 25.52 -48.66 9.95
N SER E 181 26.49 -47.84 9.56
CA SER E 181 26.37 -46.37 9.35
C SER E 181 25.21 -46.01 8.40
N SER E 182 24.86 -46.89 7.47
CA SER E 182 23.78 -46.67 6.47
C SER E 182 22.41 -46.79 7.14
N GLN E 183 22.33 -47.18 8.42
CA GLN E 183 21.02 -47.18 9.14
C GLN E 183 20.70 -45.77 9.61
N VAL E 184 21.70 -44.89 9.62
CA VAL E 184 21.54 -43.43 9.88
C VAL E 184 22.25 -42.66 8.76
N PHE E 185 22.70 -41.42 9.00
CA PHE E 185 23.33 -40.59 7.93
C PHE E 185 24.83 -40.92 7.85
N ASP E 186 25.24 -41.40 6.67
CA ASP E 186 26.68 -41.57 6.27
C ASP E 186 26.93 -40.67 5.06
N PRO E 187 27.87 -39.69 5.16
CA PRO E 187 28.06 -38.71 4.09
C PRO E 187 28.61 -39.36 2.80
N ASN E 188 29.16 -40.55 2.87
CA ASN E 188 29.72 -41.25 1.69
C ASN E 188 28.64 -41.93 0.85
N LEU E 189 27.43 -42.12 1.39
CA LEU E 189 26.46 -43.04 0.73
C LEU E 189 25.48 -42.23 -0.11
N LYS E 190 25.96 -41.73 -1.25
CA LYS E 190 25.22 -40.86 -2.19
C LYS E 190 24.83 -41.63 -3.47
N GLY E 191 23.86 -41.08 -4.18
CA GLY E 191 23.32 -41.64 -5.42
C GLY E 191 22.58 -40.59 -6.21
N THR E 192 22.17 -40.97 -7.41
CA THR E 192 21.34 -40.14 -8.31
C THR E 192 20.23 -41.02 -8.85
N LEU E 193 19.00 -40.51 -8.89
CA LEU E 193 17.86 -41.28 -9.41
C LEU E 193 18.00 -41.33 -10.95
N THR E 194 18.76 -42.29 -11.45
CA THR E 194 19.14 -42.32 -12.89
C THR E 194 18.26 -43.28 -13.69
N ALA E 195 17.41 -44.08 -13.05
CA ALA E 195 16.55 -45.04 -13.78
C ALA E 195 15.21 -45.25 -13.04
N ASP E 196 14.21 -45.63 -13.82
CA ASP E 196 12.81 -45.78 -13.38
C ASP E 196 12.62 -47.22 -12.90
N GLY E 197 12.05 -47.46 -11.71
CA GLY E 197 11.55 -48.79 -11.31
C GLY E 197 12.61 -49.71 -10.71
N VAL E 198 13.79 -49.19 -10.33
CA VAL E 198 14.93 -50.00 -9.80
C VAL E 198 15.53 -49.42 -8.49
N PHE E 199 15.42 -48.12 -8.21
CA PHE E 199 15.88 -47.58 -6.90
C PHE E 199 14.80 -47.79 -5.83
N PRO E 200 14.97 -48.71 -4.85
CA PRO E 200 13.90 -49.02 -3.92
C PRO E 200 13.63 -47.85 -2.98
N VAL E 201 12.36 -47.49 -2.78
CA VAL E 201 11.94 -46.36 -1.91
C VAL E 201 12.57 -46.54 -0.52
N GLU E 202 12.53 -47.76 0.01
CA GLU E 202 12.97 -48.07 1.39
C GLU E 202 14.49 -47.90 1.55
N ALA E 203 15.24 -47.69 0.46
CA ALA E 203 16.72 -47.68 0.46
C ALA E 203 17.26 -46.30 0.12
N TRP E 204 16.50 -45.47 -0.61
CA TRP E 204 16.97 -44.14 -1.08
C TRP E 204 15.94 -43.07 -0.71
N GLY E 205 16.42 -41.88 -0.37
CA GLY E 205 15.59 -40.69 -0.11
C GLY E 205 16.27 -39.42 -0.62
N PRO E 206 15.53 -38.31 -0.80
CA PRO E 206 16.15 -37.09 -1.31
C PRO E 206 17.30 -36.62 -0.39
N ASP E 207 18.37 -36.10 -0.98
CA ASP E 207 19.56 -35.67 -0.24
C ASP E 207 19.44 -34.15 -0.08
N PRO E 208 19.27 -33.65 1.16
CA PRO E 208 19.14 -32.22 1.41
C PRO E 208 20.49 -31.49 1.32
N PHE E 209 21.60 -32.21 1.31
CA PHE E 209 22.95 -31.60 1.16
C PHE E 209 23.16 -31.19 -0.30
N LYS E 210 22.29 -31.65 -1.19
CA LYS E 210 22.37 -31.33 -2.63
C LYS E 210 21.00 -30.86 -3.11
N ASN E 211 20.67 -31.13 -4.36
CA ASN E 211 19.33 -30.84 -4.95
C ASN E 211 19.07 -29.32 -4.91
N GLU E 212 20.10 -28.48 -5.03
CA GLU E 212 19.96 -27.03 -5.28
C GLU E 212 19.11 -26.77 -6.54
N ASN E 213 19.08 -27.69 -7.51
CA ASN E 213 18.43 -27.44 -8.82
C ASN E 213 17.14 -28.25 -8.96
N THR E 214 16.63 -28.77 -7.85
CA THR E 214 15.37 -29.57 -7.76
C THR E 214 14.57 -29.10 -6.54
N ARG E 215 13.25 -29.08 -6.68
CA ARG E 215 12.32 -28.95 -5.54
C ARG E 215 11.67 -30.31 -5.32
N TYR E 216 11.67 -30.84 -4.09
CA TYR E 216 10.96 -32.09 -3.73
C TYR E 216 10.10 -31.87 -2.48
N PHE E 217 9.04 -32.65 -2.38
CA PHE E 217 7.98 -32.61 -1.34
C PHE E 217 7.51 -34.04 -1.05
N GLY E 218 7.36 -34.38 0.22
CA GLY E 218 7.03 -35.76 0.60
C GLY E 218 6.24 -35.80 1.89
N GLN E 219 5.39 -36.83 2.01
CA GLN E 219 4.59 -37.15 3.22
C GLN E 219 4.63 -38.67 3.43
N TYR E 220 5.01 -39.11 4.61
CA TYR E 220 4.88 -40.50 5.08
C TYR E 220 3.84 -40.54 6.20
N THR E 221 2.86 -41.41 6.07
CA THR E 221 1.84 -41.71 7.09
C THR E 221 1.89 -43.22 7.29
N GLY E 222 2.31 -43.67 8.47
CA GLY E 222 2.48 -45.11 8.75
C GLY E 222 1.20 -45.69 9.28
N GLY E 223 1.30 -46.87 9.90
CA GLY E 223 0.17 -47.68 10.37
C GLY E 223 -0.12 -48.78 9.36
N THR E 224 -0.92 -49.77 9.76
CA THR E 224 -1.35 -50.89 8.88
C THR E 224 -2.87 -50.80 8.69
N GLN E 225 -3.56 -50.17 9.63
CA GLN E 225 -5.02 -49.87 9.56
C GLN E 225 -5.23 -48.38 9.26
N THR E 226 -4.17 -47.63 9.01
CA THR E 226 -4.30 -46.18 8.71
C THR E 226 -5.08 -46.05 7.41
N PRO E 227 -6.21 -45.31 7.39
CA PRO E 227 -6.98 -45.09 6.17
C PRO E 227 -6.26 -44.08 5.29
N PRO E 228 -6.18 -44.31 3.96
CA PRO E 228 -5.58 -43.33 3.07
C PRO E 228 -6.44 -42.05 3.01
N VAL E 229 -5.77 -40.92 2.81
CA VAL E 229 -6.36 -39.56 2.69
C VAL E 229 -5.68 -38.95 1.47
N LEU E 230 -6.40 -38.80 0.34
CA LEU E 230 -5.88 -38.24 -0.94
C LEU E 230 -6.83 -37.11 -1.32
N THR E 231 -6.33 -36.07 -1.97
CA THR E 231 -7.14 -34.99 -2.58
C THR E 231 -6.73 -34.88 -4.05
N PHE E 232 -7.63 -34.39 -4.89
CA PHE E 232 -7.36 -34.14 -6.33
C PHE E 232 -8.16 -32.92 -6.78
N THR E 233 -7.49 -31.98 -7.43
CA THR E 233 -8.10 -30.76 -8.03
C THR E 233 -7.20 -30.30 -9.20
N ASN E 234 -7.78 -29.61 -10.19
CA ASN E 234 -7.00 -28.96 -11.28
C ASN E 234 -6.81 -27.45 -10.96
N THR E 235 -7.06 -27.00 -9.73
CA THR E 235 -6.97 -25.56 -9.35
C THR E 235 -5.78 -25.26 -8.41
N GLN E 236 -4.94 -26.23 -8.05
CA GLN E 236 -3.87 -26.07 -7.03
C GLN E 236 -2.53 -25.90 -7.76
N THR E 237 -1.83 -24.80 -7.53
CA THR E 237 -0.54 -24.47 -8.18
C THR E 237 0.53 -24.44 -7.08
N THR E 238 1.65 -25.10 -7.31
CA THR E 238 2.85 -24.99 -6.46
C THR E 238 3.87 -24.10 -7.20
N ILE E 239 4.35 -23.07 -6.51
CA ILE E 239 5.45 -22.19 -7.01
C ILE E 239 6.79 -22.92 -6.79
N LEU E 240 7.67 -22.93 -7.80
CA LEU E 240 8.98 -23.64 -7.74
C LEU E 240 10.14 -22.63 -7.64
N LEU E 241 9.84 -21.32 -7.61
CA LEU E 241 10.86 -20.26 -7.42
C LEU E 241 11.50 -20.41 -6.04
N ASP E 242 12.80 -20.13 -5.96
CA ASP E 242 13.56 -20.15 -4.69
C ASP E 242 13.49 -18.76 -4.05
N GLU E 243 14.22 -18.55 -2.96
CA GLU E 243 14.16 -17.31 -2.14
C GLU E 243 14.65 -16.14 -3.00
N ASN E 244 15.44 -16.40 -4.04
CA ASN E 244 15.95 -15.37 -4.97
C ASN E 244 15.08 -15.26 -6.23
N GLY E 245 13.98 -16.02 -6.33
CA GLY E 245 13.03 -15.93 -7.46
C GLY E 245 13.50 -16.75 -8.66
N VAL E 246 14.24 -17.83 -8.39
CA VAL E 246 14.86 -18.70 -9.43
C VAL E 246 14.29 -20.13 -9.35
N GLY E 247 13.69 -20.60 -10.44
CA GLY E 247 13.21 -21.99 -10.54
C GLY E 247 14.35 -22.94 -10.91
N PRO E 248 14.11 -24.27 -10.86
CA PRO E 248 14.99 -25.24 -11.51
C PRO E 248 15.33 -24.86 -12.96
N LEU E 249 16.63 -24.78 -13.26
CA LEU E 249 17.16 -24.50 -14.62
C LEU E 249 17.49 -25.82 -15.35
N CYS E 250 16.92 -26.03 -16.53
CA CYS E 250 16.92 -27.34 -17.24
C CYS E 250 18.16 -27.50 -18.13
N LYS E 251 19.16 -28.20 -17.59
CA LYS E 251 20.45 -28.55 -18.24
C LYS E 251 20.17 -29.55 -19.36
N GLY E 252 20.83 -29.37 -20.51
CA GLY E 252 20.63 -30.19 -21.71
C GLY E 252 19.17 -30.23 -22.11
N ASP E 253 18.38 -29.23 -21.65
CA ASP E 253 16.94 -29.02 -21.99
C ASP E 253 16.12 -30.20 -21.48
N GLY E 254 16.57 -30.81 -20.38
CA GLY E 254 15.92 -31.92 -19.65
C GLY E 254 15.23 -31.46 -18.36
N LEU E 255 13.93 -31.75 -18.26
CA LEU E 255 13.10 -31.61 -17.04
C LEU E 255 12.94 -32.99 -16.41
N PHE E 256 13.52 -33.19 -15.22
CA PHE E 256 13.41 -34.46 -14.45
C PHE E 256 12.22 -34.40 -13.49
N LEU E 257 11.34 -35.38 -13.66
CA LEU E 257 10.15 -35.63 -12.79
C LEU E 257 10.36 -36.94 -12.05
N SER E 258 10.20 -36.91 -10.73
CA SER E 258 10.36 -38.10 -9.85
C SER E 258 9.26 -38.13 -8.79
N CYS E 259 8.88 -39.31 -8.36
CA CYS E 259 7.72 -39.50 -7.43
C CYS E 259 7.65 -40.94 -6.95
N ALA E 260 7.06 -41.12 -5.76
CA ALA E 260 6.54 -42.40 -5.24
C ALA E 260 5.17 -42.12 -4.65
N ASP E 261 4.20 -42.98 -4.96
CA ASP E 261 2.79 -42.87 -4.50
C ASP E 261 2.30 -44.25 -4.05
N ILE E 262 2.84 -44.73 -2.93
CA ILE E 262 2.31 -45.91 -2.19
C ILE E 262 1.04 -45.47 -1.46
N VAL E 263 -0.12 -46.00 -1.82
CA VAL E 263 -1.44 -45.59 -1.25
C VAL E 263 -1.70 -46.36 0.04
N GLY E 264 -1.30 -47.63 0.08
CA GLY E 264 -1.46 -48.51 1.24
C GLY E 264 -1.37 -49.97 0.82
N PHE E 265 -1.91 -50.90 1.60
CA PHE E 265 -1.85 -52.34 1.27
C PHE E 265 -3.23 -52.86 0.87
N PHE E 266 -3.21 -53.78 -0.11
CA PHE E 266 -4.29 -54.70 -0.47
C PHE E 266 -4.08 -55.98 0.34
N THR E 267 -5.14 -56.45 0.98
CA THR E 267 -5.16 -57.63 1.88
C THR E 267 -6.11 -58.69 1.27
N GLN E 268 -5.60 -59.85 0.87
CA GLN E 268 -6.47 -60.91 0.31
C GLN E 268 -7.23 -61.58 1.47
N HIS E 269 -8.15 -62.47 1.14
CA HIS E 269 -8.88 -63.35 2.09
C HIS E 269 -7.91 -64.15 2.96
N ASN E 270 -6.84 -64.69 2.35
CA ASN E 270 -5.82 -65.52 3.03
C ASN E 270 -4.79 -64.64 3.79
N LYS E 271 -5.05 -63.34 3.92
CA LYS E 271 -4.33 -62.36 4.80
C LYS E 271 -2.97 -61.95 4.19
N LYS E 272 -2.66 -62.40 2.98
CA LYS E 272 -1.46 -61.97 2.22
C LYS E 272 -1.65 -60.52 1.79
N MET E 273 -0.59 -59.71 1.86
CA MET E 273 -0.70 -58.24 1.68
C MET E 273 0.34 -57.78 0.65
N SER E 274 -0.07 -56.85 -0.21
CA SER E 274 0.81 -56.23 -1.24
C SER E 274 0.58 -54.72 -1.21
N PHE E 275 1.58 -53.97 -1.65
CA PHE E 275 1.51 -52.50 -1.84
C PHE E 275 0.62 -52.19 -3.02
N ARG E 276 -0.27 -51.21 -2.90
CA ARG E 276 -1.03 -50.70 -4.07
C ARG E 276 -0.55 -49.27 -4.35
N GLY E 277 -0.26 -48.98 -5.62
CA GLY E 277 0.29 -47.68 -6.02
C GLY E 277 -0.65 -46.97 -6.93
N LEU E 278 -0.41 -45.67 -7.16
CA LEU E 278 -1.22 -44.89 -8.13
C LEU E 278 -0.31 -44.00 -8.95
N PRO E 279 -0.74 -43.70 -10.19
CA PRO E 279 0.06 -42.88 -11.09
C PRO E 279 -0.11 -41.41 -10.71
N ARG E 280 0.88 -40.60 -11.05
CA ARG E 280 0.94 -39.15 -10.75
C ARG E 280 0.94 -38.34 -12.06
N TYR E 281 0.16 -37.27 -12.08
CA TYR E 281 0.06 -36.26 -13.16
C TYR E 281 0.97 -35.10 -12.80
N PHE E 282 1.67 -34.57 -13.79
CA PHE E 282 2.54 -33.37 -13.66
C PHE E 282 2.16 -32.39 -14.77
N ARG E 283 1.93 -31.14 -14.38
CA ARG E 283 1.92 -29.98 -15.29
C ARG E 283 3.00 -29.02 -14.83
N VAL E 284 3.93 -28.64 -15.70
CA VAL E 284 5.05 -27.74 -15.30
C VAL E 284 5.05 -26.57 -16.28
N THR E 285 5.03 -25.36 -15.74
CA THR E 285 5.07 -24.11 -16.53
C THR E 285 6.53 -23.67 -16.52
N LEU E 286 7.14 -23.48 -17.69
CA LEU E 286 8.55 -23.03 -17.76
C LEU E 286 8.65 -21.74 -18.56
N ARG E 287 9.65 -20.92 -18.24
CA ARG E 287 9.97 -19.68 -18.97
C ARG E 287 11.45 -19.69 -19.36
N LYS E 288 11.78 -18.84 -20.31
CA LYS E 288 13.15 -18.65 -20.85
C LYS E 288 13.92 -17.74 -19.90
N ARG E 289 15.07 -18.22 -19.42
CA ARG E 289 16.00 -17.48 -18.55
C ARG E 289 17.33 -17.31 -19.29
N VAL E 290 17.90 -16.10 -19.30
CA VAL E 290 19.26 -15.85 -19.85
C VAL E 290 20.27 -16.25 -18.79
N VAL E 291 21.37 -16.90 -19.17
CA VAL E 291 22.45 -17.33 -18.24
C VAL E 291 23.82 -17.17 -18.92
N LYS E 292 24.88 -17.19 -18.09
CA LYS E 292 26.31 -17.50 -18.42
C LYS E 292 27.08 -16.18 -18.43
N GLY F 23 -15.18 25.66 22.11
CA GLY F 23 -16.19 25.83 21.01
C GLY F 23 -17.30 24.79 21.08
N ILE F 24 -17.31 23.84 20.13
CA ILE F 24 -18.39 22.83 19.95
C ILE F 24 -17.81 21.42 20.02
N GLU F 25 -18.51 20.51 20.71
CA GLU F 25 -18.21 19.05 20.74
C GLU F 25 -18.95 18.38 19.59
N VAL F 26 -18.22 17.74 18.67
CA VAL F 26 -18.76 17.14 17.42
C VAL F 26 -18.72 15.61 17.54
N LEU F 27 -19.84 14.95 17.28
CA LEU F 27 -19.99 13.46 17.28
C LEU F 27 -19.94 12.97 15.82
N ALA F 28 -20.78 11.99 15.46
CA ALA F 28 -20.70 11.24 14.19
C ALA F 28 -21.31 12.07 13.05
N VAL F 29 -20.91 11.74 11.82
CA VAL F 29 -21.55 12.19 10.54
C VAL F 29 -22.86 11.40 10.40
N ARG F 30 -24.00 12.09 10.27
CA ARG F 30 -25.31 11.47 9.92
C ARG F 30 -25.27 10.94 8.49
N THR F 31 -26.26 10.13 8.10
CA THR F 31 -26.31 9.44 6.77
C THR F 31 -27.75 9.06 6.42
N ASP F 34 -30.69 11.89 1.86
CA ASP F 34 -31.36 13.02 2.58
C ASP F 34 -30.43 13.70 3.60
N SER F 35 -29.19 13.23 3.76
CA SER F 35 -28.23 13.76 4.77
C SER F 35 -27.16 14.63 4.10
N ILE F 36 -27.09 14.63 2.78
CA ILE F 36 -26.23 15.59 2.03
C ILE F 36 -27.16 16.58 1.32
N THR F 37 -26.80 17.84 1.33
CA THR F 37 -27.46 18.89 0.51
C THR F 37 -26.36 19.70 -0.18
N GLU F 38 -26.77 20.53 -1.14
CA GLU F 38 -25.86 21.33 -1.98
C GLU F 38 -26.55 22.67 -2.27
N ILE F 39 -25.86 23.79 -2.09
CA ILE F 39 -26.38 25.15 -2.44
C ILE F 39 -25.49 25.74 -3.53
N GLU F 40 -26.09 26.57 -4.38
CA GLU F 40 -25.40 27.50 -5.32
C GLU F 40 -25.82 28.91 -4.94
N ALA F 41 -24.87 29.84 -4.91
CA ALA F 41 -25.11 31.27 -4.62
C ALA F 41 -24.07 32.09 -5.38
N TYR F 42 -24.32 33.39 -5.48
CA TYR F 42 -23.36 34.39 -6.03
C TYR F 42 -23.34 35.61 -5.11
N LEU F 43 -22.24 36.34 -5.16
CA LEU F 43 -22.11 37.67 -4.53
C LEU F 43 -21.58 38.63 -5.59
N ASN F 44 -22.36 39.66 -5.90
CA ASN F 44 -21.94 40.77 -6.80
C ASN F 44 -20.99 41.68 -6.03
N PRO F 45 -20.00 42.27 -6.73
CA PRO F 45 -19.00 43.08 -6.04
C PRO F 45 -19.68 44.34 -5.49
N ARG F 46 -19.03 45.03 -4.54
CA ARG F 46 -19.57 46.26 -3.91
C ARG F 46 -18.46 47.34 -3.99
N MET F 47 -18.16 47.77 -5.21
CA MET F 47 -16.97 48.62 -5.51
C MET F 47 -17.28 50.08 -5.17
N GLY F 48 -18.57 50.44 -5.09
CA GLY F 48 -19.00 51.74 -4.53
C GLY F 48 -20.24 52.31 -5.22
N GLN F 49 -20.25 52.29 -6.55
CA GLN F 49 -21.37 52.88 -7.33
C GLN F 49 -22.62 52.04 -7.10
N PRO F 50 -23.80 52.69 -7.03
CA PRO F 50 -25.04 51.99 -6.67
C PRO F 50 -25.44 50.95 -7.72
N GLN F 51 -26.46 50.15 -7.43
CA GLN F 51 -26.98 49.10 -8.34
C GLN F 51 -28.17 49.70 -9.11
N ASN F 52 -28.61 49.06 -10.19
CA ASN F 52 -29.64 49.59 -11.12
C ASN F 52 -29.17 50.95 -11.65
N GLU F 53 -27.87 51.09 -11.93
CA GLU F 53 -27.18 52.37 -12.23
C GLU F 53 -25.98 52.09 -13.16
N ASP F 54 -25.61 53.06 -14.00
CA ASP F 54 -24.81 52.80 -15.24
C ASP F 54 -23.39 52.34 -14.88
N PHE F 55 -22.91 52.58 -13.67
CA PHE F 55 -21.52 52.26 -13.29
C PHE F 55 -21.53 51.14 -12.25
N TYR F 56 -22.58 50.32 -12.24
CA TYR F 56 -22.69 49.16 -11.30
C TYR F 56 -21.58 48.14 -11.60
N GLY F 57 -20.71 47.89 -10.63
CA GLY F 57 -19.50 47.06 -10.75
C GLY F 57 -18.26 47.93 -10.65
N PHE F 58 -18.44 49.24 -10.64
CA PHE F 58 -17.33 50.24 -10.59
C PHE F 58 -17.45 51.02 -9.28
N SER F 59 -16.33 51.61 -8.85
CA SER F 59 -16.31 52.71 -7.86
C SER F 59 -16.53 54.01 -8.61
N ASP F 60 -16.69 55.11 -7.87
CA ASP F 60 -16.64 56.49 -8.39
C ASP F 60 -15.17 56.83 -8.66
N ASN F 61 -14.90 57.81 -9.52
CA ASN F 61 -13.49 58.21 -9.75
C ASN F 61 -12.85 58.54 -8.40
N VAL F 62 -11.64 58.04 -8.23
CA VAL F 62 -10.89 58.07 -6.95
C VAL F 62 -10.19 59.43 -6.86
N THR F 63 -10.26 60.03 -5.67
CA THR F 63 -9.51 61.26 -5.33
C THR F 63 -8.50 60.88 -4.26
N VAL F 64 -7.43 61.67 -4.20
CA VAL F 64 -6.27 61.45 -3.31
C VAL F 64 -6.17 62.69 -2.40
N SER F 65 -5.90 62.49 -1.12
CA SER F 65 -5.72 63.57 -0.12
C SER F 65 -4.34 64.19 -0.31
N ASP F 66 -4.08 65.34 0.32
CA ASP F 66 -2.77 66.05 0.25
C ASP F 66 -1.88 65.55 1.40
N ASP F 67 -2.50 65.08 2.49
CA ASP F 67 -1.77 64.43 3.62
C ASP F 67 -2.72 63.54 4.45
N PHE F 68 -2.18 62.91 5.49
CA PHE F 68 -2.90 61.94 6.35
C PHE F 68 -3.93 62.66 7.21
N GLY F 69 -3.64 63.90 7.63
CA GLY F 69 -4.55 64.69 8.49
C GLY F 69 -5.88 64.92 7.81
N SER F 70 -5.83 65.42 6.57
CA SER F 70 -7.00 65.92 5.80
C SER F 70 -7.63 64.82 4.95
N ASP F 71 -7.45 63.55 5.34
CA ASP F 71 -7.90 62.36 4.57
C ASP F 71 -9.35 62.02 4.90
N ALA F 72 -10.28 62.22 3.96
CA ALA F 72 -11.70 61.80 4.07
C ALA F 72 -12.17 61.19 2.77
N PRO F 73 -12.02 59.87 2.58
CA PRO F 73 -12.39 59.24 1.31
C PRO F 73 -13.90 59.28 1.12
N PRO F 74 -14.40 60.00 0.10
CA PRO F 74 -15.83 60.10 -0.12
C PRO F 74 -16.50 58.76 -0.39
N TRP F 75 -17.72 58.61 0.11
CA TRP F 75 -18.55 57.41 -0.13
C TRP F 75 -18.61 57.18 -1.66
N LYS F 76 -18.51 55.94 -2.11
CA LYS F 76 -18.56 55.48 -3.52
C LYS F 76 -17.16 55.36 -4.14
N GLN F 77 -16.12 55.91 -3.52
CA GLN F 77 -14.76 55.95 -4.13
C GLN F 77 -13.87 54.80 -3.66
N PHE F 78 -14.41 53.83 -2.92
CA PHE F 78 -13.64 52.71 -2.32
C PHE F 78 -14.56 51.50 -2.25
N PRO F 79 -14.01 50.28 -2.35
CA PRO F 79 -14.83 49.08 -2.29
C PRO F 79 -15.05 48.59 -0.84
N CYS F 80 -16.16 47.89 -0.63
CA CYS F 80 -16.57 47.24 0.64
C CYS F 80 -16.70 45.72 0.40
N TYR F 81 -16.66 44.92 1.46
CA TYR F 81 -16.84 43.45 1.38
C TYR F 81 -18.28 43.15 0.99
N SER F 82 -18.45 42.06 0.24
CA SER F 82 -19.73 41.39 -0.06
C SER F 82 -19.95 40.25 0.94
N THR F 83 -21.20 39.97 1.28
CA THR F 83 -21.60 38.83 2.14
C THR F 83 -23.11 38.56 2.02
N ALA F 84 -23.48 37.30 2.25
CA ALA F 84 -24.87 36.82 2.29
C ALA F 84 -24.94 35.66 3.26
N ARG F 85 -26.04 35.59 4.00
CA ARG F 85 -26.45 34.41 4.79
C ARG F 85 -27.39 33.60 3.90
N ILE F 86 -26.99 32.41 3.48
CA ILE F 86 -27.88 31.42 2.81
C ILE F 86 -28.68 30.63 3.85
N SER F 87 -30.01 30.55 3.70
CA SER F 87 -30.90 29.73 4.55
C SER F 87 -30.89 28.28 4.07
N LEU F 88 -30.65 27.35 5.00
CA LEU F 88 -30.59 25.89 4.74
C LEU F 88 -31.90 25.25 5.22
N PRO F 89 -32.22 24.02 4.74
CA PRO F 89 -33.38 23.29 5.27
C PRO F 89 -33.32 23.25 6.80
N MET F 90 -34.42 23.62 7.50
CA MET F 90 -34.49 23.56 8.99
C MET F 90 -34.31 22.09 9.41
N LEU F 91 -33.59 21.86 10.52
CA LEU F 91 -33.13 20.52 10.98
C LEU F 91 -33.90 20.08 12.22
N ASN F 92 -33.99 20.95 13.23
CA ASN F 92 -34.41 20.60 14.62
C ASN F 92 -35.53 21.53 15.07
N SER F 97 -32.64 18.85 24.28
CA SER F 97 -32.23 17.53 23.71
C SER F 97 -30.79 17.20 24.14
N ASP F 98 -30.39 15.92 24.09
CA ASP F 98 -29.04 15.44 24.51
C ASP F 98 -28.04 15.81 23.42
N THR F 99 -28.22 15.23 22.23
CA THR F 99 -27.47 15.53 20.98
C THR F 99 -28.41 16.31 20.04
N ILE F 100 -27.85 17.02 19.05
CA ILE F 100 -28.62 17.73 17.97
C ILE F 100 -27.88 17.58 16.64
N LEU F 101 -28.56 17.91 15.54
CA LEU F 101 -27.98 17.88 14.15
C LEU F 101 -27.51 19.27 13.74
N MET F 102 -26.40 19.34 13.00
CA MET F 102 -25.95 20.59 12.33
C MET F 102 -25.54 20.30 10.89
N TRP F 103 -25.80 21.25 10.02
CA TRP F 103 -25.22 21.26 8.65
C TRP F 103 -23.73 21.52 8.77
N GLU F 104 -22.92 20.65 8.15
CA GLU F 104 -21.45 20.76 8.08
C GLU F 104 -21.03 20.97 6.63
N ALA F 105 -20.46 22.13 6.31
CA ALA F 105 -19.86 22.40 4.97
C ALA F 105 -18.56 21.59 4.87
N ILE F 106 -18.43 20.74 3.84
CA ILE F 106 -17.27 19.81 3.66
C ILE F 106 -16.40 20.22 2.46
N SER F 107 -16.97 20.81 1.42
CA SER F 107 -16.21 21.29 0.24
C SER F 107 -16.98 22.40 -0.48
N CYS F 108 -16.28 23.09 -1.37
CA CYS F 108 -16.89 24.12 -2.22
C CYS F 108 -16.19 24.21 -3.57
N ARG F 109 -16.95 24.69 -4.54
CA ARG F 109 -16.47 25.27 -5.81
C ARG F 109 -16.69 26.78 -5.69
N THR F 110 -15.72 27.57 -6.13
CA THR F 110 -15.86 29.05 -6.26
C THR F 110 -15.13 29.46 -7.54
N GLU F 111 -15.79 30.31 -8.33
CA GLU F 111 -15.22 30.91 -9.56
C GLU F 111 -15.50 32.42 -9.52
N VAL F 112 -14.54 33.23 -9.97
CA VAL F 112 -14.82 34.62 -10.42
C VAL F 112 -15.58 34.50 -11.75
N MET F 113 -16.69 35.22 -11.88
CA MET F 113 -17.50 35.24 -13.13
C MET F 113 -17.22 36.55 -13.89
N GLY F 114 -17.49 36.53 -15.20
CA GLY F 114 -17.35 37.67 -16.12
C GLY F 114 -15.91 37.94 -16.52
N VAL F 115 -14.99 37.01 -16.27
CA VAL F 115 -13.56 37.23 -16.63
C VAL F 115 -13.51 37.58 -18.13
N ASN F 116 -14.40 36.99 -18.92
CA ASN F 116 -14.54 37.27 -20.37
C ASN F 116 -14.60 38.77 -20.65
N MET F 117 -15.16 39.57 -19.74
CA MET F 117 -15.50 40.99 -20.01
C MET F 117 -14.20 41.79 -20.13
N LEU F 118 -13.08 41.24 -19.66
CA LEU F 118 -11.79 41.98 -19.62
C LEU F 118 -11.08 41.92 -20.99
N THR F 119 -11.69 41.28 -21.99
CA THR F 119 -11.18 41.28 -23.38
C THR F 119 -11.69 42.53 -24.11
N ASN F 120 -12.52 43.33 -23.43
CA ASN F 120 -13.06 44.63 -23.89
C ASN F 120 -11.97 45.71 -23.75
N VAL F 121 -11.43 46.19 -24.86
CA VAL F 121 -10.42 47.29 -24.93
C VAL F 121 -10.95 48.43 -25.83
N HIS F 122 -12.27 48.56 -25.98
CA HIS F 122 -12.90 49.64 -26.82
C HIS F 122 -13.77 50.63 -26.03
N SER F 123 -14.18 50.29 -24.81
CA SER F 123 -15.19 51.06 -24.02
C SER F 123 -14.51 52.19 -23.20
N ALA F 124 -14.37 53.38 -23.81
CA ALA F 124 -13.99 54.64 -23.11
C ALA F 124 -12.69 54.48 -22.31
N GLN F 125 -11.72 53.70 -22.78
CA GLN F 125 -10.44 53.51 -22.04
C GLN F 125 -9.38 54.50 -22.55
N LYS F 126 -8.45 54.89 -21.68
CA LYS F 126 -7.20 55.56 -22.13
C LYS F 126 -6.52 54.60 -23.13
N ARG F 127 -6.04 55.11 -24.26
CA ARG F 127 -5.48 54.27 -25.35
C ARG F 127 -4.00 54.01 -25.08
N VAL F 128 -3.42 53.02 -25.75
CA VAL F 128 -2.00 52.63 -25.50
C VAL F 128 -1.14 53.78 -25.99
N TYR F 129 -1.57 54.45 -27.06
CA TYR F 129 -0.90 55.63 -27.69
C TYR F 129 -1.82 56.86 -27.59
N GLU F 130 -2.19 57.27 -26.38
CA GLU F 130 -3.22 58.33 -26.14
C GLU F 130 -2.81 59.66 -26.81
N ASN F 131 -1.51 59.95 -26.89
CA ASN F 131 -1.01 61.22 -27.49
C ASN F 131 -1.30 61.24 -28.99
N ASP F 132 -1.29 60.07 -29.64
CA ASP F 132 -1.58 59.91 -31.10
C ASP F 132 -3.05 59.52 -31.31
N ARG F 133 -3.86 59.58 -30.24
CA ARG F 133 -5.20 58.92 -30.14
C ARG F 133 -5.19 57.64 -30.98
N GLU F 134 -4.38 56.64 -30.62
CA GLU F 134 -4.32 55.38 -31.40
C GLU F 134 -4.14 54.19 -30.46
N GLY F 135 -4.36 52.99 -30.97
CA GLY F 135 -4.15 51.72 -30.25
C GLY F 135 -5.41 51.31 -29.51
N THR F 136 -5.42 50.12 -28.94
CA THR F 136 -6.55 49.65 -28.09
C THR F 136 -6.66 50.52 -26.82
N GLY F 137 -7.74 50.34 -26.07
CA GLY F 137 -7.81 50.72 -24.66
C GLY F 137 -6.74 49.98 -23.89
N ILE F 138 -6.29 50.54 -22.76
CA ILE F 138 -5.28 49.89 -21.87
C ILE F 138 -5.99 48.81 -21.05
N GLY F 139 -7.30 48.82 -20.99
CA GLY F 139 -8.04 47.80 -20.24
C GLY F 139 -7.92 48.03 -18.74
N VAL F 140 -8.28 47.03 -17.96
CA VAL F 140 -8.16 47.03 -16.48
C VAL F 140 -6.70 46.67 -16.17
N GLU F 141 -6.03 47.51 -15.39
CA GLU F 141 -4.65 47.28 -14.91
C GLU F 141 -4.63 47.60 -13.41
N GLY F 142 -3.69 47.02 -12.68
CA GLY F 142 -3.42 47.40 -11.29
C GLY F 142 -3.93 46.35 -10.33
N MET F 143 -4.29 46.79 -9.14
CA MET F 143 -4.32 45.89 -7.97
C MET F 143 -5.37 44.80 -8.20
N GLY F 144 -5.00 43.58 -7.83
CA GLY F 144 -5.94 42.46 -7.66
C GLY F 144 -6.03 42.10 -6.19
N TYR F 145 -7.22 42.06 -5.63
CA TYR F 145 -7.49 41.57 -4.26
C TYR F 145 -8.70 40.66 -4.33
N HIS F 146 -8.48 39.39 -4.00
CA HIS F 146 -9.45 38.27 -4.18
C HIS F 146 -9.41 37.45 -2.89
N MET F 147 -10.53 37.44 -2.19
CA MET F 147 -10.66 36.69 -0.93
C MET F 147 -12.11 36.21 -0.87
N PHE F 148 -12.29 34.95 -0.52
CA PHE F 148 -13.60 34.36 -0.23
C PHE F 148 -13.52 33.73 1.16
N ALA F 149 -14.67 33.63 1.79
CA ALA F 149 -14.85 33.01 3.12
C ALA F 149 -16.15 32.23 3.10
N ILE F 150 -16.08 30.98 3.58
CA ILE F 150 -17.24 30.08 3.86
C ILE F 150 -17.20 29.70 5.34
N GLY F 151 -18.30 29.97 6.05
CA GLY F 151 -18.37 29.95 7.52
C GLY F 151 -19.75 29.58 8.01
N GLY F 152 -19.82 28.97 9.20
CA GLY F 152 -21.09 28.69 9.89
C GLY F 152 -21.52 29.84 10.80
N GLU F 153 -20.94 31.02 10.61
CA GLU F 153 -21.30 32.26 11.36
C GLU F 153 -20.62 33.44 10.68
N PRO F 154 -21.05 34.69 10.92
CA PRO F 154 -20.45 35.84 10.24
C PRO F 154 -18.92 35.78 10.27
N LEU F 155 -18.26 36.25 9.22
CA LEU F 155 -16.77 36.34 9.20
C LEU F 155 -16.33 37.27 10.33
N GLU F 156 -15.33 36.86 11.10
CA GLU F 156 -14.76 37.69 12.19
C GLU F 156 -13.59 38.52 11.64
N LEU F 157 -13.51 39.78 12.04
CA LEU F 157 -12.67 40.81 11.38
C LEU F 157 -11.71 41.46 12.39
N GLN F 158 -10.48 41.71 11.93
CA GLN F 158 -9.51 42.63 12.55
C GLN F 158 -9.63 43.98 11.84
N PHE F 159 -9.65 45.08 12.59
CA PHE F 159 -9.64 46.45 12.05
C PHE F 159 -8.17 46.84 11.84
N MET F 160 -7.84 47.21 10.60
CA MET F 160 -6.49 47.72 10.28
C MET F 160 -6.59 48.64 9.06
N VAL F 161 -5.92 49.79 9.14
CA VAL F 161 -5.97 50.86 8.11
C VAL F 161 -4.55 51.32 7.85
N PHE F 162 -4.36 51.97 6.71
CA PHE F 162 -3.08 52.51 6.22
C PHE F 162 -2.82 53.81 6.99
N ASN F 163 -3.87 54.64 7.12
CA ASN F 163 -3.82 55.97 7.78
C ASN F 163 -4.90 56.01 8.86
N HIS F 164 -4.50 56.02 10.13
CA HIS F 164 -5.46 56.03 11.27
C HIS F 164 -6.35 57.29 11.17
N ARG F 165 -5.82 58.43 10.73
CA ARG F 165 -6.58 59.73 10.79
C ARG F 165 -7.64 59.78 9.69
N ALA F 166 -7.70 58.76 8.82
CA ALA F 166 -8.72 58.71 7.75
C ALA F 166 -10.10 58.84 8.41
N THR F 167 -10.85 59.86 8.01
CA THR F 167 -12.27 60.04 8.36
C THR F 167 -13.09 59.33 7.29
N TYR F 168 -13.68 58.20 7.66
CA TYR F 168 -14.53 57.36 6.78
C TYR F 168 -15.91 58.00 6.76
N PRO F 169 -16.68 57.80 5.68
CA PRO F 169 -18.02 58.40 5.59
C PRO F 169 -19.07 57.66 6.42
N ALA F 170 -20.23 58.31 6.59
CA ALA F 170 -21.35 57.86 7.44
C ALA F 170 -21.90 56.50 6.96
N GLU F 171 -21.98 56.30 5.64
CA GLU F 171 -22.57 55.08 5.02
C GLU F 171 -21.73 53.84 5.36
N ALA F 172 -20.46 54.01 5.73
CA ALA F 172 -19.51 52.92 5.99
C ALA F 172 -19.49 52.54 7.47
N THR F 173 -19.29 51.25 7.73
CA THR F 173 -19.12 50.70 9.11
C THR F 173 -17.63 50.57 9.42
N VAL F 174 -17.16 51.27 10.47
CA VAL F 174 -15.71 51.36 10.84
C VAL F 174 -15.56 51.54 12.37
N ILE F 175 -14.34 51.49 12.90
CA ILE F 175 -14.06 52.03 14.27
C ILE F 175 -13.78 53.53 14.11
N LYS F 176 -14.62 54.40 14.69
CA LYS F 176 -14.40 55.88 14.68
C LYS F 176 -13.20 56.18 15.60
N ASN F 177 -12.40 57.21 15.27
CA ASN F 177 -11.24 57.66 16.08
C ASN F 177 -10.56 56.44 16.71
N PRO F 178 -9.97 55.55 15.90
CA PRO F 178 -9.08 54.49 16.40
C PRO F 178 -7.64 55.02 16.54
N GLY F 179 -6.86 54.47 17.45
CA GLY F 179 -5.51 55.01 17.72
C GLY F 179 -4.58 54.82 16.53
N ALA F 180 -3.39 55.42 16.59
CA ALA F 180 -2.22 55.10 15.76
C ALA F 180 -2.04 53.56 15.71
N SER F 181 -2.37 52.90 16.82
CA SER F 181 -2.36 51.42 16.99
C SER F 181 -3.07 50.74 15.80
N SER F 182 -4.08 51.39 15.22
CA SER F 182 -4.91 50.82 14.14
C SER F 182 -4.10 50.68 12.84
N GLN F 183 -2.93 51.33 12.74
CA GLN F 183 -1.99 51.21 11.58
C GLN F 183 -1.26 49.88 11.60
N VAL F 184 -1.25 49.19 12.74
CA VAL F 184 -0.74 47.79 12.86
C VAL F 184 -1.76 46.98 13.67
N PHE F 185 -1.31 45.94 14.38
CA PHE F 185 -2.22 45.01 15.10
C PHE F 185 -2.51 45.58 16.50
N ASP F 186 -3.80 45.69 16.80
CA ASP F 186 -4.32 46.11 18.13
C ASP F 186 -5.42 45.14 18.54
N PRO F 187 -5.27 44.37 19.65
CA PRO F 187 -6.27 43.37 20.04
C PRO F 187 -7.68 43.89 20.35
N ASN F 188 -7.83 45.17 20.65
CA ASN F 188 -9.13 45.80 21.05
C ASN F 188 -10.01 46.14 19.82
N LEU F 189 -9.45 46.10 18.59
CA LEU F 189 -10.14 46.61 17.37
C LEU F 189 -10.69 45.44 16.55
N LYS F 190 -11.63 44.69 17.13
CA LYS F 190 -12.38 43.57 16.49
C LYS F 190 -13.67 44.08 15.85
N GLY F 191 -14.25 43.26 14.96
CA GLY F 191 -15.62 43.37 14.41
C GLY F 191 -16.01 42.09 13.71
N THR F 192 -17.25 42.01 13.23
CA THR F 192 -17.81 40.84 12.51
C THR F 192 -18.49 41.34 11.23
N LEU F 193 -18.36 40.61 10.11
CA LEU F 193 -18.95 41.01 8.80
C LEU F 193 -20.47 40.71 8.80
N THR F 194 -21.25 41.70 9.24
CA THR F 194 -22.71 41.58 9.51
C THR F 194 -23.55 42.25 8.43
N ALA F 195 -22.95 42.97 7.47
CA ALA F 195 -23.73 43.76 6.47
C ALA F 195 -23.01 43.78 5.11
N ASP F 196 -23.79 43.57 4.05
CA ASP F 196 -23.26 43.61 2.66
C ASP F 196 -23.03 45.06 2.24
N GLY F 197 -21.81 45.38 1.78
CA GLY F 197 -21.55 46.56 0.94
C GLY F 197 -21.34 47.84 1.74
N VAL F 198 -20.89 47.71 3.00
CA VAL F 198 -20.63 48.89 3.89
C VAL F 198 -19.36 48.69 4.73
N PHE F 199 -18.75 47.50 4.78
CA PHE F 199 -17.45 47.30 5.48
C PHE F 199 -16.33 47.55 4.46
N PRO F 200 -15.56 48.65 4.58
CA PRO F 200 -14.49 48.97 3.63
C PRO F 200 -13.38 47.90 3.60
N VAL F 201 -13.11 47.34 2.41
CA VAL F 201 -11.99 46.37 2.25
C VAL F 201 -10.74 46.95 2.94
N GLU F 202 -10.41 48.20 2.65
CA GLU F 202 -9.15 48.82 3.11
C GLU F 202 -9.16 49.08 4.62
N ALA F 203 -10.26 48.86 5.35
CA ALA F 203 -10.30 49.08 6.83
C ALA F 203 -10.45 47.78 7.64
N TRP F 204 -10.75 46.65 6.99
CA TRP F 204 -11.14 45.38 7.67
C TRP F 204 -10.51 44.19 6.95
N GLY F 205 -9.92 43.27 7.72
CA GLY F 205 -9.37 42.00 7.22
C GLY F 205 -9.79 40.84 8.11
N PRO F 206 -9.75 39.59 7.63
CA PRO F 206 -10.09 38.44 8.46
C PRO F 206 -9.18 38.39 9.70
N ASP F 207 -9.77 38.02 10.83
CA ASP F 207 -9.09 37.87 12.14
C ASP F 207 -8.52 36.47 12.22
N PRO F 208 -7.18 36.27 12.17
CA PRO F 208 -6.60 34.94 12.30
C PRO F 208 -6.61 34.43 13.76
N PHE F 209 -6.91 35.31 14.72
CA PHE F 209 -7.07 34.96 16.16
C PHE F 209 -8.44 34.34 16.39
N LYS F 210 -9.40 34.56 15.50
CA LYS F 210 -10.77 33.96 15.59
C LYS F 210 -11.04 33.16 14.32
N ASN F 211 -12.30 33.06 13.91
CA ASN F 211 -12.76 32.36 12.68
C ASN F 211 -12.45 30.86 12.74
N GLU F 212 -12.58 30.23 13.90
CA GLU F 212 -12.35 28.75 14.04
C GLU F 212 -13.39 28.03 13.17
N ASN F 213 -14.54 28.66 12.95
CA ASN F 213 -15.71 28.02 12.31
C ASN F 213 -15.92 28.63 10.92
N THR F 214 -14.87 29.23 10.35
CA THR F 214 -14.83 29.80 8.98
C THR F 214 -13.50 29.47 8.29
N ARG F 215 -13.55 29.14 7.00
CA ARG F 215 -12.37 29.09 6.11
C ARG F 215 -12.32 30.37 5.28
N TYR F 216 -11.17 31.07 5.28
CA TYR F 216 -10.92 32.25 4.44
C TYR F 216 -9.65 32.03 3.63
N PHE F 217 -9.60 32.62 2.44
CA PHE F 217 -8.48 32.52 1.47
C PHE F 217 -8.37 33.85 0.74
N GLY F 218 -7.15 34.39 0.63
CA GLY F 218 -6.93 35.71 0.03
C GLY F 218 -5.63 35.80 -0.73
N GLN F 219 -5.67 36.49 -1.87
CA GLN F 219 -4.50 36.90 -2.69
C GLN F 219 -4.58 38.42 -2.88
N TYR F 220 -3.45 39.10 -2.72
CA TYR F 220 -3.25 40.52 -3.06
C TYR F 220 -2.05 40.60 -4.02
N THR F 221 -2.22 41.34 -5.10
CA THR F 221 -1.14 41.83 -5.99
C THR F 221 -1.34 43.33 -6.16
N GLY F 222 -0.46 44.17 -5.62
CA GLY F 222 -0.58 45.63 -5.79
C GLY F 222 -0.18 46.08 -7.19
N GLY F 223 0.30 47.32 -7.31
CA GLY F 223 0.63 47.95 -8.60
C GLY F 223 -0.54 48.74 -9.11
N THR F 224 -0.29 49.61 -10.07
CA THR F 224 -1.35 50.38 -10.79
C THR F 224 -1.29 50.01 -12.28
N GLN F 225 -0.15 49.47 -12.73
CA GLN F 225 0.08 49.03 -14.14
C GLN F 225 0.11 47.49 -14.23
N THR F 226 -0.13 46.78 -13.12
CA THR F 226 -0.01 45.30 -13.02
C THR F 226 -1.03 44.60 -13.93
N PRO F 227 -0.61 43.60 -14.73
CA PRO F 227 -1.58 42.79 -15.47
C PRO F 227 -2.43 41.92 -14.54
N PRO F 228 -3.77 41.98 -14.66
CA PRO F 228 -4.66 40.99 -14.06
C PRO F 228 -4.47 39.57 -14.61
N VAL F 229 -4.32 38.62 -13.68
CA VAL F 229 -4.17 37.17 -13.99
C VAL F 229 -5.33 36.43 -13.34
N LEU F 230 -6.40 36.11 -14.09
CA LEU F 230 -7.58 35.35 -13.58
C LEU F 230 -7.71 34.03 -14.35
N THR F 231 -8.00 32.95 -13.62
CA THR F 231 -8.32 31.60 -14.16
C THR F 231 -9.76 31.26 -13.80
N PHE F 232 -10.42 30.39 -14.57
CA PHE F 232 -11.80 29.92 -14.28
C PHE F 232 -11.94 28.49 -14.79
N THR F 233 -12.65 27.67 -14.03
CA THR F 233 -12.88 26.24 -14.38
C THR F 233 -13.96 25.71 -13.45
N ASN F 234 -14.75 24.74 -13.91
CA ASN F 234 -15.82 24.06 -13.13
C ASN F 234 -15.32 22.70 -12.62
N THR F 235 -14.00 22.48 -12.61
CA THR F 235 -13.36 21.19 -12.23
C THR F 235 -12.60 21.30 -10.90
N GLN F 236 -12.56 22.46 -10.24
CA GLN F 236 -11.77 22.63 -8.98
C GLN F 236 -12.69 22.54 -7.76
N THR F 237 -12.33 21.69 -6.79
CA THR F 237 -13.01 21.52 -5.49
C THR F 237 -12.07 21.94 -4.36
N THR F 238 -12.52 22.82 -3.47
CA THR F 238 -11.78 23.15 -2.23
C THR F 238 -12.45 22.41 -1.06
N ILE F 239 -11.70 21.54 -0.37
CA ILE F 239 -12.14 20.80 0.85
C ILE F 239 -12.10 21.76 2.04
N LEU F 240 -13.12 21.74 2.89
CA LEU F 240 -13.33 22.72 3.99
C LEU F 240 -13.14 22.06 5.36
N LEU F 241 -12.65 20.82 5.39
CA LEU F 241 -12.41 20.07 6.65
C LEU F 241 -11.09 20.56 7.29
N ASP F 242 -11.08 20.70 8.62
CA ASP F 242 -9.82 20.85 9.41
C ASP F 242 -9.17 19.48 9.53
N GLU F 243 -8.03 19.40 10.24
CA GLU F 243 -7.19 18.17 10.36
C GLU F 243 -7.99 17.08 11.10
N ASN F 244 -8.91 17.47 11.99
CA ASN F 244 -9.82 16.54 12.73
C ASN F 244 -10.88 15.96 11.78
N GLY F 245 -10.98 16.47 10.55
CA GLY F 245 -12.02 16.08 9.56
C GLY F 245 -13.34 16.81 9.80
N VAL F 246 -13.32 18.01 10.38
CA VAL F 246 -14.57 18.77 10.64
C VAL F 246 -14.63 20.00 9.73
N GLY F 247 -15.81 20.24 9.16
CA GLY F 247 -16.13 21.44 8.39
C GLY F 247 -16.72 22.52 9.29
N PRO F 248 -16.88 23.77 8.82
CA PRO F 248 -17.62 24.75 9.60
C PRO F 248 -19.06 24.27 9.79
N LEU F 249 -19.62 24.53 10.97
CA LEU F 249 -20.96 24.08 11.41
C LEU F 249 -21.91 25.28 11.43
N CYS F 250 -23.02 25.15 10.72
CA CYS F 250 -23.93 26.27 10.35
C CYS F 250 -24.84 26.56 11.55
N LYS F 251 -24.49 27.56 12.36
CA LYS F 251 -25.25 28.01 13.56
C LYS F 251 -26.55 28.67 13.08
N GLY F 252 -27.70 28.18 13.55
CA GLY F 252 -29.04 28.67 13.14
C GLY F 252 -29.42 28.25 11.73
N ASP F 253 -28.91 27.12 11.25
CA ASP F 253 -29.08 26.58 9.86
C ASP F 253 -28.65 27.64 8.83
N GLY F 254 -27.53 28.33 9.10
CA GLY F 254 -27.05 29.47 8.30
C GLY F 254 -25.67 29.22 7.72
N LEU F 255 -25.52 29.39 6.40
CA LEU F 255 -24.20 29.36 5.72
C LEU F 255 -23.80 30.80 5.40
N PHE F 256 -22.61 31.21 5.83
CA PHE F 256 -22.13 32.61 5.70
C PHE F 256 -21.07 32.69 4.59
N LEU F 257 -21.41 33.40 3.51
CA LEU F 257 -20.54 33.59 2.31
C LEU F 257 -20.08 35.05 2.28
N SER F 258 -18.78 35.28 2.06
CA SER F 258 -18.16 36.63 2.03
C SER F 258 -17.08 36.66 0.95
N CYS F 259 -16.92 37.80 0.25
CA CYS F 259 -15.79 38.02 -0.66
C CYS F 259 -15.53 39.50 -0.99
N ALA F 260 -14.35 39.74 -1.55
CA ALA F 260 -13.98 40.96 -2.30
C ALA F 260 -13.21 40.49 -3.54
N ASP F 261 -13.64 40.92 -4.72
CA ASP F 261 -13.00 40.57 -6.01
C ASP F 261 -12.75 41.86 -6.77
N ILE F 262 -11.71 42.57 -6.38
CA ILE F 262 -11.17 43.78 -7.06
C ILE F 262 -10.22 43.33 -8.17
N VAL F 263 -10.53 43.60 -9.43
CA VAL F 263 -9.72 43.08 -10.59
C VAL F 263 -8.61 44.08 -10.91
N GLY F 264 -8.90 45.35 -10.73
CA GLY F 264 -7.99 46.46 -11.07
C GLY F 264 -8.75 47.75 -11.27
N PHE F 265 -8.08 48.71 -11.91
CA PHE F 265 -8.64 50.06 -12.20
C PHE F 265 -9.03 50.16 -13.67
N PHE F 266 -10.13 50.87 -13.89
CA PHE F 266 -10.60 51.39 -15.20
C PHE F 266 -10.10 52.83 -15.34
N THR F 267 -9.29 53.10 -16.37
CA THR F 267 -8.67 54.41 -16.66
C THR F 267 -9.38 55.07 -17.85
N GLN F 268 -10.10 56.15 -17.59
CA GLN F 268 -10.75 56.96 -18.66
C GLN F 268 -9.68 57.75 -19.44
N HIS F 269 -10.09 58.31 -20.59
CA HIS F 269 -9.26 59.20 -21.46
C HIS F 269 -8.70 60.37 -20.65
N ASN F 270 -9.47 60.95 -19.72
CA ASN F 270 -9.01 62.10 -18.89
C ASN F 270 -8.21 61.61 -17.68
N LYS F 271 -7.78 60.34 -17.67
CA LYS F 271 -6.82 59.74 -16.70
C LYS F 271 -7.45 59.54 -15.31
N LYS F 272 -8.76 59.76 -15.19
CA LYS F 272 -9.52 59.42 -13.95
C LYS F 272 -9.61 57.91 -13.84
N MET F 273 -9.42 57.40 -12.63
CA MET F 273 -9.31 55.95 -12.35
C MET F 273 -10.37 55.52 -11.32
N SER F 274 -10.94 54.34 -11.52
CA SER F 274 -11.98 53.75 -10.65
C SER F 274 -11.70 52.25 -10.46
N PHE F 275 -12.15 51.67 -9.35
CA PHE F 275 -12.09 50.21 -9.10
C PHE F 275 -13.10 49.54 -10.02
N ARG F 276 -12.76 48.39 -10.58
CA ARG F 276 -13.72 47.53 -11.30
C ARG F 276 -13.72 46.19 -10.57
N GLY F 277 -14.90 45.62 -10.35
CA GLY F 277 -15.06 44.34 -9.63
C GLY F 277 -15.74 43.30 -10.49
N LEU F 278 -15.66 42.04 -10.05
CA LEU F 278 -16.43 40.94 -10.69
C LEU F 278 -17.16 40.17 -9.60
N PRO F 279 -18.29 39.53 -9.96
CA PRO F 279 -19.03 38.68 -9.03
C PRO F 279 -18.34 37.33 -8.86
N ARG F 280 -18.66 36.68 -7.75
CA ARG F 280 -18.09 35.37 -7.37
C ARG F 280 -19.24 34.35 -7.28
N TYR F 281 -19.01 33.15 -7.83
CA TYR F 281 -19.89 31.97 -7.76
C TYR F 281 -19.49 31.09 -6.57
N PHE F 282 -20.48 30.58 -5.82
CA PHE F 282 -20.27 29.58 -4.75
C PHE F 282 -21.12 28.35 -4.97
N ARG F 283 -20.48 27.18 -4.90
CA ARG F 283 -21.15 25.87 -4.70
C ARG F 283 -20.55 25.30 -3.41
N VAL F 284 -21.41 24.94 -2.47
CA VAL F 284 -21.07 24.37 -1.14
C VAL F 284 -21.88 23.08 -0.93
N THR F 285 -21.17 21.99 -0.66
CA THR F 285 -21.70 20.65 -0.27
C THR F 285 -21.68 20.58 1.27
N LEU F 286 -22.84 20.30 1.86
CA LEU F 286 -23.03 20.23 3.33
C LEU F 286 -23.62 18.85 3.68
N ARG F 287 -23.24 18.31 4.82
CA ARG F 287 -23.75 17.01 5.33
C ARG F 287 -24.19 17.20 6.78
N LYS F 288 -25.22 16.47 7.19
CA LYS F 288 -25.75 16.43 8.57
C LYS F 288 -24.68 15.84 9.49
N ARG F 289 -24.51 16.43 10.67
CA ARG F 289 -23.48 16.08 11.67
C ARG F 289 -24.12 16.12 13.07
N VAL F 290 -23.94 15.06 13.85
CA VAL F 290 -24.46 15.00 15.24
C VAL F 290 -23.54 15.87 16.09
N VAL F 291 -24.08 16.65 17.03
CA VAL F 291 -23.27 17.44 18.01
C VAL F 291 -24.01 17.45 19.36
N LYS F 292 -23.29 17.75 20.45
CA LYS F 292 -23.85 17.99 21.82
C LYS F 292 -24.30 19.46 21.94
N GLU G 25 -29.13 9.91 -15.71
CA GLU G 25 -29.08 8.74 -14.75
C GLU G 25 -28.22 7.62 -15.36
N VAL G 26 -27.04 7.37 -14.77
CA VAL G 26 -25.93 6.60 -15.40
C VAL G 26 -25.75 5.24 -14.73
N LEU G 27 -25.35 4.22 -15.51
CA LEU G 27 -25.10 2.82 -15.07
C LEU G 27 -23.68 2.36 -15.44
N ALA G 28 -23.52 1.15 -15.97
CA ALA G 28 -22.20 0.49 -16.16
C ALA G 28 -21.50 0.96 -17.43
N VAL G 29 -20.17 1.04 -17.38
CA VAL G 29 -19.29 1.30 -18.56
C VAL G 29 -19.30 0.06 -19.47
N ARG G 30 -19.90 0.19 -20.65
CA ARG G 30 -19.98 -0.90 -21.67
C ARG G 30 -18.62 -1.06 -22.36
N THR G 31 -17.95 -2.17 -22.11
CA THR G 31 -16.69 -2.56 -22.80
C THR G 31 -17.07 -3.66 -23.81
N GLY G 32 -16.21 -3.86 -24.82
CA GLY G 32 -16.45 -4.80 -25.93
C GLY G 32 -15.65 -4.43 -27.17
N PRO G 33 -15.88 -5.11 -28.31
CA PRO G 33 -15.18 -4.79 -29.56
C PRO G 33 -15.07 -3.28 -29.87
N ASP G 34 -16.22 -2.63 -30.13
CA ASP G 34 -16.29 -1.26 -30.73
C ASP G 34 -16.70 -0.23 -29.67
N SER G 35 -16.15 -0.32 -28.45
CA SER G 35 -16.65 0.41 -27.24
C SER G 35 -15.82 1.67 -26.92
N ILE G 36 -14.55 1.73 -27.35
CA ILE G 36 -13.64 2.92 -27.26
C ILE G 36 -13.49 3.52 -28.66
N THR G 37 -13.67 4.85 -28.82
CA THR G 37 -13.37 5.59 -30.09
C THR G 37 -12.58 6.86 -29.79
N GLU G 38 -11.77 7.30 -30.77
CA GLU G 38 -10.99 8.56 -30.68
C GLU G 38 -11.41 9.52 -31.78
N ILE G 39 -11.30 10.80 -31.46
CA ILE G 39 -11.71 11.95 -32.30
C ILE G 39 -10.60 12.99 -32.22
N GLU G 40 -10.22 13.51 -33.38
CA GLU G 40 -9.38 14.71 -33.53
C GLU G 40 -10.19 15.76 -34.30
N ALA G 41 -10.02 17.01 -33.87
CA ALA G 41 -10.67 18.17 -34.48
C ALA G 41 -9.79 19.39 -34.24
N TYR G 42 -10.11 20.46 -34.94
CA TYR G 42 -9.48 21.78 -34.76
C TYR G 42 -10.56 22.86 -34.80
N LEU G 43 -10.24 23.97 -34.17
CA LEU G 43 -11.05 25.22 -34.26
C LEU G 43 -10.08 26.33 -34.65
N ASN G 44 -10.32 26.95 -35.81
CA ASN G 44 -9.66 28.21 -36.21
C ASN G 44 -10.26 29.34 -35.37
N PRO G 45 -9.48 30.41 -35.12
CA PRO G 45 -9.96 31.54 -34.34
C PRO G 45 -10.87 32.44 -35.18
N ARG G 46 -11.64 33.27 -34.49
CA ARG G 46 -12.68 34.20 -35.02
C ARG G 46 -12.42 35.57 -34.39
N MET G 47 -11.28 36.14 -34.72
CA MET G 47 -10.76 37.41 -34.17
C MET G 47 -11.43 38.59 -34.87
N GLY G 48 -12.03 38.34 -36.05
CA GLY G 48 -12.97 39.27 -36.69
C GLY G 48 -12.81 39.34 -38.21
N GLN G 49 -11.59 39.34 -38.75
CA GLN G 49 -11.42 39.45 -40.22
C GLN G 49 -11.87 38.13 -40.87
N PRO G 50 -12.56 38.18 -42.02
CA PRO G 50 -13.04 36.97 -42.68
C PRO G 50 -12.01 35.95 -43.20
N GLN G 51 -12.43 34.69 -43.22
CA GLN G 51 -11.85 33.56 -44.02
C GLN G 51 -11.47 34.02 -45.43
N ASN G 52 -10.36 33.51 -45.93
CA ASN G 52 -9.96 33.58 -47.36
C ASN G 52 -9.53 35.00 -47.76
N GLU G 53 -9.38 35.89 -46.77
CA GLU G 53 -8.97 37.32 -46.94
C GLU G 53 -7.61 37.48 -46.22
N ASP G 54 -6.84 38.52 -46.55
CA ASP G 54 -5.38 38.59 -46.26
C ASP G 54 -5.11 38.66 -44.73
N PHE G 55 -6.11 38.99 -43.90
CA PHE G 55 -5.95 39.17 -42.43
C PHE G 55 -6.73 38.12 -41.62
N TYR G 56 -6.99 36.97 -42.22
CA TYR G 56 -7.54 35.79 -41.50
C TYR G 56 -6.61 35.44 -40.32
N GLY G 57 -7.12 35.45 -39.08
CA GLY G 57 -6.36 35.24 -37.84
C GLY G 57 -6.28 36.50 -36.98
N PHE G 58 -6.63 37.65 -37.56
CA PHE G 58 -6.61 38.98 -36.92
C PHE G 58 -8.02 39.58 -36.84
N SER G 59 -8.22 40.48 -35.87
CA SER G 59 -9.32 41.47 -35.88
C SER G 59 -8.98 42.54 -36.91
N ASP G 60 -9.94 43.31 -37.35
CA ASP G 60 -9.70 44.66 -37.93
C ASP G 60 -9.08 45.55 -36.84
N ASN G 61 -8.56 46.71 -37.23
CA ASN G 61 -7.91 47.69 -36.32
C ASN G 61 -8.90 48.23 -35.27
N VAL G 62 -8.53 48.15 -33.99
CA VAL G 62 -9.48 48.43 -32.87
C VAL G 62 -9.57 49.94 -32.68
N THR G 63 -10.80 50.47 -32.72
CA THR G 63 -11.19 51.86 -32.34
C THR G 63 -11.73 51.90 -30.90
N VAL G 64 -11.70 53.07 -30.26
CA VAL G 64 -12.02 53.20 -28.80
C VAL G 64 -13.02 54.34 -28.66
N SER G 65 -14.09 54.11 -27.90
CA SER G 65 -15.17 55.10 -27.67
C SER G 65 -14.65 56.23 -26.79
N ASP G 66 -15.37 57.35 -26.76
CA ASP G 66 -15.04 58.49 -25.87
C ASP G 66 -15.73 58.26 -24.53
N ASP G 67 -16.93 57.69 -24.55
CA ASP G 67 -17.70 57.41 -23.30
C ASP G 67 -18.51 56.14 -23.50
N PHE G 68 -19.09 55.65 -22.40
CA PHE G 68 -19.88 54.40 -22.33
C PHE G 68 -21.17 54.61 -23.12
N GLY G 69 -21.66 55.85 -23.08
CA GLY G 69 -22.93 56.33 -23.65
C GLY G 69 -22.99 56.15 -25.16
N SER G 70 -21.84 56.22 -25.84
CA SER G 70 -21.73 56.21 -27.32
C SER G 70 -20.69 55.16 -27.76
N ASP G 71 -21.02 53.89 -27.59
CA ASP G 71 -20.02 52.79 -27.60
C ASP G 71 -20.55 51.73 -28.55
N ALA G 72 -20.00 51.66 -29.77
CA ALA G 72 -20.48 50.76 -30.86
C ALA G 72 -19.30 50.10 -31.55
N PRO G 73 -18.73 49.02 -30.98
CA PRO G 73 -17.60 48.32 -31.59
C PRO G 73 -17.96 47.72 -32.94
N PRO G 74 -17.46 48.25 -34.07
CA PRO G 74 -17.86 47.75 -35.39
C PRO G 74 -17.60 46.25 -35.54
N TRP G 75 -18.39 45.59 -36.36
CA TRP G 75 -18.14 44.18 -36.74
C TRP G 75 -16.71 44.07 -37.26
N LYS G 76 -16.02 42.99 -36.87
CA LYS G 76 -14.63 42.61 -37.24
C LYS G 76 -13.59 43.15 -36.23
N GLN G 77 -13.95 44.08 -35.33
CA GLN G 77 -12.96 44.73 -34.42
C GLN G 77 -12.82 44.00 -33.08
N PHE G 78 -13.62 42.99 -32.80
CA PHE G 78 -13.60 42.17 -31.56
C PHE G 78 -13.68 40.69 -31.93
N PRO G 79 -13.12 39.79 -31.08
CA PRO G 79 -13.16 38.35 -31.34
C PRO G 79 -14.40 37.67 -30.77
N CYS G 80 -14.75 36.55 -31.38
CA CYS G 80 -15.89 35.70 -30.97
C CYS G 80 -15.38 34.29 -30.66
N TYR G 81 -16.21 33.52 -29.97
CA TYR G 81 -15.91 32.11 -29.64
C TYR G 81 -15.93 31.32 -30.95
N SER G 82 -15.14 30.24 -30.93
CA SER G 82 -15.15 29.14 -31.93
C SER G 82 -15.86 27.97 -31.27
N THR G 83 -16.65 27.22 -32.02
CA THR G 83 -17.28 25.96 -31.55
C THR G 83 -17.54 25.05 -32.75
N ALA G 84 -17.61 23.74 -32.55
CA ALA G 84 -18.02 22.78 -33.61
C ALA G 84 -18.68 21.58 -32.95
N ARG G 85 -19.66 20.98 -33.63
CA ARG G 85 -20.31 19.73 -33.17
C ARG G 85 -19.67 18.58 -33.96
N ILE G 86 -18.95 17.70 -33.27
CA ILE G 86 -18.33 16.49 -33.86
C ILE G 86 -19.37 15.37 -33.83
N SER G 87 -19.64 14.78 -35.01
CA SER G 87 -20.56 13.63 -35.20
C SER G 87 -19.85 12.36 -34.73
N LEU G 88 -20.47 11.62 -33.80
CA LEU G 88 -19.90 10.36 -33.26
C LEU G 88 -20.53 9.18 -33.99
N PRO G 89 -19.93 7.98 -33.92
CA PRO G 89 -20.53 6.80 -34.56
C PRO G 89 -21.93 6.49 -34.02
N MET G 90 -22.80 5.96 -34.90
CA MET G 90 -24.19 5.45 -34.65
C MET G 90 -25.18 6.59 -34.94
N ASP G 98 -35.79 0.38 -21.36
CA ASP G 98 -35.56 1.26 -20.17
C ASP G 98 -34.08 1.71 -20.08
N THR G 99 -33.21 1.33 -21.02
CA THR G 99 -31.74 1.58 -20.96
C THR G 99 -31.17 1.78 -22.38
N ILE G 100 -30.31 2.81 -22.56
CA ILE G 100 -29.59 3.11 -23.84
C ILE G 100 -28.08 3.21 -23.57
N LEU G 101 -27.29 3.13 -24.65
CA LEU G 101 -25.85 3.51 -24.69
C LEU G 101 -25.73 4.99 -25.09
N MET G 102 -24.76 5.70 -24.50
CA MET G 102 -24.28 7.04 -24.96
C MET G 102 -22.75 7.07 -24.96
N TRP G 103 -22.16 7.94 -25.78
CA TRP G 103 -20.69 8.17 -25.76
C TRP G 103 -20.35 9.08 -24.58
N GLU G 104 -19.34 8.67 -23.79
CA GLU G 104 -18.83 9.37 -22.59
C GLU G 104 -17.40 9.86 -22.89
N ALA G 105 -17.18 11.18 -22.85
CA ALA G 105 -15.84 11.76 -23.08
C ALA G 105 -15.05 11.57 -21.80
N ILE G 106 -13.95 10.83 -21.82
CA ILE G 106 -13.26 10.43 -20.56
C ILE G 106 -11.98 11.26 -20.41
N SER G 107 -11.38 11.68 -21.52
CA SER G 107 -10.06 12.36 -21.50
C SER G 107 -9.90 13.17 -22.79
N CYS G 108 -8.99 14.13 -22.77
CA CYS G 108 -8.57 14.89 -23.97
C CYS G 108 -7.11 15.28 -23.84
N ARG G 109 -6.53 15.66 -24.97
CA ARG G 109 -5.36 16.55 -25.09
C ARG G 109 -5.82 17.73 -25.92
N THR G 110 -5.21 18.90 -25.73
CA THR G 110 -5.51 20.11 -26.52
C THR G 110 -4.25 20.97 -26.60
N GLU G 111 -3.90 21.38 -27.82
CA GLU G 111 -2.74 22.23 -28.08
C GLU G 111 -3.22 23.45 -28.84
N VAL G 112 -2.72 24.61 -28.45
CA VAL G 112 -2.71 25.83 -29.31
C VAL G 112 -1.69 25.52 -30.41
N MET G 113 -2.08 25.62 -31.67
CA MET G 113 -1.17 25.31 -32.80
C MET G 113 -0.60 26.64 -33.31
N GLY G 114 0.58 26.59 -33.91
CA GLY G 114 1.17 27.76 -34.62
C GLY G 114 1.76 28.77 -33.67
N VAL G 115 2.12 28.37 -32.46
CA VAL G 115 2.93 29.19 -31.51
C VAL G 115 4.22 29.65 -32.20
N ASN G 116 4.69 28.88 -33.18
CA ASN G 116 6.00 29.07 -33.86
C ASN G 116 5.99 30.40 -34.61
N MET G 117 4.80 30.83 -35.01
CA MET G 117 4.63 31.99 -35.93
C MET G 117 4.97 33.27 -35.18
N LEU G 118 4.88 33.26 -33.83
CA LEU G 118 5.09 34.49 -33.01
C LEU G 118 6.58 34.83 -32.96
N THR G 119 7.46 34.00 -33.56
CA THR G 119 8.92 34.27 -33.69
C THR G 119 9.16 35.25 -34.85
N ASN G 120 8.12 35.57 -35.59
CA ASN G 120 8.13 36.57 -36.68
C ASN G 120 8.13 37.99 -36.09
N VAL G 121 9.22 38.72 -36.30
CA VAL G 121 9.34 40.15 -35.94
C VAL G 121 9.81 40.97 -37.15
N HIS G 122 9.48 40.56 -38.38
CA HIS G 122 9.87 41.29 -39.62
C HIS G 122 8.64 41.83 -40.37
N SER G 123 7.46 41.27 -40.14
CA SER G 123 6.22 41.59 -40.90
C SER G 123 5.59 42.90 -40.40
N ALA G 124 5.83 44.00 -41.12
CA ALA G 124 5.13 45.32 -41.00
C ALA G 124 4.58 45.57 -39.58
N GLN G 125 5.42 45.50 -38.56
CA GLN G 125 5.03 45.84 -37.15
C GLN G 125 5.86 47.02 -36.66
N LYS G 126 5.28 47.79 -35.72
CA LYS G 126 6.04 48.84 -35.01
C LYS G 126 7.38 48.24 -34.59
N ARG G 127 8.47 49.01 -34.78
CA ARG G 127 9.83 48.60 -34.36
C ARG G 127 10.08 49.03 -32.89
N VAL G 128 10.97 48.33 -32.19
CA VAL G 128 11.26 48.66 -30.78
C VAL G 128 11.89 50.06 -30.73
N TYR G 129 12.63 50.51 -31.75
CA TYR G 129 13.16 51.90 -31.84
C TYR G 129 12.52 52.62 -33.04
N GLU G 130 11.19 52.80 -33.02
CA GLU G 130 10.38 53.43 -34.11
C GLU G 130 11.00 54.76 -34.54
N ASN G 131 11.40 55.60 -33.59
CA ASN G 131 11.98 56.94 -33.84
C ASN G 131 13.13 56.78 -34.84
N ASP G 132 14.00 55.78 -34.63
CA ASP G 132 15.25 55.59 -35.41
C ASP G 132 15.05 54.58 -36.54
N ARG G 133 13.80 54.24 -36.89
CA ARG G 133 13.48 53.21 -37.93
C ARG G 133 14.38 51.99 -37.71
N GLU G 134 14.52 51.50 -36.47
CA GLU G 134 15.52 50.46 -36.13
C GLU G 134 14.97 49.44 -35.13
N GLY G 135 15.62 48.28 -35.08
CA GLY G 135 15.31 47.15 -34.18
C GLY G 135 14.24 46.25 -34.77
N THR G 136 13.94 45.15 -34.10
CA THR G 136 12.96 44.16 -34.59
C THR G 136 11.56 44.77 -34.50
N GLY G 137 10.55 44.10 -35.05
CA GLY G 137 9.15 44.29 -34.67
C GLY G 137 8.99 44.10 -33.17
N ILE G 138 7.98 44.74 -32.56
CA ILE G 138 7.72 44.58 -31.10
C ILE G 138 6.97 43.26 -30.89
N GLY G 139 6.61 42.59 -31.98
CA GLY G 139 5.90 41.31 -31.95
C GLY G 139 4.47 41.50 -31.45
N VAL G 140 3.90 40.40 -30.98
CA VAL G 140 2.53 40.30 -30.40
C VAL G 140 2.67 40.42 -28.88
N GLU G 141 2.01 41.43 -28.30
CA GLU G 141 2.07 41.78 -26.85
C GLU G 141 0.64 42.05 -26.39
N GLY G 142 0.39 42.04 -25.09
CA GLY G 142 -0.93 42.36 -24.52
C GLY G 142 -1.63 41.13 -23.96
N MET G 143 -2.95 41.21 -23.87
CA MET G 143 -3.76 40.20 -23.16
C MET G 143 -3.67 38.83 -23.84
N GLY G 144 -3.74 37.79 -23.03
CA GLY G 144 -4.03 36.42 -23.47
C GLY G 144 -5.33 35.96 -22.85
N TYR G 145 -6.26 35.51 -23.68
CA TYR G 145 -7.50 34.85 -23.22
C TYR G 145 -7.57 33.49 -23.93
N HIS G 146 -7.38 32.44 -23.13
CA HIS G 146 -7.26 31.00 -23.53
C HIS G 146 -8.24 30.17 -22.71
N MET G 147 -9.31 29.75 -23.36
CA MET G 147 -10.35 28.89 -22.76
C MET G 147 -10.78 27.88 -23.82
N PHE G 148 -11.02 26.66 -23.39
CA PHE G 148 -11.63 25.57 -24.20
C PHE G 148 -12.71 24.90 -23.35
N ALA G 149 -13.68 24.30 -24.01
CA ALA G 149 -14.76 23.53 -23.36
C ALA G 149 -15.00 22.26 -24.17
N ILE G 150 -15.24 21.14 -23.48
CA ILE G 150 -15.64 19.83 -24.08
C ILE G 150 -16.91 19.35 -23.37
N GLY G 151 -17.98 19.08 -24.11
CA GLY G 151 -19.29 18.72 -23.52
C GLY G 151 -20.12 17.81 -24.40
N GLY G 152 -21.16 17.23 -23.81
CA GLY G 152 -22.20 16.46 -24.51
C GLY G 152 -23.34 17.33 -25.00
N GLU G 153 -23.23 18.65 -24.86
CA GLU G 153 -24.23 19.61 -25.40
C GLU G 153 -23.56 20.97 -25.57
N PRO G 154 -24.23 21.95 -26.20
CA PRO G 154 -23.63 23.28 -26.35
C PRO G 154 -23.25 23.89 -25.00
N LEU G 155 -22.15 24.66 -24.98
CA LEU G 155 -21.66 25.39 -23.78
C LEU G 155 -22.74 26.38 -23.35
N GLU G 156 -23.02 26.39 -22.05
CA GLU G 156 -24.05 27.27 -21.43
C GLU G 156 -23.34 28.54 -20.99
N LEU G 157 -23.86 29.69 -21.42
CA LEU G 157 -23.18 31.00 -21.29
C LEU G 157 -23.93 31.89 -20.30
N GLN G 158 -23.17 32.64 -19.50
CA GLN G 158 -23.66 33.79 -18.71
C GLN G 158 -23.27 35.04 -19.50
N PHE G 159 -24.24 35.88 -19.81
CA PHE G 159 -23.98 37.19 -20.44
C PHE G 159 -23.49 38.12 -19.34
N MET G 160 -22.34 38.76 -19.58
CA MET G 160 -21.80 39.82 -18.71
C MET G 160 -20.87 40.70 -19.54
N VAL G 161 -20.97 42.03 -19.38
CA VAL G 161 -20.23 43.01 -20.23
C VAL G 161 -19.56 44.05 -19.34
N PHE G 162 -18.47 44.64 -19.84
CA PHE G 162 -17.78 45.79 -19.20
C PHE G 162 -18.71 47.01 -19.14
N ASN G 163 -19.42 47.27 -20.25
CA ASN G 163 -20.34 48.42 -20.45
C ASN G 163 -21.67 47.88 -21.01
N HIS G 164 -22.77 47.98 -20.26
CA HIS G 164 -24.11 47.48 -20.68
C HIS G 164 -24.65 48.36 -21.83
N ARG G 165 -24.14 49.58 -21.98
CA ARG G 165 -24.60 50.54 -23.03
C ARG G 165 -23.84 50.33 -24.34
N ALA G 166 -22.86 49.41 -24.39
CA ALA G 166 -22.24 49.02 -25.69
C ALA G 166 -23.35 48.66 -26.68
N THR G 167 -23.29 49.20 -27.90
CA THR G 167 -24.14 48.79 -29.05
C THR G 167 -23.34 47.81 -29.92
N TYR G 168 -23.75 46.54 -29.95
CA TYR G 168 -23.06 45.45 -30.70
C TYR G 168 -23.64 45.37 -32.10
N PRO G 169 -22.81 45.06 -33.13
CA PRO G 169 -23.30 44.95 -34.51
C PRO G 169 -24.35 43.87 -34.71
N ALA G 170 -25.17 43.97 -35.75
CA ALA G 170 -26.24 43.00 -36.10
C ALA G 170 -25.64 41.62 -36.39
N GLU G 171 -24.42 41.53 -36.93
CA GLU G 171 -23.79 40.20 -37.19
C GLU G 171 -23.55 39.44 -35.88
N ALA G 172 -23.58 40.11 -34.72
CA ALA G 172 -23.26 39.48 -33.42
C ALA G 172 -24.50 38.91 -32.73
N THR G 173 -24.31 37.93 -31.86
CA THR G 173 -25.36 37.36 -30.98
C THR G 173 -25.07 37.88 -29.57
N VAL G 174 -26.00 38.65 -29.04
CA VAL G 174 -25.91 39.27 -27.69
C VAL G 174 -27.33 39.38 -27.15
N ILE G 175 -27.46 39.72 -25.88
CA ILE G 175 -28.73 40.20 -25.29
C ILE G 175 -28.87 41.69 -25.63
N LYS G 176 -29.93 42.05 -26.35
CA LYS G 176 -30.33 43.46 -26.61
C LYS G 176 -30.83 44.07 -25.29
N ASN G 177 -30.42 45.32 -25.02
CA ASN G 177 -30.91 46.16 -23.88
C ASN G 177 -30.80 45.38 -22.57
N PRO G 178 -29.59 44.89 -22.24
CA PRO G 178 -29.41 43.98 -21.12
C PRO G 178 -29.50 44.63 -19.73
N GLY G 179 -29.20 45.93 -19.63
CA GLY G 179 -29.36 46.72 -18.39
C GLY G 179 -28.11 46.75 -17.52
N ALA G 180 -28.13 47.66 -16.54
CA ALA G 180 -27.05 47.92 -15.56
C ALA G 180 -26.52 46.61 -14.96
N SER G 181 -27.44 45.70 -14.64
CA SER G 181 -27.14 44.44 -13.91
C SER G 181 -26.25 43.53 -14.76
N SER G 182 -26.24 43.68 -16.09
CA SER G 182 -25.39 42.85 -16.99
C SER G 182 -23.91 43.17 -16.78
N GLN G 183 -23.57 44.29 -16.11
CA GLN G 183 -22.15 44.66 -15.80
C GLN G 183 -21.62 43.77 -14.67
N VAL G 184 -22.51 43.05 -13.99
CA VAL G 184 -22.15 42.04 -12.96
C VAL G 184 -23.06 40.83 -13.19
N PHE G 185 -23.36 40.03 -12.17
CA PHE G 185 -24.17 38.81 -12.36
C PHE G 185 -25.65 39.20 -12.29
N ASP G 186 -26.41 38.80 -13.30
CA ASP G 186 -27.90 38.82 -13.31
C ASP G 186 -28.37 37.44 -13.72
N PRO G 187 -29.10 36.71 -12.85
CA PRO G 187 -29.52 35.34 -13.16
C PRO G 187 -30.31 35.17 -14.46
N ASN G 188 -30.95 36.22 -14.96
CA ASN G 188 -31.89 36.17 -16.11
C ASN G 188 -31.13 36.13 -17.44
N LEU G 189 -29.85 36.51 -17.45
CA LEU G 189 -29.10 36.84 -18.69
C LEU G 189 -28.28 35.62 -19.13
N LYS G 190 -28.98 34.63 -19.71
CA LYS G 190 -28.40 33.32 -20.09
C LYS G 190 -28.40 33.19 -21.61
N GLY G 191 -27.57 32.28 -22.12
CA GLY G 191 -27.56 31.87 -23.54
C GLY G 191 -26.77 30.60 -23.68
N THR G 192 -26.69 30.07 -24.90
CA THR G 192 -25.91 28.85 -25.22
C THR G 192 -25.14 29.11 -26.50
N LEU G 193 -23.90 28.62 -26.57
CA LEU G 193 -22.97 28.81 -27.71
C LEU G 193 -23.38 27.89 -28.87
N THR G 194 -24.36 28.31 -29.67
CA THR G 194 -25.02 27.46 -30.69
C THR G 194 -24.48 27.78 -32.08
N ALA G 195 -23.57 28.75 -32.20
CA ALA G 195 -23.02 29.23 -33.48
C ALA G 195 -21.56 29.68 -33.33
N ASP G 196 -20.77 29.39 -34.37
CA ASP G 196 -19.33 29.68 -34.48
C ASP G 196 -19.14 31.11 -35.00
N GLY G 197 -18.20 31.83 -34.39
CA GLY G 197 -17.74 33.17 -34.80
C GLY G 197 -18.77 34.29 -34.63
N VAL G 198 -19.80 34.15 -33.78
CA VAL G 198 -20.81 35.25 -33.67
C VAL G 198 -21.12 35.65 -32.21
N PHE G 199 -20.70 34.88 -31.20
CA PHE G 199 -20.83 35.24 -29.76
C PHE G 199 -19.58 35.99 -29.31
N PRO G 200 -19.62 37.33 -29.11
CA PRO G 200 -18.41 38.07 -28.75
C PRO G 200 -17.84 37.56 -27.42
N VAL G 201 -16.51 37.43 -27.35
CA VAL G 201 -15.83 36.93 -26.13
C VAL G 201 -16.11 37.93 -24.99
N GLU G 202 -16.17 39.23 -25.30
CA GLU G 202 -16.26 40.28 -24.26
C GLU G 202 -17.69 40.32 -23.66
N ALA G 203 -18.65 39.59 -24.22
CA ALA G 203 -20.08 39.70 -23.82
C ALA G 203 -20.65 38.39 -23.26
N TRP G 204 -19.92 37.29 -23.37
CA TRP G 204 -20.33 35.94 -22.90
C TRP G 204 -19.16 35.22 -22.23
N GLY G 205 -19.53 34.31 -21.33
CA GLY G 205 -18.62 33.57 -20.44
C GLY G 205 -19.31 32.29 -19.98
N PRO G 206 -18.53 31.24 -19.61
CA PRO G 206 -19.11 30.00 -19.08
C PRO G 206 -19.97 30.22 -17.82
N ASP G 207 -21.21 29.78 -17.87
CA ASP G 207 -22.19 29.80 -16.76
C ASP G 207 -21.81 28.73 -15.74
N PRO G 208 -21.36 29.12 -14.52
CA PRO G 208 -20.98 28.15 -13.49
C PRO G 208 -22.17 27.51 -12.78
N PHE G 209 -23.39 28.01 -13.00
CA PHE G 209 -24.66 27.50 -12.43
C PHE G 209 -25.19 26.34 -13.26
N LYS G 210 -24.56 26.06 -14.40
CA LYS G 210 -24.94 24.97 -15.32
C LYS G 210 -23.68 24.23 -15.75
N ASN G 211 -23.66 23.71 -16.98
CA ASN G 211 -22.52 22.97 -17.56
C ASN G 211 -22.22 21.75 -16.68
N GLU G 212 -23.26 21.14 -16.11
CA GLU G 212 -23.19 19.80 -15.46
C GLU G 212 -22.58 18.81 -16.45
N ASN G 213 -22.90 18.95 -17.73
CA ASN G 213 -22.53 17.98 -18.79
C ASN G 213 -21.43 18.57 -19.68
N THR G 214 -20.63 19.52 -19.18
CA THR G 214 -19.45 20.08 -19.91
C THR G 214 -18.30 20.39 -18.95
N ARG G 215 -17.06 20.31 -19.43
CA ARG G 215 -15.88 20.77 -18.67
C ARG G 215 -15.29 21.98 -19.40
N TYR G 216 -15.05 23.08 -18.66
CA TYR G 216 -14.47 24.33 -19.21
C TYR G 216 -13.23 24.72 -18.38
N PHE G 217 -12.28 25.36 -19.05
CA PHE G 217 -10.96 25.79 -18.49
C PHE G 217 -10.59 27.13 -19.10
N GLY G 218 -10.18 28.10 -18.28
CA GLY G 218 -9.83 29.45 -18.76
C GLY G 218 -8.67 30.09 -18.05
N GLN G 219 -7.89 30.92 -18.76
CA GLN G 219 -6.83 31.81 -18.21
C GLN G 219 -6.92 33.15 -18.93
N TYR G 220 -7.01 34.23 -18.16
CA TYR G 220 -6.85 35.61 -18.66
C TYR G 220 -5.60 36.21 -18.01
N THR G 221 -4.76 36.82 -18.85
CA THR G 221 -3.69 37.76 -18.45
C THR G 221 -3.93 39.05 -19.23
N GLY G 222 -4.11 40.16 -18.52
CA GLY G 222 -4.39 41.47 -19.13
C GLY G 222 -3.12 42.19 -19.55
N GLY G 223 -3.24 43.50 -19.72
CA GLY G 223 -2.11 44.39 -20.07
C GLY G 223 -2.13 44.69 -21.54
N THR G 224 -1.25 45.60 -21.95
CA THR G 224 -1.16 46.09 -23.34
C THR G 224 0.16 45.59 -23.93
N GLN G 225 1.17 45.55 -23.07
CA GLN G 225 2.59 45.23 -23.38
C GLN G 225 3.04 43.97 -22.62
N THR G 226 2.11 43.14 -22.15
CA THR G 226 2.43 41.86 -21.46
C THR G 226 3.03 40.84 -22.43
N PRO G 227 4.16 40.20 -22.08
CA PRO G 227 4.66 39.06 -22.84
C PRO G 227 3.65 37.92 -22.91
N PRO G 228 3.23 37.51 -24.12
CA PRO G 228 2.48 36.27 -24.25
C PRO G 228 3.35 35.10 -23.76
N VAL G 229 2.73 34.11 -23.12
CA VAL G 229 3.37 32.88 -22.59
C VAL G 229 2.49 31.71 -23.04
N LEU G 230 2.99 30.89 -23.97
CA LEU G 230 2.28 29.70 -24.51
C LEU G 230 3.19 28.47 -24.37
N THR G 231 2.61 27.32 -24.00
CA THR G 231 3.34 26.03 -23.98
C THR G 231 2.69 25.15 -25.03
N PHE G 232 3.43 24.16 -25.55
CA PHE G 232 2.87 23.14 -26.47
C PHE G 232 3.66 21.83 -26.30
N THR G 233 2.93 20.72 -26.17
CA THR G 233 3.49 19.35 -26.05
C THR G 233 2.42 18.36 -26.49
N ASN G 234 2.82 17.16 -26.92
CA ASN G 234 1.84 16.14 -27.33
C ASN G 234 1.71 15.10 -26.22
N THR G 235 2.22 15.40 -25.02
CA THR G 235 2.40 14.45 -23.88
C THR G 235 1.50 14.78 -22.69
N GLN G 236 0.62 15.79 -22.77
CA GLN G 236 -0.25 16.18 -21.62
C GLN G 236 -1.68 15.69 -21.87
N THR G 237 -2.28 15.07 -20.85
CA THR G 237 -3.69 14.58 -20.83
C THR G 237 -4.44 15.24 -19.66
N THR G 238 -5.58 15.89 -19.96
CA THR G 238 -6.64 16.26 -19.00
C THR G 238 -7.68 15.12 -18.89
N ILE G 239 -7.93 14.59 -17.69
CA ILE G 239 -9.06 13.65 -17.43
C ILE G 239 -10.35 14.46 -17.40
N LEU G 240 -11.43 13.94 -18.00
CA LEU G 240 -12.73 14.66 -18.14
C LEU G 240 -13.77 14.07 -17.17
N LEU G 241 -13.43 13.03 -16.42
CA LEU G 241 -14.32 12.40 -15.40
C LEU G 241 -14.50 13.36 -14.22
N ASP G 242 -15.70 13.36 -13.64
CA ASP G 242 -16.05 14.17 -12.43
C ASP G 242 -15.72 13.34 -11.18
N GLU G 243 -16.16 13.81 -10.00
CA GLU G 243 -15.92 13.19 -8.67
C GLU G 243 -16.59 11.81 -8.56
N ASN G 244 -17.53 11.47 -9.45
CA ASN G 244 -18.21 10.15 -9.47
C ASN G 244 -17.64 9.28 -10.59
N GLY G 245 -16.56 9.71 -11.23
CA GLY G 245 -15.93 8.98 -12.34
C GLY G 245 -16.79 8.95 -13.59
N VAL G 246 -17.65 9.95 -13.79
CA VAL G 246 -18.49 10.09 -15.03
C VAL G 246 -18.01 11.32 -15.82
N GLY G 247 -17.90 11.16 -17.14
CA GLY G 247 -17.52 12.26 -18.05
C GLY G 247 -18.72 12.82 -18.80
N PRO G 248 -18.56 13.94 -19.55
CA PRO G 248 -19.62 14.45 -20.41
C PRO G 248 -20.26 13.35 -21.26
N LEU G 249 -21.60 13.27 -21.21
CA LEU G 249 -22.40 12.27 -21.97
C LEU G 249 -22.99 12.95 -23.21
N CYS G 250 -22.60 12.45 -24.38
CA CYS G 250 -22.80 13.09 -25.71
C CYS G 250 -24.23 12.83 -26.22
N LYS G 251 -25.12 13.80 -26.00
CA LYS G 251 -26.55 13.83 -26.43
C LYS G 251 -26.67 13.94 -27.95
N GLY G 252 -27.54 13.14 -28.56
CA GLY G 252 -27.77 13.13 -30.01
C GLY G 252 -26.56 12.61 -30.77
N ASP G 253 -25.62 11.94 -30.09
CA ASP G 253 -24.37 11.37 -30.67
C ASP G 253 -23.40 12.51 -31.05
N GLY G 254 -23.50 13.64 -30.33
CA GLY G 254 -22.80 14.89 -30.65
C GLY G 254 -21.80 15.28 -29.57
N LEU G 255 -20.57 15.64 -29.97
CA LEU G 255 -19.51 16.11 -29.04
C LEU G 255 -19.23 17.58 -29.34
N PHE G 256 -19.32 18.42 -28.31
CA PHE G 256 -19.38 19.89 -28.46
C PHE G 256 -18.07 20.49 -27.95
N LEU G 257 -17.29 21.01 -28.90
CA LEU G 257 -15.97 21.65 -28.67
C LEU G 257 -16.12 23.15 -28.81
N SER G 258 -15.62 23.90 -27.83
CA SER G 258 -15.65 25.38 -27.84
C SER G 258 -14.28 25.90 -27.39
N CYS G 259 -13.87 27.09 -27.83
CA CYS G 259 -12.63 27.72 -27.32
C CYS G 259 -12.55 29.18 -27.75
N ALA G 260 -11.62 29.90 -27.12
CA ALA G 260 -11.10 31.21 -27.59
C ALA G 260 -9.62 31.29 -27.24
N ASP G 261 -8.83 31.86 -28.14
CA ASP G 261 -7.36 31.91 -28.02
C ASP G 261 -6.87 33.24 -28.55
N ILE G 262 -7.25 34.32 -27.86
CA ILE G 262 -6.63 35.65 -28.08
C ILE G 262 -5.21 35.53 -27.54
N VAL G 263 -4.20 35.67 -28.38
CA VAL G 263 -2.77 35.48 -28.01
C VAL G 263 -2.21 36.81 -27.53
N GLY G 264 -2.70 37.91 -28.08
CA GLY G 264 -2.17 39.27 -27.85
C GLY G 264 -2.58 40.17 -29.00
N PHE G 265 -1.99 41.36 -29.08
CA PHE G 265 -2.29 42.33 -30.16
C PHE G 265 -1.10 42.49 -31.10
N PHE G 266 -1.41 42.64 -32.38
CA PHE G 266 -0.48 43.06 -33.46
C PHE G 266 -0.53 44.58 -33.57
N THR G 267 0.65 45.21 -33.63
CA THR G 267 0.75 46.70 -33.73
C THR G 267 1.50 47.08 -35.00
N GLN G 268 0.87 47.93 -35.84
CA GLN G 268 1.42 48.42 -37.15
C GLN G 268 2.35 49.60 -36.91
N HIS G 269 3.01 50.04 -37.98
CA HIS G 269 3.96 51.18 -37.93
C HIS G 269 3.22 52.45 -37.47
N ASN G 270 1.98 52.65 -37.94
CA ASN G 270 1.15 53.84 -37.65
C ASN G 270 0.41 53.70 -36.30
N LYS G 271 0.77 52.68 -35.50
CA LYS G 271 0.31 52.47 -34.09
C LYS G 271 -1.08 51.82 -34.03
N LYS G 272 -1.76 51.57 -35.16
CA LYS G 272 -3.03 50.80 -35.16
C LYS G 272 -2.78 49.37 -34.63
N MET G 273 -3.77 48.80 -33.96
CA MET G 273 -3.61 47.57 -33.14
C MET G 273 -4.80 46.65 -33.39
N SER G 274 -4.55 45.35 -33.51
CA SER G 274 -5.57 44.32 -33.82
C SER G 274 -5.35 43.08 -32.94
N PHE G 275 -6.41 42.35 -32.63
CA PHE G 275 -6.34 41.02 -31.97
C PHE G 275 -5.67 40.04 -32.93
N ARG G 276 -4.77 39.20 -32.42
CA ARG G 276 -4.21 38.03 -33.16
C ARG G 276 -4.63 36.79 -32.39
N GLY G 277 -5.13 35.77 -33.08
CA GLY G 277 -5.54 34.50 -32.46
C GLY G 277 -4.83 33.34 -33.10
N LEU G 278 -4.87 32.19 -32.45
CA LEU G 278 -4.28 30.93 -32.96
C LEU G 278 -5.35 29.83 -32.94
N PRO G 279 -5.24 28.83 -33.85
CA PRO G 279 -6.10 27.65 -33.84
C PRO G 279 -5.79 26.69 -32.69
N ARG G 280 -6.78 25.92 -32.31
CA ARG G 280 -6.64 24.96 -31.19
C ARG G 280 -6.96 23.55 -31.72
N TYR G 281 -6.10 22.60 -31.33
CA TYR G 281 -6.22 21.15 -31.53
C TYR G 281 -6.92 20.50 -30.33
N PHE G 282 -7.83 19.59 -30.65
CA PHE G 282 -8.63 18.78 -29.70
C PHE G 282 -8.40 17.31 -30.02
N ARG G 283 -8.09 16.54 -29.00
CA ARG G 283 -8.03 15.06 -29.10
C ARG G 283 -8.95 14.52 -28.00
N VAL G 284 -10.09 13.90 -28.34
CA VAL G 284 -11.03 13.37 -27.33
C VAL G 284 -11.13 11.85 -27.47
N THR G 285 -11.03 11.17 -26.33
CA THR G 285 -11.27 9.70 -26.17
C THR G 285 -12.64 9.51 -25.51
N LEU G 286 -13.48 8.67 -26.09
CA LEU G 286 -14.85 8.40 -25.61
C LEU G 286 -15.06 6.89 -25.44
N ARG G 287 -15.88 6.48 -24.46
CA ARG G 287 -16.29 5.06 -24.24
C ARG G 287 -17.82 4.97 -24.24
N LYS G 288 -18.37 3.78 -24.46
CA LYS G 288 -19.84 3.55 -24.41
C LYS G 288 -20.26 3.34 -22.95
N ARG G 289 -21.25 4.10 -22.49
CA ARG G 289 -21.82 4.03 -21.12
C ARG G 289 -23.30 3.68 -21.27
N VAL G 290 -23.80 2.78 -20.42
CA VAL G 290 -25.26 2.47 -20.27
C VAL G 290 -25.88 3.58 -19.40
N VAL G 291 -27.02 4.12 -19.83
CA VAL G 291 -27.80 5.17 -19.12
C VAL G 291 -29.29 4.80 -19.17
N LYS G 292 -30.07 5.21 -18.15
CA LYS G 292 -31.53 4.95 -18.09
C LYS G 292 -32.25 5.95 -19.00
N ASN G 293 -32.86 5.46 -20.11
CA ASN G 293 -33.74 6.23 -21.03
C ASN G 293 -35.06 6.57 -20.31
N GLY H 23 0.41 0.96 -36.76
CA GLY H 23 1.22 0.38 -37.87
C GLY H 23 2.20 -0.68 -37.39
N ILE H 24 2.81 -0.49 -36.21
CA ILE H 24 3.74 -1.48 -35.57
C ILE H 24 3.03 -2.15 -34.40
N GLU H 25 3.11 -3.48 -34.34
CA GLU H 25 2.63 -4.32 -33.23
C GLU H 25 3.76 -4.46 -32.20
N VAL H 26 3.52 -3.97 -30.98
CA VAL H 26 4.53 -3.84 -29.89
C VAL H 26 4.41 -5.03 -28.95
N LEU H 27 5.55 -5.63 -28.57
CA LEU H 27 5.59 -6.84 -27.75
C LEU H 27 6.48 -6.60 -26.52
N ALA H 28 7.60 -7.29 -26.39
CA ALA H 28 8.26 -7.50 -25.08
C ALA H 28 9.48 -6.60 -24.97
N VAL H 29 9.63 -6.00 -23.80
CA VAL H 29 10.90 -5.34 -23.35
C VAL H 29 11.90 -6.45 -22.98
N ARG H 30 13.15 -6.35 -23.47
CA ARG H 30 14.32 -7.12 -22.97
C ARG H 30 14.93 -6.34 -21.80
N THR H 31 15.36 -7.02 -20.72
CA THR H 31 15.95 -6.38 -19.50
C THR H 31 17.39 -6.90 -19.25
N GLY H 32 18.09 -6.29 -18.29
CA GLY H 32 19.48 -6.65 -17.90
C GLY H 32 20.52 -5.79 -18.61
N PRO H 33 21.82 -6.14 -18.50
CA PRO H 33 22.91 -5.22 -18.86
C PRO H 33 23.07 -5.00 -20.38
N ASP H 34 22.73 -6.02 -21.18
CA ASP H 34 22.79 -5.96 -22.67
C ASP H 34 21.74 -4.99 -23.23
N SER H 35 20.64 -4.75 -22.54
CA SER H 35 19.37 -4.31 -23.18
C SER H 35 19.22 -2.77 -23.20
N ILE H 36 19.99 -2.05 -22.37
CA ILE H 36 19.95 -0.57 -22.22
C ILE H 36 21.20 0.03 -22.89
N THR H 37 21.02 1.10 -23.68
CA THR H 37 22.13 1.97 -24.15
C THR H 37 21.77 3.46 -23.93
N GLU H 38 22.78 4.32 -23.97
CA GLU H 38 22.63 5.78 -23.74
C GLU H 38 23.24 6.53 -24.91
N ILE H 39 22.53 7.50 -25.47
CA ILE H 39 23.07 8.46 -26.47
C ILE H 39 23.27 9.83 -25.80
N GLU H 40 24.43 10.44 -26.02
CA GLU H 40 24.63 11.88 -25.75
C GLU H 40 24.77 12.57 -27.11
N ALA H 41 24.02 13.64 -27.34
CA ALA H 41 24.20 14.47 -28.55
C ALA H 41 23.87 15.95 -28.25
N TYR H 42 24.14 16.77 -29.26
CA TYR H 42 23.98 18.24 -29.17
C TYR H 42 23.44 18.70 -30.51
N LEU H 43 22.58 19.72 -30.45
CA LEU H 43 22.19 20.51 -31.64
C LEU H 43 22.67 21.94 -31.41
N ASN H 44 23.55 22.43 -32.28
CA ASN H 44 23.91 23.87 -32.34
C ASN H 44 22.74 24.65 -32.95
N PRO H 45 22.57 25.95 -32.60
CA PRO H 45 21.49 26.75 -33.14
C PRO H 45 21.76 27.15 -34.59
N ARG H 46 20.68 27.35 -35.34
CA ARG H 46 20.71 27.89 -36.71
C ARG H 46 19.91 29.19 -36.71
N MET H 47 20.50 30.25 -36.16
CA MET H 47 19.82 31.56 -35.97
C MET H 47 19.89 32.41 -37.25
N GLY H 48 20.85 32.15 -38.14
CA GLY H 48 20.84 32.71 -39.51
C GLY H 48 22.24 32.90 -40.07
N GLN H 49 23.17 33.41 -39.28
CA GLN H 49 24.57 33.62 -39.69
C GLN H 49 25.27 32.28 -39.85
N PRO H 50 26.18 32.12 -40.84
CA PRO H 50 26.80 30.82 -41.10
C PRO H 50 27.86 30.40 -40.06
N GLN H 51 28.13 29.10 -39.97
CA GLN H 51 29.12 28.53 -39.02
C GLN H 51 30.52 28.92 -39.47
N ASN H 52 31.48 28.96 -38.53
CA ASN H 52 32.92 29.21 -38.81
C ASN H 52 33.11 30.64 -39.34
N GLU H 53 32.24 31.56 -38.93
CA GLU H 53 32.36 33.03 -39.16
C GLU H 53 32.05 33.72 -37.82
N ASP H 54 32.30 35.02 -37.68
CA ASP H 54 32.42 35.74 -36.38
C ASP H 54 31.11 35.77 -35.59
N PHE H 55 29.98 35.54 -36.26
CA PHE H 55 28.62 35.79 -35.74
C PHE H 55 27.83 34.47 -35.64
N TYR H 56 28.52 33.33 -35.70
CA TYR H 56 27.91 31.98 -35.57
C TYR H 56 27.22 31.93 -34.20
N GLY H 57 25.95 31.49 -34.15
CA GLY H 57 25.10 31.58 -32.96
C GLY H 57 24.16 32.80 -32.97
N PHE H 58 24.35 33.73 -33.89
CA PHE H 58 23.48 34.94 -34.02
C PHE H 58 22.71 34.86 -35.36
N SER H 59 21.60 35.59 -35.47
CA SER H 59 21.03 36.02 -36.77
C SER H 59 21.82 37.21 -37.29
N ASP H 60 21.62 37.55 -38.56
CA ASP H 60 21.96 38.87 -39.14
C ASP H 60 20.96 39.89 -38.58
N ASN H 61 21.29 41.17 -38.60
CA ASN H 61 20.41 42.24 -38.03
C ASN H 61 19.06 42.22 -38.75
N VAL H 62 17.99 42.36 -37.98
CA VAL H 62 16.58 42.16 -38.44
C VAL H 62 16.10 43.43 -39.14
N THR H 63 15.60 43.31 -40.35
CA THR H 63 14.88 44.40 -41.04
C THR H 63 13.39 44.10 -40.95
N VAL H 64 12.57 45.12 -41.01
CA VAL H 64 11.09 45.02 -40.90
C VAL H 64 10.47 45.54 -42.20
N SER H 65 9.46 44.89 -42.75
CA SER H 65 8.76 45.40 -43.96
C SER H 65 7.85 46.57 -43.59
N ASP H 66 7.54 47.43 -44.55
CA ASP H 66 6.56 48.53 -44.39
C ASP H 66 5.15 47.93 -44.45
N ASP H 67 4.98 46.84 -45.19
CA ASP H 67 3.68 46.24 -45.56
C ASP H 67 3.71 44.72 -45.37
N PHE H 68 2.55 44.08 -45.38
CA PHE H 68 2.40 42.61 -45.50
C PHE H 68 2.69 42.19 -46.95
N GLY H 69 2.17 42.95 -47.93
CA GLY H 69 2.22 42.62 -49.36
C GLY H 69 3.65 42.49 -49.85
N SER H 70 4.53 43.37 -49.35
CA SER H 70 5.94 43.52 -49.78
C SER H 70 6.89 42.90 -48.74
N ASP H 71 6.41 41.97 -47.92
CA ASP H 71 7.23 41.32 -46.84
C ASP H 71 8.15 40.28 -47.50
N ALA H 72 9.47 40.44 -47.39
CA ALA H 72 10.49 39.50 -47.97
C ALA H 72 11.68 39.38 -47.04
N PRO H 73 11.61 38.52 -46.02
CA PRO H 73 12.72 38.36 -45.07
C PRO H 73 14.00 37.92 -45.77
N PRO H 74 15.09 38.73 -45.79
CA PRO H 74 16.34 38.26 -46.39
C PRO H 74 16.90 37.07 -45.59
N TRP H 75 17.48 36.12 -46.30
CA TRP H 75 18.14 34.94 -45.71
C TRP H 75 19.12 35.40 -44.62
N LYS H 76 19.25 34.62 -43.55
CA LYS H 76 20.16 34.88 -42.40
C LYS H 76 19.53 35.79 -41.32
N GLN H 77 18.37 36.42 -41.55
CA GLN H 77 17.77 37.43 -40.61
C GLN H 77 16.74 36.78 -39.67
N PHE H 78 16.36 35.51 -39.91
CA PHE H 78 15.39 34.76 -39.08
C PHE H 78 16.03 33.42 -38.72
N PRO H 79 15.63 32.79 -37.59
CA PRO H 79 16.19 31.48 -37.21
C PRO H 79 15.49 30.31 -37.90
N CYS H 80 16.13 29.15 -37.95
CA CYS H 80 15.56 27.89 -38.50
C CYS H 80 15.68 26.75 -37.47
N TYR H 81 14.98 25.64 -37.70
CA TYR H 81 15.00 24.45 -36.83
C TYR H 81 16.33 23.72 -36.98
N SER H 82 16.86 23.22 -35.87
CA SER H 82 18.05 22.35 -35.77
C SER H 82 17.57 20.90 -35.78
N THR H 83 18.22 20.02 -36.54
CA THR H 83 17.89 18.58 -36.57
C THR H 83 19.16 17.73 -36.81
N ALA H 84 19.18 16.51 -36.27
CA ALA H 84 20.15 15.42 -36.59
C ALA H 84 19.47 14.06 -36.38
N ARG H 85 19.81 13.11 -37.24
CA ARG H 85 19.58 11.66 -37.06
C ARG H 85 20.82 11.08 -36.37
N ILE H 86 20.66 10.45 -35.20
CA ILE H 86 21.76 9.70 -34.50
C ILE H 86 21.67 8.22 -34.89
N SER H 87 22.78 7.66 -35.37
CA SER H 87 22.92 6.22 -35.73
C SER H 87 23.11 5.42 -34.44
N LEU H 88 22.29 4.41 -34.21
CA LEU H 88 22.30 3.63 -32.94
C LEU H 88 23.11 2.34 -33.10
N PRO H 89 23.51 1.68 -31.98
CA PRO H 89 24.07 0.31 -32.05
C PRO H 89 23.09 -0.73 -32.63
N MET H 90 23.54 -1.97 -32.88
CA MET H 90 22.65 -3.07 -33.39
C MET H 90 22.63 -4.21 -32.37
N LEU H 91 21.96 -5.34 -32.70
CA LEU H 91 21.92 -6.60 -31.88
C LEU H 91 21.25 -7.80 -32.61
N ASN H 92 20.41 -7.57 -33.62
CA ASN H 92 19.40 -8.52 -34.17
C ASN H 92 19.97 -9.93 -34.38
N MET H 95 18.21 -13.51 -36.41
CA MET H 95 18.43 -14.09 -37.77
C MET H 95 17.24 -14.97 -38.18
N THR H 96 16.83 -15.95 -37.35
CA THR H 96 15.76 -16.92 -37.70
C THR H 96 14.37 -16.49 -37.19
N SER H 97 14.25 -15.50 -36.28
CA SER H 97 12.95 -15.13 -35.67
C SER H 97 12.22 -14.12 -36.56
N ASP H 98 10.89 -14.13 -36.49
CA ASP H 98 9.94 -13.34 -37.34
C ASP H 98 9.68 -11.97 -36.70
N THR H 99 10.10 -11.80 -35.44
CA THR H 99 10.18 -10.50 -34.74
C THR H 99 11.53 -9.83 -35.09
N ILE H 100 11.60 -8.50 -34.93
CA ILE H 100 12.86 -7.71 -34.93
C ILE H 100 12.96 -6.95 -33.60
N LEU H 101 14.17 -6.80 -33.06
CA LEU H 101 14.52 -5.78 -32.02
C LEU H 101 14.51 -4.38 -32.66
N MET H 102 13.88 -3.42 -31.98
CA MET H 102 13.99 -1.95 -32.25
C MET H 102 14.49 -1.26 -30.98
N TRP H 103 15.29 -0.21 -31.14
CA TRP H 103 15.60 0.71 -30.03
C TRP H 103 14.35 1.54 -29.71
N GLU H 104 13.96 1.60 -28.43
CA GLU H 104 12.79 2.32 -27.89
C GLU H 104 13.31 3.41 -26.95
N ALA H 105 13.15 4.68 -27.29
CA ALA H 105 13.58 5.79 -26.40
C ALA H 105 12.66 5.82 -25.18
N ILE H 106 13.18 5.58 -23.97
CA ILE H 106 12.34 5.44 -22.74
C ILE H 106 12.36 6.73 -21.89
N SER H 107 13.46 7.51 -21.91
CA SER H 107 13.65 8.71 -21.05
C SER H 107 14.66 9.67 -21.70
N CYS H 108 14.89 10.84 -21.11
CA CYS H 108 15.98 11.75 -21.55
C CYS H 108 16.27 12.83 -20.51
N ARG H 109 17.50 13.32 -20.52
CA ARG H 109 17.91 14.58 -19.89
C ARG H 109 18.22 15.55 -21.03
N THR H 110 17.58 16.72 -21.08
CA THR H 110 17.97 17.77 -22.04
C THR H 110 18.34 19.05 -21.28
N GLU H 111 19.40 19.71 -21.74
CA GLU H 111 19.92 20.96 -21.12
C GLU H 111 20.17 21.99 -22.21
N VAL H 112 19.82 23.25 -21.94
CA VAL H 112 20.35 24.40 -22.72
C VAL H 112 21.79 24.63 -22.24
N MET H 113 22.77 24.58 -23.15
CA MET H 113 24.19 24.84 -22.79
C MET H 113 24.50 26.30 -23.08
N GLY H 114 25.53 26.84 -22.44
CA GLY H 114 26.04 28.21 -22.69
C GLY H 114 25.33 29.26 -21.84
N VAL H 115 24.52 28.87 -20.84
CA VAL H 115 23.68 29.86 -20.12
C VAL H 115 24.64 30.88 -19.47
N ASN H 116 25.77 30.42 -18.95
CA ASN H 116 26.84 31.25 -18.36
C ASN H 116 27.13 32.50 -19.19
N MET H 117 27.04 32.39 -20.52
CA MET H 117 27.55 33.40 -21.49
C MET H 117 26.73 34.68 -21.40
N LEU H 118 25.48 34.58 -20.95
CA LEU H 118 24.48 35.69 -20.86
C LEU H 118 24.75 36.58 -19.64
N THR H 119 25.75 36.25 -18.81
CA THR H 119 26.27 37.15 -17.75
C THR H 119 27.19 38.20 -18.38
N ASN H 120 27.49 38.05 -19.68
CA ASN H 120 28.22 39.04 -20.51
C ASN H 120 27.34 40.30 -20.70
N VAL H 121 27.73 41.44 -20.12
CA VAL H 121 27.06 42.74 -20.37
C VAL H 121 28.10 43.77 -20.82
N HIS H 122 29.17 43.35 -21.48
CA HIS H 122 30.29 44.22 -21.95
C HIS H 122 30.48 44.21 -23.49
N SER H 123 30.02 43.17 -24.21
CA SER H 123 30.37 42.96 -25.64
C SER H 123 29.43 43.72 -26.57
N ALA H 124 29.76 44.97 -26.89
CA ALA H 124 29.12 45.79 -27.97
C ALA H 124 27.63 46.04 -27.71
N GLN H 125 27.16 46.14 -26.47
CA GLN H 125 25.70 46.17 -26.18
C GLN H 125 25.19 47.60 -26.01
N LYS H 126 23.95 47.85 -26.44
CA LYS H 126 23.25 49.09 -26.05
C LYS H 126 23.30 49.13 -24.52
N ARG H 127 23.78 50.24 -23.96
CA ARG H 127 23.93 50.44 -22.51
C ARG H 127 22.57 50.83 -21.90
N VAL H 128 22.46 50.64 -20.58
CA VAL H 128 21.26 50.97 -19.76
C VAL H 128 20.98 52.47 -19.82
N TYR H 129 22.02 53.30 -19.85
CA TYR H 129 21.94 54.78 -19.97
C TYR H 129 22.69 55.23 -21.22
N GLU H 130 22.27 54.79 -22.41
CA GLU H 130 22.99 55.07 -23.69
C GLU H 130 23.19 56.56 -23.89
N ASN H 131 22.21 57.38 -23.52
CA ASN H 131 22.30 58.87 -23.64
C ASN H 131 23.55 59.36 -22.90
N ASP H 132 23.80 58.82 -21.71
CA ASP H 132 24.93 59.23 -20.82
C ASP H 132 26.16 58.40 -21.15
N ARG H 133 26.06 57.50 -22.13
CA ARG H 133 27.12 56.52 -22.53
C ARG H 133 27.59 55.82 -21.24
N GLU H 134 26.67 55.39 -20.37
CA GLU H 134 27.04 54.84 -19.03
C GLU H 134 26.21 53.60 -18.68
N GLY H 135 26.70 52.83 -17.71
CA GLY H 135 26.04 51.62 -17.19
C GLY H 135 26.39 50.42 -18.04
N THR H 136 25.91 49.23 -17.64
CA THR H 136 26.18 47.94 -18.32
C THR H 136 25.50 47.93 -19.68
N GLY H 137 25.82 46.93 -20.49
CA GLY H 137 24.97 46.57 -21.64
C GLY H 137 23.64 46.10 -21.10
N ILE H 138 22.57 46.20 -21.89
CA ILE H 138 21.23 45.68 -21.50
C ILE H 138 21.22 44.14 -21.60
N GLY H 139 22.27 43.49 -22.11
CA GLY H 139 22.33 42.03 -22.18
C GLY H 139 21.37 41.50 -23.24
N VAL H 140 21.14 40.18 -23.29
CA VAL H 140 20.14 39.58 -24.21
C VAL H 140 18.75 39.73 -23.59
N GLU H 141 17.79 40.31 -24.31
CA GLU H 141 16.38 40.50 -23.87
C GLU H 141 15.45 40.17 -25.02
N GLY H 142 14.17 39.97 -24.70
CA GLY H 142 13.10 39.73 -25.64
C GLY H 142 12.69 38.27 -25.64
N MET H 143 12.15 37.84 -26.77
CA MET H 143 11.39 36.58 -26.84
C MET H 143 12.31 35.40 -26.51
N GLY H 144 11.70 34.39 -25.89
CA GLY H 144 12.24 33.03 -25.75
C GLY H 144 11.39 32.10 -26.58
N TYR H 145 12.03 31.20 -27.33
CA TYR H 145 11.37 30.05 -27.98
C TYR H 145 12.31 28.86 -27.82
N HIS H 146 11.85 27.92 -27.02
CA HIS H 146 12.59 26.72 -26.57
C HIS H 146 11.70 25.52 -26.86
N MET H 147 12.10 24.68 -27.80
CA MET H 147 11.37 23.43 -28.11
C MET H 147 12.40 22.36 -28.46
N PHE H 148 12.21 21.15 -27.94
CA PHE H 148 12.91 19.93 -28.37
C PHE H 148 11.85 18.91 -28.79
N ALA H 149 12.22 18.08 -29.76
CA ALA H 149 11.53 16.83 -30.14
C ALA H 149 12.55 15.68 -30.16
N ILE H 150 12.12 14.53 -29.65
CA ILE H 150 12.83 13.22 -29.65
C ILE H 150 11.85 12.19 -30.20
N GLY H 151 12.20 11.58 -31.33
CA GLY H 151 11.29 10.71 -32.08
C GLY H 151 12.05 9.64 -32.81
N GLY H 152 11.32 8.65 -33.33
CA GLY H 152 11.87 7.52 -34.11
C GLY H 152 11.70 7.75 -35.60
N GLU H 153 11.55 9.01 -36.02
CA GLU H 153 11.45 9.40 -37.45
C GLU H 153 11.51 10.93 -37.52
N PRO H 154 11.55 11.54 -38.72
CA PRO H 154 11.53 13.01 -38.79
C PRO H 154 10.31 13.60 -38.06
N LEU H 155 10.50 14.67 -37.27
CA LEU H 155 9.39 15.44 -36.65
C LEU H 155 8.44 15.90 -37.75
N GLU H 156 7.16 15.60 -37.61
CA GLU H 156 6.08 16.00 -38.54
C GLU H 156 5.62 17.43 -38.21
N LEU H 157 5.48 18.26 -39.27
CA LEU H 157 5.29 19.75 -39.21
C LEU H 157 3.93 20.16 -39.78
N GLN H 158 3.33 21.17 -39.13
CA GLN H 158 2.25 22.02 -39.66
C GLN H 158 2.87 23.34 -40.16
N PHE H 159 2.52 23.76 -41.37
CA PHE H 159 2.90 25.08 -41.93
C PHE H 159 1.90 26.10 -41.38
N MET H 160 2.43 27.22 -40.92
CA MET H 160 1.63 28.33 -40.32
C MET H 160 2.55 29.53 -40.15
N VAL H 161 2.14 30.66 -40.73
CA VAL H 161 2.96 31.90 -40.86
C VAL H 161 2.15 33.06 -40.28
N PHE H 162 2.82 34.12 -39.85
CA PHE H 162 2.15 35.30 -39.27
C PHE H 162 1.45 36.06 -40.40
N ASN H 163 2.10 36.07 -41.57
CA ASN H 163 1.66 36.75 -42.81
C ASN H 163 1.91 35.86 -44.05
N HIS H 164 0.83 35.45 -44.73
CA HIS H 164 0.88 34.48 -45.86
C HIS H 164 1.56 35.09 -47.06
N ARG H 165 1.56 36.43 -47.19
CA ARG H 165 2.18 37.15 -48.32
C ARG H 165 3.71 37.32 -48.15
N ALA H 166 4.29 36.84 -47.06
CA ALA H 166 5.77 36.89 -46.90
C ALA H 166 6.43 36.02 -47.99
N THR H 167 7.36 36.61 -48.74
CA THR H 167 8.22 35.89 -49.70
C THR H 167 9.47 35.42 -48.96
N TYR H 168 9.61 34.12 -48.72
CA TYR H 168 10.79 33.55 -48.01
C TYR H 168 11.90 33.31 -49.02
N PRO H 169 13.20 33.44 -48.62
CA PRO H 169 14.30 33.39 -49.56
C PRO H 169 14.49 31.96 -50.09
N ALA H 170 15.12 31.84 -51.28
CA ALA H 170 15.45 30.56 -51.95
C ALA H 170 16.12 29.60 -50.95
N GLU H 171 17.02 30.09 -50.07
CA GLU H 171 17.80 29.21 -49.14
C GLU H 171 16.85 28.46 -48.18
N ALA H 172 15.58 28.87 -48.08
CA ALA H 172 14.65 28.40 -47.02
C ALA H 172 13.64 27.43 -47.61
N THR H 173 13.41 26.32 -46.91
CA THR H 173 12.34 25.37 -47.27
C THR H 173 11.04 25.85 -46.62
N VAL H 174 10.05 26.19 -47.44
CA VAL H 174 8.70 26.63 -47.01
C VAL H 174 7.69 26.05 -48.00
N ILE H 175 6.42 26.38 -47.83
CA ILE H 175 5.40 26.22 -48.89
C ILE H 175 5.22 27.59 -49.56
N LYS H 176 5.38 27.64 -50.88
CA LYS H 176 5.31 28.87 -51.71
C LYS H 176 3.84 29.20 -52.05
N ASN H 177 3.54 30.49 -52.20
CA ASN H 177 2.15 31.02 -52.36
C ASN H 177 1.18 30.20 -51.52
N PRO H 178 1.37 30.10 -50.19
CA PRO H 178 0.35 29.46 -49.35
C PRO H 178 -0.81 30.45 -49.39
N GLY H 179 -2.04 29.99 -49.24
CA GLY H 179 -3.21 30.89 -49.23
C GLY H 179 -3.33 31.65 -47.92
N ALA H 180 -4.38 32.43 -47.77
CA ALA H 180 -4.72 33.15 -46.53
C ALA H 180 -4.76 32.16 -45.37
N SER H 181 -5.20 30.93 -45.65
CA SER H 181 -5.56 29.93 -44.61
C SER H 181 -4.30 29.42 -43.88
N SER H 182 -3.10 29.72 -44.39
CA SER H 182 -1.82 29.40 -43.70
C SER H 182 -1.53 30.37 -42.54
N GLN H 183 -2.27 31.48 -42.42
CA GLN H 183 -2.19 32.37 -41.23
C GLN H 183 -2.88 31.69 -40.04
N VAL H 184 -3.74 30.71 -40.28
CA VAL H 184 -4.33 29.81 -39.22
C VAL H 184 -4.11 28.34 -39.64
N PHE H 185 -4.85 27.38 -39.07
CA PHE H 185 -4.70 25.93 -39.36
C PHE H 185 -5.34 25.59 -40.71
N ASP H 186 -4.55 25.09 -41.67
CA ASP H 186 -5.05 24.51 -42.95
C ASP H 186 -4.52 23.09 -43.04
N PRO H 187 -5.42 22.08 -43.13
CA PRO H 187 -5.01 20.68 -43.22
C PRO H 187 -4.03 20.37 -44.37
N ASN H 188 -4.07 21.08 -45.49
CA ASN H 188 -3.30 20.67 -46.71
C ASN H 188 -1.82 21.04 -46.58
N LEU H 189 -1.47 21.87 -45.60
CA LEU H 189 -0.12 22.48 -45.47
C LEU H 189 0.69 21.68 -44.44
N LYS H 190 1.31 20.60 -44.91
CA LYS H 190 2.07 19.62 -44.08
C LYS H 190 3.54 19.62 -44.53
N GLY H 191 4.39 19.03 -43.70
CA GLY H 191 5.82 18.85 -44.03
C GLY H 191 6.49 17.99 -42.99
N THR H 192 7.77 17.71 -43.20
CA THR H 192 8.60 16.93 -42.26
C THR H 192 9.96 17.63 -42.19
N LEU H 193 10.62 17.50 -41.04
CA LEU H 193 11.88 18.20 -40.72
C LEU H 193 13.01 17.26 -41.16
N THR H 194 13.41 17.37 -42.43
CA THR H 194 14.31 16.43 -43.15
C THR H 194 15.69 17.05 -43.40
N ALA H 195 15.87 18.34 -43.10
CA ALA H 195 17.16 19.07 -43.24
C ALA H 195 17.38 20.05 -42.07
N ASP H 196 18.62 20.15 -41.61
CA ASP H 196 19.07 21.09 -40.56
C ASP H 196 19.18 22.50 -41.16
N GLY H 197 18.71 23.49 -40.40
CA GLY H 197 19.01 24.93 -40.57
C GLY H 197 18.37 25.55 -41.79
N VAL H 198 17.24 25.03 -42.28
CA VAL H 198 16.59 25.56 -43.52
C VAL H 198 15.06 25.70 -43.34
N PHE H 199 14.45 25.02 -42.38
CA PHE H 199 13.01 25.17 -42.05
C PHE H 199 12.84 26.36 -41.10
N PRO H 200 12.21 27.48 -41.51
CA PRO H 200 12.11 28.64 -40.61
C PRO H 200 11.21 28.37 -39.39
N VAL H 201 11.66 28.72 -38.19
CA VAL H 201 10.83 28.57 -36.96
C VAL H 201 9.53 29.38 -37.16
N GLU H 202 9.58 30.54 -37.79
CA GLU H 202 8.35 31.35 -37.96
C GLU H 202 7.37 30.74 -38.97
N ALA H 203 7.78 29.72 -39.74
CA ALA H 203 6.95 29.12 -40.80
C ALA H 203 6.40 27.73 -40.41
N TRP H 204 7.00 27.04 -39.44
CA TRP H 204 6.69 25.59 -39.23
C TRP H 204 6.60 25.27 -37.73
N GLY H 205 5.70 24.35 -37.36
CA GLY H 205 5.54 23.87 -35.98
C GLY H 205 5.15 22.40 -35.93
N PRO H 206 5.23 21.75 -34.74
CA PRO H 206 4.95 20.33 -34.61
C PRO H 206 3.47 20.10 -34.94
N ASP H 207 3.18 19.07 -35.74
CA ASP H 207 1.81 18.73 -36.17
C ASP H 207 1.23 17.84 -35.08
N PRO H 208 0.24 18.30 -34.29
CA PRO H 208 -0.32 17.48 -33.22
C PRO H 208 -1.19 16.37 -33.83
N PHE H 209 -1.60 16.52 -35.09
CA PHE H 209 -2.43 15.50 -35.82
C PHE H 209 -1.57 14.31 -36.26
N LYS H 210 -0.24 14.43 -36.18
CA LYS H 210 0.69 13.29 -36.42
C LYS H 210 1.63 13.18 -35.22
N ASN H 211 2.91 12.87 -35.44
CA ASN H 211 3.95 12.72 -34.39
C ASN H 211 3.55 11.69 -33.31
N GLU H 212 2.81 10.62 -33.65
CA GLU H 212 2.51 9.49 -32.71
C GLU H 212 3.81 8.82 -32.22
N ASN H 213 4.93 8.99 -32.91
CA ASN H 213 6.22 8.31 -32.62
C ASN H 213 7.29 9.36 -32.33
N THR H 214 6.87 10.59 -32.01
CA THR H 214 7.74 11.70 -31.48
C THR H 214 7.11 12.32 -30.23
N ARG H 215 7.91 12.62 -29.21
CA ARG H 215 7.46 13.47 -28.07
C ARG H 215 8.03 14.89 -28.25
N TYR H 216 7.18 15.92 -28.32
CA TYR H 216 7.71 17.30 -28.45
C TYR H 216 7.25 18.16 -27.23
N PHE H 217 8.09 19.13 -26.87
CA PHE H 217 7.88 20.05 -25.73
C PHE H 217 8.26 21.45 -26.21
N GLY H 218 7.40 22.45 -26.01
CA GLY H 218 7.65 23.83 -26.47
C GLY H 218 7.25 24.86 -25.42
N GLN H 219 7.97 25.98 -25.36
CA GLN H 219 7.61 27.12 -24.45
C GLN H 219 8.00 28.41 -25.18
N TYR H 220 7.03 29.30 -25.34
CA TYR H 220 7.25 30.64 -25.92
C TYR H 220 6.94 31.66 -24.83
N THR H 221 7.87 32.58 -24.60
CA THR H 221 7.63 33.90 -23.98
C THR H 221 7.97 34.96 -25.02
N GLY H 222 7.02 35.83 -25.38
CA GLY H 222 7.26 36.95 -26.30
C GLY H 222 7.81 38.16 -25.58
N GLY H 223 7.66 39.34 -26.17
CA GLY H 223 8.23 40.59 -25.68
C GLY H 223 9.46 40.96 -26.46
N THR H 224 10.01 42.14 -26.15
CA THR H 224 11.25 42.66 -26.78
C THR H 224 12.22 43.03 -25.66
N GLN H 225 11.70 43.55 -24.54
CA GLN H 225 12.37 43.86 -23.25
C GLN H 225 12.21 42.73 -22.22
N THR H 226 11.80 41.52 -22.60
CA THR H 226 11.53 40.43 -21.61
C THR H 226 12.85 39.77 -21.20
N PRO H 227 13.16 39.68 -19.88
CA PRO H 227 14.35 38.98 -19.41
C PRO H 227 14.27 37.47 -19.65
N PRO H 228 15.31 36.84 -20.25
CA PRO H 228 15.34 35.40 -20.41
C PRO H 228 15.35 34.71 -19.05
N VAL H 229 14.64 33.59 -18.92
CA VAL H 229 14.61 32.76 -17.69
C VAL H 229 15.06 31.35 -18.08
N LEU H 230 16.31 30.99 -17.75
CA LEU H 230 16.87 29.67 -18.11
C LEU H 230 17.29 28.91 -16.84
N THR H 231 17.30 27.59 -16.95
CA THR H 231 17.43 26.58 -15.87
C THR H 231 18.44 25.53 -16.37
N PHE H 232 19.36 25.05 -15.55
CA PHE H 232 20.34 24.01 -15.97
C PHE H 232 20.72 23.12 -14.79
N THR H 233 20.75 21.82 -15.02
CA THR H 233 20.99 20.77 -13.99
C THR H 233 21.16 19.42 -14.67
N ASN H 234 21.99 18.53 -14.12
CA ASN H 234 22.24 17.18 -14.67
C ASN H 234 21.36 16.17 -13.94
N THR H 235 20.37 16.63 -13.16
CA THR H 235 19.64 15.82 -12.15
C THR H 235 18.17 15.56 -12.54
N GLN H 236 17.69 16.12 -13.65
CA GLN H 236 16.27 16.01 -14.08
C GLN H 236 16.12 15.07 -15.29
N THR H 237 15.16 14.16 -15.22
CA THR H 237 14.82 13.14 -16.25
C THR H 237 13.41 13.42 -16.78
N THR H 238 13.17 13.15 -18.05
CA THR H 238 11.82 13.20 -18.66
C THR H 238 11.50 11.81 -19.21
N ILE H 239 10.34 11.26 -18.86
CA ILE H 239 9.85 9.95 -19.38
C ILE H 239 9.23 10.18 -20.76
N LEU H 240 9.52 9.27 -21.70
CA LEU H 240 9.10 9.35 -23.13
C LEU H 240 8.09 8.24 -23.45
N LEU H 241 7.72 7.42 -22.46
CA LEU H 241 6.64 6.41 -22.58
C LEU H 241 5.31 7.14 -22.72
N ASP H 242 4.50 6.74 -23.69
CA ASP H 242 3.09 7.17 -23.91
C ASP H 242 2.23 6.49 -22.85
N GLU H 243 0.91 6.71 -22.95
CA GLU H 243 -0.13 6.10 -22.07
C GLU H 243 0.13 4.59 -21.91
N ASN H 244 0.51 3.88 -22.98
CA ASN H 244 0.66 2.39 -23.04
C ASN H 244 2.04 1.91 -22.55
N GLY H 245 2.88 2.79 -22.01
CA GLY H 245 4.24 2.42 -21.55
C GLY H 245 5.19 2.14 -22.72
N VAL H 246 4.94 2.78 -23.87
CA VAL H 246 5.75 2.64 -25.12
C VAL H 246 6.38 3.99 -25.45
N GLY H 247 7.71 4.04 -25.41
CA GLY H 247 8.50 5.18 -25.91
C GLY H 247 8.57 5.15 -27.42
N PRO H 248 9.14 6.20 -28.05
CA PRO H 248 9.36 6.19 -29.49
C PRO H 248 10.24 4.99 -29.92
N LEU H 249 9.85 4.35 -31.03
CA LEU H 249 10.55 3.20 -31.66
C LEU H 249 11.41 3.71 -32.83
N CYS H 250 12.73 3.56 -32.74
CA CYS H 250 13.71 4.14 -33.69
C CYS H 250 13.74 3.30 -34.98
N LYS H 251 12.96 3.70 -35.98
CA LYS H 251 12.90 3.06 -37.33
C LYS H 251 14.23 3.25 -38.07
N GLY H 252 14.63 2.24 -38.84
CA GLY H 252 15.94 2.20 -39.54
C GLY H 252 17.09 2.42 -38.58
N ASP H 253 16.86 2.16 -37.28
CA ASP H 253 17.87 2.25 -36.18
C ASP H 253 18.42 3.68 -36.11
N GLY H 254 17.56 4.68 -36.27
CA GLY H 254 17.94 6.10 -36.15
C GLY H 254 17.12 6.83 -35.09
N LEU H 255 17.77 7.61 -34.22
CA LEU H 255 17.12 8.51 -33.23
C LEU H 255 17.14 9.96 -33.75
N PHE H 256 15.96 10.59 -33.79
CA PHE H 256 15.69 11.92 -34.41
C PHE H 256 15.52 12.97 -33.30
N LEU H 257 16.49 13.89 -33.28
CA LEU H 257 16.61 15.00 -32.29
C LEU H 257 16.36 16.29 -33.06
N SER H 258 15.39 17.08 -32.59
CA SER H 258 14.95 18.37 -33.18
C SER H 258 14.86 19.42 -32.06
N CYS H 259 15.29 20.66 -32.32
CA CYS H 259 15.07 21.76 -31.37
C CYS H 259 15.13 23.12 -32.06
N ALA H 260 14.66 24.14 -31.34
CA ALA H 260 14.93 25.58 -31.52
C ALA H 260 15.08 26.20 -30.13
N ASP H 261 16.14 26.97 -29.93
CA ASP H 261 16.48 27.59 -28.63
C ASP H 261 16.89 29.04 -28.89
N ILE H 262 15.88 29.86 -29.20
CA ILE H 262 15.96 31.34 -29.32
C ILE H 262 15.93 31.93 -27.90
N VAL H 263 16.99 32.65 -27.51
CA VAL H 263 17.20 33.14 -26.11
C VAL H 263 16.65 34.56 -25.99
N GLY H 264 16.77 35.36 -27.05
CA GLY H 264 16.33 36.75 -27.12
C GLY H 264 17.08 37.47 -28.21
N PHE H 265 17.20 38.80 -28.11
CA PHE H 265 17.85 39.65 -29.13
C PHE H 265 19.07 40.35 -28.53
N PHE H 266 20.14 40.43 -29.31
CA PHE H 266 21.37 41.21 -29.01
C PHE H 266 21.14 42.61 -29.59
N THR H 267 21.18 43.68 -28.77
CA THR H 267 20.98 45.07 -29.28
C THR H 267 22.33 45.81 -29.28
N GLN H 268 22.79 46.25 -30.44
CA GLN H 268 24.00 47.08 -30.66
C GLN H 268 23.73 48.53 -30.27
N HIS H 269 24.77 49.33 -30.14
CA HIS H 269 24.70 50.79 -29.81
C HIS H 269 23.83 51.53 -30.83
N ASN H 270 23.81 51.08 -32.09
CA ASN H 270 23.05 51.76 -33.18
C ASN H 270 21.62 51.18 -33.23
N LYS H 271 21.24 50.34 -32.26
CA LYS H 271 19.86 49.85 -32.04
C LYS H 271 19.52 48.73 -33.03
N LYS H 272 20.49 48.24 -33.79
CA LYS H 272 20.27 47.06 -34.65
C LYS H 272 20.18 45.85 -33.72
N MET H 273 19.32 44.91 -34.07
CA MET H 273 18.93 43.78 -33.18
C MET H 273 19.02 42.48 -33.99
N SER H 274 19.43 41.41 -33.34
CA SER H 274 19.61 40.10 -34.01
C SER H 274 19.31 39.00 -32.99
N PHE H 275 18.82 37.85 -33.47
CA PHE H 275 18.53 36.67 -32.62
C PHE H 275 19.85 36.11 -32.12
N ARG H 276 19.83 35.67 -30.87
CA ARG H 276 20.91 34.90 -30.20
C ARG H 276 20.26 33.59 -29.78
N GLY H 277 20.91 32.50 -30.17
CA GLY H 277 20.51 31.12 -29.83
C GLY H 277 21.63 30.46 -29.06
N LEU H 278 21.29 29.34 -28.45
CA LEU H 278 22.21 28.48 -27.64
C LEU H 278 22.03 27.03 -28.07
N PRO H 279 23.08 26.18 -27.99
CA PRO H 279 22.97 24.77 -28.36
C PRO H 279 22.20 24.02 -27.27
N ARG H 280 21.72 22.84 -27.59
CA ARG H 280 20.98 21.98 -26.65
C ARG H 280 21.77 20.68 -26.46
N TYR H 281 21.66 20.08 -25.29
CA TYR H 281 22.22 18.76 -24.97
C TYR H 281 21.05 17.79 -24.83
N PHE H 282 21.21 16.61 -25.41
CA PHE H 282 20.31 15.44 -25.25
C PHE H 282 21.11 14.24 -24.71
N ARG H 283 20.62 13.65 -23.62
CA ARG H 283 20.98 12.29 -23.15
C ARG H 283 19.70 11.46 -23.27
N VAL H 284 19.69 10.46 -24.13
CA VAL H 284 18.51 9.58 -24.38
C VAL H 284 18.89 8.15 -23.96
N THR H 285 18.14 7.57 -23.01
CA THR H 285 18.19 6.13 -22.65
C THR H 285 17.24 5.36 -23.61
N LEU H 286 17.76 4.35 -24.31
CA LEU H 286 16.97 3.46 -25.20
C LEU H 286 17.09 2.01 -24.72
N ARG H 287 16.05 1.22 -24.99
CA ARG H 287 16.03 -0.21 -24.61
C ARG H 287 15.56 -1.05 -25.80
N LYS H 288 16.02 -2.30 -25.85
CA LYS H 288 15.66 -3.25 -26.91
C LYS H 288 14.21 -3.66 -26.68
N ARG H 289 13.32 -3.30 -27.60
CA ARG H 289 11.89 -3.70 -27.61
C ARG H 289 11.69 -4.62 -28.81
N VAL H 290 10.85 -5.64 -28.63
CA VAL H 290 10.50 -6.63 -29.70
C VAL H 290 9.18 -6.20 -30.33
N VAL H 291 9.10 -6.30 -31.66
CA VAL H 291 7.92 -5.89 -32.48
C VAL H 291 7.78 -6.83 -33.68
N LYS H 292 6.55 -7.06 -34.15
CA LYS H 292 6.24 -7.49 -35.53
C LYS H 292 6.72 -6.40 -36.49
N GLY I 23 33.38 4.72 -15.24
CA GLY I 23 33.21 5.11 -13.82
C GLY I 23 33.53 3.96 -12.87
N ILE I 24 33.31 4.17 -11.57
CA ILE I 24 33.76 3.25 -10.48
C ILE I 24 32.70 2.17 -10.21
N GLU I 25 33.13 0.91 -10.02
CA GLU I 25 32.28 -0.22 -9.56
C GLU I 25 31.96 -0.01 -8.08
N VAL I 26 30.68 0.23 -7.77
CA VAL I 26 30.17 0.57 -6.40
C VAL I 26 29.50 -0.68 -5.83
N LEU I 27 29.87 -1.06 -4.59
CA LEU I 27 29.36 -2.30 -3.95
C LEU I 27 28.35 -1.94 -2.85
N ALA I 28 28.76 -1.86 -1.59
CA ALA I 28 27.85 -1.85 -0.43
C ALA I 28 28.01 -0.55 0.36
N VAL I 29 26.94 -0.08 1.00
CA VAL I 29 26.99 1.05 1.97
C VAL I 29 27.26 0.44 3.35
N ARG I 30 28.28 0.94 4.06
CA ARG I 30 28.65 0.45 5.41
C ARG I 30 27.84 1.22 6.47
N THR I 31 26.74 0.62 6.97
CA THR I 31 25.80 1.24 7.97
C THR I 31 26.49 1.35 9.34
N GLY I 32 25.94 2.16 10.26
CA GLY I 32 26.37 2.23 11.67
C GLY I 32 26.43 3.66 12.24
N PRO I 33 27.06 3.85 13.42
CA PRO I 33 27.22 5.18 14.01
C PRO I 33 28.63 5.82 13.98
N ASP I 34 29.52 5.33 13.09
CA ASP I 34 30.79 6.03 12.75
C ASP I 34 31.00 6.03 11.23
N SER I 35 29.94 5.82 10.45
CA SER I 35 29.99 5.66 8.97
C SER I 35 29.32 6.86 8.26
N ILE I 36 28.94 7.89 9.03
CA ILE I 36 28.21 9.11 8.56
C ILE I 36 28.93 10.35 9.08
N THR I 37 29.37 11.24 8.20
CA THR I 37 30.00 12.53 8.60
C THR I 37 29.21 13.67 7.95
N GLU I 38 29.42 14.89 8.47
CA GLU I 38 28.68 16.11 8.09
C GLU I 38 29.70 17.25 8.05
N ILE I 39 29.73 17.98 6.94
CA ILE I 39 30.60 19.17 6.79
C ILE I 39 29.71 20.38 6.51
N GLU I 40 30.11 21.51 7.07
CA GLU I 40 29.58 22.85 6.74
C GLU I 40 30.71 23.62 6.09
N ALA I 41 30.37 24.44 5.10
CA ALA I 41 31.34 25.28 4.38
C ALA I 41 30.59 26.46 3.77
N TYR I 42 31.35 27.47 3.36
CA TYR I 42 30.85 28.69 2.72
C TYR I 42 31.82 29.06 1.59
N LEU I 43 31.25 29.66 0.55
CA LEU I 43 32.00 30.22 -0.58
C LEU I 43 31.60 31.67 -0.68
N ASN I 44 32.57 32.56 -0.51
CA ASN I 44 32.39 34.02 -0.72
C ASN I 44 32.38 34.25 -2.22
N PRO I 45 31.66 35.31 -2.69
CA PRO I 45 31.56 35.60 -4.11
C PRO I 45 32.87 36.20 -4.66
N ARG I 46 33.06 36.10 -5.97
CA ARG I 46 34.27 36.56 -6.70
C ARG I 46 33.79 37.46 -7.84
N MET I 47 33.19 38.59 -7.46
CA MET I 47 32.56 39.56 -8.40
C MET I 47 33.64 40.44 -9.06
N GLY I 48 34.84 40.53 -8.48
CA GLY I 48 36.04 41.04 -9.16
C GLY I 48 36.88 41.97 -8.30
N GLN I 49 36.29 42.73 -7.39
CA GLN I 49 37.08 43.59 -6.49
C GLN I 49 37.82 42.67 -5.52
N PRO I 50 39.06 43.02 -5.10
CA PRO I 50 39.85 42.17 -4.21
C PRO I 50 39.31 42.12 -2.77
N GLN I 51 39.70 41.09 -2.01
CA GLN I 51 39.31 40.98 -0.58
C GLN I 51 40.11 42.03 0.21
N ASN I 52 39.59 42.42 1.39
CA ASN I 52 40.28 43.34 2.35
C ASN I 52 40.44 44.75 1.72
N GLU I 53 39.62 45.06 0.71
CA GLU I 53 39.44 46.41 0.11
C GLU I 53 37.96 46.74 0.21
N ASP I 54 37.61 48.02 0.18
CA ASP I 54 36.29 48.53 0.63
C ASP I 54 35.14 48.04 -0.25
N PHE I 55 35.40 47.42 -1.42
CA PHE I 55 34.37 47.09 -2.44
C PHE I 55 34.28 45.58 -2.63
N TYR I 56 34.72 44.84 -1.62
CA TYR I 56 34.68 43.35 -1.61
C TYR I 56 33.21 42.95 -1.69
N GLY I 57 32.91 42.05 -2.64
CA GLY I 57 31.54 41.55 -2.92
C GLY I 57 30.96 42.16 -4.17
N PHE I 58 31.57 43.26 -4.65
CA PHE I 58 31.22 43.91 -5.93
C PHE I 58 32.31 43.66 -6.97
N SER I 59 31.96 43.92 -8.22
CA SER I 59 32.91 44.11 -9.35
C SER I 59 33.26 45.59 -9.36
N ASP I 60 34.31 45.96 -10.08
CA ASP I 60 34.58 47.36 -10.52
C ASP I 60 33.46 47.79 -11.49
N ASN I 61 33.40 49.07 -11.82
CA ASN I 61 32.37 49.64 -12.73
C ASN I 61 32.52 49.02 -14.13
N VAL I 62 31.41 48.64 -14.73
CA VAL I 62 31.37 47.92 -16.03
C VAL I 62 31.47 48.94 -17.17
N THR I 63 32.44 48.70 -18.05
CA THR I 63 32.64 49.39 -19.35
C THR I 63 32.24 48.39 -20.45
N VAL I 64 31.86 48.93 -21.61
CA VAL I 64 31.24 48.17 -22.72
C VAL I 64 32.00 48.52 -24.01
N SER I 65 32.34 47.52 -24.79
CA SER I 65 33.07 47.66 -26.07
C SER I 65 32.14 48.34 -27.07
N ASP I 66 32.71 48.98 -28.09
CA ASP I 66 31.99 49.57 -29.24
C ASP I 66 31.56 48.47 -30.21
N ASP I 67 32.36 47.42 -30.38
CA ASP I 67 32.05 46.29 -31.31
C ASP I 67 32.76 45.04 -30.80
N PHE I 68 32.54 43.90 -31.46
CA PHE I 68 33.07 42.58 -31.05
C PHE I 68 34.58 42.51 -31.28
N GLY I 69 35.09 43.22 -32.29
CA GLY I 69 36.51 43.17 -32.70
C GLY I 69 37.42 43.86 -31.71
N SER I 70 36.89 44.75 -30.86
CA SER I 70 37.64 45.63 -29.93
C SER I 70 37.06 45.50 -28.52
N ASP I 71 36.98 44.25 -28.05
CA ASP I 71 36.26 43.79 -26.84
C ASP I 71 37.28 43.17 -25.88
N ALA I 72 37.69 43.92 -24.85
CA ALA I 72 38.70 43.50 -23.86
C ALA I 72 38.23 43.86 -22.46
N PRO I 73 37.40 43.00 -21.81
CA PRO I 73 36.86 43.29 -20.48
C PRO I 73 37.94 43.41 -19.42
N PRO I 74 38.24 44.62 -18.91
CA PRO I 74 39.33 44.78 -17.96
C PRO I 74 39.05 43.93 -16.71
N TRP I 75 40.11 43.44 -16.07
CA TRP I 75 40.09 42.60 -14.85
C TRP I 75 39.42 43.40 -13.73
N LYS I 76 38.66 42.72 -12.86
CA LYS I 76 37.89 43.29 -11.72
C LYS I 76 36.47 43.64 -12.21
N GLN I 77 36.19 43.59 -13.51
CA GLN I 77 34.91 44.13 -14.06
C GLN I 77 33.91 43.03 -14.34
N PHE I 78 34.28 41.76 -14.14
CA PHE I 78 33.37 40.61 -14.38
C PHE I 78 33.53 39.59 -13.24
N PRO I 79 32.46 38.81 -12.93
CA PRO I 79 32.54 37.75 -11.94
C PRO I 79 33.22 36.48 -12.43
N CYS I 80 33.92 35.79 -11.52
CA CYS I 80 34.50 34.45 -11.73
C CYS I 80 33.81 33.46 -10.78
N TYR I 81 33.93 32.15 -11.06
CA TYR I 81 33.35 31.08 -10.21
C TYR I 81 34.08 31.04 -8.87
N SER I 82 33.33 30.70 -7.82
CA SER I 82 33.84 30.33 -6.49
C SER I 82 33.97 28.80 -6.46
N THR I 83 34.97 28.29 -5.75
CA THR I 83 35.18 26.84 -5.55
C THR I 83 36.15 26.64 -4.38
N ALA I 84 35.94 25.56 -3.64
CA ALA I 84 36.87 25.07 -2.59
C ALA I 84 36.79 23.55 -2.61
N ARG I 85 37.91 22.89 -2.32
CA ARG I 85 37.97 21.45 -1.95
C ARG I 85 37.94 21.35 -0.43
N ILE I 86 37.05 20.51 0.12
CA ILE I 86 37.00 20.22 1.57
C ILE I 86 37.74 18.90 1.82
N SER I 87 38.70 18.92 2.74
CA SER I 87 39.39 17.72 3.28
C SER I 87 38.43 16.98 4.22
N LEU I 88 38.06 15.76 3.84
CA LEU I 88 37.24 14.82 4.63
C LEU I 88 38.16 14.00 5.52
N PRO I 89 37.66 13.32 6.58
CA PRO I 89 38.52 12.50 7.44
C PRO I 89 39.18 11.35 6.67
N MET I 90 40.45 11.04 6.97
CA MET I 90 41.27 10.00 6.29
C MET I 90 40.63 8.64 6.51
N LEU I 91 40.75 7.75 5.52
CA LEU I 91 40.15 6.38 5.54
C LEU I 91 41.26 5.32 5.56
N ASN I 92 41.72 4.87 4.39
CA ASN I 92 42.61 3.69 4.23
C ASN I 92 44.06 4.12 4.44
N SER I 97 44.03 -3.79 -1.47
CA SER I 97 42.86 -4.69 -1.26
C SER I 97 42.12 -4.88 -2.59
N ASP I 98 41.08 -5.71 -2.63
CA ASP I 98 40.19 -5.89 -3.83
C ASP I 98 39.17 -4.75 -3.86
N THR I 99 38.76 -4.26 -2.68
CA THR I 99 37.74 -3.19 -2.47
C THR I 99 38.25 -2.19 -1.42
N ILE I 100 37.83 -0.92 -1.50
CA ILE I 100 38.13 0.18 -0.52
C ILE I 100 36.84 0.89 -0.12
N LEU I 101 36.95 1.80 0.85
CA LEU I 101 35.88 2.76 1.25
C LEU I 101 36.14 4.12 0.61
N MET I 102 35.11 4.73 0.03
CA MET I 102 35.08 6.16 -0.40
C MET I 102 33.96 6.86 0.36
N TRP I 103 34.16 8.13 0.72
CA TRP I 103 33.07 9.00 1.22
C TRP I 103 32.11 9.26 0.06
N GLU I 104 30.82 9.01 0.28
CA GLU I 104 29.73 9.22 -0.71
C GLU I 104 28.79 10.32 -0.20
N ALA I 105 28.64 11.40 -0.96
CA ALA I 105 27.72 12.51 -0.61
C ALA I 105 26.29 12.09 -1.01
N ILE I 106 25.37 12.07 -0.07
CA ILE I 106 23.99 11.53 -0.26
C ILE I 106 22.97 12.67 -0.28
N SER I 107 23.25 13.77 0.43
CA SER I 107 22.32 14.91 0.60
C SER I 107 23.07 16.20 0.92
N CYS I 108 22.43 17.34 0.67
CA CYS I 108 22.97 18.68 1.03
C CYS I 108 21.82 19.65 1.28
N ARG I 109 22.12 20.70 2.04
CA ARG I 109 21.34 21.96 2.09
C ARG I 109 22.26 23.07 1.59
N THR I 110 21.73 24.03 0.85
CA THR I 110 22.54 25.20 0.40
C THR I 110 21.64 26.42 0.49
N GLU I 111 22.16 27.50 1.06
CA GLU I 111 21.46 28.80 1.26
C GLU I 111 22.37 29.90 0.73
N VAL I 112 21.79 30.90 0.07
CA VAL I 112 22.48 32.19 -0.20
C VAL I 112 22.44 32.96 1.12
N MET I 113 23.55 33.48 1.61
CA MET I 113 23.59 34.22 2.91
C MET I 113 23.56 35.73 2.63
N GLY I 114 23.11 36.52 3.61
CA GLY I 114 23.21 37.99 3.60
C GLY I 114 22.20 38.63 2.66
N VAL I 115 21.05 37.98 2.45
CA VAL I 115 19.95 38.48 1.57
C VAL I 115 19.42 39.77 2.20
N ASN I 116 19.38 39.78 3.53
CA ASN I 116 18.97 40.93 4.39
C ASN I 116 19.63 42.25 3.94
N MET I 117 20.89 42.22 3.50
CA MET I 117 21.67 43.45 3.20
C MET I 117 21.00 44.22 2.05
N LEU I 118 20.23 43.52 1.19
CA LEU I 118 19.54 44.09 0.00
C LEU I 118 18.37 45.00 0.43
N THR I 119 17.98 44.99 1.71
CA THR I 119 16.95 45.95 2.22
C THR I 119 17.56 47.36 2.34
N ASN I 120 18.88 47.49 2.19
CA ASN I 120 19.63 48.76 2.22
C ASN I 120 19.35 49.58 0.94
N VAL I 121 18.66 50.70 1.09
CA VAL I 121 18.37 51.64 -0.03
C VAL I 121 18.87 53.03 0.36
N HIS I 122 19.90 53.12 1.24
CA HIS I 122 20.53 54.40 1.68
C HIS I 122 21.98 54.52 1.18
N SER I 123 22.67 53.40 0.92
CA SER I 123 24.14 53.39 0.63
C SER I 123 24.43 53.85 -0.81
N ALA I 124 24.62 55.17 -0.97
CA ALA I 124 25.13 55.89 -2.18
C ALA I 124 24.71 55.26 -3.50
N GLN I 125 23.42 55.28 -3.82
CA GLN I 125 22.94 54.65 -5.07
C GLN I 125 21.99 55.60 -5.74
N LYS I 126 21.86 55.47 -7.06
CA LYS I 126 20.85 56.15 -7.89
C LYS I 126 19.52 56.13 -7.14
N ARG I 127 18.86 57.28 -7.05
CA ARG I 127 17.56 57.42 -6.35
C ARG I 127 16.46 57.19 -7.37
N VAL I 128 15.27 56.87 -6.88
CA VAL I 128 14.09 56.57 -7.73
C VAL I 128 13.76 57.85 -8.51
N TYR I 129 13.89 59.03 -7.87
CA TYR I 129 13.65 60.35 -8.49
C TYR I 129 14.98 61.12 -8.48
N GLU I 130 15.99 60.61 -9.19
CA GLU I 130 17.35 61.23 -9.31
C GLU I 130 17.20 62.72 -9.61
N ASN I 131 16.25 63.09 -10.45
CA ASN I 131 16.16 64.44 -11.04
C ASN I 131 15.73 65.44 -9.97
N ASP I 132 14.93 64.97 -8.99
CA ASP I 132 14.46 65.82 -7.86
C ASP I 132 15.26 65.46 -6.60
N ARG I 133 16.43 64.82 -6.74
CA ARG I 133 17.26 64.37 -5.60
C ARG I 133 16.29 63.85 -4.52
N GLU I 134 15.53 62.79 -4.81
CA GLU I 134 14.47 62.33 -3.88
C GLU I 134 14.16 60.84 -4.00
N GLY I 135 13.69 60.23 -2.92
CA GLY I 135 13.27 58.82 -2.85
C GLY I 135 14.37 57.91 -2.35
N THR I 136 14.05 56.64 -2.13
CA THR I 136 15.02 55.59 -1.73
C THR I 136 16.00 55.42 -2.89
N GLY I 137 17.15 54.83 -2.63
CA GLY I 137 17.98 54.25 -3.70
C GLY I 137 17.19 53.22 -4.47
N ILE I 138 17.63 52.85 -5.66
CA ILE I 138 16.88 51.87 -6.51
C ILE I 138 17.26 50.43 -6.10
N GLY I 139 18.30 50.28 -5.28
CA GLY I 139 18.76 48.98 -4.78
C GLY I 139 19.37 48.14 -5.87
N VAL I 140 19.65 46.88 -5.59
CA VAL I 140 20.26 45.94 -6.56
C VAL I 140 19.11 45.45 -7.44
N GLU I 141 19.28 45.59 -8.75
CA GLU I 141 18.32 45.14 -9.80
C GLU I 141 19.14 44.48 -10.90
N GLY I 142 18.46 43.76 -11.80
CA GLY I 142 19.09 43.17 -12.98
C GLY I 142 19.25 41.68 -12.82
N MET I 143 20.15 41.08 -13.58
CA MET I 143 20.24 39.62 -13.76
C MET I 143 20.57 38.93 -12.45
N GLY I 144 20.05 37.72 -12.30
CA GLY I 144 20.38 36.76 -11.24
C GLY I 144 21.02 35.55 -11.89
N TYR I 145 22.19 35.16 -11.42
CA TYR I 145 22.88 33.91 -11.86
C TYR I 145 23.32 33.14 -10.63
N HIS I 146 22.58 32.08 -10.35
CA HIS I 146 22.71 31.23 -9.16
C HIS I 146 22.95 29.80 -9.63
N MET I 147 24.15 29.29 -9.41
CA MET I 147 24.50 27.87 -9.68
C MET I 147 25.37 27.36 -8.53
N PHE I 148 25.24 26.08 -8.20
CA PHE I 148 26.10 25.43 -7.20
C PHE I 148 26.36 24.00 -7.68
N ALA I 149 27.54 23.48 -7.36
CA ALA I 149 27.96 22.10 -7.72
C ALA I 149 28.60 21.43 -6.50
N ILE I 150 28.26 20.15 -6.30
CA ILE I 150 28.88 19.24 -5.30
C ILE I 150 29.33 17.98 -6.05
N GLY I 151 30.64 17.67 -5.98
CA GLY I 151 31.23 16.46 -6.59
C GLY I 151 32.42 15.91 -5.84
N GLY I 152 32.89 14.74 -6.25
CA GLY I 152 34.06 14.09 -5.66
C GLY I 152 35.32 14.38 -6.46
N GLU I 153 35.27 15.40 -7.31
CA GLU I 153 36.40 15.88 -8.15
C GLU I 153 36.00 17.25 -8.65
N PRO I 154 36.93 18.04 -9.22
CA PRO I 154 36.57 19.33 -9.79
C PRO I 154 35.40 19.30 -10.78
N LEU I 155 34.51 20.30 -10.71
CA LEU I 155 33.43 20.49 -11.72
C LEU I 155 34.07 20.55 -13.12
N GLU I 156 33.52 19.81 -14.08
CA GLU I 156 34.00 19.78 -15.49
C GLU I 156 33.26 20.86 -16.30
N LEU I 157 34.00 21.66 -17.08
CA LEU I 157 33.47 22.89 -17.69
C LEU I 157 33.48 22.78 -19.22
N GLN I 158 32.42 23.30 -19.86
CA GLN I 158 32.37 23.66 -21.30
C GLN I 158 32.68 25.14 -21.47
N PHE I 159 33.63 25.48 -22.35
CA PHE I 159 33.99 26.89 -22.68
C PHE I 159 32.96 27.39 -23.69
N MET I 160 32.34 28.53 -23.42
CA MET I 160 31.35 29.13 -24.35
C MET I 160 31.15 30.60 -24.01
N VAL I 161 31.24 31.43 -25.03
CA VAL I 161 31.30 32.91 -24.90
C VAL I 161 30.32 33.56 -25.87
N PHE I 162 29.76 34.68 -25.43
CA PHE I 162 28.88 35.53 -26.25
C PHE I 162 29.62 35.90 -27.54
N ASN I 163 30.87 36.36 -27.40
CA ASN I 163 31.77 36.89 -28.47
C ASN I 163 33.17 36.26 -28.38
N HIS I 164 33.51 35.42 -29.37
CA HIS I 164 34.75 34.59 -29.42
C HIS I 164 36.00 35.48 -29.43
N ARG I 165 35.89 36.73 -29.91
CA ARG I 165 37.03 37.67 -30.15
C ARG I 165 37.30 38.52 -28.91
N ALA I 166 36.53 38.34 -27.83
CA ALA I 166 36.80 39.02 -26.55
C ALA I 166 38.19 38.57 -26.08
N THR I 167 39.01 39.52 -25.67
CA THR I 167 40.37 39.29 -25.12
C THR I 167 40.27 39.39 -23.59
N TYR I 168 40.28 38.24 -22.90
CA TYR I 168 40.22 38.17 -21.43
C TYR I 168 41.60 38.46 -20.89
N PRO I 169 41.72 39.03 -19.67
CA PRO I 169 43.00 39.55 -19.19
C PRO I 169 43.85 38.38 -18.67
N ALA I 170 45.15 38.61 -18.48
CA ALA I 170 46.12 37.55 -18.11
C ALA I 170 45.69 36.86 -16.81
N GLU I 171 45.05 37.58 -15.87
CA GLU I 171 44.66 37.05 -14.54
C GLU I 171 43.58 35.97 -14.71
N ALA I 172 42.81 36.04 -15.80
CA ALA I 172 41.65 35.14 -16.05
C ALA I 172 42.17 33.87 -16.69
N THR I 173 41.53 32.73 -16.42
CA THR I 173 41.79 31.44 -17.08
C THR I 173 40.67 31.25 -18.10
N VAL I 174 41.05 31.12 -19.39
CA VAL I 174 40.12 30.96 -20.54
C VAL I 174 40.84 30.11 -21.59
N ILE I 175 40.11 29.57 -22.57
CA ILE I 175 40.71 29.02 -23.82
C ILE I 175 41.06 30.22 -24.71
N LYS I 176 42.34 30.42 -25.00
CA LYS I 176 42.87 31.49 -25.90
C LYS I 176 42.57 31.12 -27.36
N ASN I 177 42.25 32.11 -28.21
CA ASN I 177 41.91 31.92 -29.65
C ASN I 177 40.90 30.78 -29.79
N PRO I 178 39.74 30.85 -29.10
CA PRO I 178 38.75 29.77 -29.16
C PRO I 178 38.20 29.41 -30.55
N GLY I 179 38.05 30.42 -31.41
CA GLY I 179 37.37 30.26 -32.72
C GLY I 179 35.89 30.59 -32.63
N ALA I 180 35.27 30.82 -33.79
CA ALA I 180 33.83 31.15 -33.95
C ALA I 180 32.96 30.14 -33.21
N SER I 181 33.46 28.89 -33.13
CA SER I 181 32.74 27.71 -32.62
C SER I 181 32.45 27.85 -31.12
N SER I 182 33.30 28.59 -30.39
CA SER I 182 33.14 28.80 -28.93
C SER I 182 31.87 29.60 -28.61
N GLN I 183 31.26 30.26 -29.60
CA GLN I 183 30.01 31.04 -29.45
C GLN I 183 28.80 30.09 -29.41
N VAL I 184 29.01 28.83 -29.78
CA VAL I 184 28.02 27.74 -29.58
C VAL I 184 28.79 26.55 -28.98
N PHE I 185 28.32 25.32 -29.19
CA PHE I 185 28.97 24.12 -28.61
C PHE I 185 30.04 23.57 -29.55
N ASP I 186 31.29 23.66 -29.09
CA ASP I 186 32.47 23.00 -29.71
C ASP I 186 32.97 21.89 -28.78
N PRO I 187 32.94 20.60 -29.20
CA PRO I 187 33.35 19.51 -28.32
C PRO I 187 34.83 19.54 -27.88
N ASN I 188 35.68 20.35 -28.52
CA ASN I 188 37.12 20.45 -28.15
C ASN I 188 37.33 21.45 -27.01
N LEU I 189 36.35 22.30 -26.66
CA LEU I 189 36.62 23.44 -25.74
C LEU I 189 36.24 23.07 -24.31
N LYS I 190 37.18 22.44 -23.59
CA LYS I 190 36.91 21.74 -22.30
C LYS I 190 37.71 22.37 -21.16
N GLY I 191 37.22 22.20 -19.94
CA GLY I 191 37.82 22.79 -18.72
C GLY I 191 37.54 21.97 -17.48
N THR I 192 38.29 22.23 -16.42
CA THR I 192 38.01 21.71 -15.07
C THR I 192 38.15 22.88 -14.12
N LEU I 193 37.19 23.07 -13.21
CA LEU I 193 37.19 24.25 -12.31
C LEU I 193 38.26 24.05 -11.23
N THR I 194 39.51 24.45 -11.49
CA THR I 194 40.66 24.08 -10.60
C THR I 194 41.13 25.24 -9.73
N ALA I 195 40.62 26.48 -9.89
CA ALA I 195 41.06 27.61 -9.03
C ALA I 195 39.91 28.61 -8.76
N ASP I 196 39.95 29.22 -7.58
CA ASP I 196 38.95 30.20 -7.07
C ASP I 196 39.23 31.58 -7.67
N GLY I 197 38.20 32.25 -8.20
CA GLY I 197 38.21 33.66 -8.64
C GLY I 197 39.03 33.95 -9.91
N VAL I 198 39.18 33.01 -10.86
CA VAL I 198 39.94 33.26 -12.12
C VAL I 198 39.27 32.66 -13.36
N PHE I 199 38.27 31.77 -13.18
CA PHE I 199 37.41 31.24 -14.27
C PHE I 199 36.21 32.15 -14.47
N PRO I 200 36.21 33.03 -15.51
CA PRO I 200 35.09 33.95 -15.76
C PRO I 200 33.76 33.21 -15.93
N VAL I 201 32.73 33.63 -15.20
CA VAL I 201 31.37 33.05 -15.36
C VAL I 201 30.95 33.18 -16.84
N GLU I 202 31.29 34.29 -17.49
CA GLU I 202 30.73 34.59 -18.84
C GLU I 202 31.38 33.71 -19.94
N ALA I 203 32.35 32.88 -19.56
CA ALA I 203 33.24 32.13 -20.48
C ALA I 203 33.08 30.62 -20.27
N TRP I 204 32.66 30.18 -19.09
CA TRP I 204 32.66 28.76 -18.68
C TRP I 204 31.28 28.37 -18.13
N GLY I 205 30.81 27.18 -18.49
CA GLY I 205 29.58 26.57 -17.96
C GLY I 205 29.82 25.13 -17.54
N PRO I 206 28.94 24.55 -16.70
CA PRO I 206 29.02 23.12 -16.37
C PRO I 206 28.80 22.27 -17.62
N ASP I 207 29.74 21.35 -17.88
CA ASP I 207 29.68 20.42 -19.03
C ASP I 207 28.68 19.31 -18.76
N PRO I 208 27.51 19.29 -19.44
CA PRO I 208 26.54 18.20 -19.28
C PRO I 208 27.02 16.88 -19.87
N PHE I 209 28.12 16.85 -20.64
CA PHE I 209 28.68 15.63 -21.29
C PHE I 209 29.62 14.89 -20.31
N LYS I 210 29.98 15.52 -19.20
CA LYS I 210 30.89 14.97 -18.16
C LYS I 210 30.17 15.08 -16.81
N ASN I 211 30.89 15.27 -15.70
CA ASN I 211 30.26 15.55 -14.39
C ASN I 211 29.31 14.41 -14.01
N GLU I 212 29.66 13.15 -14.33
CA GLU I 212 28.92 11.94 -13.85
C GLU I 212 29.21 11.71 -12.36
N ASN I 213 30.26 12.36 -11.80
CA ASN I 213 30.62 12.31 -10.37
C ASN I 213 30.39 13.67 -9.67
N THR I 214 29.53 14.53 -10.22
CA THR I 214 29.18 15.87 -9.68
C THR I 214 27.70 16.14 -9.93
N ARG I 215 27.04 16.83 -8.99
CA ARG I 215 25.67 17.34 -9.19
C ARG I 215 25.74 18.85 -9.28
N TYR I 216 25.16 19.45 -10.34
CA TYR I 216 25.10 20.93 -10.53
C TYR I 216 23.65 21.36 -10.77
N PHE I 217 23.34 22.56 -10.28
CA PHE I 217 22.01 23.21 -10.39
C PHE I 217 22.22 24.69 -10.71
N GLY I 218 21.36 25.27 -11.55
CA GLY I 218 21.59 26.61 -12.10
C GLY I 218 20.29 27.30 -12.47
N GLN I 219 20.20 28.59 -12.17
CA GLN I 219 19.11 29.48 -12.62
C GLN I 219 19.71 30.77 -13.17
N TYR I 220 19.21 31.25 -14.30
CA TYR I 220 19.51 32.59 -14.86
C TYR I 220 18.21 33.33 -15.15
N THR I 221 18.06 34.51 -14.57
CA THR I 221 17.07 35.55 -14.93
C THR I 221 17.88 36.72 -15.46
N GLY I 222 17.66 37.14 -16.72
CA GLY I 222 18.43 38.22 -17.35
C GLY I 222 17.84 39.59 -17.04
N GLY I 223 18.38 40.62 -17.71
CA GLY I 223 17.86 41.99 -17.69
C GLY I 223 18.67 42.91 -16.79
N THR I 224 18.27 44.17 -16.78
CA THR I 224 19.03 45.33 -16.23
C THR I 224 18.24 45.90 -15.07
N GLN I 225 16.90 45.93 -15.17
CA GLN I 225 15.95 46.46 -14.15
C GLN I 225 15.02 45.35 -13.60
N THR I 226 15.34 44.08 -13.78
CA THR I 226 14.59 42.93 -13.18
C THR I 226 14.69 42.95 -11.66
N PRO I 227 13.57 42.85 -10.90
CA PRO I 227 13.66 42.71 -9.45
C PRO I 227 14.30 41.38 -9.05
N PRO I 228 15.30 41.39 -8.16
CA PRO I 228 15.88 40.15 -7.63
C PRO I 228 14.84 39.41 -6.78
N VAL I 229 14.81 38.08 -6.91
CA VAL I 229 13.95 37.14 -6.12
C VAL I 229 14.88 36.13 -5.46
N LEU I 230 15.03 36.19 -4.14
CA LEU I 230 15.85 35.22 -3.35
C LEU I 230 15.04 34.65 -2.19
N THR I 231 15.21 33.36 -1.92
CA THR I 231 14.61 32.66 -0.77
C THR I 231 15.75 32.16 0.10
N PHE I 232 15.53 32.06 1.41
CA PHE I 232 16.46 31.48 2.40
C PHE I 232 15.64 30.74 3.48
N THR I 233 15.89 29.46 3.62
CA THR I 233 15.39 28.64 4.76
C THR I 233 16.43 27.59 5.14
N ASN I 234 16.44 27.19 6.40
CA ASN I 234 17.33 26.12 6.91
C ASN I 234 16.57 24.80 6.90
N THR I 235 15.50 24.67 6.10
CA THR I 235 14.56 23.51 6.14
C THR I 235 14.54 22.67 4.85
N GLN I 236 15.31 23.03 3.82
CA GLN I 236 15.25 22.33 2.50
C GLN I 236 16.48 21.44 2.37
N THR I 237 16.28 20.17 2.00
CA THR I 237 17.35 19.17 1.72
C THR I 237 17.20 18.73 0.26
N THR I 238 18.32 18.66 -0.45
CA THR I 238 18.42 18.15 -1.84
C THR I 238 19.14 16.81 -1.79
N ILE I 239 18.48 15.74 -2.22
CA ILE I 239 19.07 14.38 -2.30
C ILE I 239 20.12 14.42 -3.43
N LEU I 240 21.29 13.82 -3.21
CA LEU I 240 22.41 13.86 -4.19
C LEU I 240 22.59 12.49 -4.88
N LEU I 241 21.78 11.51 -4.47
CA LEU I 241 21.77 10.12 -5.01
C LEU I 241 21.31 10.14 -6.46
N ASP I 242 22.02 9.45 -7.37
CA ASP I 242 21.64 9.35 -8.81
C ASP I 242 20.53 8.30 -8.93
N GLU I 243 20.17 7.94 -10.17
CA GLU I 243 19.05 7.00 -10.50
C GLU I 243 19.24 5.68 -9.74
N ASN I 244 20.48 5.23 -9.54
CA ASN I 244 20.84 3.93 -8.91
C ASN I 244 21.14 4.13 -7.41
N GLY I 245 20.72 5.25 -6.81
CA GLY I 245 20.94 5.51 -5.37
C GLY I 245 22.42 5.61 -5.00
N VAL I 246 23.24 6.18 -5.90
CA VAL I 246 24.69 6.44 -5.67
C VAL I 246 24.93 7.95 -5.73
N GLY I 247 25.66 8.47 -4.76
CA GLY I 247 25.97 9.90 -4.62
C GLY I 247 27.34 10.20 -5.22
N PRO I 248 27.79 11.46 -5.26
CA PRO I 248 29.15 11.75 -5.66
C PRO I 248 30.18 11.02 -4.78
N LEU I 249 31.18 10.38 -5.42
CA LEU I 249 32.23 9.59 -4.72
C LEU I 249 33.51 10.42 -4.60
N CYS I 250 33.87 10.80 -3.39
CA CYS I 250 34.93 11.80 -3.12
C CYS I 250 36.33 11.18 -3.30
N LYS I 251 36.99 11.47 -4.42
CA LYS I 251 38.34 10.94 -4.75
C LYS I 251 39.41 11.76 -4.02
N GLY I 252 40.42 11.09 -3.47
CA GLY I 252 41.47 11.71 -2.63
C GLY I 252 40.92 12.17 -1.29
N ASP I 253 39.71 11.72 -0.94
CA ASP I 253 38.92 12.17 0.26
C ASP I 253 38.68 13.68 0.14
N GLY I 254 38.44 14.16 -1.08
CA GLY I 254 38.12 15.58 -1.34
C GLY I 254 36.67 15.75 -1.73
N LEU I 255 35.98 16.70 -1.09
CA LEU I 255 34.61 17.14 -1.48
C LEU I 255 34.76 18.46 -2.22
N PHE I 256 34.33 18.53 -3.47
CA PHE I 256 34.42 19.73 -4.35
C PHE I 256 33.10 20.51 -4.31
N LEU I 257 33.19 21.78 -3.88
CA LEU I 257 32.07 22.77 -3.83
C LEU I 257 32.39 23.92 -4.78
N SER I 258 31.38 24.35 -5.54
CA SER I 258 31.45 25.39 -6.59
C SER I 258 30.15 26.19 -6.57
N CYS I 259 30.21 27.46 -6.91
CA CYS I 259 28.98 28.24 -7.14
C CYS I 259 29.33 29.55 -7.82
N ALA I 260 28.27 30.26 -8.24
CA ALA I 260 28.27 31.66 -8.68
C ALA I 260 26.94 32.25 -8.22
N ASP I 261 26.98 33.42 -7.62
CA ASP I 261 25.79 34.05 -6.99
C ASP I 261 25.83 35.56 -7.28
N ILE I 262 25.81 35.88 -8.58
CA ILE I 262 25.48 37.23 -9.11
C ILE I 262 24.04 37.49 -8.68
N VAL I 263 23.83 38.51 -7.87
CA VAL I 263 22.50 38.85 -7.31
C VAL I 263 21.85 39.91 -8.22
N GLY I 264 22.65 40.86 -8.72
CA GLY I 264 22.20 41.96 -9.58
C GLY I 264 23.26 43.03 -9.72
N PHE I 265 22.87 44.21 -10.18
CA PHE I 265 23.76 45.38 -10.38
C PHE I 265 23.47 46.43 -9.32
N PHE I 266 24.53 47.10 -8.86
CA PHE I 266 24.48 48.32 -8.03
C PHE I 266 24.67 49.53 -8.94
N THR I 267 23.77 50.50 -8.93
CA THR I 267 23.89 51.76 -9.74
C THR I 267 24.16 52.97 -8.84
N GLN I 268 25.32 53.58 -9.05
CA GLN I 268 25.79 54.83 -8.40
C GLN I 268 24.99 56.02 -8.94
N HIS I 269 25.08 57.17 -8.26
CA HIS I 269 24.40 58.43 -8.62
C HIS I 269 24.72 58.80 -10.08
N ASN I 270 25.99 58.67 -10.49
CA ASN I 270 26.45 59.02 -11.86
C ASN I 270 26.24 57.82 -12.82
N LYS I 271 25.52 56.78 -12.38
CA LYS I 271 24.97 55.71 -13.25
C LYS I 271 26.03 54.67 -13.62
N LYS I 272 27.23 54.74 -13.04
CA LYS I 272 28.20 53.62 -13.11
C LYS I 272 27.55 52.41 -12.41
N MET I 273 27.67 51.24 -13.04
CA MET I 273 27.00 50.01 -12.58
C MET I 273 28.08 48.96 -12.31
N SER I 274 27.86 48.10 -11.31
CA SER I 274 28.80 47.03 -10.88
C SER I 274 28.01 45.79 -10.46
N PHE I 275 28.59 44.60 -10.65
CA PHE I 275 27.99 43.34 -10.18
C PHE I 275 28.05 43.36 -8.67
N ARG I 276 26.97 42.91 -8.03
CA ARG I 276 26.97 42.52 -6.60
C ARG I 276 26.65 41.04 -6.50
N GLY I 277 27.43 40.34 -5.68
CA GLY I 277 27.21 38.91 -5.34
C GLY I 277 27.05 38.71 -3.84
N LEU I 278 26.70 37.49 -3.43
CA LEU I 278 26.45 37.10 -2.04
C LEU I 278 27.17 35.78 -1.78
N PRO I 279 27.54 35.51 -0.52
CA PRO I 279 28.13 34.23 -0.15
C PRO I 279 27.09 33.12 -0.11
N ARG I 280 27.54 31.89 -0.33
CA ARG I 280 26.73 30.66 -0.33
C ARG I 280 27.15 29.75 0.84
N TYR I 281 26.17 29.23 1.58
CA TYR I 281 26.31 28.21 2.66
C TYR I 281 26.11 26.82 2.08
N PHE I 282 26.97 25.88 2.43
CA PHE I 282 26.80 24.43 2.14
C PHE I 282 26.85 23.60 3.43
N ARG I 283 25.89 22.68 3.56
CA ARG I 283 25.97 21.52 4.49
C ARG I 283 25.83 20.25 3.66
N VAL I 284 26.77 19.30 3.79
CA VAL I 284 26.77 18.02 3.03
C VAL I 284 26.91 16.86 4.03
N THR I 285 25.99 15.90 3.95
CA THR I 285 26.05 14.59 4.67
C THR I 285 26.67 13.53 3.74
N LEU I 286 27.69 12.82 4.21
CA LEU I 286 28.38 11.75 3.43
C LEU I 286 28.39 10.48 4.28
N ARG I 287 28.45 9.32 3.60
CA ARG I 287 28.46 7.98 4.23
C ARG I 287 29.56 7.12 3.59
N LYS I 288 29.94 6.04 4.26
CA LYS I 288 31.00 5.11 3.78
C LYS I 288 30.40 4.19 2.73
N ARG I 289 31.05 4.13 1.56
CA ARG I 289 30.66 3.27 0.43
C ARG I 289 31.86 2.41 0.05
N VAL I 290 31.61 1.10 -0.09
CA VAL I 290 32.59 0.09 -0.56
C VAL I 290 32.61 0.14 -2.09
N VAL I 291 33.80 0.26 -2.69
CA VAL I 291 34.00 0.34 -4.17
C VAL I 291 35.14 -0.59 -4.58
N LYS I 292 35.05 -1.15 -5.80
CA LYS I 292 36.08 -2.04 -6.42
C LYS I 292 37.40 -1.27 -6.59
N ILE J 24 21.39 17.80 24.46
CA ILE J 24 20.01 17.24 24.68
C ILE J 24 19.85 15.92 23.92
N GLU J 25 19.75 14.78 24.63
CA GLU J 25 19.29 13.48 24.04
C GLU J 25 17.76 13.49 23.94
N VAL J 26 17.21 13.22 22.76
CA VAL J 26 15.74 13.25 22.51
C VAL J 26 15.21 11.83 22.69
N LEU J 27 14.21 11.68 23.57
CA LEU J 27 13.53 10.40 23.87
C LEU J 27 12.09 10.50 23.34
N ALA J 28 11.11 9.84 23.97
CA ALA J 28 9.77 9.64 23.39
C ALA J 28 8.93 10.92 23.47
N VAL J 29 7.98 11.05 22.53
CA VAL J 29 6.91 12.10 22.52
C VAL J 29 5.80 11.56 23.43
N ARG J 30 5.07 12.44 24.13
CA ARG J 30 3.85 12.07 24.90
C ARG J 30 2.62 12.43 24.07
N THR J 31 1.65 11.50 24.03
CA THR J 31 0.34 11.65 23.34
C THR J 31 -0.77 11.72 24.40
N GLY J 32 -2.00 12.01 23.97
CA GLY J 32 -3.17 12.21 24.85
C GLY J 32 -3.79 13.60 24.70
N PRO J 33 -4.95 13.85 25.34
CA PRO J 33 -5.67 15.11 25.15
C PRO J 33 -5.13 16.29 25.99
N ASP J 34 -3.99 16.11 26.67
CA ASP J 34 -3.33 17.13 27.53
C ASP J 34 -1.84 17.31 27.14
N SER J 35 -1.34 16.52 26.20
CA SER J 35 0.07 16.51 25.75
C SER J 35 0.31 17.61 24.70
N ILE J 36 -0.77 18.14 24.15
CA ILE J 36 -0.80 19.17 23.07
C ILE J 36 -1.17 20.50 23.71
N THR J 37 -0.51 21.58 23.32
CA THR J 37 -0.93 22.97 23.64
C THR J 37 -0.72 23.84 22.40
N GLU J 38 -1.64 24.79 22.21
CA GLU J 38 -1.63 25.79 21.12
C GLU J 38 -1.26 27.16 21.70
N ILE J 39 -0.37 27.88 21.04
CA ILE J 39 0.00 29.28 21.38
C ILE J 39 -0.34 30.20 20.21
N GLU J 40 -0.91 31.36 20.53
CA GLU J 40 -1.27 32.42 19.54
C GLU J 40 -0.58 33.72 19.97
N ALA J 41 0.10 34.36 19.03
CA ALA J 41 0.82 35.64 19.25
C ALA J 41 0.78 36.50 17.98
N TYR J 42 1.16 37.76 18.11
CA TYR J 42 1.42 38.69 16.99
C TYR J 42 2.78 39.35 17.24
N LEU J 43 3.44 39.78 16.16
CA LEU J 43 4.54 40.76 16.22
C LEU J 43 4.19 41.93 15.30
N ASN J 44 4.14 43.14 15.88
CA ASN J 44 3.94 44.40 15.15
C ASN J 44 5.26 44.78 14.48
N PRO J 45 5.22 45.42 13.29
CA PRO J 45 6.46 45.77 12.59
C PRO J 45 7.25 46.82 13.37
N ARG J 46 8.53 46.93 13.03
CA ARG J 46 9.50 47.91 13.60
C ARG J 46 10.18 48.65 12.45
N MET J 47 9.40 49.42 11.71
CA MET J 47 9.86 50.05 10.44
C MET J 47 10.65 51.34 10.71
N GLY J 48 10.56 51.95 11.90
CA GLY J 48 11.43 53.07 12.28
C GLY J 48 10.77 54.08 13.18
N GLN J 49 9.53 54.46 12.87
CA GLN J 49 8.77 55.48 13.64
C GLN J 49 8.18 54.79 14.87
N PRO J 50 8.07 55.53 16.00
CA PRO J 50 7.73 54.92 17.27
C PRO J 50 6.24 54.62 17.37
N GLN J 51 5.85 53.79 18.33
CA GLN J 51 4.44 53.45 18.68
C GLN J 51 3.73 54.73 19.18
N ASN J 52 2.40 54.79 19.08
CA ASN J 52 1.61 55.92 19.66
C ASN J 52 1.53 57.06 18.64
N GLU J 53 2.66 57.54 18.10
CA GLU J 53 2.72 58.64 17.10
C GLU J 53 2.04 58.21 15.77
N ASP J 54 1.78 59.20 14.89
CA ASP J 54 0.86 59.06 13.73
C ASP J 54 1.42 58.10 12.67
N PHE J 55 2.73 57.83 12.65
CA PHE J 55 3.42 57.09 11.54
C PHE J 55 3.87 55.71 12.03
N TYR J 56 3.22 55.17 13.06
CA TYR J 56 3.42 53.75 13.53
C TYR J 56 3.11 52.83 12.33
N GLY J 57 4.11 52.06 11.90
CA GLY J 57 4.01 51.08 10.80
C GLY J 57 4.84 51.52 9.61
N PHE J 58 5.33 52.75 9.66
CA PHE J 58 6.20 53.37 8.62
C PHE J 58 7.61 53.57 9.18
N SER J 59 8.60 53.70 8.31
CA SER J 59 9.89 54.36 8.64
C SER J 59 9.71 55.86 8.47
N ASP J 60 10.69 56.63 8.89
CA ASP J 60 10.83 58.06 8.48
C ASP J 60 11.27 58.03 7.00
N ASN J 61 11.30 59.22 6.38
CA ASN J 61 11.61 59.39 4.93
C ASN J 61 13.08 59.06 4.72
N VAL J 62 13.37 58.27 3.69
CA VAL J 62 14.70 57.66 3.44
C VAL J 62 15.60 58.71 2.78
N THR J 63 16.80 58.85 3.30
CA THR J 63 17.88 59.73 2.80
C THR J 63 18.90 58.76 2.25
N VAL J 64 19.65 59.18 1.25
CA VAL J 64 20.65 58.35 0.55
C VAL J 64 21.95 59.10 0.64
N SER J 65 23.05 58.43 0.93
CA SER J 65 24.37 59.08 1.08
C SER J 65 24.96 59.41 -0.30
N ASP J 66 25.84 60.41 -0.39
CA ASP J 66 26.52 60.75 -1.67
C ASP J 66 27.57 59.69 -1.98
N ASP J 67 28.26 59.17 -0.96
CA ASP J 67 29.35 58.17 -1.13
C ASP J 67 29.21 57.08 -0.07
N PHE J 68 30.08 56.08 -0.14
CA PHE J 68 30.06 54.94 0.81
C PHE J 68 30.71 55.37 2.13
N GLY J 69 31.65 56.31 2.08
CA GLY J 69 32.47 56.75 3.23
C GLY J 69 31.73 57.67 4.18
N SER J 70 30.75 58.42 3.70
CA SER J 70 29.97 59.37 4.54
C SER J 70 28.55 58.84 4.75
N ASP J 71 28.37 57.54 4.61
CA ASP J 71 27.06 56.86 4.74
C ASP J 71 26.72 56.75 6.22
N ALA J 72 25.69 57.43 6.71
CA ALA J 72 25.29 57.40 8.14
C ALA J 72 23.77 57.41 8.24
N PRO J 73 23.08 56.25 8.09
CA PRO J 73 21.62 56.25 8.03
C PRO J 73 21.06 56.68 9.37
N PRO J 74 20.33 57.82 9.44
CA PRO J 74 19.81 58.29 10.72
C PRO J 74 18.83 57.26 11.27
N TRP J 75 18.60 57.29 12.59
CA TRP J 75 17.64 56.43 13.32
C TRP J 75 16.23 56.70 12.78
N LYS J 76 15.41 55.64 12.77
CA LYS J 76 13.99 55.63 12.32
C LYS J 76 13.88 55.57 10.79
N GLN J 77 14.97 55.55 10.02
CA GLN J 77 14.87 55.57 8.53
C GLN J 77 15.11 54.18 7.93
N PHE J 78 15.10 53.14 8.75
CA PHE J 78 15.36 51.76 8.31
C PHE J 78 14.61 50.80 9.24
N PRO J 79 14.09 49.67 8.71
CA PRO J 79 13.38 48.71 9.55
C PRO J 79 14.35 47.88 10.39
N CYS J 80 13.83 47.30 11.47
CA CYS J 80 14.58 46.37 12.35
C CYS J 80 13.74 45.11 12.54
N TYR J 81 14.35 44.08 13.10
CA TYR J 81 13.66 42.80 13.37
C TYR J 81 12.74 42.95 14.58
N SER J 82 11.52 42.41 14.44
CA SER J 82 10.57 42.15 15.55
C SER J 82 10.94 40.81 16.18
N THR J 83 10.83 40.70 17.52
CA THR J 83 11.03 39.42 18.26
C THR J 83 10.24 39.43 19.58
N ALA J 84 9.70 38.27 19.98
CA ALA J 84 9.13 38.04 21.33
C ALA J 84 9.51 36.66 21.86
N ARG J 85 9.60 36.53 23.18
CA ARG J 85 9.61 35.25 23.92
C ARG J 85 8.19 35.03 24.47
N ILE J 86 7.57 33.91 24.15
CA ILE J 86 6.23 33.53 24.70
C ILE J 86 6.45 32.54 25.85
N SER J 87 5.73 32.77 26.95
CA SER J 87 5.73 31.92 28.16
C SER J 87 4.85 30.71 27.88
N LEU J 88 5.39 29.51 28.01
CA LEU J 88 4.62 28.27 27.80
C LEU J 88 4.06 27.76 29.12
N PRO J 89 2.93 27.02 29.08
CA PRO J 89 2.28 26.53 30.30
C PRO J 89 3.25 25.64 31.09
N MET J 90 3.14 25.66 32.42
CA MET J 90 4.01 24.90 33.36
C MET J 90 3.88 23.42 32.99
N LEU J 91 5.00 22.71 32.87
CA LEU J 91 4.99 21.23 32.66
C LEU J 91 5.01 20.53 34.04
N ASN J 92 4.16 19.52 34.22
CA ASN J 92 4.14 18.64 35.42
C ASN J 92 5.27 17.61 35.28
N GLN J 93 6.46 17.94 35.78
CA GLN J 93 7.67 17.08 35.72
C GLN J 93 7.47 15.85 36.63
N ASP J 94 7.96 14.69 36.20
CA ASP J 94 8.25 13.54 37.08
C ASP J 94 9.45 13.94 37.94
N MET J 95 9.22 14.13 39.24
CA MET J 95 10.21 14.65 40.22
C MET J 95 11.40 13.68 40.40
N THR J 96 11.23 12.37 40.20
CA THR J 96 12.35 11.40 40.43
C THR J 96 12.92 10.89 39.12
N SER J 97 12.41 11.35 37.96
CA SER J 97 12.90 10.96 36.61
C SER J 97 14.29 11.58 36.39
N ASP J 98 15.23 10.76 35.89
CA ASP J 98 16.55 11.19 35.37
C ASP J 98 16.32 11.85 34.01
N THR J 99 15.07 11.93 33.55
CA THR J 99 14.65 12.68 32.33
C THR J 99 13.83 13.92 32.72
N ILE J 100 13.51 14.75 31.72
CA ILE J 100 12.68 15.99 31.85
C ILE J 100 11.69 16.07 30.67
N LEU J 101 10.55 16.76 30.84
CA LEU J 101 9.62 17.18 29.76
C LEU J 101 10.00 18.56 29.22
N MET J 102 10.12 18.68 27.88
CA MET J 102 10.24 19.97 27.17
C MET J 102 9.07 20.14 26.20
N TRP J 103 8.60 21.37 26.03
CA TRP J 103 7.64 21.72 24.95
C TRP J 103 8.40 21.63 23.62
N GLU J 104 7.85 20.89 22.66
CA GLU J 104 8.43 20.74 21.31
C GLU J 104 7.46 21.37 20.30
N ALA J 105 7.88 22.43 19.60
CA ALA J 105 7.07 23.06 18.52
C ALA J 105 7.03 22.13 17.31
N ILE J 106 5.86 21.57 16.96
CA ILE J 106 5.68 20.54 15.89
C ILE J 106 5.06 21.12 14.62
N SER J 107 4.31 22.20 14.72
CA SER J 107 3.69 22.87 13.54
C SER J 107 3.41 24.35 13.83
N CYS J 108 3.21 25.15 12.80
CA CYS J 108 2.71 26.54 12.96
C CYS J 108 1.77 26.90 11.83
N ARG J 109 0.88 27.85 12.09
CA ARG J 109 0.26 28.69 11.03
C ARG J 109 0.79 30.12 11.24
N THR J 110 1.09 30.82 10.16
CA THR J 110 1.56 32.23 10.23
C THR J 110 0.98 32.96 9.02
N GLU J 111 0.35 34.11 9.26
CA GLU J 111 -0.26 34.98 8.22
C GLU J 111 0.28 36.41 8.40
N VAL J 112 0.56 37.10 7.30
CA VAL J 112 0.77 38.56 7.34
C VAL J 112 -0.63 39.15 7.57
N MET J 113 -0.78 40.03 8.56
CA MET J 113 -2.11 40.64 8.83
C MET J 113 -2.18 42.04 8.20
N GLY J 114 -3.42 42.47 7.90
CA GLY J 114 -3.70 43.81 7.36
C GLY J 114 -3.32 43.97 5.89
N VAL J 115 -3.25 42.89 5.12
CA VAL J 115 -3.02 43.02 3.65
C VAL J 115 -4.12 43.91 3.06
N ASN J 116 -5.32 43.83 3.64
CA ASN J 116 -6.54 44.55 3.22
C ASN J 116 -6.24 46.04 3.07
N MET J 117 -5.36 46.59 3.92
CA MET J 117 -5.16 48.06 4.03
C MET J 117 -4.50 48.57 2.75
N LEU J 118 -3.88 47.66 1.97
CA LEU J 118 -3.09 47.99 0.76
C LEU J 118 -4.03 48.22 -0.43
N THR J 119 -5.34 48.06 -0.23
CA THR J 119 -6.36 48.48 -1.22
C THR J 119 -6.58 50.01 -1.12
N ASN J 120 -5.86 50.68 -0.22
CA ASN J 120 -6.01 52.13 -0.04
C ASN J 120 -5.12 52.86 -1.05
N VAL J 121 -5.72 53.61 -1.95
CA VAL J 121 -4.94 54.38 -2.96
C VAL J 121 -5.30 55.86 -2.85
N HIS J 122 -5.86 56.30 -1.71
CA HIS J 122 -6.37 57.70 -1.52
C HIS J 122 -5.61 58.47 -0.44
N SER J 123 -4.89 57.78 0.45
CA SER J 123 -4.21 58.42 1.62
C SER J 123 -2.87 59.04 1.20
N ALA J 124 -2.91 60.24 0.61
CA ALA J 124 -1.75 61.15 0.44
C ALA J 124 -0.64 60.50 -0.40
N GLN J 125 -0.98 59.78 -1.46
CA GLN J 125 0.00 59.05 -2.30
C GLN J 125 0.39 59.89 -3.53
N LYS J 126 1.59 59.68 -4.07
CA LYS J 126 1.95 60.20 -5.41
C LYS J 126 0.94 59.53 -6.35
N ARG J 127 0.24 60.30 -7.19
CA ARG J 127 -0.83 59.76 -8.09
C ARG J 127 -0.16 59.15 -9.33
N VAL J 128 -0.83 58.22 -10.00
CA VAL J 128 -0.23 57.49 -11.17
C VAL J 128 0.10 58.52 -12.25
N TYR J 129 -0.75 59.54 -12.44
CA TYR J 129 -0.52 60.70 -13.36
C TYR J 129 -0.32 61.98 -12.54
N GLU J 130 0.81 62.13 -11.83
CA GLU J 130 1.06 63.30 -10.93
C GLU J 130 0.95 64.62 -11.71
N ASN J 131 1.50 64.67 -12.93
CA ASN J 131 1.61 65.93 -13.71
C ASN J 131 0.22 66.49 -14.05
N ASP J 132 -0.78 65.61 -14.19
CA ASP J 132 -2.18 65.99 -14.49
C ASP J 132 -2.99 66.08 -13.17
N ARG J 133 -2.33 65.93 -12.01
CA ARG J 133 -2.97 65.87 -10.67
C ARG J 133 -4.16 64.88 -10.73
N GLU J 134 -3.93 63.69 -11.30
CA GLU J 134 -5.04 62.76 -11.61
C GLU J 134 -4.63 61.29 -11.40
N GLY J 135 -5.64 60.45 -11.20
CA GLY J 135 -5.49 58.99 -11.05
C GLY J 135 -5.58 58.58 -9.60
N THR J 136 -5.42 57.30 -9.30
CA THR J 136 -5.26 56.79 -7.91
C THR J 136 -3.86 57.14 -7.39
N GLY J 137 -3.66 57.03 -6.08
CA GLY J 137 -2.32 56.83 -5.51
C GLY J 137 -1.65 55.62 -6.15
N ILE J 138 -0.32 55.61 -6.17
CA ILE J 138 0.44 54.44 -6.70
C ILE J 138 0.45 53.34 -5.64
N GLY J 139 0.09 53.63 -4.39
CA GLY J 139 -0.05 52.60 -3.35
C GLY J 139 1.30 52.14 -2.87
N VAL J 140 1.37 51.03 -2.16
CA VAL J 140 2.67 50.51 -1.66
C VAL J 140 3.29 49.64 -2.76
N GLU J 141 4.49 49.99 -3.20
CA GLU J 141 5.21 49.35 -4.34
C GLU J 141 6.65 49.19 -3.87
N GLY J 142 7.41 48.30 -4.53
CA GLY J 142 8.84 48.13 -4.25
C GLY J 142 9.15 46.86 -3.48
N MET J 143 10.26 46.87 -2.77
CA MET J 143 10.88 45.65 -2.18
C MET J 143 9.91 45.04 -1.17
N GLY J 144 9.80 43.73 -1.20
CA GLY J 144 9.21 42.93 -0.12
C GLY J 144 10.30 42.14 0.57
N TYR J 145 10.40 42.27 1.89
CA TYR J 145 11.24 41.38 2.73
C TYR J 145 10.33 40.76 3.78
N HIS J 146 10.08 39.46 3.64
CA HIS J 146 9.28 38.62 4.56
C HIS J 146 10.10 37.43 5.00
N MET J 147 10.41 37.37 6.29
CA MET J 147 11.00 36.20 6.99
C MET J 147 10.39 36.08 8.39
N PHE J 148 10.07 34.86 8.80
CA PHE J 148 9.68 34.51 10.18
C PHE J 148 10.59 33.38 10.66
N ALA J 149 10.82 33.35 11.98
CA ALA J 149 11.57 32.26 12.64
C ALA J 149 10.85 31.88 13.92
N ILE J 150 10.86 30.57 14.21
CA ILE J 150 10.26 29.90 15.39
C ILE J 150 11.28 28.93 15.96
N GLY J 151 11.70 29.16 17.21
CA GLY J 151 12.68 28.29 17.89
C GLY J 151 12.53 28.28 19.40
N GLY J 152 13.29 27.39 20.03
CA GLY J 152 13.37 27.20 21.50
C GLY J 152 14.47 28.04 22.12
N GLU J 153 14.99 29.02 21.40
CA GLU J 153 16.00 29.97 21.92
C GLU J 153 16.08 31.14 20.94
N PRO J 154 16.78 32.24 21.29
CA PRO J 154 16.83 33.38 20.39
C PRO J 154 17.39 32.96 19.02
N LEU J 155 16.96 33.66 17.97
CA LEU J 155 17.47 33.45 16.59
C LEU J 155 18.96 33.80 16.57
N GLU J 156 19.77 32.98 15.94
CA GLU J 156 21.24 33.20 15.89
C GLU J 156 21.51 33.87 14.55
N LEU J 157 22.25 34.98 14.56
CA LEU J 157 22.34 35.90 13.41
C LEU J 157 23.75 35.92 12.88
N GLN J 158 23.85 36.26 11.59
CA GLN J 158 25.12 36.60 10.90
C GLN J 158 25.06 38.09 10.54
N PHE J 159 26.10 38.82 10.89
CA PHE J 159 26.23 40.26 10.52
C PHE J 159 26.69 40.31 9.07
N MET J 160 25.96 41.04 8.22
CA MET J 160 26.35 41.21 6.81
C MET J 160 25.63 42.43 6.24
N VAL J 161 26.41 43.32 5.63
CA VAL J 161 25.94 44.68 5.25
C VAL J 161 26.39 44.93 3.81
N PHE J 162 25.67 45.82 3.14
CA PHE J 162 25.87 46.19 1.72
C PHE J 162 27.13 47.03 1.60
N ASN J 163 27.36 47.90 2.60
CA ASN J 163 28.51 48.84 2.69
C ASN J 163 29.04 48.83 4.12
N HIS J 164 30.24 48.29 4.36
CA HIS J 164 30.83 48.12 5.71
C HIS J 164 31.10 49.47 6.41
N ARG J 165 31.18 50.59 5.68
CA ARG J 165 31.56 51.94 6.20
C ARG J 165 30.32 52.74 6.61
N ALA J 166 29.13 52.16 6.45
CA ALA J 166 27.88 52.69 7.03
C ALA J 166 28.08 52.80 8.56
N THR J 167 27.93 54.01 9.08
CA THR J 167 27.85 54.31 10.53
C THR J 167 26.38 54.15 10.95
N TYR J 168 26.02 53.10 11.67
CA TYR J 168 24.62 52.94 12.16
C TYR J 168 24.50 53.81 13.41
N PRO J 169 23.29 54.27 13.78
CA PRO J 169 23.17 55.17 14.92
C PRO J 169 23.32 54.35 16.21
N ALA J 170 23.42 55.05 17.35
CA ALA J 170 23.66 54.51 18.71
C ALA J 170 22.49 53.61 19.15
N GLU J 171 21.26 53.98 18.77
CA GLU J 171 20.00 53.26 19.09
C GLU J 171 20.02 51.82 18.52
N ALA J 172 20.74 51.61 17.41
CA ALA J 172 20.82 50.33 16.66
C ALA J 172 21.88 49.41 17.25
N THR J 173 21.59 48.10 17.28
CA THR J 173 22.55 47.05 17.68
C THR J 173 23.17 46.50 16.39
N VAL J 174 24.47 46.77 16.23
CA VAL J 174 25.32 46.38 15.07
C VAL J 174 26.71 46.04 15.64
N ILE J 175 27.59 45.44 14.85
CA ILE J 175 29.04 45.36 15.15
C ILE J 175 29.69 46.63 14.57
N LYS J 176 30.22 47.50 15.43
CA LYS J 176 30.84 48.79 14.99
C LYS J 176 32.16 48.48 14.27
N ASN J 177 32.57 49.35 13.34
CA ASN J 177 33.83 49.21 12.58
C ASN J 177 33.98 47.80 12.02
N PRO J 178 32.94 47.19 11.43
CA PRO J 178 33.13 45.88 10.81
C PRO J 178 34.15 46.07 9.67
N GLY J 179 34.94 45.05 9.39
CA GLY J 179 35.87 45.14 8.25
C GLY J 179 35.13 45.09 6.93
N ALA J 180 35.88 45.28 5.84
CA ALA J 180 35.49 45.02 4.44
C ALA J 180 34.83 43.63 4.31
N SER J 181 35.29 42.63 5.06
CA SER J 181 34.83 41.22 4.98
C SER J 181 33.38 41.05 5.47
N SER J 182 32.77 42.12 6.00
CA SER J 182 31.38 42.13 6.50
C SER J 182 30.41 42.41 5.35
N GLN J 183 30.94 42.76 4.17
CA GLN J 183 30.16 42.92 2.91
C GLN J 183 29.85 41.54 2.30
N VAL J 184 30.60 40.51 2.70
CA VAL J 184 30.31 39.09 2.37
C VAL J 184 30.32 38.28 3.69
N PHE J 185 30.65 36.98 3.66
CA PHE J 185 30.68 36.12 4.87
C PHE J 185 32.02 36.23 5.58
N ASP J 186 31.96 36.72 6.83
CA ASP J 186 33.04 36.62 7.85
C ASP J 186 32.53 35.80 9.04
N PRO J 187 33.16 34.65 9.37
CA PRO J 187 32.67 33.81 10.47
C PRO J 187 32.79 34.43 11.87
N ASN J 188 33.54 35.53 12.03
CA ASN J 188 33.78 36.19 13.33
C ASN J 188 32.64 37.17 13.69
N LEU J 189 31.73 37.48 12.76
CA LEU J 189 30.66 38.50 12.96
C LEU J 189 29.32 37.82 13.22
N LYS J 190 29.02 37.58 14.51
CA LYS J 190 27.82 36.83 14.97
C LYS J 190 27.03 37.69 15.94
N GLY J 191 25.80 37.25 16.23
CA GLY J 191 24.89 37.88 17.20
C GLY J 191 23.69 37.00 17.45
N THR J 192 22.81 37.45 18.38
CA THR J 192 21.56 36.75 18.70
C THR J 192 20.47 37.81 18.78
N LEU J 193 19.31 37.54 18.19
CA LEU J 193 18.22 38.54 18.17
C LEU J 193 17.68 38.62 19.61
N THR J 194 18.36 39.39 20.47
CA THR J 194 18.10 39.48 21.94
C THR J 194 17.03 40.52 22.23
N ALA J 195 16.74 41.45 21.32
CA ALA J 195 15.83 42.58 21.60
C ALA J 195 15.04 43.00 20.35
N ASP J 196 13.81 43.47 20.57
CA ASP J 196 12.84 43.86 19.52
C ASP J 196 13.18 45.28 19.04
N GLY J 197 13.38 45.43 17.74
CA GLY J 197 13.25 46.73 17.06
C GLY J 197 14.50 47.56 17.15
N VAL J 198 15.65 46.92 17.42
CA VAL J 198 16.99 47.57 17.53
C VAL J 198 18.01 46.90 16.58
N PHE J 199 17.76 45.70 16.06
CA PHE J 199 18.67 45.01 15.09
C PHE J 199 18.24 45.32 13.67
N PRO J 200 19.02 46.11 12.89
CA PRO J 200 18.62 46.54 11.56
C PRO J 200 18.52 45.34 10.62
N VAL J 201 17.47 45.29 9.84
CA VAL J 201 17.21 44.19 8.87
C VAL J 201 18.38 44.13 7.87
N GLU J 202 18.95 45.27 7.48
CA GLU J 202 19.99 45.34 6.42
C GLU J 202 21.37 44.90 6.93
N ALA J 203 21.51 44.71 8.24
CA ALA J 203 22.82 44.42 8.89
C ALA J 203 22.91 42.99 9.42
N TRP J 204 21.77 42.32 9.59
CA TRP J 204 21.70 40.97 10.24
C TRP J 204 20.75 40.07 9.43
N GLY J 205 21.15 38.83 9.20
CA GLY J 205 20.23 37.74 8.79
C GLY J 205 20.46 36.47 9.60
N PRO J 206 19.58 35.45 9.44
CA PRO J 206 19.75 34.16 10.13
C PRO J 206 21.06 33.48 9.75
N ASP J 207 21.82 33.08 10.76
CA ASP J 207 23.10 32.35 10.60
C ASP J 207 22.78 30.90 10.26
N PRO J 208 23.15 30.38 9.07
CA PRO J 208 22.90 28.99 8.71
C PRO J 208 23.87 27.98 9.34
N PHE J 209 25.01 28.45 9.86
CA PHE J 209 26.02 27.63 10.60
C PHE J 209 25.52 27.25 12.00
N LYS J 210 24.36 27.78 12.41
CA LYS J 210 23.76 27.50 13.73
C LYS J 210 22.27 27.30 13.52
N ASN J 211 21.45 27.86 14.41
CA ASN J 211 19.97 27.76 14.39
C ASN J 211 19.53 26.30 14.21
N GLU J 212 20.22 25.35 14.84
CA GLU J 212 19.82 23.90 14.93
C GLU J 212 18.47 23.77 15.65
N ASN J 213 18.09 24.69 16.54
CA ASN J 213 16.87 24.57 17.38
C ASN J 213 15.88 25.69 17.01
N THR J 214 16.02 26.25 15.80
CA THR J 214 15.12 27.28 15.22
C THR J 214 14.83 26.88 13.77
N ARG J 215 13.61 27.11 13.28
CA ARG J 215 13.27 27.09 11.84
C ARG J 215 13.01 28.53 11.38
N TYR J 216 13.63 28.92 10.26
CA TYR J 216 13.44 30.26 9.62
C TYR J 216 13.13 30.07 8.13
N PHE J 217 12.27 30.96 7.63
CA PHE J 217 11.79 31.05 6.23
C PHE J 217 11.79 32.52 5.80
N GLY J 218 12.37 32.82 4.63
CA GLY J 218 12.48 34.20 4.12
C GLY J 218 12.28 34.30 2.63
N GLN J 219 11.66 35.40 2.19
CA GLN J 219 11.58 35.81 0.75
C GLN J 219 11.97 37.29 0.66
N TYR J 220 12.92 37.60 -0.24
CA TYR J 220 13.20 38.97 -0.76
C TYR J 220 12.78 39.01 -2.24
N THR J 221 11.93 39.99 -2.57
CA THR J 221 11.65 40.45 -3.95
C THR J 221 12.04 41.93 -4.04
N GLY J 222 13.08 42.25 -4.81
CA GLY J 222 13.60 43.62 -4.93
C GLY J 222 12.76 44.48 -5.85
N GLY J 223 13.29 45.65 -6.21
CA GLY J 223 12.66 46.59 -7.15
C GLY J 223 12.17 47.83 -6.43
N THR J 224 11.83 48.86 -7.21
CA THR J 224 11.33 50.18 -6.73
C THR J 224 9.83 50.24 -7.03
N GLN J 225 9.42 49.57 -8.12
CA GLN J 225 8.05 49.59 -8.70
C GLN J 225 7.47 48.17 -8.73
N THR J 226 8.06 47.23 -8.01
CA THR J 226 7.54 45.84 -7.95
C THR J 226 6.21 45.88 -7.21
N PRO J 227 5.12 45.28 -7.72
CA PRO J 227 3.90 45.15 -6.94
C PRO J 227 4.08 44.16 -5.79
N PRO J 228 3.59 44.47 -4.57
CA PRO J 228 3.56 43.48 -3.51
C PRO J 228 2.73 42.27 -3.96
N VAL J 229 3.17 41.07 -3.59
CA VAL J 229 2.42 39.78 -3.72
C VAL J 229 2.33 39.21 -2.31
N LEU J 230 1.11 39.12 -1.75
CA LEU J 230 0.81 38.72 -0.36
C LEU J 230 -0.39 37.76 -0.38
N THR J 231 -0.29 36.59 0.26
CA THR J 231 -1.41 35.62 0.33
C THR J 231 -1.86 35.52 1.80
N PHE J 232 -3.09 35.08 2.07
CA PHE J 232 -3.59 34.87 3.45
C PHE J 232 -4.77 33.89 3.47
N THR J 233 -4.76 33.00 4.47
CA THR J 233 -5.75 31.90 4.67
C THR J 233 -5.51 31.32 6.07
N ASN J 234 -6.56 30.85 6.75
CA ASN J 234 -6.41 30.16 8.06
C ASN J 234 -6.29 28.64 7.85
N THR J 235 -6.04 28.18 6.62
CA THR J 235 -6.17 26.74 6.23
C THR J 235 -4.81 26.08 5.92
N GLN J 236 -3.72 26.77 6.18
CA GLN J 236 -2.36 26.42 5.70
C GLN J 236 -1.48 26.15 6.92
N THR J 237 -0.79 25.01 6.96
CA THR J 237 0.10 24.61 8.07
C THR J 237 1.52 24.41 7.52
N THR J 238 2.55 24.68 8.31
CA THR J 238 3.93 24.30 7.98
C THR J 238 4.45 23.45 9.15
N ILE J 239 4.99 22.29 8.84
CA ILE J 239 5.54 21.33 9.83
C ILE J 239 6.95 21.85 10.18
N LEU J 240 7.31 21.81 11.47
CA LEU J 240 8.62 22.29 12.00
C LEU J 240 9.53 21.13 12.42
N LEU J 241 9.07 19.88 12.30
CA LEU J 241 9.84 18.64 12.58
C LEU J 241 11.03 18.54 11.63
N ASP J 242 12.25 18.36 12.14
CA ASP J 242 13.47 18.20 11.30
C ASP J 242 13.41 16.83 10.60
N GLU J 243 14.52 16.40 10.00
CA GLU J 243 14.65 15.10 9.26
C GLU J 243 14.48 13.90 10.21
N ASN J 244 14.79 14.08 11.51
CA ASN J 244 14.71 13.01 12.54
C ASN J 244 13.30 12.96 13.16
N GLY J 245 12.39 13.87 12.80
CA GLY J 245 11.04 13.94 13.38
C GLY J 245 10.96 14.79 14.66
N VAL J 246 11.95 15.66 14.88
CA VAL J 246 12.09 16.52 16.09
C VAL J 246 11.91 17.99 15.69
N GLY J 247 11.02 18.68 16.40
CA GLY J 247 10.84 20.13 16.31
C GLY J 247 11.77 20.88 17.26
N PRO J 248 11.78 22.23 17.17
CA PRO J 248 12.42 23.08 18.18
C PRO J 248 11.97 22.77 19.62
N LEU J 249 12.93 22.55 20.52
CA LEU J 249 12.69 22.23 21.95
C LEU J 249 12.86 23.51 22.80
N CYS J 250 11.83 23.87 23.56
CA CYS J 250 11.70 25.20 24.21
C CYS J 250 12.44 25.24 25.55
N LYS J 251 13.72 25.62 25.50
CA LYS J 251 14.59 25.74 26.69
C LYS J 251 14.05 26.86 27.58
N GLY J 252 13.99 26.60 28.89
CA GLY J 252 13.45 27.55 29.88
C GLY J 252 11.97 27.77 29.66
N ASP J 253 11.31 26.88 28.91
CA ASP J 253 9.86 26.96 28.59
C ASP J 253 9.56 28.25 27.84
N GLY J 254 10.48 28.67 26.96
CA GLY J 254 10.30 29.84 26.07
C GLY J 254 10.13 29.44 24.62
N LEU J 255 9.10 29.97 23.96
CA LEU J 255 8.90 29.91 22.49
C LEU J 255 9.33 31.25 21.89
N PHE J 256 10.35 31.23 21.01
CA PHE J 256 11.00 32.42 20.40
C PHE J 256 10.49 32.63 18.97
N LEU J 257 9.82 33.76 18.80
CA LEU J 257 9.18 34.21 17.54
C LEU J 257 9.91 35.48 17.08
N SER J 258 10.35 35.50 15.82
CA SER J 258 11.03 36.66 15.20
C SER J 258 10.58 36.78 13.74
N CYS J 259 10.55 38.01 13.23
CA CYS J 259 10.13 38.28 11.84
C CYS J 259 10.50 39.69 11.40
N ALA J 260 10.30 39.91 10.10
CA ALA J 260 10.38 41.20 9.39
C ALA J 260 9.46 41.09 8.17
N ASP J 261 8.59 42.08 7.99
CA ASP J 261 7.53 42.07 6.96
C ASP J 261 7.50 43.46 6.32
N ILE J 262 8.58 43.80 5.62
CA ILE J 262 8.64 45.00 4.75
C ILE J 262 7.78 44.67 3.54
N VAL J 263 6.62 45.32 3.44
CA VAL J 263 5.65 45.14 2.34
C VAL J 263 6.13 45.94 1.13
N GLY J 264 6.52 47.20 1.35
CA GLY J 264 7.08 48.06 0.30
C GLY J 264 7.27 49.47 0.78
N PHE J 265 7.17 50.43 -0.15
CA PHE J 265 7.39 51.87 0.11
C PHE J 265 6.10 52.65 -0.17
N PHE J 266 5.81 53.57 0.74
CA PHE J 266 4.83 54.69 0.58
C PHE J 266 5.56 55.89 -0.05
N THR J 267 5.01 56.40 -1.15
CA THR J 267 5.56 57.61 -1.83
C THR J 267 4.61 58.79 -1.60
N GLN J 268 5.07 59.85 -0.94
CA GLN J 268 4.30 61.12 -0.80
C GLN J 268 4.24 61.84 -2.16
N HIS J 269 3.42 62.90 -2.27
CA HIS J 269 3.32 63.77 -3.47
C HIS J 269 4.65 64.45 -3.75
N ASN J 270 5.44 64.73 -2.71
CA ASN J 270 6.75 65.42 -2.82
C ASN J 270 7.84 64.38 -3.11
N LYS J 271 7.43 63.13 -3.38
CA LYS J 271 8.27 62.02 -3.88
C LYS J 271 9.18 61.46 -2.78
N LYS J 272 8.91 61.81 -1.52
CA LYS J 272 9.60 61.21 -0.34
C LYS J 272 9.03 59.83 -0.08
N MET J 273 9.88 58.91 0.35
CA MET J 273 9.60 57.46 0.34
C MET J 273 9.95 56.92 1.72
N SER J 274 9.08 56.07 2.28
CA SER J 274 9.22 55.40 3.59
C SER J 274 8.83 53.93 3.47
N PHE J 275 9.46 53.06 4.26
CA PHE J 275 9.06 51.65 4.43
C PHE J 275 7.66 51.62 5.03
N ARG J 276 6.79 50.76 4.54
CA ARG J 276 5.55 50.37 5.24
C ARG J 276 5.68 48.89 5.58
N GLY J 277 5.34 48.53 6.81
CA GLY J 277 5.40 47.15 7.31
C GLY J 277 4.01 46.71 7.66
N LEU J 278 3.83 45.42 7.91
CA LEU J 278 2.57 44.83 8.43
C LEU J 278 2.88 43.86 9.56
N PRO J 279 1.94 43.65 10.51
CA PRO J 279 2.12 42.69 11.57
C PRO J 279 1.95 41.26 11.05
N ARG J 280 2.52 40.31 11.78
CA ARG J 280 2.46 38.86 11.50
C ARG J 280 1.79 38.13 12.68
N TYR J 281 0.87 37.23 12.34
CA TYR J 281 0.18 36.30 13.26
C TYR J 281 0.94 34.97 13.32
N PHE J 282 1.01 34.38 14.52
CA PHE J 282 1.63 33.05 14.78
C PHE J 282 0.66 32.18 15.57
N ARG J 283 0.44 30.98 15.06
CA ARG J 283 -0.18 29.86 15.79
C ARG J 283 0.85 28.73 15.82
N VAL J 284 1.27 28.30 17.00
CA VAL J 284 2.22 27.16 17.15
C VAL J 284 1.54 26.08 17.99
N THR J 285 1.57 24.86 17.49
CA THR J 285 1.18 23.63 18.22
C THR J 285 2.44 23.12 18.89
N LEU J 286 2.39 22.84 20.20
CA LEU J 286 3.52 22.24 20.95
C LEU J 286 3.04 20.94 21.60
N ARG J 287 3.95 19.98 21.78
CA ARG J 287 3.64 18.69 22.45
C ARG J 287 4.74 18.43 23.48
N LYS J 288 4.45 17.60 24.48
CA LYS J 288 5.43 17.27 25.55
C LYS J 288 6.40 16.25 24.96
N ARG J 289 7.70 16.52 25.04
CA ARG J 289 8.80 15.60 24.62
C ARG J 289 9.65 15.25 25.85
N VAL J 290 9.99 13.97 26.01
CA VAL J 290 10.92 13.46 27.06
C VAL J 290 12.34 13.61 26.51
N VAL J 291 13.24 14.22 27.30
CA VAL J 291 14.67 14.40 26.95
C VAL J 291 15.52 14.13 28.22
N LYS J 292 16.81 13.84 28.04
CA LYS J 292 17.83 13.65 29.12
C LYS J 292 18.76 14.86 29.16
C1 GOL K . -19.44 -61.94 -6.18
O1 GOL K . -20.73 -61.34 -6.01
C2 GOL K . -18.38 -60.92 -6.51
O2 GOL K . -17.77 -61.23 -7.77
C3 GOL K . -18.83 -59.48 -6.51
O3 GOL K . -17.82 -58.60 -6.99
C1 GOL L . -30.79 -32.27 -11.17
O1 GOL L . -31.43 -32.95 -10.10
C2 GOL L . -31.15 -30.80 -11.23
O2 GOL L . -32.09 -30.58 -12.29
C3 GOL L . -31.75 -30.27 -9.94
O3 GOL L . -31.72 -28.84 -9.90
C1 GOL M . -37.49 -48.90 19.70
O1 GOL M . -37.01 -50.10 20.31
C2 GOL M . -36.83 -48.64 18.36
O2 GOL M . -37.82 -48.74 17.33
C3 GOL M . -36.13 -47.30 18.33
O3 GOL M . -35.93 -46.78 17.02
C1 GOL N . -16.68 -43.78 44.32
O1 GOL N . -15.73 -43.45 45.33
C2 GOL N . -17.20 -42.55 43.61
O2 GOL N . -18.12 -41.86 44.46
C3 GOL N . -16.13 -41.58 43.16
O3 GOL N . -16.71 -40.46 42.49
C1 GOL O . 14.19 -52.18 34.16
O1 GOL O . 13.44 -53.33 33.80
C2 GOL O . 13.28 -51.10 34.71
O2 GOL O . 13.74 -50.77 36.01
C3 GOL O . 13.16 -49.90 33.80
O3 GOL O . 13.46 -48.66 34.46
C1 GOL P . 11.84 -61.09 3.27
O1 GOL P . 12.74 -59.99 3.13
C2 GOL P . 12.48 -62.31 3.92
O2 GOL P . 13.90 -62.29 3.77
C3 GOL P . 11.95 -63.64 3.42
O3 GOL P . 12.21 -63.84 2.04
C1 GOL Q . -9.97 64.15 -0.71
O1 GOL Q . -11.09 63.72 -1.48
C2 GOL Q . -9.33 63.01 0.06
O2 GOL Q . -9.25 63.32 1.45
C3 GOL Q . -10.03 61.67 -0.12
O3 GOL Q . -9.40 60.63 0.64
C1 GOL R . -15.90 53.49 -32.12
O1 GOL R . -15.33 54.78 -32.06
C2 GOL R . -16.21 52.99 -30.73
O2 GOL R . -17.60 53.22 -30.49
C3 GOL R . -15.83 51.53 -30.53
O3 GOL R . -16.44 50.94 -29.38
C1 GOL S . 12.47 44.36 -45.86
O1 GOL S . 13.79 43.84 -45.96
C2 GOL S . 11.45 43.35 -45.36
O2 GOL S . 10.85 42.67 -46.47
C3 GOL S . 11.96 42.32 -44.38
O3 GOL S . 11.00 41.30 -44.13
C1 GOL T . 36.29 47.98 -22.38
O1 GOL T . 36.37 49.23 -23.08
C2 GOL T . 35.59 46.94 -23.21
O2 GOL T . 36.29 46.82 -24.46
C3 GOL T . 35.53 45.61 -22.49
O3 GOL T . 34.41 44.80 -22.85
C1 GOL U . 22.69 60.91 4.40
O1 GOL U . 21.69 61.21 5.36
C2 GOL U . 23.13 59.45 4.44
O2 GOL U . 24.33 59.34 5.18
C3 GOL U . 22.12 58.50 5.04
O3 GOL U . 22.58 57.14 4.96
#